data_1R9P
#
_entry.id   1R9P
#
loop_
_entity.id
_entity.type
_entity.pdbx_description
1 polymer 'NifU-like protein'
2 non-polymer 'ZINC ION'
#
_entity_poly.entity_id   1
_entity_poly.type   'polypeptide(L)'
_entity_poly.pdbx_seq_one_letter_code
;MAYSEKVIDHYENPRNVGSLDKKDSNVGTGMVGAPACGDVMQLQIKVDDNGIIEDAKFKTYGCGSAIASSSLITEWVKGK
SLEEAGAIKNSQIAEELELPPVKVHCSILAEDAIKAAIADYKAKQGLEHHHHHH
;
_entity_poly.pdbx_strand_id   A
#
loop_
_chem_comp.id
_chem_comp.type
_chem_comp.name
_chem_comp.formula
ZN non-polymer 'ZINC ION' 'Zn 2'
#
# COMPACT_ATOMS: atom_id res chain seq x y z
N MET A 1 12.49 29.31 -13.60
CA MET A 1 13.95 29.05 -13.42
C MET A 1 14.75 29.98 -14.33
N ALA A 2 16.03 30.08 -14.10
CA ALA A 2 16.87 30.97 -14.94
C ALA A 2 16.30 32.40 -14.92
N TYR A 3 17.11 33.38 -15.16
CA TYR A 3 16.61 34.79 -15.15
C TYR A 3 15.31 34.87 -15.94
N SER A 4 15.37 34.58 -17.21
CA SER A 4 14.13 34.65 -18.05
C SER A 4 12.94 34.15 -17.22
N GLU A 5 11.95 34.98 -17.04
CA GLU A 5 10.76 34.55 -16.25
C GLU A 5 9.48 34.96 -16.98
N LYS A 6 9.40 34.67 -18.25
CA LYS A 6 8.18 35.04 -19.02
C LYS A 6 7.58 33.77 -19.65
N VAL A 7 8.22 32.66 -19.50
CA VAL A 7 7.68 31.40 -20.09
C VAL A 7 6.84 30.66 -19.04
N ILE A 8 6.75 29.38 -19.14
CA ILE A 8 5.94 28.61 -18.16
C ILE A 8 4.61 29.33 -17.92
N ASP A 9 3.56 28.86 -18.54
CA ASP A 9 2.23 29.53 -18.37
C ASP A 9 1.20 28.49 -17.94
N HIS A 10 1.54 27.62 -17.02
CA HIS A 10 0.57 26.58 -16.58
C HIS A 10 0.86 26.22 -15.12
N TYR A 11 1.78 26.90 -14.49
CA TYR A 11 2.09 26.58 -13.07
C TYR A 11 2.57 25.13 -12.97
N GLU A 12 3.70 24.90 -12.34
CA GLU A 12 4.21 23.51 -12.22
C GLU A 12 3.12 22.61 -11.62
N ASN A 13 2.38 21.94 -12.45
CA ASN A 13 1.31 21.04 -11.93
C ASN A 13 1.71 19.59 -12.16
N PRO A 14 1.33 18.71 -11.26
CA PRO A 14 1.65 17.26 -11.36
C PRO A 14 0.85 16.57 -12.46
N ARG A 15 1.43 15.61 -13.12
CA ARG A 15 0.69 14.90 -14.21
C ARG A 15 0.86 13.38 -14.02
N ASN A 16 0.92 12.94 -12.80
CA ASN A 16 1.07 11.47 -12.56
C ASN A 16 0.07 11.03 -11.49
N VAL A 17 0.15 9.80 -11.06
CA VAL A 17 -0.80 9.32 -10.01
C VAL A 17 -0.04 9.00 -8.73
N GLY A 18 -0.09 7.78 -8.27
CA GLY A 18 0.62 7.41 -7.02
C GLY A 18 1.77 6.46 -7.34
N SER A 19 2.00 6.19 -8.60
CA SER A 19 3.11 5.27 -8.98
C SER A 19 4.11 6.00 -9.86
N LEU A 20 5.29 5.47 -10.01
CA LEU A 20 6.32 6.14 -10.87
C LEU A 20 6.07 5.80 -12.33
N ASP A 21 6.20 4.55 -12.69
CA ASP A 21 5.96 4.16 -14.11
C ASP A 21 5.26 2.81 -14.14
N LYS A 22 4.61 2.44 -13.08
CA LYS A 22 3.90 1.13 -13.05
C LYS A 22 4.86 0.02 -13.52
N LYS A 23 6.11 0.33 -13.66
CA LYS A 23 7.09 -0.69 -14.12
C LYS A 23 7.39 -1.65 -12.97
N ASP A 24 6.73 -1.49 -11.85
CA ASP A 24 6.99 -2.40 -10.70
C ASP A 24 8.47 -2.32 -10.32
N SER A 25 9.02 -3.41 -9.86
CA SER A 25 10.47 -3.40 -9.47
C SER A 25 10.63 -2.60 -8.18
N ASN A 26 9.60 -1.95 -7.72
CA ASN A 26 9.71 -1.16 -6.47
C ASN A 26 8.38 -0.47 -6.18
N VAL A 27 7.28 -1.06 -6.58
CA VAL A 27 5.95 -0.43 -6.32
C VAL A 27 4.89 -1.51 -6.16
N GLY A 28 4.61 -1.90 -4.94
CA GLY A 28 3.58 -2.95 -4.72
C GLY A 28 2.20 -2.32 -4.75
N THR A 29 1.31 -2.83 -5.57
CA THR A 29 -0.06 -2.25 -5.64
C THR A 29 -1.07 -3.26 -5.09
N GLY A 30 -2.10 -2.79 -4.44
CA GLY A 30 -3.12 -3.73 -3.89
C GLY A 30 -4.48 -3.03 -3.84
N MET A 31 -5.49 -3.63 -4.40
CA MET A 31 -6.85 -3.00 -4.40
C MET A 31 -7.88 -4.05 -3.99
N VAL A 32 -8.27 -4.06 -2.74
CA VAL A 32 -9.28 -5.07 -2.29
C VAL A 32 -10.61 -4.37 -2.04
N GLY A 33 -11.66 -5.13 -1.81
CA GLY A 33 -12.99 -4.52 -1.56
C GLY A 33 -13.72 -5.32 -0.48
N ALA A 34 -14.69 -4.73 0.15
CA ALA A 34 -15.44 -5.46 1.22
C ALA A 34 -16.94 -5.37 0.96
N PRO A 35 -17.48 -6.34 0.27
CA PRO A 35 -18.94 -6.37 -0.05
C PRO A 35 -19.81 -6.11 1.17
N ALA A 36 -19.25 -6.22 2.34
CA ALA A 36 -20.04 -5.97 3.58
C ALA A 36 -20.31 -4.47 3.72
N CYS A 37 -19.29 -3.67 3.75
CA CYS A 37 -19.48 -2.21 3.89
C CYS A 37 -19.33 -1.54 2.52
N GLY A 38 -19.46 -2.30 1.46
CA GLY A 38 -19.31 -1.71 0.11
C GLY A 38 -18.23 -0.63 0.12
N ASP A 39 -17.04 -0.97 0.51
CA ASP A 39 -15.95 0.04 0.55
C ASP A 39 -14.74 -0.49 -0.21
N VAL A 40 -14.20 0.30 -1.11
CA VAL A 40 -13.01 -0.16 -1.88
C VAL A 40 -11.74 0.42 -1.25
N MET A 41 -10.82 -0.42 -0.86
CA MET A 41 -9.57 0.09 -0.23
C MET A 41 -8.40 -0.10 -1.19
N GLN A 42 -7.81 0.99 -1.63
CA GLN A 42 -6.66 0.88 -2.57
C GLN A 42 -5.38 1.32 -1.86
N LEU A 43 -4.46 0.42 -1.65
CA LEU A 43 -3.19 0.78 -0.96
C LEU A 43 -2.07 0.89 -1.98
N GLN A 44 -1.06 1.67 -1.70
CA GLN A 44 0.07 1.81 -2.67
C GLN A 44 1.39 1.97 -1.90
N ILE A 45 2.24 0.98 -1.96
CA ILE A 45 3.54 1.07 -1.24
C ILE A 45 4.65 1.44 -2.23
N LYS A 46 5.62 2.18 -1.78
CA LYS A 46 6.73 2.58 -2.70
C LYS A 46 8.08 2.30 -2.03
N VAL A 47 8.91 1.51 -2.66
CA VAL A 47 10.24 1.20 -2.06
C VAL A 47 11.34 1.88 -2.88
N ASP A 48 12.35 2.39 -2.22
CA ASP A 48 13.46 3.06 -2.96
C ASP A 48 14.58 3.40 -1.97
N ASP A 49 14.24 3.79 -0.78
CA ASP A 49 15.29 4.14 0.21
C ASP A 49 16.14 2.91 0.51
N ASN A 50 16.54 2.19 -0.50
CA ASN A 50 17.36 0.98 -0.29
C ASN A 50 16.47 -0.18 0.16
N GLY A 51 15.42 -0.44 -0.56
CA GLY A 51 14.50 -1.56 -0.18
C GLY A 51 13.52 -1.08 0.89
N ILE A 52 13.69 0.12 1.38
CA ILE A 52 12.77 0.63 2.43
C ILE A 52 11.60 1.36 1.77
N ILE A 53 10.50 1.46 2.45
CA ILE A 53 9.33 2.16 1.86
C ILE A 53 9.58 3.68 1.85
N GLU A 54 10.08 4.20 0.76
CA GLU A 54 10.35 5.66 0.69
C GLU A 54 9.04 6.43 0.91
N ASP A 55 7.92 5.82 0.62
CA ASP A 55 6.63 6.53 0.82
C ASP A 55 5.48 5.54 0.66
N ALA A 56 4.29 5.93 1.03
CA ALA A 56 3.12 5.01 0.91
C ALA A 56 1.84 5.84 0.76
N LYS A 57 1.02 5.52 -0.19
CA LYS A 57 -0.24 6.29 -0.39
C LYS A 57 -1.44 5.42 -0.02
N PHE A 58 -2.58 6.02 0.19
CA PHE A 58 -3.79 5.23 0.55
C PHE A 58 -5.01 5.84 -0.13
N LYS A 59 -6.11 5.14 -0.15
CA LYS A 59 -7.33 5.69 -0.80
C LYS A 59 -8.52 4.76 -0.51
N THR A 60 -9.35 5.13 0.42
CA THR A 60 -10.52 4.26 0.74
C THR A 60 -11.64 5.12 1.33
N TYR A 61 -12.87 4.81 1.02
CA TYR A 61 -14.01 5.60 1.56
C TYR A 61 -15.30 4.80 1.43
N GLY A 62 -16.11 4.77 2.47
CA GLY A 62 -17.38 4.00 2.40
C GLY A 62 -17.83 3.62 3.82
N CYS A 63 -16.96 2.99 4.57
CA CYS A 63 -17.34 2.60 5.96
C CYS A 63 -17.27 3.82 6.88
N GLY A 64 -17.80 3.70 8.06
CA GLY A 64 -17.77 4.85 9.01
C GLY A 64 -16.66 4.65 10.04
N SER A 65 -15.54 4.13 9.61
CA SER A 65 -14.41 3.92 10.56
C SER A 65 -13.13 3.63 9.77
N ALA A 66 -13.21 2.76 8.80
CA ALA A 66 -11.99 2.44 7.99
C ALA A 66 -11.31 3.74 7.55
N ILE A 67 -12.08 4.74 7.23
CA ILE A 67 -11.48 6.04 6.79
C ILE A 67 -10.38 6.44 7.76
N ALA A 68 -10.38 5.90 8.95
CA ALA A 68 -9.33 6.25 9.94
C ALA A 68 -8.21 5.21 9.89
N SER A 69 -8.57 3.96 9.76
CA SER A 69 -7.53 2.89 9.71
C SER A 69 -6.48 3.26 8.66
N SER A 70 -6.90 3.82 7.56
CA SER A 70 -5.93 4.21 6.49
C SER A 70 -4.91 5.20 7.07
N SER A 71 -5.36 6.09 7.91
CA SER A 71 -4.41 7.09 8.50
C SER A 71 -3.38 6.36 9.37
N LEU A 72 -3.81 5.39 10.13
CA LEU A 72 -2.85 4.63 11.00
C LEU A 72 -1.88 3.84 10.12
N ILE A 73 -2.34 2.77 9.53
CA ILE A 73 -1.44 1.94 8.68
C ILE A 73 -0.59 2.85 7.80
N THR A 74 -1.08 4.01 7.46
CA THR A 74 -0.28 4.92 6.59
C THR A 74 0.80 5.62 7.43
N GLU A 75 0.48 6.04 8.62
CA GLU A 75 1.50 6.71 9.47
C GLU A 75 2.34 5.66 10.20
N TRP A 76 2.09 4.40 9.94
CA TRP A 76 2.88 3.34 10.62
C TRP A 76 3.78 2.64 9.60
N VAL A 77 3.37 2.57 8.36
CA VAL A 77 4.22 1.91 7.34
C VAL A 77 4.80 2.94 6.38
N LYS A 78 5.40 3.98 6.90
CA LYS A 78 5.98 5.02 6.01
C LYS A 78 7.48 5.19 6.34
N GLY A 79 8.33 4.67 5.52
CA GLY A 79 9.80 4.80 5.79
C GLY A 79 10.29 3.58 6.55
N LYS A 80 9.44 2.60 6.74
CA LYS A 80 9.86 1.38 7.48
C LYS A 80 10.23 0.27 6.49
N SER A 81 10.71 -0.83 6.98
CA SER A 81 11.10 -1.94 6.06
C SER A 81 9.88 -2.84 5.81
N LEU A 82 9.86 -3.52 4.69
CA LEU A 82 8.70 -4.41 4.39
C LEU A 82 8.60 -5.50 5.45
N GLU A 83 9.68 -5.75 6.16
CA GLU A 83 9.64 -6.80 7.21
C GLU A 83 8.66 -6.39 8.31
N GLU A 84 8.50 -5.12 8.52
CA GLU A 84 7.56 -4.66 9.59
C GLU A 84 6.17 -4.44 8.97
N ALA A 85 6.12 -3.98 7.75
CA ALA A 85 4.80 -3.74 7.09
C ALA A 85 4.12 -5.08 6.83
N GLY A 86 4.88 -6.07 6.45
CA GLY A 86 4.28 -7.41 6.18
C GLY A 86 4.35 -8.26 7.44
N ALA A 87 3.77 -7.80 8.51
CA ALA A 87 3.80 -8.59 9.78
C ALA A 87 2.75 -8.04 10.73
N ILE A 88 2.52 -6.76 10.70
CA ILE A 88 1.50 -6.15 11.59
C ILE A 88 0.23 -7.01 11.57
N LYS A 89 0.12 -7.89 10.61
CA LYS A 89 -1.09 -8.75 10.53
C LYS A 89 -2.34 -7.88 10.67
N ASN A 90 -3.50 -8.48 10.75
CA ASN A 90 -4.74 -7.68 10.90
C ASN A 90 -5.16 -7.64 12.38
N SER A 91 -4.74 -8.61 13.14
CA SER A 91 -5.12 -8.63 14.59
C SER A 91 -4.38 -7.51 15.32
N GLN A 92 -3.25 -7.09 14.82
CA GLN A 92 -2.48 -6.01 15.51
C GLN A 92 -3.19 -4.67 15.30
N ILE A 93 -3.26 -4.20 14.08
CA ILE A 93 -3.93 -2.89 13.82
C ILE A 93 -5.31 -2.89 14.49
N ALA A 94 -6.00 -3.99 14.47
CA ALA A 94 -7.35 -4.05 15.10
C ALA A 94 -7.22 -3.71 16.59
N GLU A 95 -6.27 -4.30 17.26
CA GLU A 95 -6.10 -4.01 18.71
C GLU A 95 -5.70 -2.54 18.89
N GLU A 96 -5.04 -1.97 17.92
CA GLU A 96 -4.62 -0.55 18.04
C GLU A 96 -5.85 0.36 17.93
N LEU A 97 -6.85 -0.08 17.22
CA LEU A 97 -8.08 0.75 17.08
C LEU A 97 -9.10 0.34 18.15
N GLU A 98 -9.17 -0.92 18.45
CA GLU A 98 -10.15 -1.38 19.49
C GLU A 98 -11.57 -1.24 18.95
N LEU A 99 -11.90 -1.94 17.91
CA LEU A 99 -13.27 -1.85 17.34
C LEU A 99 -13.93 -3.22 17.38
N PRO A 100 -15.24 -3.26 17.52
CA PRO A 100 -16.01 -4.52 17.58
C PRO A 100 -15.50 -5.56 16.58
N PRO A 101 -15.79 -6.80 16.82
CA PRO A 101 -15.37 -7.93 15.93
C PRO A 101 -16.14 -7.94 14.61
N VAL A 102 -17.44 -7.89 14.68
CA VAL A 102 -18.25 -7.90 13.42
C VAL A 102 -17.84 -6.72 12.55
N LYS A 103 -16.95 -5.90 13.02
CA LYS A 103 -16.50 -4.73 12.22
C LYS A 103 -15.02 -4.88 11.87
N VAL A 104 -14.47 -6.04 12.09
CA VAL A 104 -13.03 -6.26 11.78
C VAL A 104 -12.87 -6.51 10.28
N HIS A 105 -13.95 -6.54 9.55
CA HIS A 105 -13.85 -6.77 8.09
C HIS A 105 -12.94 -5.71 7.45
N CYS A 106 -13.08 -4.48 7.87
CA CYS A 106 -12.23 -3.40 7.31
C CYS A 106 -10.77 -3.67 7.66
N SER A 107 -10.49 -3.99 8.90
CA SER A 107 -9.09 -4.27 9.30
C SER A 107 -8.52 -5.39 8.43
N ILE A 108 -9.25 -6.44 8.24
CA ILE A 108 -8.75 -7.56 7.39
C ILE A 108 -8.31 -7.01 6.04
N LEU A 109 -9.11 -6.16 5.45
CA LEU A 109 -8.73 -5.58 4.13
C LEU A 109 -7.40 -4.86 4.24
N ALA A 110 -7.24 -4.05 5.25
CA ALA A 110 -5.95 -3.31 5.43
C ALA A 110 -4.78 -4.30 5.39
N GLU A 111 -4.83 -5.32 6.20
CA GLU A 111 -3.72 -6.33 6.20
C GLU A 111 -3.64 -6.99 4.83
N ASP A 112 -4.71 -7.58 4.38
CA ASP A 112 -4.69 -8.25 3.05
C ASP A 112 -4.15 -7.30 2.00
N ALA A 113 -4.14 -6.02 2.28
CA ALA A 113 -3.63 -5.03 1.29
C ALA A 113 -2.09 -5.03 1.33
N ILE A 114 -1.52 -4.84 2.49
CA ILE A 114 -0.03 -4.82 2.60
C ILE A 114 0.54 -6.13 2.05
N LYS A 115 -0.21 -7.20 2.17
CA LYS A 115 0.30 -8.51 1.67
C LYS A 115 0.18 -8.56 0.14
N ALA A 116 -0.93 -8.11 -0.39
CA ALA A 116 -1.12 -8.12 -1.87
C ALA A 116 -0.09 -7.20 -2.53
N ALA A 117 0.19 -6.08 -1.92
CA ALA A 117 1.18 -5.14 -2.52
C ALA A 117 2.57 -5.79 -2.51
N ILE A 118 2.98 -6.34 -1.41
CA ILE A 118 4.32 -6.99 -1.35
C ILE A 118 4.35 -8.18 -2.32
N ALA A 119 3.33 -8.99 -2.32
CA ALA A 119 3.30 -10.16 -3.23
C ALA A 119 3.39 -9.67 -4.68
N ASP A 120 2.71 -8.59 -5.00
CA ASP A 120 2.75 -8.07 -6.39
C ASP A 120 4.13 -7.47 -6.66
N TYR A 121 4.76 -6.92 -5.65
CA TYR A 121 6.10 -6.31 -5.85
C TYR A 121 7.13 -7.43 -6.10
N LYS A 122 7.00 -8.52 -5.39
CA LYS A 122 7.97 -9.65 -5.58
C LYS A 122 7.62 -10.41 -6.85
N ALA A 123 6.42 -10.26 -7.35
CA ALA A 123 6.03 -10.98 -8.59
C ALA A 123 6.94 -10.54 -9.74
N LYS A 124 7.42 -9.33 -9.70
CA LYS A 124 8.31 -8.85 -10.80
C LYS A 124 9.77 -8.90 -10.33
N GLN A 125 10.05 -9.66 -9.31
CA GLN A 125 11.45 -9.75 -8.81
C GLN A 125 12.23 -10.79 -9.62
N GLY A 126 11.61 -11.90 -9.93
CA GLY A 126 12.31 -12.94 -10.73
C GLY A 126 12.45 -14.21 -9.89
N LEU A 127 11.58 -14.39 -8.92
CA LEU A 127 11.67 -15.60 -8.06
C LEU A 127 10.80 -16.71 -8.67
N GLU A 128 10.54 -16.66 -9.95
CA GLU A 128 9.69 -17.70 -10.58
C GLU A 128 10.57 -18.85 -11.06
N HIS A 129 10.08 -20.06 -10.98
CA HIS A 129 10.90 -21.22 -11.43
C HIS A 129 9.97 -22.31 -11.96
N HIS A 130 10.09 -22.66 -13.22
CA HIS A 130 9.21 -23.71 -13.79
C HIS A 130 7.78 -23.50 -13.29
N HIS A 131 6.96 -22.84 -14.07
CA HIS A 131 5.56 -22.59 -13.64
C HIS A 131 4.92 -23.91 -13.19
N HIS A 132 4.32 -23.92 -12.03
CA HIS A 132 3.69 -25.18 -11.53
C HIS A 132 2.79 -25.77 -12.61
N HIS A 133 2.26 -26.94 -12.39
CA HIS A 133 1.38 -27.57 -13.41
C HIS A 133 0.59 -28.71 -12.76
N HIS A 134 -0.46 -29.16 -13.41
CA HIS A 134 -1.28 -30.27 -12.83
C HIS A 134 -2.22 -30.81 -13.90
ZN ZN B . -16.44 -1.99 6.80
N MET A 1 14.38 34.02 -36.96
CA MET A 1 13.41 35.00 -36.41
C MET A 1 13.58 35.07 -34.88
N ALA A 2 12.56 35.49 -34.19
CA ALA A 2 12.66 35.59 -32.71
C ALA A 2 11.79 34.50 -32.07
N TYR A 3 11.92 34.29 -30.78
CA TYR A 3 11.11 33.25 -30.10
C TYR A 3 11.29 33.37 -28.58
N SER A 4 10.58 32.56 -27.84
CA SER A 4 10.72 32.61 -26.35
C SER A 4 12.19 32.49 -25.97
N GLU A 5 12.48 32.40 -24.70
CA GLU A 5 13.90 32.28 -24.26
C GLU A 5 14.60 31.21 -25.09
N LYS A 6 13.96 30.07 -25.26
CA LYS A 6 14.60 28.99 -26.06
C LYS A 6 13.57 27.88 -26.32
N VAL A 7 13.50 26.91 -25.43
CA VAL A 7 12.52 25.80 -25.64
C VAL A 7 11.85 25.46 -24.30
N ILE A 8 12.63 25.30 -23.27
CA ILE A 8 12.04 24.97 -21.94
C ILE A 8 12.30 26.11 -20.96
N ASP A 9 11.38 26.37 -20.08
CA ASP A 9 11.58 27.47 -19.08
C ASP A 9 11.69 26.88 -17.68
N HIS A 10 12.82 27.05 -17.04
CA HIS A 10 12.98 26.48 -15.67
C HIS A 10 12.73 24.98 -15.69
N TYR A 11 13.75 24.20 -15.48
CA TYR A 11 13.59 22.72 -15.50
C TYR A 11 12.71 22.28 -14.31
N GLU A 12 11.59 21.69 -14.58
CA GLU A 12 10.70 21.24 -13.46
C GLU A 12 11.44 20.22 -12.61
N ASN A 13 11.35 20.33 -11.31
CA ASN A 13 12.06 19.36 -10.43
C ASN A 13 11.35 19.27 -9.08
N PRO A 14 10.11 18.88 -9.08
CA PRO A 14 9.30 18.75 -7.83
C PRO A 14 9.74 17.54 -6.99
N ARG A 15 9.33 17.50 -5.75
CA ARG A 15 9.74 16.35 -4.88
C ARG A 15 9.01 15.08 -5.34
N ASN A 16 9.07 14.79 -6.63
CA ASN A 16 8.38 13.57 -7.13
C ASN A 16 6.91 13.57 -6.70
N VAL A 17 6.09 12.81 -7.36
CA VAL A 17 4.64 12.77 -6.98
C VAL A 17 4.35 11.50 -6.18
N GLY A 18 3.94 10.46 -6.85
CA GLY A 18 3.64 9.19 -6.12
C GLY A 18 4.08 8.00 -6.96
N SER A 19 3.14 7.23 -7.46
CA SER A 19 3.50 6.05 -8.29
C SER A 19 4.31 6.50 -9.51
N LEU A 20 4.93 5.57 -10.20
CA LEU A 20 5.74 5.95 -11.39
C LEU A 20 5.12 5.31 -12.64
N ASP A 21 5.93 4.68 -13.45
CA ASP A 21 5.39 4.03 -14.67
C ASP A 21 4.81 2.66 -14.31
N LYS A 22 4.70 2.38 -13.04
CA LYS A 22 4.14 1.07 -12.62
C LYS A 22 5.06 -0.06 -13.11
N LYS A 23 5.58 0.07 -14.30
CA LYS A 23 6.48 -0.98 -14.84
C LYS A 23 7.83 -0.92 -14.13
N ASP A 24 7.83 -0.79 -12.82
CA ASP A 24 9.12 -0.72 -12.08
C ASP A 24 9.08 -1.70 -10.91
N SER A 25 10.16 -2.38 -10.66
CA SER A 25 10.19 -3.35 -9.52
C SER A 25 10.26 -2.59 -8.20
N ASN A 26 10.02 -1.29 -8.24
CA ASN A 26 10.09 -0.49 -6.98
C ASN A 26 8.70 0.09 -6.69
N VAL A 27 7.67 -0.50 -7.21
CA VAL A 27 6.29 0.01 -6.95
C VAL A 27 5.33 -1.16 -6.79
N GLY A 28 4.94 -1.46 -5.57
CA GLY A 28 4.00 -2.58 -5.34
C GLY A 28 2.58 -2.04 -5.22
N THR A 29 1.62 -2.73 -5.77
CA THR A 29 0.21 -2.25 -5.67
C THR A 29 -0.69 -3.36 -5.12
N GLY A 30 -1.75 -3.00 -4.46
CA GLY A 30 -2.67 -4.03 -3.90
C GLY A 30 -4.05 -3.42 -3.70
N MET A 31 -5.08 -4.02 -4.25
CA MET A 31 -6.45 -3.46 -4.08
C MET A 31 -7.36 -4.52 -3.47
N VAL A 32 -8.23 -4.13 -2.57
CA VAL A 32 -9.16 -5.10 -1.95
C VAL A 32 -10.53 -4.45 -1.77
N GLY A 33 -11.54 -5.24 -1.52
CA GLY A 33 -12.90 -4.66 -1.33
C GLY A 33 -13.73 -5.57 -0.41
N ALA A 34 -14.78 -5.05 0.16
CA ALA A 34 -15.63 -5.88 1.05
C ALA A 34 -17.11 -5.64 0.73
N PRO A 35 -17.91 -6.65 0.84
CA PRO A 35 -19.37 -6.55 0.55
C PRO A 35 -20.13 -5.79 1.65
N ALA A 36 -19.93 -6.15 2.89
CA ALA A 36 -20.63 -5.46 4.00
C ALA A 36 -20.41 -3.94 3.86
N CYS A 37 -19.18 -3.53 3.68
CA CYS A 37 -18.89 -2.07 3.54
C CYS A 37 -18.89 -1.69 2.06
N GLY A 38 -19.08 -2.65 1.20
CA GLY A 38 -19.08 -2.34 -0.26
C GLY A 38 -18.05 -1.25 -0.55
N ASP A 39 -16.89 -1.33 0.06
CA ASP A 39 -15.85 -0.30 -0.17
C ASP A 39 -14.61 -0.94 -0.80
N VAL A 40 -13.84 -0.16 -1.52
CA VAL A 40 -12.61 -0.71 -2.14
C VAL A 40 -11.38 -0.08 -1.49
N MET A 41 -10.76 -0.77 -0.58
CA MET A 41 -9.56 -0.19 0.09
C MET A 41 -8.32 -0.40 -0.79
N GLN A 42 -7.89 0.63 -1.46
CA GLN A 42 -6.69 0.49 -2.34
C GLN A 42 -5.43 0.85 -1.54
N LEU A 43 -4.37 0.12 -1.71
CA LEU A 43 -3.12 0.42 -0.95
C LEU A 43 -1.93 0.35 -1.91
N GLN A 44 -1.15 1.40 -1.96
CA GLN A 44 0.04 1.39 -2.86
C GLN A 44 1.29 1.78 -2.06
N ILE A 45 2.35 1.05 -2.22
CA ILE A 45 3.61 1.39 -1.47
C ILE A 45 4.74 1.64 -2.46
N LYS A 46 5.57 2.61 -2.19
CA LYS A 46 6.71 2.92 -3.11
C LYS A 46 8.03 2.71 -2.38
N VAL A 47 9.01 2.17 -3.04
CA VAL A 47 10.33 1.94 -2.38
C VAL A 47 11.41 2.77 -3.08
N ASP A 48 12.35 3.30 -2.33
CA ASP A 48 13.42 4.12 -2.96
C ASP A 48 14.37 4.64 -1.87
N ASP A 49 13.85 4.91 -0.70
CA ASP A 49 14.71 5.42 0.40
C ASP A 49 15.76 4.37 0.74
N ASN A 50 16.39 3.80 -0.26
CA ASN A 50 17.42 2.76 0.02
C ASN A 50 16.74 1.41 0.29
N GLY A 51 15.78 1.05 -0.51
CA GLY A 51 15.07 -0.24 -0.31
C GLY A 51 13.96 -0.06 0.73
N ILE A 52 13.86 1.12 1.29
CA ILE A 52 12.80 1.35 2.31
C ILE A 52 11.58 2.00 1.64
N ILE A 53 10.40 1.70 2.12
CA ILE A 53 9.18 2.30 1.51
C ILE A 53 9.29 3.82 1.54
N GLU A 54 9.77 4.42 0.48
CA GLU A 54 9.90 5.91 0.46
C GLU A 54 8.59 6.53 0.94
N ASP A 55 7.48 6.07 0.44
CA ASP A 55 6.18 6.66 0.88
C ASP A 55 5.08 5.61 0.71
N ALA A 56 3.90 5.88 1.23
CA ALA A 56 2.79 4.91 1.09
C ALA A 56 1.49 5.66 0.78
N LYS A 57 0.86 5.35 -0.31
CA LYS A 57 -0.41 6.04 -0.68
C LYS A 57 -1.60 5.20 -0.21
N PHE A 58 -2.72 5.82 0.03
CA PHE A 58 -3.91 5.05 0.48
C PHE A 58 -5.17 5.62 -0.19
N LYS A 59 -6.20 4.84 -0.26
CA LYS A 59 -7.46 5.34 -0.90
C LYS A 59 -8.64 4.47 -0.46
N THR A 60 -9.58 5.05 0.23
CA THR A 60 -10.77 4.26 0.69
C THR A 60 -11.92 5.21 1.00
N TYR A 61 -13.10 4.92 0.50
CA TYR A 61 -14.26 5.80 0.76
C TYR A 61 -15.54 4.97 0.81
N GLY A 62 -16.06 4.71 1.98
CA GLY A 62 -17.31 3.91 2.09
C GLY A 62 -17.07 2.73 3.04
N CYS A 63 -16.10 2.85 3.91
CA CYS A 63 -15.83 1.74 4.87
C CYS A 63 -16.13 2.20 6.30
N GLY A 64 -17.37 2.12 6.70
CA GLY A 64 -17.75 2.55 8.08
C GLY A 64 -16.86 3.72 8.52
N SER A 65 -15.87 3.46 9.33
CA SER A 65 -14.98 4.55 9.78
C SER A 65 -13.51 4.08 9.73
N ALA A 66 -13.25 3.05 8.99
CA ALA A 66 -11.85 2.54 8.90
C ALA A 66 -10.94 3.66 8.38
N ILE A 67 -11.48 4.83 8.20
CA ILE A 67 -10.65 5.97 7.70
C ILE A 67 -9.48 6.19 8.66
N ALA A 68 -9.76 6.52 9.90
CA ALA A 68 -8.67 6.76 10.88
C ALA A 68 -7.64 5.63 10.77
N SER A 69 -8.09 4.42 10.61
CA SER A 69 -7.12 3.28 10.50
C SER A 69 -6.23 3.49 9.27
N SER A 70 -6.74 4.10 8.25
CA SER A 70 -5.92 4.33 7.02
C SER A 70 -4.72 5.22 7.38
N SER A 71 -4.85 6.02 8.41
CA SER A 71 -3.72 6.91 8.81
C SER A 71 -2.73 6.12 9.68
N LEU A 72 -3.23 5.37 10.63
CA LEU A 72 -2.33 4.59 11.51
C LEU A 72 -1.52 3.61 10.67
N ILE A 73 -2.15 2.91 9.77
CA ILE A 73 -1.42 1.94 8.91
C ILE A 73 -0.47 2.69 7.99
N THR A 74 -0.99 3.61 7.22
CA THR A 74 -0.10 4.39 6.31
C THR A 74 1.05 4.99 7.10
N GLU A 75 0.87 5.17 8.38
CA GLU A 75 1.96 5.75 9.21
C GLU A 75 2.83 4.62 9.77
N TRP A 76 2.30 3.43 9.83
CA TRP A 76 3.09 2.29 10.37
C TRP A 76 3.80 1.57 9.22
N VAL A 77 3.47 1.92 8.00
CA VAL A 77 4.12 1.26 6.83
C VAL A 77 4.82 2.33 5.99
N LYS A 78 4.97 3.51 6.51
CA LYS A 78 5.65 4.59 5.74
C LYS A 78 7.12 4.61 6.11
N GLY A 79 8.00 4.49 5.14
CA GLY A 79 9.45 4.51 5.44
C GLY A 79 9.85 3.22 6.18
N LYS A 80 8.95 2.28 6.25
CA LYS A 80 9.25 0.99 6.95
C LYS A 80 9.66 -0.06 5.92
N SER A 81 10.18 -1.17 6.36
CA SER A 81 10.59 -2.24 5.41
C SER A 81 9.37 -3.08 5.03
N LEU A 82 9.46 -3.82 3.95
CA LEU A 82 8.31 -4.66 3.53
C LEU A 82 8.15 -5.83 4.49
N GLU A 83 9.20 -6.21 5.16
CA GLU A 83 9.12 -7.35 6.11
C GLU A 83 8.23 -6.95 7.30
N GLU A 84 8.22 -5.70 7.66
CA GLU A 84 7.38 -5.26 8.79
C GLU A 84 5.96 -4.95 8.30
N ALA A 85 5.84 -4.46 7.09
CA ALA A 85 4.48 -4.15 6.56
C ALA A 85 3.68 -5.43 6.39
N GLY A 86 4.32 -6.49 6.02
CA GLY A 86 3.60 -7.79 5.85
C GLY A 86 3.62 -8.56 7.17
N ALA A 87 3.54 -7.88 8.27
CA ALA A 87 3.56 -8.58 9.58
C ALA A 87 2.68 -7.80 10.58
N ILE A 88 2.66 -6.51 10.46
CA ILE A 88 1.83 -5.68 11.40
C ILE A 88 0.57 -6.45 11.79
N LYS A 89 0.10 -7.32 10.94
CA LYS A 89 -1.13 -8.11 11.27
C LYS A 89 -2.31 -7.15 11.43
N ASN A 90 -3.50 -7.63 11.17
CA ASN A 90 -4.69 -6.75 11.31
C ASN A 90 -5.13 -6.68 12.78
N SER A 91 -5.23 -7.81 13.43
CA SER A 91 -5.65 -7.82 14.85
C SER A 91 -4.93 -6.69 15.60
N GLN A 92 -3.81 -6.26 15.11
CA GLN A 92 -3.06 -5.18 15.80
C GLN A 92 -3.82 -3.85 15.64
N ILE A 93 -4.12 -3.48 14.43
CA ILE A 93 -4.85 -2.20 14.20
C ILE A 93 -6.29 -2.32 14.72
N ALA A 94 -6.77 -3.53 14.84
CA ALA A 94 -8.17 -3.72 15.33
C ALA A 94 -8.20 -3.52 16.85
N GLU A 95 -7.15 -3.90 17.53
CA GLU A 95 -7.11 -3.72 19.01
C GLU A 95 -6.63 -2.31 19.35
N GLU A 96 -6.03 -1.64 18.41
CA GLU A 96 -5.54 -0.25 18.68
C GLU A 96 -6.71 0.73 18.60
N LEU A 97 -7.50 0.64 17.57
CA LEU A 97 -8.65 1.58 17.44
C LEU A 97 -9.86 1.01 18.18
N GLU A 98 -10.01 -0.29 18.16
CA GLU A 98 -11.16 -0.93 18.87
C GLU A 98 -12.47 -0.58 18.14
N LEU A 99 -12.69 -1.19 17.00
CA LEU A 99 -13.95 -0.90 16.25
C LEU A 99 -14.89 -2.10 16.37
N PRO A 100 -16.17 -1.87 16.46
CA PRO A 100 -17.19 -2.94 16.58
C PRO A 100 -16.88 -4.15 15.68
N PRO A 101 -17.25 -5.32 16.13
CA PRO A 101 -17.02 -6.58 15.35
C PRO A 101 -17.94 -6.69 14.14
N VAL A 102 -18.96 -5.88 14.08
CA VAL A 102 -19.90 -5.94 12.93
C VAL A 102 -19.14 -5.66 11.63
N LYS A 103 -17.86 -5.41 11.72
CA LYS A 103 -17.07 -5.11 10.49
C LYS A 103 -15.63 -5.57 10.70
N VAL A 104 -15.43 -6.82 11.04
CA VAL A 104 -14.05 -7.31 11.26
C VAL A 104 -13.32 -7.39 9.91
N HIS A 105 -14.01 -7.09 8.84
CA HIS A 105 -13.35 -7.15 7.50
C HIS A 105 -12.60 -5.85 7.24
N CYS A 106 -13.03 -4.77 7.85
CA CYS A 106 -12.32 -3.47 7.65
C CYS A 106 -10.84 -3.64 7.98
N SER A 107 -10.53 -4.00 9.19
CA SER A 107 -9.10 -4.19 9.57
C SER A 107 -8.45 -5.16 8.59
N ILE A 108 -9.00 -6.32 8.44
CA ILE A 108 -8.41 -7.32 7.51
C ILE A 108 -8.04 -6.63 6.19
N LEU A 109 -9.00 -6.16 5.46
CA LEU A 109 -8.69 -5.48 4.17
C LEU A 109 -7.39 -4.68 4.31
N ALA A 110 -7.28 -3.88 5.32
CA ALA A 110 -6.03 -3.08 5.51
C ALA A 110 -4.81 -4.00 5.39
N GLU A 111 -4.74 -5.02 6.20
CA GLU A 111 -3.58 -5.95 6.14
C GLU A 111 -3.62 -6.73 4.82
N ASP A 112 -4.59 -7.59 4.67
CA ASP A 112 -4.69 -8.38 3.41
C ASP A 112 -4.22 -7.54 2.23
N ALA A 113 -4.34 -6.24 2.33
CA ALA A 113 -3.90 -5.36 1.21
C ALA A 113 -2.37 -5.21 1.24
N ILE A 114 -1.84 -4.71 2.31
CA ILE A 114 -0.36 -4.53 2.39
C ILE A 114 0.34 -5.82 1.94
N LYS A 115 -0.23 -6.95 2.28
CA LYS A 115 0.41 -8.24 1.87
C LYS A 115 0.31 -8.38 0.35
N ALA A 116 -0.85 -8.15 -0.20
CA ALA A 116 -1.00 -8.27 -1.69
C ALA A 116 0.09 -7.43 -2.37
N ALA A 117 0.28 -6.23 -1.93
CA ALA A 117 1.33 -5.37 -2.55
C ALA A 117 2.67 -6.10 -2.51
N ILE A 118 3.10 -6.52 -1.35
CA ILE A 118 4.39 -7.24 -1.24
C ILE A 118 4.49 -8.25 -2.39
N ALA A 119 3.42 -8.91 -2.72
CA ALA A 119 3.45 -9.90 -3.83
C ALA A 119 3.67 -9.16 -5.14
N ASP A 120 2.83 -8.20 -5.44
CA ASP A 120 2.98 -7.43 -6.70
C ASP A 120 4.41 -6.88 -6.80
N TYR A 121 5.03 -6.66 -5.67
CA TYR A 121 6.42 -6.13 -5.67
C TYR A 121 7.39 -7.25 -6.04
N LYS A 122 7.40 -8.32 -5.30
CA LYS A 122 8.32 -9.45 -5.60
C LYS A 122 7.86 -10.13 -6.89
N ALA A 123 6.84 -9.63 -7.52
CA ALA A 123 6.34 -10.25 -8.78
C ALA A 123 6.99 -9.56 -9.98
N LYS A 124 6.96 -8.25 -10.01
CA LYS A 124 7.58 -7.52 -11.16
C LYS A 124 9.10 -7.65 -11.10
N GLN A 125 9.61 -8.28 -10.08
CA GLN A 125 11.09 -8.44 -9.97
C GLN A 125 11.58 -9.46 -11.00
N GLY A 126 10.97 -10.62 -11.03
CA GLY A 126 11.40 -11.65 -12.02
C GLY A 126 10.25 -12.61 -12.29
N LEU A 127 9.04 -12.20 -12.02
CA LEU A 127 7.88 -13.10 -12.27
C LEU A 127 6.78 -12.31 -12.99
N GLU A 128 7.03 -11.07 -13.30
CA GLU A 128 6.00 -10.25 -14.00
C GLU A 128 4.62 -10.62 -13.48
N HIS A 129 3.87 -11.37 -14.24
CA HIS A 129 2.50 -11.76 -13.77
C HIS A 129 2.61 -13.01 -12.90
N HIS A 130 1.82 -13.09 -11.86
CA HIS A 130 1.87 -14.28 -10.98
C HIS A 130 1.31 -15.49 -11.71
N HIS A 131 1.32 -16.65 -11.09
CA HIS A 131 0.80 -17.87 -11.75
C HIS A 131 -0.73 -17.89 -11.64
N HIS A 132 -1.43 -17.59 -12.71
CA HIS A 132 -2.92 -17.59 -12.65
C HIS A 132 -3.42 -19.03 -12.55
N HIS A 133 -2.54 -19.96 -12.26
CA HIS A 133 -2.97 -21.38 -12.14
C HIS A 133 -4.20 -21.47 -11.26
N HIS A 134 -5.34 -21.81 -11.83
CA HIS A 134 -6.58 -21.91 -11.01
C HIS A 134 -6.41 -23.04 -9.98
ZN ZN B . -15.53 -1.99 5.69
N MET A 1 34.12 -4.19 -49.94
CA MET A 1 33.83 -3.25 -51.06
C MET A 1 33.25 -1.95 -50.49
N ALA A 2 34.04 -1.19 -49.79
CA ALA A 2 33.53 0.08 -49.21
C ALA A 2 32.52 -0.23 -48.10
N TYR A 3 31.87 0.77 -47.58
CA TYR A 3 30.87 0.52 -46.50
C TYR A 3 31.59 -0.07 -45.28
N SER A 4 32.33 0.73 -44.56
CA SER A 4 33.05 0.20 -43.37
C SER A 4 32.66 1.03 -42.14
N GLU A 5 31.55 0.74 -41.54
CA GLU A 5 31.13 1.51 -40.34
C GLU A 5 31.20 0.61 -39.11
N LYS A 6 31.45 1.17 -37.95
CA LYS A 6 31.53 0.34 -36.71
C LYS A 6 30.86 1.07 -35.56
N VAL A 7 29.72 1.67 -35.79
CA VAL A 7 29.02 2.39 -34.69
C VAL A 7 28.83 1.45 -33.50
N ILE A 8 29.30 1.84 -32.35
CA ILE A 8 29.15 0.96 -31.15
C ILE A 8 28.02 1.49 -30.26
N ASP A 9 27.15 0.62 -29.82
CA ASP A 9 26.02 1.06 -28.95
C ASP A 9 26.15 0.42 -27.57
N HIS A 10 26.93 1.01 -26.69
CA HIS A 10 27.09 0.43 -25.33
C HIS A 10 27.32 1.55 -24.33
N TYR A 11 27.96 2.61 -24.73
CA TYR A 11 28.21 3.74 -23.80
C TYR A 11 27.14 4.82 -24.01
N GLU A 12 25.92 4.53 -23.68
CA GLU A 12 24.83 5.53 -23.86
C GLU A 12 24.71 6.39 -22.60
N ASN A 13 24.10 7.54 -22.70
CA ASN A 13 23.95 8.41 -21.50
C ASN A 13 22.47 8.75 -21.31
N PRO A 14 21.78 7.96 -20.53
CA PRO A 14 20.33 8.17 -20.25
C PRO A 14 20.12 9.24 -19.17
N ARG A 15 18.96 9.84 -19.13
CA ARG A 15 18.69 10.87 -18.10
C ARG A 15 17.19 10.92 -17.79
N ASN A 16 16.66 9.86 -17.25
CA ASN A 16 15.20 9.85 -16.93
C ASN A 16 15.01 9.59 -15.43
N VAL A 17 13.79 9.63 -14.96
CA VAL A 17 13.55 9.39 -13.51
C VAL A 17 12.50 8.28 -13.36
N GLY A 18 12.88 7.05 -13.59
CA GLY A 18 11.92 5.93 -13.46
C GLY A 18 11.33 5.92 -12.04
N SER A 19 10.65 4.88 -11.67
CA SER A 19 10.06 4.82 -10.31
C SER A 19 8.83 5.72 -10.24
N LEU A 20 8.04 5.61 -9.20
CA LEU A 20 6.83 6.48 -9.08
C LEU A 20 5.85 6.15 -10.21
N ASP A 21 6.32 5.53 -11.27
CA ASP A 21 5.41 5.20 -12.39
C ASP A 21 4.23 4.38 -11.88
N LYS A 22 4.17 4.14 -10.59
CA LYS A 22 3.04 3.35 -10.03
C LYS A 22 3.10 1.93 -10.59
N LYS A 23 4.09 1.64 -11.38
CA LYS A 23 4.22 0.27 -11.96
C LYS A 23 5.67 0.02 -12.38
N ASP A 24 6.60 0.63 -11.70
CA ASP A 24 8.04 0.45 -12.07
C ASP A 24 8.61 -0.73 -11.27
N SER A 25 7.79 -1.66 -10.88
CA SER A 25 8.30 -2.83 -10.10
C SER A 25 8.80 -2.35 -8.74
N ASN A 26 8.81 -1.07 -8.50
CA ASN A 26 9.29 -0.55 -7.18
C ASN A 26 8.09 -0.04 -6.37
N VAL A 27 6.91 -0.12 -6.93
CA VAL A 27 5.71 0.36 -6.19
C VAL A 27 4.63 -0.73 -6.21
N GLY A 28 4.55 -1.51 -5.17
CA GLY A 28 3.52 -2.59 -5.13
C GLY A 28 2.12 -1.96 -5.06
N THR A 29 1.18 -2.50 -5.78
CA THR A 29 -0.19 -1.93 -5.76
C THR A 29 -1.17 -2.99 -5.27
N GLY A 30 -1.65 -2.88 -4.06
CA GLY A 30 -2.61 -3.87 -3.53
C GLY A 30 -4.03 -3.29 -3.57
N MET A 31 -4.96 -4.03 -4.12
CA MET A 31 -6.36 -3.51 -4.18
C MET A 31 -7.33 -4.61 -3.71
N VAL A 32 -8.03 -4.36 -2.63
CA VAL A 32 -8.99 -5.39 -2.12
C VAL A 32 -10.37 -4.76 -1.98
N GLY A 33 -11.40 -5.57 -1.95
CA GLY A 33 -12.77 -5.02 -1.81
C GLY A 33 -13.42 -5.58 -0.55
N ALA A 34 -14.39 -4.88 0.00
CA ALA A 34 -15.06 -5.37 1.23
C ALA A 34 -16.54 -5.63 0.94
N PRO A 35 -16.85 -6.76 0.40
CA PRO A 35 -18.25 -7.15 0.06
C PRO A 35 -19.18 -7.05 1.26
N ALA A 36 -18.64 -6.98 2.44
CA ALA A 36 -19.51 -6.87 3.66
C ALA A 36 -19.85 -5.41 3.91
N CYS A 37 -18.95 -4.52 3.62
CA CYS A 37 -19.23 -3.06 3.85
C CYS A 37 -19.04 -2.29 2.54
N GLY A 38 -19.16 -2.96 1.42
CA GLY A 38 -18.99 -2.27 0.12
C GLY A 38 -17.94 -1.16 0.25
N ASP A 39 -16.69 -1.53 0.42
CA ASP A 39 -15.63 -0.51 0.55
C ASP A 39 -14.38 -0.96 -0.22
N VAL A 40 -13.99 -0.23 -1.23
CA VAL A 40 -12.80 -0.62 -2.02
C VAL A 40 -11.55 0.03 -1.41
N MET A 41 -10.70 -0.75 -0.82
CA MET A 41 -9.46 -0.18 -0.21
C MET A 41 -8.29 -0.33 -1.19
N GLN A 42 -7.48 0.68 -1.33
CA GLN A 42 -6.33 0.60 -2.27
C GLN A 42 -5.05 1.03 -1.53
N LEU A 43 -4.15 0.11 -1.32
CA LEU A 43 -2.89 0.47 -0.61
C LEU A 43 -1.69 0.30 -1.55
N GLN A 44 -0.76 1.21 -1.52
CA GLN A 44 0.42 1.10 -2.41
C GLN A 44 1.69 1.39 -1.61
N ILE A 45 2.71 0.59 -1.78
CA ILE A 45 3.97 0.82 -1.03
C ILE A 45 5.12 1.05 -2.01
N LYS A 46 5.93 2.04 -1.76
CA LYS A 46 7.07 2.33 -2.68
C LYS A 46 8.38 1.89 -2.01
N VAL A 47 9.22 1.20 -2.72
CA VAL A 47 10.51 0.75 -2.14
C VAL A 47 11.66 1.55 -2.74
N ASP A 48 12.62 1.93 -1.93
CA ASP A 48 13.76 2.73 -2.46
C ASP A 48 14.79 1.78 -3.09
N ASP A 49 15.71 1.28 -2.29
CA ASP A 49 16.74 0.35 -2.85
C ASP A 49 17.26 -0.54 -1.72
N ASN A 50 16.55 -0.63 -0.63
CA ASN A 50 17.00 -1.48 0.49
C ASN A 50 15.79 -2.11 1.19
N GLY A 51 14.64 -2.00 0.58
CA GLY A 51 13.41 -2.59 1.20
C GLY A 51 12.75 -1.55 2.12
N ILE A 52 13.32 -0.38 2.20
CA ILE A 52 12.74 0.68 3.07
C ILE A 52 11.61 1.39 2.32
N ILE A 53 10.49 1.61 2.97
CA ILE A 53 9.36 2.30 2.29
C ILE A 53 9.56 3.82 2.42
N GLU A 54 9.97 4.47 1.36
CA GLU A 54 10.19 5.94 1.43
C GLU A 54 8.86 6.67 1.27
N ASP A 55 7.89 6.05 0.64
CA ASP A 55 6.58 6.71 0.45
C ASP A 55 5.46 5.66 0.46
N ALA A 56 4.29 6.04 0.89
CA ALA A 56 3.16 5.08 0.92
C ALA A 56 1.87 5.79 0.53
N LYS A 57 1.27 5.39 -0.56
CA LYS A 57 0.00 6.05 -1.01
C LYS A 57 -1.19 5.22 -0.53
N PHE A 58 -2.31 5.84 -0.32
CA PHE A 58 -3.51 5.09 0.14
C PHE A 58 -4.77 5.74 -0.42
N LYS A 59 -5.89 5.07 -0.35
CA LYS A 59 -7.16 5.64 -0.88
C LYS A 59 -8.33 4.74 -0.46
N THR A 60 -9.25 5.27 0.31
CA THR A 60 -10.41 4.44 0.75
C THR A 60 -11.58 5.35 1.13
N TYR A 61 -12.78 4.94 0.84
CA TYR A 61 -13.96 5.78 1.19
C TYR A 61 -15.23 4.91 1.17
N GLY A 62 -15.62 4.40 2.31
CA GLY A 62 -16.84 3.55 2.35
C GLY A 62 -17.28 3.36 3.80
N CYS A 63 -16.45 2.75 4.61
CA CYS A 63 -16.83 2.54 6.04
C CYS A 63 -16.54 3.81 6.84
N GLY A 64 -17.35 4.09 7.82
CA GLY A 64 -17.14 5.33 8.63
C GLY A 64 -15.86 5.17 9.47
N SER A 65 -15.09 4.15 9.21
CA SER A 65 -13.85 3.95 10.00
C SER A 65 -12.70 3.57 9.06
N ALA A 66 -13.00 3.34 7.80
CA ALA A 66 -11.93 2.98 6.83
C ALA A 66 -10.81 4.01 6.88
N ILE A 67 -11.06 5.21 6.44
CA ILE A 67 -10.00 6.26 6.47
C ILE A 67 -9.33 6.26 7.84
N ALA A 68 -10.07 5.98 8.88
CA ALA A 68 -9.48 5.97 10.25
C ALA A 68 -8.33 4.94 10.28
N SER A 69 -8.62 3.71 9.97
CA SER A 69 -7.55 2.67 10.00
C SER A 69 -6.55 2.95 8.87
N SER A 70 -7.02 3.31 7.72
CA SER A 70 -6.10 3.60 6.59
C SER A 70 -5.17 4.76 6.96
N SER A 71 -5.62 5.64 7.81
CA SER A 71 -4.77 6.79 8.21
C SER A 71 -3.69 6.31 9.19
N LEU A 72 -4.06 5.59 10.21
CA LEU A 72 -3.06 5.10 11.19
C LEU A 72 -2.08 4.15 10.49
N ILE A 73 -2.58 3.09 9.92
CA ILE A 73 -1.67 2.12 9.22
C ILE A 73 -0.72 2.89 8.29
N THR A 74 -1.24 3.81 7.54
CA THR A 74 -0.36 4.59 6.61
C THR A 74 0.71 5.32 7.42
N GLU A 75 0.38 5.79 8.59
CA GLU A 75 1.40 6.51 9.41
C GLU A 75 2.31 5.50 10.09
N TRP A 76 1.98 4.24 10.02
CA TRP A 76 2.82 3.19 10.66
C TRP A 76 3.71 2.54 9.60
N VAL A 77 3.24 2.45 8.38
CA VAL A 77 4.06 1.83 7.31
C VAL A 77 4.80 2.91 6.52
N LYS A 78 5.27 3.93 7.18
CA LYS A 78 6.01 5.01 6.47
C LYS A 78 7.47 5.00 6.90
N GLY A 79 8.34 4.47 6.07
CA GLY A 79 9.78 4.43 6.44
C GLY A 79 10.08 3.12 7.18
N LYS A 80 9.20 2.15 7.07
CA LYS A 80 9.43 0.86 7.76
C LYS A 80 9.88 -0.19 6.75
N SER A 81 10.32 -1.33 7.22
CA SER A 81 10.77 -2.40 6.29
C SER A 81 9.61 -3.35 5.99
N LEU A 82 9.59 -3.94 4.83
CA LEU A 82 8.49 -4.88 4.49
C LEU A 82 8.30 -5.89 5.62
N GLU A 83 9.34 -6.15 6.37
CA GLU A 83 9.22 -7.14 7.49
C GLU A 83 8.33 -6.57 8.59
N GLU A 84 8.36 -5.28 8.79
CA GLU A 84 7.51 -4.67 9.86
C GLU A 84 6.10 -4.44 9.33
N ALA A 85 5.97 -4.12 8.07
CA ALA A 85 4.60 -3.87 7.51
C ALA A 85 3.90 -5.21 7.28
N GLY A 86 4.63 -6.20 6.84
CA GLY A 86 3.99 -7.53 6.60
C GLY A 86 4.06 -8.37 7.87
N ALA A 87 3.61 -7.83 8.97
CA ALA A 87 3.64 -8.60 10.24
C ALA A 87 2.68 -7.95 11.24
N ILE A 88 2.65 -6.65 11.28
CA ILE A 88 1.73 -5.95 12.22
C ILE A 88 0.37 -6.66 12.24
N LYS A 89 -0.01 -7.25 11.13
CA LYS A 89 -1.33 -7.95 11.09
C LYS A 89 -2.44 -6.96 11.39
N ASN A 90 -3.68 -7.38 11.30
CA ASN A 90 -4.81 -6.46 11.58
C ASN A 90 -5.14 -6.50 13.07
N SER A 91 -5.19 -7.67 13.64
CA SER A 91 -5.51 -7.77 15.09
C SER A 91 -4.83 -6.63 15.84
N GLN A 92 -3.63 -6.29 15.47
CA GLN A 92 -2.91 -5.18 16.16
C GLN A 92 -3.70 -3.88 15.97
N ILE A 93 -3.77 -3.40 14.75
CA ILE A 93 -4.52 -2.13 14.50
C ILE A 93 -5.85 -2.19 15.25
N ALA A 94 -6.42 -3.35 15.40
CA ALA A 94 -7.71 -3.48 16.12
C ALA A 94 -7.48 -3.42 17.62
N GLU A 95 -6.27 -3.69 18.04
CA GLU A 95 -5.96 -3.67 19.50
C GLU A 95 -5.65 -2.23 19.92
N GLU A 96 -5.31 -1.39 18.99
CA GLU A 96 -5.00 0.03 19.32
C GLU A 96 -6.24 0.90 19.06
N LEU A 97 -6.77 0.83 17.87
CA LEU A 97 -7.97 1.65 17.56
C LEU A 97 -9.20 1.04 18.26
N GLU A 98 -9.03 -0.08 18.89
CA GLU A 98 -10.17 -0.72 19.60
C GLU A 98 -11.42 -0.65 18.72
N LEU A 99 -11.26 -0.70 17.42
CA LEU A 99 -12.44 -0.63 16.53
C LEU A 99 -13.40 -1.77 16.88
N PRO A 100 -14.68 -1.56 16.65
CA PRO A 100 -15.72 -2.57 16.95
C PRO A 100 -15.54 -3.86 16.13
N PRO A 101 -16.10 -4.95 16.60
CA PRO A 101 -15.99 -6.27 15.92
C PRO A 101 -16.92 -6.37 14.70
N VAL A 102 -17.76 -5.39 14.49
CA VAL A 102 -18.69 -5.45 13.33
C VAL A 102 -17.97 -4.95 12.07
N LYS A 103 -16.84 -4.31 12.24
CA LYS A 103 -16.10 -3.81 11.04
C LYS A 103 -14.76 -4.54 10.92
N VAL A 104 -14.71 -5.77 11.38
CA VAL A 104 -13.43 -6.53 11.28
C VAL A 104 -13.10 -6.81 9.81
N HIS A 105 -14.02 -6.53 8.93
CA HIS A 105 -13.75 -6.78 7.48
C HIS A 105 -12.87 -5.65 6.94
N CYS A 106 -12.91 -4.50 7.55
CA CYS A 106 -12.06 -3.38 7.07
C CYS A 106 -10.62 -3.62 7.49
N SER A 107 -10.41 -4.08 8.69
CA SER A 107 -9.03 -4.34 9.17
C SER A 107 -8.41 -5.45 8.31
N ILE A 108 -9.07 -6.57 8.19
CA ILE A 108 -8.52 -7.67 7.37
C ILE A 108 -8.20 -7.13 5.97
N LEU A 109 -9.03 -6.28 5.45
CA LEU A 109 -8.78 -5.72 4.10
C LEU A 109 -7.37 -5.10 4.07
N ALA A 110 -7.05 -4.28 5.04
CA ALA A 110 -5.70 -3.66 5.05
C ALA A 110 -4.64 -4.77 5.06
N GLU A 111 -4.73 -5.68 5.99
CA GLU A 111 -3.74 -6.79 6.04
C GLU A 111 -3.60 -7.41 4.64
N ASP A 112 -4.65 -7.99 4.13
CA ASP A 112 -4.57 -8.60 2.78
C ASP A 112 -4.00 -7.59 1.79
N ALA A 113 -4.19 -6.32 2.06
CA ALA A 113 -3.65 -5.28 1.13
C ALA A 113 -2.12 -5.28 1.19
N ILE A 114 -1.56 -5.26 2.36
CA ILE A 114 -0.07 -5.26 2.47
C ILE A 114 0.49 -6.47 1.72
N LYS A 115 -0.20 -7.59 1.78
CA LYS A 115 0.30 -8.80 1.08
C LYS A 115 0.15 -8.61 -0.44
N ALA A 116 -1.04 -8.33 -0.91
CA ALA A 116 -1.23 -8.13 -2.36
C ALA A 116 -0.13 -7.23 -2.91
N ALA A 117 0.06 -6.07 -2.33
CA ALA A 117 1.11 -5.15 -2.81
C ALA A 117 2.44 -5.90 -2.93
N ILE A 118 2.92 -6.45 -1.85
CA ILE A 118 4.21 -7.20 -1.91
C ILE A 118 4.20 -8.14 -3.12
N ALA A 119 3.12 -8.84 -3.32
CA ALA A 119 3.05 -9.78 -4.47
C ALA A 119 3.18 -9.00 -5.79
N ASP A 120 2.23 -8.14 -6.08
CA ASP A 120 2.30 -7.36 -7.34
C ASP A 120 3.69 -6.73 -7.48
N TYR A 121 4.43 -6.66 -6.42
CA TYR A 121 5.80 -6.07 -6.50
C TYR A 121 6.82 -7.18 -6.76
N LYS A 122 6.54 -8.37 -6.31
CA LYS A 122 7.50 -9.49 -6.54
C LYS A 122 7.13 -10.22 -7.83
N ALA A 123 6.14 -9.74 -8.53
CA ALA A 123 5.73 -10.41 -9.80
C ALA A 123 6.39 -9.70 -10.99
N LYS A 124 6.25 -8.41 -11.08
CA LYS A 124 6.86 -7.67 -12.21
C LYS A 124 8.37 -7.53 -11.97
N GLN A 125 9.02 -8.59 -11.61
CA GLN A 125 10.48 -8.52 -11.35
C GLN A 125 11.21 -9.51 -12.26
N GLY A 126 10.56 -10.56 -12.65
CA GLY A 126 11.21 -11.57 -13.53
C GLY A 126 10.70 -12.97 -13.17
N LEU A 127 10.11 -13.13 -12.02
CA LEU A 127 9.61 -14.46 -11.62
C LEU A 127 8.22 -14.68 -12.22
N GLU A 128 8.00 -14.22 -13.42
CA GLU A 128 6.66 -14.39 -14.07
C GLU A 128 6.70 -15.63 -14.96
N HIS A 129 6.02 -16.68 -14.57
CA HIS A 129 6.02 -17.92 -15.40
C HIS A 129 5.24 -17.66 -16.70
N HIS A 130 5.90 -17.78 -17.82
CA HIS A 130 5.20 -17.55 -19.12
C HIS A 130 5.13 -18.87 -19.90
N HIS A 131 5.70 -19.92 -19.37
CA HIS A 131 5.67 -21.22 -20.08
C HIS A 131 6.46 -21.11 -21.38
N HIS A 132 7.50 -21.88 -21.52
CA HIS A 132 8.33 -21.82 -22.76
C HIS A 132 7.79 -22.83 -23.78
N HIS A 133 7.74 -24.08 -23.41
CA HIS A 133 7.23 -25.12 -24.37
C HIS A 133 5.87 -24.67 -24.91
N HIS A 134 5.86 -23.93 -25.99
CA HIS A 134 4.56 -23.48 -26.55
C HIS A 134 3.77 -22.72 -25.49
ZN ZN B . -16.13 -1.99 6.39
N MET A 1 8.75 32.25 -36.43
CA MET A 1 8.61 32.50 -37.90
C MET A 1 9.68 31.71 -38.65
N ALA A 2 9.66 30.41 -38.53
CA ALA A 2 10.66 29.59 -39.25
C ALA A 2 10.58 28.14 -38.75
N TYR A 3 10.84 27.92 -37.48
CA TYR A 3 10.77 26.54 -36.94
C TYR A 3 10.32 26.59 -35.48
N SER A 4 11.18 27.02 -34.60
CA SER A 4 10.81 27.08 -33.15
C SER A 4 10.01 25.84 -32.78
N GLU A 5 10.69 24.77 -32.46
CA GLU A 5 9.96 23.51 -32.09
C GLU A 5 10.76 22.77 -31.01
N LYS A 6 10.30 22.81 -29.79
CA LYS A 6 11.03 22.11 -28.70
C LYS A 6 10.13 21.98 -27.47
N VAL A 7 9.20 22.89 -27.30
CA VAL A 7 8.30 22.82 -26.12
C VAL A 7 7.63 21.44 -26.07
N ILE A 8 6.66 21.21 -26.89
CA ILE A 8 5.97 19.88 -26.88
C ILE A 8 7.02 18.77 -26.97
N ASP A 9 7.10 17.93 -25.98
CA ASP A 9 8.10 16.81 -26.01
C ASP A 9 7.79 15.83 -24.88
N HIS A 10 7.98 14.56 -25.12
CA HIS A 10 7.70 13.56 -24.05
C HIS A 10 8.05 12.16 -24.55
N TYR A 11 9.03 11.52 -23.97
CA TYR A 11 9.41 10.16 -24.41
C TYR A 11 9.68 9.28 -23.18
N GLU A 12 10.33 8.16 -23.38
CA GLU A 12 10.61 7.27 -22.22
C GLU A 12 12.10 7.35 -21.87
N ASN A 13 12.42 7.32 -20.60
CA ASN A 13 13.86 7.39 -20.20
C ASN A 13 14.09 6.46 -19.01
N PRO A 14 15.33 6.13 -18.75
CA PRO A 14 15.71 5.23 -17.63
C PRO A 14 15.44 5.87 -16.25
N ARG A 15 16.25 6.82 -15.87
CA ARG A 15 16.04 7.48 -14.55
C ARG A 15 14.59 7.96 -14.44
N ASN A 16 14.06 8.02 -13.27
CA ASN A 16 12.65 8.48 -13.10
C ASN A 16 12.32 8.60 -11.62
N VAL A 17 13.05 9.41 -10.90
CA VAL A 17 12.77 9.58 -9.45
C VAL A 17 11.31 9.97 -9.25
N GLY A 18 10.65 9.38 -8.29
CA GLY A 18 9.22 9.73 -8.05
C GLY A 18 8.32 8.71 -8.76
N SER A 19 8.74 7.47 -8.81
CA SER A 19 7.90 6.44 -9.49
C SER A 19 6.43 6.71 -9.21
N LEU A 20 5.88 6.10 -8.19
CA LEU A 20 4.44 6.34 -7.86
C LEU A 20 3.61 6.26 -9.15
N ASP A 21 3.40 5.08 -9.65
CA ASP A 21 2.59 4.94 -10.91
C ASP A 21 2.47 3.45 -11.26
N LYS A 22 1.41 3.09 -11.95
CA LYS A 22 1.24 1.66 -12.32
C LYS A 22 2.31 1.26 -13.32
N LYS A 23 2.93 2.22 -13.96
CA LYS A 23 4.00 1.89 -14.94
C LYS A 23 5.37 1.97 -14.26
N ASP A 24 5.40 1.86 -12.96
CA ASP A 24 6.70 1.94 -12.24
C ASP A 24 7.18 0.53 -11.91
N SER A 25 8.43 0.37 -11.60
CA SER A 25 8.96 -0.97 -11.26
C SER A 25 9.27 -1.06 -9.77
N ASN A 26 8.84 -0.09 -9.01
CA ASN A 26 9.10 -0.11 -7.54
C ASN A 26 7.82 0.27 -6.79
N VAL A 27 6.69 0.12 -7.42
CA VAL A 27 5.41 0.46 -6.74
C VAL A 27 4.54 -0.79 -6.62
N GLY A 28 4.07 -1.10 -5.45
CA GLY A 28 3.21 -2.31 -5.28
C GLY A 28 1.75 -1.88 -5.13
N THR A 29 0.90 -2.36 -6.00
CA THR A 29 -0.54 -1.98 -5.90
C THR A 29 -1.34 -3.15 -5.29
N GLY A 30 -1.98 -2.91 -4.19
CA GLY A 30 -2.78 -4.01 -3.55
C GLY A 30 -4.25 -3.62 -3.53
N MET A 31 -5.03 -4.14 -4.42
CA MET A 31 -6.48 -3.80 -4.46
C MET A 31 -7.28 -4.89 -3.73
N VAL A 32 -8.17 -4.49 -2.87
CA VAL A 32 -8.99 -5.50 -2.13
C VAL A 32 -10.46 -5.09 -2.16
N GLY A 33 -11.35 -6.04 -2.04
CA GLY A 33 -12.81 -5.70 -2.08
C GLY A 33 -13.46 -6.07 -0.75
N ALA A 34 -14.39 -5.29 -0.30
CA ALA A 34 -15.10 -5.61 0.98
C ALA A 34 -16.61 -5.49 0.78
N PRO A 35 -17.31 -6.59 0.74
CA PRO A 35 -18.79 -6.59 0.54
C PRO A 35 -19.55 -6.19 1.80
N ALA A 36 -18.87 -5.62 2.77
CA ALA A 36 -19.56 -5.21 4.02
C ALA A 36 -19.56 -3.68 4.12
N CYS A 37 -18.70 -3.13 4.93
CA CYS A 37 -18.67 -1.64 5.06
C CYS A 37 -17.27 -1.14 4.68
N GLY A 38 -16.42 -2.00 4.20
CA GLY A 38 -15.06 -1.57 3.81
C GLY A 38 -15.05 -1.18 2.33
N ASP A 39 -16.06 -1.58 1.60
CA ASP A 39 -16.13 -1.23 0.16
C ASP A 39 -14.81 -1.60 -0.52
N VAL A 40 -14.44 -0.90 -1.56
CA VAL A 40 -13.17 -1.21 -2.27
C VAL A 40 -12.02 -0.44 -1.61
N MET A 41 -10.90 -1.09 -1.40
CA MET A 41 -9.76 -0.39 -0.76
C MET A 41 -8.51 -0.56 -1.63
N GLN A 42 -7.74 0.49 -1.79
CA GLN A 42 -6.51 0.39 -2.63
C GLN A 42 -5.31 0.83 -1.81
N LEU A 43 -4.31 -0.01 -1.69
CA LEU A 43 -3.11 0.38 -0.90
C LEU A 43 -1.87 0.33 -1.80
N GLN A 44 -1.13 1.40 -1.85
CA GLN A 44 0.09 1.41 -2.71
C GLN A 44 1.33 1.66 -1.84
N ILE A 45 2.42 1.03 -2.17
CA ILE A 45 3.66 1.23 -1.37
C ILE A 45 4.85 1.49 -2.30
N LYS A 46 5.64 2.48 -1.99
CA LYS A 46 6.81 2.79 -2.87
C LYS A 46 8.09 2.25 -2.22
N VAL A 47 8.95 1.64 -2.99
CA VAL A 47 10.21 1.09 -2.42
C VAL A 47 11.41 1.78 -3.09
N ASP A 48 12.39 2.17 -2.31
CA ASP A 48 13.58 2.84 -2.90
C ASP A 48 14.24 1.89 -3.91
N ASP A 49 14.48 0.67 -3.52
CA ASP A 49 15.12 -0.30 -4.45
C ASP A 49 15.67 -1.48 -3.64
N ASN A 50 15.88 -1.29 -2.37
CA ASN A 50 16.41 -2.40 -1.53
C ASN A 50 15.26 -3.03 -0.74
N GLY A 51 14.30 -2.25 -0.34
CA GLY A 51 13.15 -2.82 0.43
C GLY A 51 12.61 -1.77 1.41
N ILE A 52 13.29 -0.68 1.57
CA ILE A 52 12.81 0.38 2.50
C ILE A 52 11.62 1.12 1.88
N ILE A 53 10.59 1.33 2.63
CA ILE A 53 9.40 2.05 2.09
C ILE A 53 9.61 3.56 2.22
N GLU A 54 10.21 4.17 1.24
CA GLU A 54 10.45 5.64 1.31
C GLU A 54 9.13 6.37 1.56
N ASP A 55 8.15 6.14 0.74
CA ASP A 55 6.84 6.82 0.94
C ASP A 55 5.71 5.87 0.54
N ALA A 56 4.54 6.03 1.11
CA ALA A 56 3.41 5.14 0.76
C ALA A 56 2.14 5.97 0.52
N LYS A 57 1.35 5.58 -0.43
CA LYS A 57 0.10 6.34 -0.72
C LYS A 57 -1.11 5.46 -0.39
N PHE A 58 -2.15 6.05 0.13
CA PHE A 58 -3.36 5.23 0.48
C PHE A 58 -4.57 5.72 -0.31
N LYS A 59 -5.61 4.95 -0.35
CA LYS A 59 -6.83 5.36 -1.10
C LYS A 59 -7.97 4.39 -0.81
N THR A 60 -8.64 4.54 0.30
CA THR A 60 -9.75 3.62 0.63
C THR A 60 -11.04 4.42 0.85
N TYR A 61 -12.17 3.81 0.62
CA TYR A 61 -13.45 4.55 0.82
C TYR A 61 -14.58 3.54 1.08
N GLY A 62 -14.88 3.29 2.32
CA GLY A 62 -15.97 2.33 2.66
C GLY A 62 -16.13 2.24 4.17
N CYS A 63 -15.05 2.04 4.88
CA CYS A 63 -15.15 1.94 6.37
C CYS A 63 -15.39 3.34 6.96
N GLY A 64 -16.42 3.49 7.73
CA GLY A 64 -16.71 4.82 8.34
C GLY A 64 -15.41 5.43 8.86
N SER A 65 -14.42 4.61 9.11
CA SER A 65 -13.12 5.13 9.61
C SER A 65 -12.01 4.77 8.62
N ALA A 66 -12.37 4.23 7.49
CA ALA A 66 -11.33 3.85 6.49
C ALA A 66 -10.27 4.95 6.40
N ILE A 67 -10.69 6.19 6.40
CA ILE A 67 -9.70 7.30 6.32
C ILE A 67 -8.77 7.25 7.54
N ALA A 68 -9.26 6.76 8.64
CA ALA A 68 -8.41 6.69 9.86
C ALA A 68 -7.51 5.46 9.77
N SER A 69 -8.07 4.28 9.93
CA SER A 69 -7.24 3.05 9.85
C SER A 69 -6.19 3.21 8.75
N SER A 70 -6.52 3.90 7.70
CA SER A 70 -5.54 4.08 6.59
C SER A 70 -4.40 5.00 7.06
N SER A 71 -4.71 6.23 7.38
CA SER A 71 -3.65 7.16 7.86
C SER A 71 -2.81 6.48 8.94
N LEU A 72 -3.39 5.53 9.63
CA LEU A 72 -2.62 4.83 10.70
C LEU A 72 -1.69 3.78 10.08
N ILE A 73 -2.22 2.64 9.74
CA ILE A 73 -1.37 1.58 9.13
C ILE A 73 -0.42 2.20 8.12
N THR A 74 -0.85 3.21 7.42
CA THR A 74 0.03 3.86 6.41
C THR A 74 1.16 4.61 7.13
N GLU A 75 0.85 5.26 8.22
CA GLU A 75 1.91 6.00 8.97
C GLU A 75 2.81 5.01 9.70
N TRP A 76 2.43 3.76 9.71
CA TRP A 76 3.27 2.73 10.41
C TRP A 76 4.22 2.08 9.41
N VAL A 77 3.81 1.97 8.18
CA VAL A 77 4.71 1.34 7.15
C VAL A 77 5.45 2.43 6.39
N LYS A 78 5.43 3.64 6.88
CA LYS A 78 6.13 4.74 6.17
C LYS A 78 7.58 4.83 6.67
N GLY A 79 8.49 4.17 6.01
CA GLY A 79 9.91 4.21 6.45
C GLY A 79 10.35 2.84 6.98
N LYS A 80 9.39 2.01 7.32
CA LYS A 80 9.75 0.66 7.84
C LYS A 80 10.42 -0.16 6.74
N SER A 81 10.47 -1.45 6.88
CA SER A 81 11.11 -2.30 5.84
C SER A 81 10.12 -3.37 5.37
N LEU A 82 10.43 -4.03 4.29
CA LEU A 82 9.50 -5.08 3.78
C LEU A 82 9.33 -6.17 4.83
N GLU A 83 10.33 -6.39 5.64
CA GLU A 83 10.22 -7.46 6.69
C GLU A 83 9.17 -7.04 7.72
N GLU A 84 9.06 -5.77 8.01
CA GLU A 84 8.06 -5.31 9.01
C GLU A 84 6.68 -5.24 8.36
N ALA A 85 6.60 -4.68 7.18
CA ALA A 85 5.28 -4.58 6.50
C ALA A 85 4.76 -5.98 6.17
N GLY A 86 5.62 -6.85 5.73
CA GLY A 86 5.19 -8.24 5.40
C GLY A 86 5.12 -9.07 6.67
N ALA A 87 4.72 -8.48 7.77
CA ALA A 87 4.62 -9.25 9.04
C ALA A 87 3.48 -8.68 9.88
N ILE A 88 3.31 -7.39 9.88
CA ILE A 88 2.21 -6.77 10.67
C ILE A 88 0.94 -7.63 10.52
N LYS A 89 -0.02 -7.44 11.37
CA LYS A 89 -1.27 -8.24 11.28
C LYS A 89 -2.47 -7.31 11.49
N ASN A 90 -3.65 -7.88 11.55
CA ASN A 90 -4.87 -7.04 11.76
C ASN A 90 -5.30 -7.15 13.23
N SER A 91 -4.64 -7.98 13.99
CA SER A 91 -5.02 -8.13 15.42
C SER A 91 -4.74 -6.82 16.15
N GLN A 92 -3.55 -6.30 16.04
CA GLN A 92 -3.22 -5.02 16.72
C GLN A 92 -4.14 -3.92 16.19
N ILE A 93 -4.05 -3.62 14.92
CA ILE A 93 -4.92 -2.56 14.35
C ILE A 93 -6.37 -2.79 14.82
N ALA A 94 -6.71 -4.00 15.13
CA ALA A 94 -8.10 -4.28 15.61
C ALA A 94 -8.22 -3.86 17.07
N GLU A 95 -7.14 -3.88 17.80
CA GLU A 95 -7.19 -3.48 19.22
C GLU A 95 -6.99 -1.97 19.33
N GLU A 96 -6.50 -1.36 18.30
CA GLU A 96 -6.27 0.12 18.35
C GLU A 96 -7.54 0.84 17.89
N LEU A 97 -8.16 0.36 16.84
CA LEU A 97 -9.41 1.02 16.35
C LEU A 97 -10.62 0.48 17.13
N GLU A 98 -10.44 -0.59 17.85
CA GLU A 98 -11.57 -1.16 18.63
C GLU A 98 -12.81 -1.25 17.73
N LEU A 99 -12.83 -2.20 16.83
CA LEU A 99 -14.01 -2.35 15.92
C LEU A 99 -14.76 -3.64 16.28
N PRO A 100 -16.05 -3.65 16.05
CA PRO A 100 -16.91 -4.81 16.35
C PRO A 100 -16.59 -6.02 15.45
N PRO A 101 -16.98 -7.19 15.88
CA PRO A 101 -16.72 -8.45 15.12
C PRO A 101 -17.50 -8.50 13.80
N VAL A 102 -18.80 -8.54 13.85
CA VAL A 102 -19.60 -8.60 12.60
C VAL A 102 -18.93 -9.56 11.62
N LYS A 103 -18.00 -9.07 10.84
CA LYS A 103 -17.29 -9.94 9.87
C LYS A 103 -15.81 -9.58 9.88
N VAL A 104 -15.39 -8.79 10.82
CA VAL A 104 -13.96 -8.39 10.90
C VAL A 104 -13.38 -8.26 9.48
N HIS A 105 -14.03 -7.48 8.65
CA HIS A 105 -13.52 -7.30 7.26
C HIS A 105 -12.72 -6.00 7.18
N CYS A 106 -13.01 -5.05 8.04
CA CYS A 106 -12.27 -3.77 8.01
C CYS A 106 -10.79 -4.02 8.31
N SER A 107 -10.47 -4.38 9.52
CA SER A 107 -9.05 -4.64 9.87
C SER A 107 -8.45 -5.62 8.86
N ILE A 108 -9.04 -6.78 8.74
CA ILE A 108 -8.50 -7.79 7.78
C ILE A 108 -8.14 -7.08 6.46
N LEU A 109 -8.89 -6.09 6.08
CA LEU A 109 -8.58 -5.37 4.81
C LEU A 109 -7.25 -4.62 4.97
N ALA A 110 -7.05 -3.97 6.07
CA ALA A 110 -5.77 -3.22 6.28
C ALA A 110 -4.60 -4.19 6.16
N GLU A 111 -4.64 -5.28 6.87
CA GLU A 111 -3.51 -6.27 6.80
C GLU A 111 -3.49 -6.90 5.40
N ASP A 112 -4.50 -7.68 5.07
CA ASP A 112 -4.53 -8.32 3.73
C ASP A 112 -4.06 -7.31 2.67
N ALA A 113 -4.27 -6.05 2.90
CA ALA A 113 -3.83 -5.03 1.91
C ALA A 113 -2.30 -5.00 1.84
N ILE A 114 -1.66 -4.72 2.94
CA ILE A 114 -0.17 -4.67 2.94
C ILE A 114 0.37 -5.91 2.22
N LYS A 115 -0.31 -7.02 2.33
CA LYS A 115 0.17 -8.26 1.64
C LYS A 115 -0.12 -8.15 0.14
N ALA A 116 -1.22 -7.54 -0.22
CA ALA A 116 -1.54 -7.42 -1.68
C ALA A 116 -0.57 -6.45 -2.34
N ALA A 117 -0.32 -5.32 -1.74
CA ALA A 117 0.62 -4.35 -2.33
C ALA A 117 2.00 -5.00 -2.49
N ILE A 118 2.57 -5.49 -1.42
CA ILE A 118 3.89 -6.15 -1.51
C ILE A 118 3.84 -7.29 -2.52
N ALA A 119 2.81 -8.10 -2.45
CA ALA A 119 2.70 -9.24 -3.41
C ALA A 119 2.87 -8.73 -4.84
N ASP A 120 2.05 -7.80 -5.26
CA ASP A 120 2.17 -7.27 -6.64
C ASP A 120 3.60 -6.79 -6.89
N TYR A 121 4.10 -5.94 -6.03
CA TYR A 121 5.50 -5.44 -6.21
C TYR A 121 6.43 -6.62 -6.48
N LYS A 122 6.68 -7.43 -5.49
CA LYS A 122 7.57 -8.60 -5.70
C LYS A 122 7.36 -9.17 -7.10
N ALA A 123 6.14 -9.31 -7.52
CA ALA A 123 5.88 -9.86 -8.88
C ALA A 123 6.50 -8.95 -9.93
N LYS A 124 6.34 -7.66 -9.78
CA LYS A 124 6.93 -6.72 -10.78
C LYS A 124 8.44 -6.91 -10.83
N GLN A 125 9.06 -7.11 -9.69
CA GLN A 125 10.54 -7.30 -9.67
C GLN A 125 10.88 -8.52 -8.83
N GLY A 126 10.65 -9.70 -9.34
CA GLY A 126 10.95 -10.93 -8.56
C GLY A 126 11.61 -11.97 -9.48
N LEU A 127 10.83 -12.83 -10.07
CA LEU A 127 11.40 -13.86 -10.98
C LEU A 127 10.47 -14.06 -12.18
N GLU A 128 9.60 -13.12 -12.43
CA GLU A 128 8.66 -13.25 -13.58
C GLU A 128 7.85 -14.53 -13.43
N HIS A 129 7.07 -14.87 -14.41
CA HIS A 129 6.23 -16.11 -14.33
C HIS A 129 7.14 -17.32 -14.21
N HIS A 130 6.61 -18.44 -13.80
CA HIS A 130 7.45 -19.67 -13.66
C HIS A 130 6.78 -20.83 -14.38
N HIS A 131 6.68 -20.76 -15.68
CA HIS A 131 6.03 -21.86 -16.45
C HIS A 131 6.87 -22.21 -17.68
N HIS A 132 7.02 -23.46 -17.96
CA HIS A 132 7.82 -23.87 -19.16
C HIS A 132 7.30 -25.20 -19.69
N HIS A 133 7.13 -25.31 -20.98
CA HIS A 133 6.62 -26.58 -21.56
C HIS A 133 7.78 -27.52 -21.86
N HIS A 134 8.73 -27.61 -20.96
CA HIS A 134 9.90 -28.51 -21.21
C HIS A 134 10.57 -28.14 -22.52
ZN ZN B . -15.45 -2.13 7.10
N MET A 1 -7.24 -12.19 -38.63
CA MET A 1 -8.73 -12.13 -38.72
C MET A 1 -9.30 -11.66 -37.37
N ALA A 2 -9.44 -12.55 -36.43
CA ALA A 2 -9.99 -12.15 -35.10
C ALA A 2 -9.25 -12.91 -34.00
N TYR A 3 -8.83 -14.11 -34.27
CA TYR A 3 -8.11 -14.90 -33.23
C TYR A 3 -6.69 -14.35 -33.07
N SER A 4 -6.00 -14.13 -34.16
CA SER A 4 -4.61 -13.60 -34.07
C SER A 4 -4.48 -12.34 -34.93
N GLU A 5 -4.29 -11.20 -34.31
CA GLU A 5 -4.15 -9.94 -35.10
C GLU A 5 -3.79 -8.80 -34.15
N LYS A 6 -4.34 -8.77 -32.98
CA LYS A 6 -4.03 -7.67 -32.03
C LYS A 6 -4.39 -6.33 -32.65
N VAL A 7 -5.60 -5.87 -32.46
CA VAL A 7 -6.01 -4.57 -33.04
C VAL A 7 -6.07 -3.51 -31.94
N ILE A 8 -5.66 -2.30 -32.24
CA ILE A 8 -5.68 -1.23 -31.22
C ILE A 8 -6.03 0.11 -31.89
N ASP A 9 -7.11 0.72 -31.51
CA ASP A 9 -7.49 2.02 -32.13
C ASP A 9 -6.79 3.17 -31.39
N HIS A 10 -7.43 3.73 -30.41
CA HIS A 10 -6.79 4.85 -29.66
C HIS A 10 -7.35 4.90 -28.23
N TYR A 11 -6.57 5.35 -27.30
CA TYR A 11 -7.05 5.42 -25.89
C TYR A 11 -6.55 6.71 -25.23
N GLU A 12 -6.37 6.70 -23.94
CA GLU A 12 -5.88 7.92 -23.25
C GLU A 12 -4.35 7.85 -23.11
N ASN A 13 -3.80 8.61 -22.21
CA ASN A 13 -2.32 8.58 -22.02
C ASN A 13 -1.97 7.91 -20.70
N PRO A 14 -0.80 7.34 -20.61
CA PRO A 14 -0.34 6.64 -19.38
C PRO A 14 -0.31 7.55 -18.15
N ARG A 15 -0.95 7.16 -17.09
CA ARG A 15 -0.95 8.00 -15.86
C ARG A 15 -1.76 7.29 -14.76
N ASN A 16 -2.67 6.44 -15.16
CA ASN A 16 -3.49 5.71 -14.13
C ASN A 16 -3.97 6.68 -13.07
N VAL A 17 -3.58 6.48 -11.84
CA VAL A 17 -4.02 7.39 -10.75
C VAL A 17 -2.80 8.08 -10.14
N GLY A 18 -1.73 7.35 -9.92
CA GLY A 18 -0.52 7.96 -9.32
C GLY A 18 0.69 7.06 -9.59
N SER A 19 1.31 6.55 -8.56
CA SER A 19 2.49 5.67 -8.77
C SER A 19 3.65 6.49 -9.33
N LEU A 20 4.68 5.83 -9.81
CA LEU A 20 5.84 6.57 -10.37
C LEU A 20 6.27 5.92 -11.68
N ASP A 21 5.56 6.16 -12.74
CA ASP A 21 5.93 5.54 -14.05
C ASP A 21 5.87 4.02 -13.93
N LYS A 22 5.65 3.34 -15.02
CA LYS A 22 5.59 1.86 -14.96
C LYS A 22 6.99 1.30 -14.78
N LYS A 23 7.92 2.13 -14.40
CA LYS A 23 9.32 1.64 -14.20
C LYS A 23 9.30 0.39 -13.33
N ASP A 24 8.25 0.18 -12.60
CA ASP A 24 8.16 -1.03 -11.73
C ASP A 24 9.51 -1.24 -11.04
N SER A 25 9.85 -2.47 -10.75
CA SER A 25 11.15 -2.75 -10.08
C SER A 25 11.23 -1.92 -8.79
N ASN A 26 10.20 -1.17 -8.51
CA ASN A 26 10.22 -0.34 -7.26
C ASN A 26 8.81 0.19 -7.00
N VAL A 27 7.80 -0.47 -7.50
CA VAL A 27 6.41 0.01 -7.29
C VAL A 27 5.47 -1.19 -7.06
N GLY A 28 4.93 -1.30 -5.88
CA GLY A 28 4.01 -2.44 -5.58
C GLY A 28 2.59 -1.90 -5.39
N THR A 29 1.65 -2.42 -6.13
CA THR A 29 0.24 -1.94 -5.99
C THR A 29 -0.64 -3.08 -5.49
N GLY A 30 -1.63 -2.77 -4.68
CA GLY A 30 -2.52 -3.83 -4.16
C GLY A 30 -3.94 -3.28 -4.00
N MET A 31 -4.93 -4.01 -4.44
CA MET A 31 -6.34 -3.53 -4.31
C MET A 31 -7.16 -4.56 -3.53
N VAL A 32 -8.14 -4.11 -2.79
CA VAL A 32 -8.98 -5.07 -2.02
C VAL A 32 -10.39 -4.49 -1.86
N GLY A 33 -11.29 -5.26 -1.31
CA GLY A 33 -12.68 -4.74 -1.13
C GLY A 33 -13.56 -5.86 -0.55
N ALA A 34 -14.57 -5.49 0.21
CA ALA A 34 -15.46 -6.52 0.80
C ALA A 34 -16.91 -6.24 0.41
N PRO A 35 -17.69 -7.26 0.19
CA PRO A 35 -19.12 -7.12 -0.18
C PRO A 35 -19.98 -6.65 0.99
N ALA A 36 -20.14 -7.46 1.99
CA ALA A 36 -20.96 -7.06 3.17
C ALA A 36 -20.65 -5.60 3.52
N CYS A 37 -19.42 -5.20 3.38
CA CYS A 37 -19.05 -3.79 3.69
C CYS A 37 -19.00 -2.97 2.40
N GLY A 38 -19.18 -3.61 1.27
CA GLY A 38 -19.14 -2.86 -0.01
C GLY A 38 -18.08 -1.76 0.06
N ASP A 39 -17.01 -2.00 0.75
CA ASP A 39 -15.94 -0.96 0.87
C ASP A 39 -14.76 -1.34 -0.03
N VAL A 40 -14.49 -0.58 -1.04
CA VAL A 40 -13.35 -0.89 -1.94
C VAL A 40 -12.09 -0.21 -1.40
N MET A 41 -11.17 -0.98 -0.88
CA MET A 41 -9.92 -0.38 -0.34
C MET A 41 -8.79 -0.50 -1.36
N GLN A 42 -7.85 0.40 -1.31
CA GLN A 42 -6.71 0.35 -2.28
C GLN A 42 -5.46 0.89 -1.60
N LEU A 43 -4.39 0.15 -1.61
CA LEU A 43 -3.15 0.65 -0.94
C LEU A 43 -1.94 0.46 -1.87
N GLN A 44 -1.18 1.50 -2.08
CA GLN A 44 0.01 1.39 -2.97
C GLN A 44 1.27 1.70 -2.16
N ILE A 45 2.30 0.92 -2.32
CA ILE A 45 3.55 1.17 -1.54
C ILE A 45 4.71 1.45 -2.51
N LYS A 46 5.61 2.32 -2.13
CA LYS A 46 6.75 2.64 -3.02
C LYS A 46 8.04 2.11 -2.39
N VAL A 47 8.94 1.60 -3.20
CA VAL A 47 10.22 1.07 -2.63
C VAL A 47 11.39 1.92 -3.15
N ASP A 48 12.05 2.63 -2.26
CA ASP A 48 13.19 3.47 -2.70
C ASP A 48 14.11 2.65 -3.60
N ASP A 49 14.76 1.66 -3.06
CA ASP A 49 15.68 0.81 -3.88
C ASP A 49 16.47 -0.10 -2.96
N ASN A 50 16.67 0.30 -1.73
CA ASN A 50 17.43 -0.55 -0.78
C ASN A 50 16.46 -1.47 -0.03
N GLY A 51 15.24 -1.53 -0.47
CA GLY A 51 14.24 -2.42 0.21
C GLY A 51 13.49 -1.61 1.27
N ILE A 52 13.58 -0.31 1.21
CA ILE A 52 12.87 0.53 2.22
C ILE A 52 11.61 1.12 1.60
N ILE A 53 10.59 1.32 2.39
CA ILE A 53 9.32 1.89 1.85
C ILE A 53 9.44 3.41 1.79
N GLU A 54 9.99 3.94 0.73
CA GLU A 54 10.14 5.41 0.61
C GLU A 54 8.86 6.09 1.13
N ASP A 55 7.73 5.74 0.58
CA ASP A 55 6.45 6.35 1.03
C ASP A 55 5.30 5.37 0.81
N ALA A 56 4.13 5.68 1.31
CA ALA A 56 2.98 4.75 1.11
C ALA A 56 1.71 5.58 0.88
N LYS A 57 1.01 5.31 -0.19
CA LYS A 57 -0.24 6.07 -0.47
C LYS A 57 -1.46 5.26 -0.03
N PHE A 58 -2.38 5.88 0.64
CA PHE A 58 -3.59 5.15 1.10
C PHE A 58 -4.81 5.61 0.29
N LYS A 59 -5.87 4.85 0.30
CA LYS A 59 -7.08 5.25 -0.46
C LYS A 59 -8.24 4.31 -0.13
N THR A 60 -9.14 4.74 0.70
CA THR A 60 -10.30 3.87 1.07
C THR A 60 -11.40 4.71 1.73
N TYR A 61 -12.63 4.46 1.41
CA TYR A 61 -13.74 5.23 2.02
C TYR A 61 -15.04 4.42 1.99
N GLY A 62 -15.33 3.73 3.07
CA GLY A 62 -16.57 2.91 3.12
C GLY A 62 -16.91 2.60 4.57
N CYS A 63 -15.94 2.72 5.44
CA CYS A 63 -16.20 2.43 6.89
C CYS A 63 -15.44 3.44 7.74
N GLY A 64 -16.14 4.37 8.35
CA GLY A 64 -15.45 5.39 9.19
C GLY A 64 -14.35 4.72 10.02
N SER A 65 -14.38 3.42 10.11
CA SER A 65 -13.34 2.72 10.91
C SER A 65 -12.09 2.52 10.05
N ALA A 66 -12.23 2.56 8.76
CA ALA A 66 -11.05 2.38 7.86
C ALA A 66 -10.32 3.72 7.71
N ILE A 67 -11.00 4.71 7.22
CA ILE A 67 -10.35 6.05 7.04
C ILE A 67 -9.36 6.29 8.18
N ALA A 68 -9.83 6.30 9.40
CA ALA A 68 -8.92 6.53 10.55
C ALA A 68 -7.78 5.51 10.51
N SER A 69 -8.08 4.25 10.65
CA SER A 69 -7.02 3.21 10.62
C SER A 69 -6.13 3.43 9.39
N SER A 70 -6.74 3.56 8.24
CA SER A 70 -5.93 3.77 6.99
C SER A 70 -4.84 4.80 7.26
N SER A 71 -5.17 5.90 7.87
CA SER A 71 -4.15 6.94 8.16
C SER A 71 -3.21 6.44 9.26
N LEU A 72 -3.70 5.64 10.16
CA LEU A 72 -2.82 5.13 11.25
C LEU A 72 -1.79 4.17 10.66
N ILE A 73 -2.24 3.09 10.08
CA ILE A 73 -1.27 2.12 9.48
C ILE A 73 -0.26 2.87 8.61
N THR A 74 -0.72 3.83 7.84
CA THR A 74 0.22 4.59 6.98
C THR A 74 1.31 5.20 7.85
N GLU A 75 0.95 5.79 8.96
CA GLU A 75 1.98 6.40 9.86
C GLU A 75 2.79 5.27 10.50
N TRP A 76 2.26 4.08 10.51
CA TRP A 76 2.99 2.93 11.11
C TRP A 76 4.07 2.46 10.13
N VAL A 77 3.85 2.67 8.86
CA VAL A 77 4.85 2.24 7.84
C VAL A 77 5.47 3.48 7.19
N LYS A 78 5.19 3.70 5.93
CA LYS A 78 5.77 4.88 5.25
C LYS A 78 7.18 5.15 5.76
N GLY A 79 8.13 4.37 5.32
CA GLY A 79 9.54 4.57 5.79
C GLY A 79 9.96 3.35 6.61
N LYS A 80 9.22 2.28 6.52
CA LYS A 80 9.58 1.07 7.30
C LYS A 80 10.23 0.03 6.37
N SER A 81 10.36 -1.19 6.80
CA SER A 81 10.98 -2.22 5.94
C SER A 81 9.90 -3.21 5.46
N LEU A 82 9.91 -3.55 4.21
CA LEU A 82 8.89 -4.51 3.69
C LEU A 82 8.74 -5.68 4.66
N GLU A 83 9.68 -5.82 5.57
CA GLU A 83 9.59 -6.93 6.55
C GLU A 83 8.57 -6.57 7.64
N GLU A 84 8.73 -5.43 8.25
CA GLU A 84 7.77 -5.01 9.31
C GLU A 84 6.37 -4.95 8.71
N ALA A 85 6.27 -4.61 7.45
CA ALA A 85 4.92 -4.52 6.80
C ALA A 85 4.49 -5.92 6.37
N GLY A 86 5.44 -6.77 6.06
CA GLY A 86 5.07 -8.15 5.63
C GLY A 86 4.98 -9.06 6.85
N ALA A 87 4.30 -8.62 7.88
CA ALA A 87 4.17 -9.47 9.10
C ALA A 87 3.07 -8.89 10.00
N ILE A 88 2.92 -7.59 10.00
CA ILE A 88 1.87 -6.97 10.86
C ILE A 88 0.57 -7.78 10.74
N LYS A 89 -0.42 -7.42 11.49
CA LYS A 89 -1.72 -8.17 11.42
C LYS A 89 -2.88 -7.18 11.58
N ASN A 90 -4.04 -7.55 11.12
CA ASN A 90 -5.22 -6.65 11.26
C ASN A 90 -5.69 -6.63 12.71
N SER A 91 -5.65 -7.76 13.36
CA SER A 91 -6.11 -7.82 14.78
C SER A 91 -5.37 -6.74 15.58
N GLN A 92 -4.11 -6.52 15.28
CA GLN A 92 -3.34 -5.48 16.02
C GLN A 92 -3.94 -4.11 15.70
N ILE A 93 -3.78 -3.66 14.48
CA ILE A 93 -4.34 -2.33 14.12
C ILE A 93 -5.77 -2.22 14.66
N ALA A 94 -6.41 -3.33 14.88
CA ALA A 94 -7.80 -3.31 15.41
C ALA A 94 -7.77 -2.88 16.87
N GLU A 95 -7.16 -3.65 17.72
CA GLU A 95 -7.08 -3.28 19.15
C GLU A 95 -6.62 -1.83 19.27
N GLU A 96 -6.04 -1.30 18.23
CA GLU A 96 -5.56 0.10 18.26
C GLU A 96 -6.74 1.05 18.03
N LEU A 97 -7.38 0.95 16.89
CA LEU A 97 -8.54 1.85 16.59
C LEU A 97 -9.77 1.34 17.37
N GLU A 98 -9.88 0.05 17.54
CA GLU A 98 -11.06 -0.49 18.28
C GLU A 98 -12.32 -0.32 17.44
N LEU A 99 -12.42 -1.02 16.34
CA LEU A 99 -13.63 -0.90 15.48
C LEU A 99 -14.53 -2.12 15.70
N PRO A 100 -15.82 -1.92 15.60
CA PRO A 100 -16.81 -3.01 15.78
C PRO A 100 -16.36 -4.32 15.13
N PRO A 101 -15.88 -5.25 15.93
CA PRO A 101 -15.40 -6.57 15.42
C PRO A 101 -16.55 -7.53 15.11
N VAL A 102 -17.76 -7.05 15.13
CA VAL A 102 -18.92 -7.94 14.85
C VAL A 102 -18.61 -8.78 13.59
N LYS A 103 -17.57 -8.43 12.89
CA LYS A 103 -17.21 -9.21 11.67
C LYS A 103 -15.73 -9.02 11.37
N VAL A 104 -15.20 -7.85 11.65
CA VAL A 104 -13.76 -7.60 11.36
C VAL A 104 -13.49 -7.77 9.87
N HIS A 105 -14.13 -6.98 9.05
CA HIS A 105 -13.93 -7.09 7.59
C HIS A 105 -12.95 -6.01 7.13
N CYS A 106 -13.15 -4.79 7.54
CA CYS A 106 -12.23 -3.69 7.13
C CYS A 106 -10.82 -4.00 7.63
N SER A 107 -10.68 -4.34 8.88
CA SER A 107 -9.32 -4.64 9.42
C SER A 107 -8.63 -5.66 8.52
N ILE A 108 -9.13 -6.87 8.48
CA ILE A 108 -8.50 -7.90 7.61
C ILE A 108 -8.20 -7.29 6.24
N LEU A 109 -9.08 -6.47 5.74
CA LEU A 109 -8.84 -5.85 4.40
C LEU A 109 -7.56 -5.04 4.45
N ALA A 110 -7.32 -4.35 5.53
CA ALA A 110 -6.08 -3.53 5.63
C ALA A 110 -4.86 -4.46 5.54
N GLU A 111 -4.83 -5.49 6.35
CA GLU A 111 -3.67 -6.43 6.31
C GLU A 111 -3.58 -7.05 4.90
N ASP A 112 -4.61 -7.74 4.48
CA ASP A 112 -4.58 -8.36 3.14
C ASP A 112 -3.99 -7.37 2.13
N ALA A 113 -4.23 -6.09 2.32
CA ALA A 113 -3.68 -5.07 1.39
C ALA A 113 -2.16 -5.09 1.44
N ILE A 114 -1.59 -4.82 2.59
CA ILE A 114 -0.10 -4.81 2.69
C ILE A 114 0.47 -6.07 2.03
N LYS A 115 -0.19 -7.18 2.17
CA LYS A 115 0.33 -8.45 1.55
C LYS A 115 0.18 -8.36 0.03
N ALA A 116 -1.02 -8.16 -0.44
CA ALA A 116 -1.23 -8.08 -1.91
C ALA A 116 -0.22 -7.11 -2.53
N ALA A 117 0.05 -6.02 -1.87
CA ALA A 117 1.03 -5.04 -2.41
C ALA A 117 2.42 -5.68 -2.50
N ILE A 118 2.80 -6.42 -1.49
CA ILE A 118 4.15 -7.07 -1.52
C ILE A 118 4.21 -8.08 -2.67
N ALA A 119 3.14 -8.81 -2.89
CA ALA A 119 3.14 -9.81 -3.98
C ALA A 119 3.14 -9.11 -5.34
N ASP A 120 2.46 -7.98 -5.44
CA ASP A 120 2.42 -7.24 -6.73
C ASP A 120 3.83 -6.77 -7.09
N TYR A 121 4.56 -6.26 -6.15
CA TYR A 121 5.94 -5.77 -6.44
C TYR A 121 6.85 -6.97 -6.73
N LYS A 122 6.81 -7.97 -5.90
CA LYS A 122 7.67 -9.16 -6.13
C LYS A 122 7.36 -9.75 -7.51
N ALA A 123 6.15 -9.60 -7.96
CA ALA A 123 5.79 -10.16 -9.30
C ALA A 123 6.95 -9.95 -10.27
N LYS A 124 7.63 -8.84 -10.16
CA LYS A 124 8.78 -8.57 -11.06
C LYS A 124 9.96 -9.45 -10.66
N GLN A 125 9.70 -10.58 -10.06
CA GLN A 125 10.81 -11.48 -9.63
C GLN A 125 10.43 -12.94 -9.93
N GLY A 126 9.58 -13.15 -10.89
CA GLY A 126 9.18 -14.55 -11.23
C GLY A 126 8.20 -14.55 -12.40
N LEU A 127 7.02 -14.05 -12.20
CA LEU A 127 6.03 -14.01 -13.31
C LEU A 127 6.54 -13.12 -14.43
N GLU A 128 7.76 -13.34 -14.86
CA GLU A 128 8.33 -12.50 -15.95
C GLU A 128 8.73 -13.40 -17.12
N HIS A 129 8.94 -12.83 -18.28
CA HIS A 129 9.35 -13.64 -19.46
C HIS A 129 10.40 -12.88 -20.26
N HIS A 130 10.17 -11.62 -20.50
CA HIS A 130 11.16 -10.82 -21.28
C HIS A 130 12.45 -10.68 -20.46
N HIS A 131 13.15 -11.77 -20.25
CA HIS A 131 14.41 -11.69 -19.46
C HIS A 131 15.32 -12.85 -19.85
N HIS A 132 16.59 -12.61 -20.00
CA HIS A 132 17.52 -13.71 -20.37
C HIS A 132 18.41 -14.04 -19.18
N HIS A 133 19.69 -13.81 -19.30
CA HIS A 133 20.62 -14.13 -18.17
C HIS A 133 20.45 -13.08 -17.06
N HIS A 134 21.52 -12.68 -16.45
CA HIS A 134 21.42 -11.66 -15.36
C HIS A 134 20.92 -10.34 -15.95
ZN ZN B . -16.25 -2.10 6.99
N MET A 1 27.15 16.66 -4.25
CA MET A 1 28.20 16.07 -5.12
C MET A 1 28.73 17.12 -6.09
N ALA A 2 29.27 16.71 -7.21
CA ALA A 2 29.81 17.69 -8.18
C ALA A 2 28.71 18.05 -9.19
N TYR A 3 28.99 17.89 -10.46
CA TYR A 3 27.97 18.22 -11.49
C TYR A 3 27.93 19.73 -11.70
N SER A 4 27.97 20.17 -12.93
CA SER A 4 27.94 21.63 -13.20
C SER A 4 26.57 22.20 -12.82
N GLU A 5 25.84 21.51 -11.99
CA GLU A 5 24.50 22.01 -11.58
C GLU A 5 24.65 23.37 -10.90
N LYS A 6 23.70 24.24 -11.06
CA LYS A 6 23.79 25.58 -10.41
C LYS A 6 22.44 26.29 -10.49
N VAL A 7 21.48 25.86 -9.72
CA VAL A 7 20.14 26.51 -9.75
C VAL A 7 19.96 27.34 -8.47
N ILE A 8 20.76 28.34 -8.28
CA ILE A 8 20.64 29.18 -7.05
C ILE A 8 19.27 29.88 -7.04
N ASP A 9 18.23 29.17 -7.37
CA ASP A 9 16.88 29.80 -7.38
C ASP A 9 15.85 28.81 -6.85
N HIS A 10 14.65 28.85 -7.35
CA HIS A 10 13.60 27.90 -6.87
C HIS A 10 13.39 26.80 -7.91
N TYR A 11 12.52 25.86 -7.63
CA TYR A 11 12.28 24.76 -8.60
C TYR A 11 11.40 25.29 -9.75
N GLU A 12 10.84 26.46 -9.59
CA GLU A 12 9.98 27.02 -10.66
C GLU A 12 8.91 26.01 -11.06
N ASN A 13 7.67 26.30 -10.79
CA ASN A 13 6.58 25.35 -11.14
C ASN A 13 6.93 23.96 -10.62
N PRO A 14 6.66 23.71 -9.37
CA PRO A 14 6.94 22.40 -8.72
C PRO A 14 6.42 21.22 -9.55
N ARG A 15 6.62 20.02 -9.08
CA ARG A 15 6.13 18.84 -9.84
C ARG A 15 5.74 17.73 -8.86
N ASN A 16 4.67 17.03 -9.15
CA ASN A 16 4.22 15.94 -8.23
C ASN A 16 5.31 14.86 -8.16
N VAL A 17 6.52 15.24 -7.83
CA VAL A 17 7.62 14.23 -7.75
C VAL A 17 7.13 13.02 -6.94
N GLY A 18 6.62 12.01 -7.60
CA GLY A 18 6.15 10.82 -6.87
C GLY A 18 5.37 9.91 -7.83
N SER A 19 5.23 8.65 -7.50
CA SER A 19 4.48 7.73 -8.39
C SER A 19 5.10 7.76 -9.79
N LEU A 20 5.53 6.63 -10.28
CA LEU A 20 6.16 6.59 -11.64
C LEU A 20 5.21 5.89 -12.61
N ASP A 21 5.53 4.71 -13.05
CA ASP A 21 4.66 3.98 -14.00
C ASP A 21 4.15 2.69 -13.34
N LYS A 22 2.86 2.56 -13.17
CA LYS A 22 2.31 1.33 -12.53
C LYS A 22 3.15 0.12 -12.95
N LYS A 23 3.61 0.10 -14.16
CA LYS A 23 4.45 -1.05 -14.62
C LYS A 23 5.88 -0.87 -14.13
N ASP A 24 6.05 -0.46 -12.90
CA ASP A 24 7.42 -0.26 -12.36
C ASP A 24 7.78 -1.42 -11.41
N SER A 25 9.02 -1.79 -11.36
CA SER A 25 9.42 -2.92 -10.47
C SER A 25 9.79 -2.37 -9.09
N ASN A 26 9.60 -1.11 -8.88
CA ASN A 26 9.93 -0.51 -7.55
C ASN A 26 8.64 -0.04 -6.86
N VAL A 27 7.54 -0.16 -7.53
CA VAL A 27 6.25 0.28 -6.93
C VAL A 27 5.28 -0.91 -6.86
N GLY A 28 4.89 -1.29 -5.67
CA GLY A 28 3.96 -2.44 -5.54
C GLY A 28 2.54 -1.92 -5.28
N THR A 29 1.59 -2.35 -6.07
CA THR A 29 0.19 -1.89 -5.87
C THR A 29 -0.67 -3.06 -5.39
N GLY A 30 -1.70 -2.79 -4.64
CA GLY A 30 -2.57 -3.90 -4.14
C GLY A 30 -4.02 -3.41 -4.04
N MET A 31 -4.97 -4.30 -4.14
CA MET A 31 -6.39 -3.89 -4.05
C MET A 31 -7.18 -4.95 -3.29
N VAL A 32 -8.10 -4.55 -2.46
CA VAL A 32 -8.90 -5.54 -1.69
C VAL A 32 -10.40 -5.26 -1.89
N GLY A 33 -11.24 -6.18 -1.52
CA GLY A 33 -12.70 -5.96 -1.69
C GLY A 33 -13.41 -6.09 -0.33
N ALA A 34 -14.47 -5.36 -0.13
CA ALA A 34 -15.19 -5.45 1.17
C ALA A 34 -16.70 -5.37 0.93
N PRO A 35 -17.29 -6.47 0.53
CA PRO A 35 -18.76 -6.55 0.26
C PRO A 35 -19.60 -6.10 1.46
N ALA A 36 -18.98 -5.48 2.42
CA ALA A 36 -19.76 -5.03 3.62
C ALA A 36 -19.83 -3.50 3.62
N CYS A 37 -18.78 -2.85 4.05
CA CYS A 37 -18.78 -1.37 4.07
C CYS A 37 -17.46 -0.85 3.49
N GLY A 38 -16.38 -1.54 3.76
CA GLY A 38 -15.06 -1.09 3.23
C GLY A 38 -15.15 -0.94 1.71
N ASP A 39 -16.13 -1.55 1.09
CA ASP A 39 -16.26 -1.43 -0.39
C ASP A 39 -14.94 -1.80 -1.06
N VAL A 40 -14.65 -1.18 -2.18
CA VAL A 40 -13.37 -1.49 -2.87
C VAL A 40 -12.25 -0.61 -2.31
N MET A 41 -11.28 -1.19 -1.69
CA MET A 41 -10.16 -0.38 -1.12
C MET A 41 -8.91 -0.58 -1.99
N GLN A 42 -7.99 0.36 -1.94
CA GLN A 42 -6.76 0.23 -2.76
C GLN A 42 -5.56 0.78 -1.98
N LEU A 43 -4.49 0.04 -1.91
CA LEU A 43 -3.29 0.53 -1.17
C LEU A 43 -2.07 0.46 -2.10
N GLN A 44 -1.12 1.33 -1.90
CA GLN A 44 0.09 1.30 -2.77
C GLN A 44 1.33 1.62 -1.92
N ILE A 45 2.45 1.00 -2.24
CA ILE A 45 3.68 1.26 -1.45
C ILE A 45 4.85 1.55 -2.41
N LYS A 46 5.85 2.25 -1.94
CA LYS A 46 7.01 2.57 -2.82
C LYS A 46 8.31 2.22 -2.08
N VAL A 47 9.12 1.37 -2.64
CA VAL A 47 10.39 0.99 -1.96
C VAL A 47 11.58 1.48 -2.80
N ASP A 48 12.60 1.97 -2.15
CA ASP A 48 13.80 2.46 -2.90
C ASP A 48 14.92 2.78 -1.92
N ASP A 49 14.59 3.29 -0.77
CA ASP A 49 15.65 3.62 0.22
C ASP A 49 16.39 2.34 0.63
N ASN A 50 16.79 1.55 -0.32
CA ASN A 50 17.50 0.29 0.00
C ASN A 50 16.50 -0.77 0.46
N GLY A 51 15.46 -0.98 -0.32
CA GLY A 51 14.44 -2.00 0.07
C GLY A 51 13.55 -1.42 1.17
N ILE A 52 13.68 -0.15 1.46
CA ILE A 52 12.84 0.46 2.52
C ILE A 52 11.71 1.25 1.87
N ILE A 53 10.59 1.35 2.54
CA ILE A 53 9.44 2.11 1.96
C ILE A 53 9.62 3.59 2.25
N GLU A 54 10.24 4.31 1.35
CA GLU A 54 10.44 5.78 1.58
C GLU A 54 9.09 6.49 1.40
N ASP A 55 8.32 6.09 0.44
CA ASP A 55 7.00 6.74 0.21
C ASP A 55 5.89 5.70 0.27
N ALA A 56 4.68 6.10 0.52
CA ALA A 56 3.56 5.12 0.59
C ALA A 56 2.23 5.83 0.37
N LYS A 57 1.51 5.46 -0.65
CA LYS A 57 0.19 6.11 -0.90
C LYS A 57 -0.93 5.13 -0.59
N PHE A 58 -2.12 5.61 -0.33
CA PHE A 58 -3.25 4.69 -0.01
C PHE A 58 -4.52 5.21 -0.66
N LYS A 59 -5.64 4.59 -0.39
CA LYS A 59 -6.93 5.04 -0.97
C LYS A 59 -8.08 4.30 -0.29
N THR A 60 -8.49 4.75 0.86
CA THR A 60 -9.60 4.07 1.58
C THR A 60 -10.95 4.65 1.10
N TYR A 61 -11.80 3.80 0.60
CA TYR A 61 -13.13 4.28 0.12
C TYR A 61 -14.19 3.19 0.37
N GLY A 62 -15.02 3.38 1.35
CA GLY A 62 -16.07 2.37 1.64
C GLY A 62 -16.30 2.31 3.15
N CYS A 63 -15.25 2.30 3.93
CA CYS A 63 -15.40 2.25 5.41
C CYS A 63 -15.85 3.62 5.92
N GLY A 64 -16.28 3.70 7.15
CA GLY A 64 -16.73 5.01 7.70
C GLY A 64 -16.12 5.20 9.10
N SER A 65 -16.05 4.15 9.87
CA SER A 65 -15.47 4.27 11.24
C SER A 65 -14.00 3.86 11.22
N ALA A 66 -13.60 3.11 10.23
CA ALA A 66 -12.19 2.67 10.15
C ALA A 66 -11.36 3.71 9.39
N ILE A 67 -11.99 4.77 8.97
CA ILE A 67 -11.25 5.83 8.21
C ILE A 67 -9.92 6.11 8.93
N ALA A 68 -9.88 5.97 10.22
CA ALA A 68 -8.63 6.23 10.97
C ALA A 68 -7.58 5.19 10.59
N SER A 69 -7.96 3.94 10.59
CA SER A 69 -6.99 2.87 10.21
C SER A 69 -6.18 3.31 8.99
N SER A 70 -6.78 4.07 8.12
CA SER A 70 -6.06 4.54 6.90
C SER A 70 -4.82 5.33 7.32
N SER A 71 -4.99 6.32 8.15
CA SER A 71 -3.81 7.13 8.60
C SER A 71 -2.89 6.26 9.43
N LEU A 72 -3.42 5.32 10.16
CA LEU A 72 -2.56 4.44 11.00
C LEU A 72 -1.66 3.60 10.10
N ILE A 73 -2.18 2.53 9.56
CA ILE A 73 -1.35 1.67 8.68
C ILE A 73 -0.41 2.54 7.86
N THR A 74 -0.88 3.63 7.34
CA THR A 74 -0.01 4.52 6.53
C THR A 74 1.11 5.08 7.41
N GLU A 75 0.83 5.30 8.66
CA GLU A 75 1.88 5.86 9.58
C GLU A 75 2.71 4.72 10.14
N TRP A 76 2.32 3.49 9.91
CA TRP A 76 3.10 2.34 10.43
C TRP A 76 3.82 1.63 9.28
N VAL A 77 3.56 2.04 8.07
CA VAL A 77 4.23 1.40 6.91
C VAL A 77 5.09 2.44 6.18
N LYS A 78 5.10 3.65 6.66
CA LYS A 78 5.92 4.71 6.02
C LYS A 78 7.27 4.81 6.72
N GLY A 79 8.34 4.50 6.03
CA GLY A 79 9.68 4.58 6.66
C GLY A 79 10.06 3.21 7.23
N LYS A 80 9.14 2.28 7.24
CA LYS A 80 9.46 0.93 7.79
C LYS A 80 10.00 0.05 6.67
N SER A 81 10.53 -1.10 7.01
CA SER A 81 11.09 -2.00 5.96
C SER A 81 9.98 -2.94 5.46
N LEU A 82 10.22 -3.63 4.38
CA LEU A 82 9.19 -4.54 3.84
C LEU A 82 9.00 -5.72 4.79
N GLU A 83 10.01 -6.05 5.55
CA GLU A 83 9.88 -7.19 6.50
C GLU A 83 8.87 -6.83 7.59
N GLU A 84 8.61 -5.56 7.78
CA GLU A 84 7.63 -5.15 8.83
C GLU A 84 6.28 -4.90 8.16
N ALA A 85 6.22 -4.01 7.21
CA ALA A 85 4.93 -3.74 6.52
C ALA A 85 4.41 -5.02 5.89
N GLY A 86 5.28 -5.96 5.60
CA GLY A 86 4.84 -7.23 4.99
C GLY A 86 4.79 -8.32 6.05
N ALA A 87 4.15 -8.04 7.16
CA ALA A 87 4.05 -9.06 8.24
C ALA A 87 3.05 -8.59 9.29
N ILE A 88 2.97 -7.31 9.51
CA ILE A 88 2.00 -6.78 10.51
C ILE A 88 0.68 -7.54 10.38
N LYS A 89 -0.11 -7.57 11.43
CA LYS A 89 -1.39 -8.29 11.37
C LYS A 89 -2.55 -7.30 11.52
N ASN A 90 -3.76 -7.74 11.27
CA ASN A 90 -4.93 -6.82 11.41
C ASN A 90 -5.40 -6.83 12.86
N SER A 91 -5.02 -7.83 13.61
CA SER A 91 -5.46 -7.89 15.03
C SER A 91 -4.81 -6.74 15.81
N GLN A 92 -3.68 -6.28 15.38
CA GLN A 92 -3.00 -5.16 16.09
C GLN A 92 -3.84 -3.89 15.94
N ILE A 93 -4.08 -3.47 14.73
CA ILE A 93 -4.89 -2.24 14.52
C ILE A 93 -6.30 -2.44 15.08
N ALA A 94 -6.85 -3.62 14.93
CA ALA A 94 -8.21 -3.88 15.46
C ALA A 94 -8.25 -3.54 16.95
N GLU A 95 -7.37 -4.09 17.72
CA GLU A 95 -7.35 -3.79 19.18
C GLU A 95 -7.00 -2.33 19.40
N GLU A 96 -6.11 -1.79 18.60
CA GLU A 96 -5.72 -0.36 18.75
C GLU A 96 -6.98 0.51 18.78
N LEU A 97 -7.93 0.21 17.94
CA LEU A 97 -9.19 1.02 17.91
C LEU A 97 -10.32 0.23 18.55
N GLU A 98 -10.27 -1.08 18.47
CA GLU A 98 -11.35 -1.91 19.07
C GLU A 98 -12.66 -1.62 18.35
N LEU A 99 -12.71 -1.85 17.06
CA LEU A 99 -13.97 -1.59 16.30
C LEU A 99 -14.86 -2.83 16.36
N PRO A 100 -16.15 -2.65 16.46
CA PRO A 100 -17.12 -3.77 16.53
C PRO A 100 -16.77 -4.90 15.55
N PRO A 101 -16.97 -6.14 15.95
CA PRO A 101 -16.68 -7.32 15.09
C PRO A 101 -17.75 -7.53 14.02
N VAL A 102 -18.77 -6.72 14.02
CA VAL A 102 -19.84 -6.86 13.00
C VAL A 102 -19.25 -6.70 11.60
N LYS A 103 -18.03 -6.24 11.50
CA LYS A 103 -17.41 -6.06 10.16
C LYS A 103 -15.88 -6.07 10.29
N VAL A 104 -15.34 -7.12 10.84
CA VAL A 104 -13.86 -7.18 10.99
C VAL A 104 -13.21 -7.04 9.61
N HIS A 105 -13.99 -7.12 8.57
CA HIS A 105 -13.42 -6.99 7.19
C HIS A 105 -12.63 -5.68 7.09
N CYS A 106 -12.93 -4.73 7.94
CA CYS A 106 -12.20 -3.43 7.89
C CYS A 106 -10.73 -3.67 8.25
N SER A 107 -10.46 -4.15 9.42
CA SER A 107 -9.04 -4.40 9.82
C SER A 107 -8.37 -5.31 8.79
N ILE A 108 -9.00 -6.43 8.48
CA ILE A 108 -8.41 -7.35 7.48
C ILE A 108 -8.15 -6.60 6.19
N LEU A 109 -8.90 -5.56 5.94
CA LEU A 109 -8.71 -4.77 4.69
C LEU A 109 -7.36 -4.04 4.78
N ALA A 110 -7.04 -3.50 5.91
CA ALA A 110 -5.74 -2.78 6.06
C ALA A 110 -4.58 -3.76 5.84
N GLU A 111 -4.52 -4.80 6.61
CA GLU A 111 -3.40 -5.78 6.45
C GLU A 111 -3.50 -6.43 5.06
N ASP A 112 -4.54 -7.15 4.80
CA ASP A 112 -4.68 -7.80 3.46
C ASP A 112 -4.19 -6.85 2.37
N ALA A 113 -4.34 -5.57 2.57
CA ALA A 113 -3.89 -4.60 1.55
C ALA A 113 -2.35 -4.60 1.47
N ILE A 114 -1.70 -4.35 2.57
CA ILE A 114 -0.21 -4.33 2.56
C ILE A 114 0.31 -5.63 1.94
N LYS A 115 -0.34 -6.73 2.20
CA LYS A 115 0.13 -8.03 1.63
C LYS A 115 -0.06 -8.03 0.11
N ALA A 116 -1.24 -7.68 -0.35
CA ALA A 116 -1.48 -7.66 -1.83
C ALA A 116 -0.47 -6.74 -2.50
N ALA A 117 -0.16 -5.63 -1.90
CA ALA A 117 0.81 -4.69 -2.51
C ALA A 117 2.20 -5.34 -2.58
N ILE A 118 2.83 -5.53 -1.46
CA ILE A 118 4.17 -6.16 -1.46
C ILE A 118 4.20 -7.34 -2.42
N ALA A 119 3.12 -8.08 -2.51
CA ALA A 119 3.09 -9.24 -3.44
C ALA A 119 3.19 -8.75 -4.88
N ASP A 120 2.45 -7.73 -5.22
CA ASP A 120 2.51 -7.20 -6.62
C ASP A 120 3.93 -6.72 -6.92
N TYR A 121 4.68 -6.35 -5.91
CA TYR A 121 6.05 -5.87 -6.16
C TYR A 121 6.98 -7.06 -6.40
N LYS A 122 6.81 -8.12 -5.65
CA LYS A 122 7.68 -9.31 -5.84
C LYS A 122 7.12 -10.19 -6.96
N ALA A 123 6.01 -9.81 -7.52
CA ALA A 123 5.42 -10.63 -8.62
C ALA A 123 6.05 -10.20 -9.96
N LYS A 124 6.51 -8.98 -10.04
CA LYS A 124 7.13 -8.51 -11.31
C LYS A 124 8.60 -8.91 -11.34
N GLN A 125 9.20 -9.10 -10.20
CA GLN A 125 10.64 -9.50 -10.17
C GLN A 125 10.85 -10.75 -11.03
N GLY A 126 10.10 -11.79 -10.77
CA GLY A 126 10.26 -13.03 -11.57
C GLY A 126 9.77 -14.23 -10.76
N LEU A 127 8.74 -14.05 -9.98
CA LEU A 127 8.21 -15.19 -9.15
C LEU A 127 7.16 -15.95 -9.96
N GLU A 128 6.65 -15.35 -11.00
CA GLU A 128 5.62 -16.04 -11.83
C GLU A 128 5.25 -15.16 -13.03
N HIS A 129 4.43 -15.66 -13.91
CA HIS A 129 4.04 -14.84 -15.10
C HIS A 129 2.61 -14.33 -14.91
N HIS A 130 2.36 -13.11 -15.30
CA HIS A 130 0.98 -12.55 -15.14
C HIS A 130 0.46 -12.08 -16.50
N HIS A 131 -0.27 -11.00 -16.52
CA HIS A 131 -0.81 -10.48 -17.81
C HIS A 131 -1.56 -11.60 -18.54
N HIS A 132 -1.68 -12.75 -17.92
CA HIS A 132 -2.39 -13.88 -18.57
C HIS A 132 -3.71 -14.12 -17.85
N HIS A 133 -4.40 -15.19 -18.18
CA HIS A 133 -5.70 -15.48 -17.51
C HIS A 133 -5.46 -16.37 -16.29
N HIS A 134 -6.50 -16.79 -15.62
CA HIS A 134 -6.33 -17.67 -14.44
C HIS A 134 -5.70 -19.00 -14.87
ZN ZN B . -15.25 -1.75 6.40
N MET A 1 40.56 26.93 -14.95
CA MET A 1 39.82 27.96 -14.17
C MET A 1 39.51 27.41 -12.77
N ALA A 2 38.47 26.63 -12.66
CA ALA A 2 38.10 26.07 -11.32
C ALA A 2 36.68 25.51 -11.38
N TYR A 3 36.47 24.47 -12.15
CA TYR A 3 35.11 23.89 -12.24
C TYR A 3 34.52 23.71 -10.85
N SER A 4 33.36 24.24 -10.60
CA SER A 4 32.73 24.10 -9.25
C SER A 4 31.60 23.07 -9.32
N GLU A 5 31.87 21.85 -8.93
CA GLU A 5 30.81 20.81 -8.97
C GLU A 5 29.47 21.43 -8.58
N LYS A 6 28.68 21.81 -9.55
CA LYS A 6 27.36 22.41 -9.24
C LYS A 6 26.50 22.45 -10.51
N VAL A 7 27.03 22.02 -11.62
CA VAL A 7 26.25 22.04 -12.87
C VAL A 7 25.49 20.73 -13.02
N ILE A 8 24.70 20.37 -12.05
CA ILE A 8 23.94 19.09 -12.13
C ILE A 8 23.28 19.00 -13.50
N ASP A 9 23.93 18.38 -14.44
CA ASP A 9 23.33 18.25 -15.81
C ASP A 9 22.60 16.91 -15.91
N HIS A 10 21.57 16.86 -16.70
CA HIS A 10 20.81 15.58 -16.85
C HIS A 10 21.78 14.41 -16.81
N TYR A 11 21.69 13.59 -15.79
CA TYR A 11 22.61 12.42 -15.68
C TYR A 11 21.81 11.16 -15.37
N GLU A 12 20.55 11.15 -15.67
CA GLU A 12 19.71 9.94 -15.38
C GLU A 12 19.01 9.50 -16.67
N ASN A 13 18.55 10.42 -17.46
CA ASN A 13 17.86 10.05 -18.72
C ASN A 13 17.02 8.78 -18.48
N PRO A 14 15.84 8.96 -17.96
CA PRO A 14 14.91 7.83 -17.67
C PRO A 14 14.73 6.88 -18.87
N ARG A 15 15.25 5.70 -18.77
CA ARG A 15 15.11 4.73 -19.90
C ARG A 15 14.07 3.66 -19.54
N ASN A 16 14.47 2.66 -18.79
CA ASN A 16 13.50 1.61 -18.39
C ASN A 16 13.27 1.69 -16.88
N VAL A 17 13.92 2.61 -16.23
CA VAL A 17 13.74 2.75 -14.76
C VAL A 17 12.40 3.42 -14.47
N GLY A 18 11.35 2.64 -14.31
CA GLY A 18 10.02 3.24 -14.03
C GLY A 18 9.95 3.67 -12.56
N SER A 19 8.85 4.21 -12.14
CA SER A 19 8.72 4.64 -10.73
C SER A 19 7.26 4.98 -10.42
N LEU A 20 6.80 4.69 -9.23
CA LEU A 20 5.39 5.01 -8.87
C LEU A 20 4.45 4.17 -9.75
N ASP A 21 4.47 4.40 -11.03
CA ASP A 21 3.57 3.61 -11.93
C ASP A 21 3.58 2.15 -11.49
N LYS A 22 2.46 1.47 -11.65
CA LYS A 22 2.40 0.04 -11.24
C LYS A 22 3.13 -0.83 -12.28
N LYS A 23 4.00 -0.23 -13.04
CA LYS A 23 4.74 -1.02 -14.08
C LYS A 23 6.17 -1.26 -13.60
N ASP A 24 6.65 -0.46 -12.69
CA ASP A 24 8.04 -0.63 -12.20
C ASP A 24 8.12 -1.88 -11.32
N SER A 25 9.30 -2.32 -10.99
CA SER A 25 9.44 -3.53 -10.13
C SER A 25 9.68 -3.11 -8.69
N ASN A 26 9.53 -1.84 -8.40
CA ASN A 26 9.75 -1.36 -7.00
C ASN A 26 8.46 -0.75 -6.46
N VAL A 27 7.35 -1.06 -7.08
CA VAL A 27 6.05 -0.49 -6.60
C VAL A 27 5.05 -1.63 -6.37
N GLY A 28 4.54 -1.74 -5.17
CA GLY A 28 3.57 -2.83 -4.88
C GLY A 28 2.15 -2.25 -4.88
N THR A 29 1.28 -2.80 -5.69
CA THR A 29 -0.11 -2.29 -5.74
C THR A 29 -1.06 -3.31 -5.11
N GLY A 30 -2.16 -2.87 -4.58
CA GLY A 30 -3.13 -3.82 -3.95
C GLY A 30 -4.52 -3.20 -3.93
N MET A 31 -5.42 -3.73 -4.71
CA MET A 31 -6.80 -3.17 -4.75
C MET A 31 -7.78 -4.21 -4.21
N VAL A 32 -8.24 -4.04 -3.00
CA VAL A 32 -9.19 -5.02 -2.42
C VAL A 32 -10.52 -4.32 -2.12
N GLY A 33 -11.59 -5.06 -2.05
CA GLY A 33 -12.91 -4.44 -1.76
C GLY A 33 -13.77 -5.41 -0.94
N ALA A 34 -14.81 -4.93 -0.33
CA ALA A 34 -15.69 -5.83 0.48
C ALA A 34 -17.14 -5.40 0.31
N PRO A 35 -18.04 -6.36 0.16
CA PRO A 35 -19.50 -6.07 -0.01
C PRO A 35 -20.16 -5.65 1.31
N ALA A 36 -19.75 -6.25 2.40
CA ALA A 36 -20.35 -5.89 3.71
C ALA A 36 -20.52 -4.38 3.81
N CYS A 37 -19.46 -3.64 3.59
CA CYS A 37 -19.55 -2.16 3.67
C CYS A 37 -19.43 -1.56 2.26
N GLY A 38 -19.32 -2.40 1.26
CA GLY A 38 -19.21 -1.87 -0.14
C GLY A 38 -18.14 -0.78 -0.18
N ASP A 39 -16.93 -1.10 0.20
CA ASP A 39 -15.85 -0.08 0.18
C ASP A 39 -14.64 -0.62 -0.60
N VAL A 40 -13.95 0.22 -1.30
CA VAL A 40 -12.76 -0.25 -2.08
C VAL A 40 -11.50 0.39 -1.51
N MET A 41 -10.62 -0.40 -0.95
CA MET A 41 -9.36 0.17 -0.38
C MET A 41 -8.21 0.00 -1.37
N GLN A 42 -7.55 1.08 -1.71
CA GLN A 42 -6.42 0.98 -2.67
C GLN A 42 -5.12 1.24 -1.92
N LEU A 43 -4.22 0.29 -1.90
CA LEU A 43 -2.93 0.49 -1.18
C LEU A 43 -1.78 0.51 -2.17
N GLN A 44 -1.16 1.63 -2.37
CA GLN A 44 -0.01 1.72 -3.32
C GLN A 44 1.24 2.15 -2.56
N ILE A 45 2.17 1.26 -2.38
CA ILE A 45 3.41 1.61 -1.64
C ILE A 45 4.59 1.72 -2.60
N LYS A 46 5.48 2.65 -2.37
CA LYS A 46 6.67 2.79 -3.27
C LYS A 46 7.92 2.33 -2.51
N VAL A 47 8.84 1.72 -3.20
CA VAL A 47 10.08 1.25 -2.51
C VAL A 47 11.30 1.61 -3.36
N ASP A 48 12.42 1.86 -2.73
CA ASP A 48 13.65 2.20 -3.48
C ASP A 48 14.77 2.58 -2.51
N ASP A 49 14.45 3.25 -1.44
CA ASP A 49 15.49 3.64 -0.46
C ASP A 49 16.15 2.38 0.12
N ASN A 50 16.52 1.47 -0.73
CA ASN A 50 17.16 0.21 -0.24
C ASN A 50 16.09 -0.74 0.30
N GLY A 51 15.04 -0.94 -0.45
CA GLY A 51 13.96 -1.85 0.01
C GLY A 51 13.06 -1.12 1.02
N ILE A 52 13.38 0.11 1.31
CA ILE A 52 12.56 0.88 2.29
C ILE A 52 11.43 1.60 1.55
N ILE A 53 10.39 1.96 2.25
CA ILE A 53 9.25 2.65 1.59
C ILE A 53 9.45 4.17 1.70
N GLU A 54 10.10 4.77 0.74
CA GLU A 54 10.33 6.24 0.80
C GLU A 54 8.98 6.96 0.95
N ASP A 55 7.96 6.49 0.29
CA ASP A 55 6.63 7.15 0.40
C ASP A 55 5.52 6.11 0.27
N ALA A 56 4.33 6.43 0.69
CA ALA A 56 3.22 5.45 0.60
C ALA A 56 1.92 6.17 0.26
N LYS A 57 1.32 5.84 -0.85
CA LYS A 57 0.04 6.51 -1.25
C LYS A 57 -1.13 5.57 -0.93
N PHE A 58 -2.22 6.10 -0.47
CA PHE A 58 -3.40 5.24 -0.16
C PHE A 58 -4.67 5.90 -0.64
N LYS A 59 -5.74 5.15 -0.73
CA LYS A 59 -7.04 5.73 -1.20
C LYS A 59 -8.18 4.84 -0.74
N THR A 60 -8.98 5.31 0.18
CA THR A 60 -10.13 4.49 0.68
C THR A 60 -11.21 5.40 1.26
N TYR A 61 -12.44 5.18 0.89
CA TYR A 61 -13.54 6.03 1.43
C TYR A 61 -14.88 5.33 1.23
N GLY A 62 -15.85 5.64 2.05
CA GLY A 62 -17.18 4.99 1.91
C GLY A 62 -17.59 4.36 3.24
N CYS A 63 -16.68 3.69 3.89
CA CYS A 63 -17.03 3.04 5.19
C CYS A 63 -16.80 4.03 6.33
N GLY A 64 -17.30 3.73 7.50
CA GLY A 64 -17.12 4.66 8.66
C GLY A 64 -16.07 4.07 9.61
N SER A 65 -14.99 3.56 9.07
CA SER A 65 -13.93 2.98 9.94
C SER A 65 -12.61 2.95 9.18
N ALA A 66 -12.53 2.16 8.14
CA ALA A 66 -11.26 2.09 7.35
C ALA A 66 -10.63 3.48 7.29
N ILE A 67 -11.43 4.50 7.21
CA ILE A 67 -10.88 5.88 7.15
C ILE A 67 -9.94 6.11 8.34
N ALA A 68 -9.99 5.23 9.31
CA ALA A 68 -9.10 5.39 10.50
C ALA A 68 -7.93 4.41 10.38
N SER A 69 -8.23 3.15 10.20
CA SER A 69 -7.14 2.14 10.07
C SER A 69 -6.19 2.56 8.95
N SER A 70 -6.72 3.10 7.89
CA SER A 70 -5.84 3.53 6.76
C SER A 70 -4.85 4.58 7.27
N SER A 71 -5.30 5.47 8.11
CA SER A 71 -4.38 6.52 8.65
C SER A 71 -3.26 5.86 9.44
N LEU A 72 -3.59 5.00 10.36
CA LEU A 72 -2.55 4.32 11.17
C LEU A 72 -1.56 3.61 10.25
N ILE A 73 -2.00 2.56 9.60
CA ILE A 73 -1.08 1.82 8.68
C ILE A 73 -0.35 2.81 7.76
N THR A 74 -1.07 3.69 7.13
CA THR A 74 -0.40 4.67 6.24
C THR A 74 0.80 5.29 6.95
N GLU A 75 0.68 5.54 8.22
CA GLU A 75 1.82 6.13 8.97
C GLU A 75 2.70 5.01 9.50
N TRP A 76 2.25 3.78 9.37
CA TRP A 76 3.07 2.63 9.86
C TRP A 76 3.92 2.11 8.71
N VAL A 77 3.65 2.56 7.52
CA VAL A 77 4.46 2.09 6.34
C VAL A 77 5.18 3.29 5.73
N LYS A 78 5.08 4.43 6.34
CA LYS A 78 5.77 5.64 5.79
C LYS A 78 7.24 5.60 6.18
N GLY A 79 8.10 5.28 5.25
CA GLY A 79 9.55 5.23 5.57
C GLY A 79 9.84 4.05 6.49
N LYS A 80 9.13 2.96 6.33
CA LYS A 80 9.36 1.79 7.21
C LYS A 80 9.86 0.62 6.37
N SER A 81 10.01 -0.53 6.96
CA SER A 81 10.51 -1.72 6.21
C SER A 81 9.34 -2.69 5.96
N LEU A 82 9.38 -3.39 4.86
CA LEU A 82 8.28 -4.36 4.57
C LEU A 82 8.35 -5.52 5.56
N GLU A 83 9.49 -5.72 6.16
CA GLU A 83 9.62 -6.84 7.14
C GLU A 83 8.96 -6.44 8.46
N GLU A 84 8.57 -5.21 8.59
CA GLU A 84 7.92 -4.75 9.85
C GLU A 84 6.41 -4.65 9.64
N ALA A 85 5.99 -4.10 8.52
CA ALA A 85 4.54 -3.98 8.26
C ALA A 85 4.01 -5.30 7.67
N GLY A 86 4.88 -6.18 7.28
CA GLY A 86 4.44 -7.47 6.70
C GLY A 86 4.28 -8.49 7.82
N ALA A 87 3.58 -8.14 8.87
CA ALA A 87 3.38 -9.09 10.00
C ALA A 87 2.51 -8.43 11.07
N ILE A 88 2.53 -7.13 11.16
CA ILE A 88 1.71 -6.43 12.20
C ILE A 88 0.42 -7.22 12.44
N LYS A 89 -0.09 -7.88 11.44
CA LYS A 89 -1.34 -8.67 11.62
C LYS A 89 -2.48 -7.73 12.00
N ASN A 90 -3.58 -7.80 11.30
CA ASN A 90 -4.73 -6.90 11.62
C ASN A 90 -5.09 -7.06 13.09
N SER A 91 -5.20 -8.27 13.57
CA SER A 91 -5.55 -8.48 15.00
C SER A 91 -4.91 -7.39 15.85
N GLN A 92 -3.74 -6.94 15.48
CA GLN A 92 -3.06 -5.88 16.27
C GLN A 92 -3.77 -4.54 16.02
N ILE A 93 -3.98 -4.19 14.78
CA ILE A 93 -4.66 -2.90 14.48
C ILE A 93 -5.95 -2.81 15.29
N ALA A 94 -6.65 -3.89 15.45
CA ALA A 94 -7.91 -3.87 16.25
C ALA A 94 -7.59 -3.54 17.69
N GLU A 95 -6.81 -4.36 18.35
CA GLU A 95 -6.47 -4.10 19.77
C GLU A 95 -5.77 -2.73 19.89
N GLU A 96 -5.42 -2.14 18.78
CA GLU A 96 -4.74 -0.82 18.84
C GLU A 96 -5.78 0.28 19.05
N LEU A 97 -6.62 0.51 18.08
CA LEU A 97 -7.66 1.58 18.24
C LEU A 97 -8.87 1.00 18.95
N GLU A 98 -8.84 -0.27 19.27
CA GLU A 98 -10.00 -0.90 19.98
C GLU A 98 -11.30 -0.43 19.33
N LEU A 99 -11.63 -0.94 18.17
CA LEU A 99 -12.89 -0.52 17.49
C LEU A 99 -13.90 -1.67 17.55
N PRO A 100 -15.17 -1.35 17.72
CA PRO A 100 -16.25 -2.37 17.78
C PRO A 100 -16.08 -3.47 16.74
N PRO A 101 -16.66 -4.61 16.97
CA PRO A 101 -16.58 -5.78 16.03
C PRO A 101 -17.51 -5.61 14.83
N VAL A 102 -18.21 -4.51 14.75
CA VAL A 102 -19.13 -4.29 13.61
C VAL A 102 -18.38 -3.63 12.45
N LYS A 103 -17.11 -3.37 12.63
CA LYS A 103 -16.33 -2.74 11.54
C LYS A 103 -14.98 -3.45 11.38
N VAL A 104 -14.97 -4.75 11.58
CA VAL A 104 -13.70 -5.50 11.44
C VAL A 104 -13.46 -5.85 9.98
N HIS A 105 -14.49 -6.24 9.27
CA HIS A 105 -14.33 -6.59 7.83
C HIS A 105 -13.37 -5.58 7.18
N CYS A 106 -13.39 -4.36 7.61
CA CYS A 106 -12.49 -3.34 7.01
C CYS A 106 -11.05 -3.61 7.49
N SER A 107 -10.87 -3.84 8.75
CA SER A 107 -9.50 -4.11 9.26
C SER A 107 -8.90 -5.29 8.49
N ILE A 108 -9.63 -6.37 8.37
CA ILE A 108 -9.11 -7.55 7.63
C ILE A 108 -8.62 -7.09 6.26
N LEU A 109 -9.49 -6.52 5.46
CA LEU A 109 -9.07 -6.05 4.11
C LEU A 109 -7.69 -5.41 4.21
N ALA A 110 -7.57 -4.35 4.97
CA ALA A 110 -6.25 -3.68 5.11
C ALA A 110 -5.14 -4.73 5.14
N GLU A 111 -5.11 -5.54 6.16
CA GLU A 111 -4.05 -6.58 6.26
C GLU A 111 -3.85 -7.22 4.88
N ASP A 112 -4.92 -7.56 4.21
CA ASP A 112 -4.80 -8.18 2.87
C ASP A 112 -4.22 -7.15 1.89
N ALA A 113 -4.24 -5.90 2.26
CA ALA A 113 -3.69 -4.85 1.35
C ALA A 113 -2.16 -4.82 1.46
N ILE A 114 -1.64 -4.87 2.66
CA ILE A 114 -0.16 -4.85 2.82
C ILE A 114 0.44 -6.10 2.17
N LYS A 115 -0.21 -7.22 2.34
CA LYS A 115 0.32 -8.48 1.74
C LYS A 115 0.14 -8.42 0.22
N ALA A 116 -0.92 -7.82 -0.24
CA ALA A 116 -1.16 -7.72 -1.70
C ALA A 116 0.01 -6.97 -2.36
N ALA A 117 0.33 -5.80 -1.87
CA ALA A 117 1.45 -5.02 -2.47
C ALA A 117 2.74 -5.84 -2.37
N ILE A 118 2.96 -6.51 -1.28
CA ILE A 118 4.21 -7.32 -1.14
C ILE A 118 4.25 -8.37 -2.26
N ALA A 119 3.11 -8.81 -2.73
CA ALA A 119 3.10 -9.83 -3.81
C ALA A 119 3.29 -9.16 -5.17
N ASP A 120 2.58 -8.10 -5.42
CA ASP A 120 2.72 -7.39 -6.73
C ASP A 120 4.08 -6.68 -6.80
N TYR A 121 4.78 -6.63 -5.70
CA TYR A 121 6.11 -5.95 -5.70
C TYR A 121 7.21 -6.99 -5.90
N LYS A 122 7.12 -8.11 -5.22
CA LYS A 122 8.17 -9.16 -5.37
C LYS A 122 7.81 -10.09 -6.52
N ALA A 123 6.65 -9.91 -7.10
CA ALA A 123 6.24 -10.79 -8.23
C ALA A 123 6.71 -10.17 -9.55
N LYS A 124 6.97 -8.89 -9.55
CA LYS A 124 7.44 -8.23 -10.81
C LYS A 124 8.96 -8.16 -10.81
N GLN A 125 9.62 -9.24 -10.49
CA GLN A 125 11.11 -9.22 -10.48
C GLN A 125 11.63 -10.43 -11.27
N GLY A 126 10.93 -11.53 -11.21
CA GLY A 126 11.39 -12.74 -11.96
C GLY A 126 12.02 -13.75 -10.99
N LEU A 127 12.27 -13.34 -9.77
CA LEU A 127 12.89 -14.28 -8.80
C LEU A 127 11.91 -14.56 -7.66
N GLU A 128 10.68 -14.84 -7.99
CA GLU A 128 9.68 -15.13 -6.92
C GLU A 128 10.09 -16.38 -6.15
N HIS A 129 11.01 -16.25 -5.24
CA HIS A 129 11.45 -17.44 -4.45
C HIS A 129 10.55 -17.62 -3.23
N HIS A 130 9.30 -17.90 -3.44
CA HIS A 130 8.37 -18.08 -2.29
C HIS A 130 8.40 -19.54 -1.84
N HIS A 131 7.52 -20.35 -2.36
CA HIS A 131 7.49 -21.78 -1.95
C HIS A 131 6.71 -22.60 -2.99
N HIS A 132 7.35 -23.00 -4.05
CA HIS A 132 6.65 -23.80 -5.09
C HIS A 132 6.82 -25.29 -4.79
N HIS A 133 6.09 -26.14 -5.47
CA HIS A 133 6.21 -27.60 -5.22
C HIS A 133 7.69 -27.98 -5.15
N HIS A 134 8.19 -28.22 -3.96
CA HIS A 134 9.63 -28.61 -3.83
C HIS A 134 10.47 -27.73 -4.75
ZN ZN B . -16.21 -1.53 6.02
N MET A 1 39.49 19.66 -0.25
CA MET A 1 40.48 20.16 0.75
C MET A 1 40.38 21.68 0.84
N ALA A 2 39.73 22.19 1.85
CA ALA A 2 39.60 23.66 1.99
C ALA A 2 39.77 24.06 3.47
N TYR A 3 40.84 23.61 4.09
CA TYR A 3 41.06 23.96 5.52
C TYR A 3 39.73 23.86 6.29
N SER A 4 38.91 22.90 5.95
CA SER A 4 37.61 22.75 6.67
C SER A 4 37.19 21.29 6.68
N GLU A 5 36.19 20.95 7.45
CA GLU A 5 35.72 19.54 7.51
C GLU A 5 34.71 19.28 6.39
N LYS A 6 35.12 18.65 5.33
CA LYS A 6 34.18 18.38 4.21
C LYS A 6 33.29 17.18 4.57
N VAL A 7 32.12 17.11 4.01
CA VAL A 7 31.21 15.97 4.32
C VAL A 7 30.21 15.78 3.18
N ILE A 8 29.55 14.65 3.15
CA ILE A 8 28.57 14.39 2.05
C ILE A 8 27.32 15.24 2.27
N ASP A 9 27.11 16.24 1.45
CA ASP A 9 25.92 17.11 1.62
C ASP A 9 24.87 16.75 0.57
N HIS A 10 24.07 15.76 0.83
CA HIS A 10 23.03 15.36 -0.16
C HIS A 10 21.75 16.16 0.08
N TYR A 11 21.29 16.89 -0.91
CA TYR A 11 20.04 17.69 -0.72
C TYR A 11 18.81 16.79 -0.93
N GLU A 12 19.03 15.52 -1.14
CA GLU A 12 17.88 14.60 -1.34
C GLU A 12 16.73 14.99 -0.40
N ASN A 13 15.63 15.43 -0.96
CA ASN A 13 14.47 15.82 -0.10
C ASN A 13 13.18 15.48 -0.84
N PRO A 14 12.88 14.22 -0.94
CA PRO A 14 11.65 13.72 -1.64
C PRO A 14 10.40 14.49 -1.23
N ARG A 15 9.39 14.47 -2.05
CA ARG A 15 8.13 15.19 -1.72
C ARG A 15 6.95 14.43 -2.33
N ASN A 16 6.04 15.13 -2.96
CA ASN A 16 4.87 14.45 -3.58
C ASN A 16 5.35 13.62 -4.78
N VAL A 17 6.25 12.71 -4.56
CA VAL A 17 6.77 11.88 -5.69
C VAL A 17 5.78 10.77 -6.00
N GLY A 18 4.86 11.01 -6.90
CA GLY A 18 3.87 9.95 -7.26
C GLY A 18 4.60 8.79 -7.91
N SER A 19 3.90 7.76 -8.28
CA SER A 19 4.56 6.58 -8.93
C SER A 19 5.35 7.06 -10.15
N LEU A 20 5.70 6.16 -11.03
CA LEU A 20 6.48 6.57 -12.23
C LEU A 20 5.85 5.95 -13.48
N ASP A 21 6.02 4.68 -13.68
CA ASP A 21 5.43 4.03 -14.88
C ASP A 21 4.34 3.05 -14.44
N LYS A 22 3.76 3.27 -13.29
CA LYS A 22 2.69 2.36 -12.80
C LYS A 22 3.10 0.91 -13.06
N LYS A 23 4.34 0.68 -13.39
CA LYS A 23 4.80 -0.71 -13.66
C LYS A 23 6.27 -0.83 -13.27
N ASP A 24 6.78 0.09 -12.49
CA ASP A 24 8.21 0.03 -12.07
C ASP A 24 8.36 -0.98 -10.93
N SER A 25 9.52 -1.55 -10.79
CA SER A 25 9.73 -2.54 -9.69
C SER A 25 9.87 -1.80 -8.35
N ASN A 26 9.93 -0.50 -8.39
CA ASN A 26 10.07 0.29 -7.13
C ASN A 26 8.70 0.76 -6.67
N VAL A 27 7.66 0.29 -7.30
CA VAL A 27 6.28 0.72 -6.91
C VAL A 27 5.33 -0.47 -6.98
N GLY A 28 4.88 -0.95 -5.85
CA GLY A 28 3.93 -2.11 -5.86
C GLY A 28 2.51 -1.60 -5.62
N THR A 29 1.54 -2.31 -6.12
CA THR A 29 0.12 -1.86 -5.92
C THR A 29 -0.68 -2.96 -5.23
N GLY A 30 -1.72 -2.61 -4.53
CA GLY A 30 -2.55 -3.62 -3.83
C GLY A 30 -4.01 -3.16 -3.83
N MET A 31 -4.91 -4.01 -4.23
CA MET A 31 -6.35 -3.62 -4.24
C MET A 31 -7.19 -4.63 -3.48
N VAL A 32 -8.09 -4.17 -2.65
CA VAL A 32 -8.94 -5.10 -1.87
C VAL A 32 -10.26 -4.40 -1.50
N GLY A 33 -11.34 -5.13 -1.45
CA GLY A 33 -12.65 -4.49 -1.10
C GLY A 33 -13.42 -5.39 -0.14
N ALA A 34 -14.51 -4.91 0.39
CA ALA A 34 -15.31 -5.73 1.34
C ALA A 34 -16.80 -5.49 1.08
N PRO A 35 -17.60 -6.54 1.11
CA PRO A 35 -19.07 -6.42 0.88
C PRO A 35 -19.80 -5.84 2.09
N ALA A 36 -19.58 -6.39 3.25
CA ALA A 36 -20.26 -5.87 4.47
C ALA A 36 -20.16 -4.35 4.50
N CYS A 37 -19.02 -3.82 4.15
CA CYS A 37 -18.86 -2.33 4.16
C CYS A 37 -19.00 -1.80 2.73
N GLY A 38 -19.22 -2.66 1.78
CA GLY A 38 -19.37 -2.21 0.37
C GLY A 38 -18.36 -1.09 0.09
N ASP A 39 -17.12 -1.28 0.46
CA ASP A 39 -16.11 -0.22 0.22
C ASP A 39 -14.88 -0.82 -0.46
N VAL A 40 -14.21 -0.07 -1.28
CA VAL A 40 -13.00 -0.61 -1.97
C VAL A 40 -11.78 0.21 -1.56
N MET A 41 -10.89 -0.37 -0.80
CA MET A 41 -9.68 0.37 -0.35
C MET A 41 -8.46 -0.07 -1.17
N GLN A 42 -7.60 0.85 -1.51
CA GLN A 42 -6.39 0.47 -2.31
C GLN A 42 -5.14 0.92 -1.54
N LEU A 43 -4.19 0.04 -1.37
CA LEU A 43 -2.95 0.41 -0.62
C LEU A 43 -1.73 0.07 -1.48
N GLN A 44 -0.88 1.05 -1.71
CA GLN A 44 0.34 0.80 -2.53
C GLN A 44 1.58 1.12 -1.69
N ILE A 45 2.72 0.61 -2.08
CA ILE A 45 3.96 0.90 -1.30
C ILE A 45 5.09 1.33 -2.24
N LYS A 46 5.92 2.22 -1.79
CA LYS A 46 7.05 2.69 -2.65
C LYS A 46 8.37 2.36 -1.95
N VAL A 47 9.24 1.63 -2.61
CA VAL A 47 10.54 1.28 -1.97
C VAL A 47 11.68 1.96 -2.74
N ASP A 48 12.61 2.55 -2.03
CA ASP A 48 13.74 3.23 -2.71
C ASP A 48 14.80 3.62 -1.69
N ASP A 49 14.40 3.91 -0.48
CA ASP A 49 15.39 4.31 0.55
C ASP A 49 16.35 3.15 0.82
N ASN A 50 16.84 2.53 -0.22
CA ASN A 50 17.77 1.39 -0.03
C ASN A 50 16.99 0.12 0.33
N GLY A 51 15.88 -0.10 -0.32
CA GLY A 51 15.06 -1.32 -0.01
C GLY A 51 14.07 -1.00 1.11
N ILE A 52 14.02 0.23 1.54
CA ILE A 52 13.07 0.59 2.63
C ILE A 52 11.84 1.27 2.04
N ILE A 53 10.79 1.39 2.79
CA ILE A 53 9.55 2.04 2.27
C ILE A 53 9.73 3.55 2.30
N GLU A 54 10.26 4.13 1.26
CA GLU A 54 10.46 5.60 1.23
C GLU A 54 9.12 6.29 1.44
N ASP A 55 8.14 5.97 0.63
CA ASP A 55 6.81 6.61 0.79
C ASP A 55 5.70 5.61 0.42
N ALA A 56 4.48 5.88 0.79
CA ALA A 56 3.37 4.95 0.46
C ALA A 56 2.11 5.75 0.15
N LYS A 57 1.31 5.28 -0.76
CA LYS A 57 0.06 6.00 -1.10
C LYS A 57 -1.15 5.15 -0.71
N PHE A 58 -2.33 5.72 -0.74
CA PHE A 58 -3.54 4.93 -0.37
C PHE A 58 -4.79 5.72 -0.76
N LYS A 59 -5.92 5.07 -0.83
CA LYS A 59 -7.17 5.77 -1.21
C LYS A 59 -8.38 4.93 -0.79
N THR A 60 -9.22 5.45 0.07
CA THR A 60 -10.41 4.66 0.50
C THR A 60 -11.45 5.62 1.10
N TYR A 61 -12.65 5.60 0.60
CA TYR A 61 -13.70 6.51 1.13
C TYR A 61 -15.07 5.83 1.01
N GLY A 62 -15.55 5.22 2.07
CA GLY A 62 -16.87 4.55 2.01
C GLY A 62 -17.01 3.59 3.19
N CYS A 63 -16.00 3.45 3.99
CA CYS A 63 -16.09 2.52 5.15
C CYS A 63 -16.64 3.27 6.36
N GLY A 64 -16.73 2.62 7.49
CA GLY A 64 -17.27 3.28 8.71
C GLY A 64 -16.23 3.25 9.83
N SER A 65 -15.21 2.43 9.68
CA SER A 65 -14.17 2.36 10.74
C SER A 65 -12.78 2.30 10.09
N ALA A 66 -12.72 2.28 8.79
CA ALA A 66 -11.41 2.24 8.10
C ALA A 66 -10.87 3.67 7.93
N ILE A 67 -11.72 4.57 7.52
CA ILE A 67 -11.26 5.98 7.34
C ILE A 67 -10.22 6.34 8.39
N ALA A 68 -10.28 5.73 9.55
CA ALA A 68 -9.28 6.05 10.61
C ALA A 68 -8.10 5.10 10.51
N SER A 69 -8.34 3.84 10.27
CA SER A 69 -7.22 2.87 10.17
C SER A 69 -6.40 3.14 8.90
N SER A 70 -7.04 3.63 7.87
CA SER A 70 -6.30 3.92 6.60
C SER A 70 -5.17 4.90 6.90
N SER A 71 -5.43 5.89 7.71
CA SER A 71 -4.37 6.89 8.03
C SER A 71 -3.34 6.26 8.99
N LEU A 72 -3.79 5.51 9.95
CA LEU A 72 -2.84 4.87 10.91
C LEU A 72 -1.83 4.03 10.13
N ILE A 73 -2.30 3.07 9.39
CA ILE A 73 -1.36 2.20 8.62
C ILE A 73 -0.48 3.09 7.72
N THR A 74 -1.07 3.77 6.79
CA THR A 74 -0.26 4.65 5.90
C THR A 74 0.77 5.42 6.73
N GLU A 75 0.50 5.62 7.99
CA GLU A 75 1.46 6.36 8.86
C GLU A 75 2.41 5.36 9.52
N TRP A 76 2.10 4.10 9.47
CA TRP A 76 2.99 3.09 10.12
C TRP A 76 3.85 2.41 9.05
N VAL A 77 3.52 2.59 7.80
CA VAL A 77 4.33 1.94 6.72
C VAL A 77 5.09 3.01 5.93
N LYS A 78 5.51 4.05 6.58
CA LYS A 78 6.26 5.13 5.86
C LYS A 78 7.66 5.28 6.47
N GLY A 79 8.61 4.55 5.96
CA GLY A 79 9.99 4.64 6.52
C GLY A 79 10.36 3.31 7.18
N LYS A 80 9.43 2.41 7.30
CA LYS A 80 9.73 1.10 7.93
C LYS A 80 10.16 0.10 6.86
N SER A 81 10.36 -1.14 7.23
CA SER A 81 10.77 -2.16 6.23
C SER A 81 9.58 -3.07 5.90
N LEU A 82 9.58 -3.65 4.73
CA LEU A 82 8.45 -4.54 4.35
C LEU A 82 8.42 -5.75 5.30
N GLU A 83 9.49 -5.99 5.99
CA GLU A 83 9.53 -7.15 6.93
C GLU A 83 8.60 -6.88 8.11
N GLU A 84 8.60 -5.68 8.62
CA GLU A 84 7.72 -5.36 9.78
C GLU A 84 6.27 -5.20 9.30
N ALA A 85 6.08 -4.59 8.16
CA ALA A 85 4.69 -4.40 7.65
C ALA A 85 4.05 -5.77 7.41
N GLY A 86 4.81 -6.73 6.95
CA GLY A 86 4.24 -8.08 6.69
C GLY A 86 4.31 -8.92 7.97
N ALA A 87 3.77 -8.43 9.05
CA ALA A 87 3.82 -9.20 10.33
C ALA A 87 2.94 -8.49 11.37
N ILE A 88 2.89 -7.19 11.31
CA ILE A 88 2.06 -6.43 12.29
C ILE A 88 0.73 -7.15 12.50
N LYS A 89 0.27 -7.85 11.50
CA LYS A 89 -1.03 -8.57 11.64
C LYS A 89 -2.17 -7.56 11.79
N ASN A 90 -3.32 -7.85 11.26
CA ASN A 90 -4.46 -6.90 11.38
C ASN A 90 -4.97 -6.89 12.82
N SER A 91 -4.47 -7.77 13.64
CA SER A 91 -4.93 -7.80 15.05
C SER A 91 -4.35 -6.61 15.82
N GLN A 92 -3.20 -6.15 15.42
CA GLN A 92 -2.58 -4.99 16.12
C GLN A 92 -3.45 -3.75 15.90
N ILE A 93 -3.98 -3.58 14.72
CA ILE A 93 -4.83 -2.39 14.44
C ILE A 93 -6.23 -2.64 14.97
N ALA A 94 -6.70 -3.86 14.92
CA ALA A 94 -8.06 -4.17 15.42
C ALA A 94 -8.16 -3.77 16.90
N GLU A 95 -7.10 -3.93 17.64
CA GLU A 95 -7.13 -3.57 19.08
C GLU A 95 -6.92 -2.06 19.23
N GLU A 96 -5.96 -1.50 18.54
CA GLU A 96 -5.72 -0.04 18.65
C GLU A 96 -7.03 0.71 18.46
N LEU A 97 -7.88 0.24 17.59
CA LEU A 97 -9.18 0.93 17.36
C LEU A 97 -10.30 0.16 18.06
N GLU A 98 -10.14 -1.12 18.21
CA GLU A 98 -11.21 -1.92 18.88
C GLU A 98 -12.48 -1.88 18.03
N LEU A 99 -12.50 -2.58 16.93
CA LEU A 99 -13.71 -2.57 16.05
C LEU A 99 -14.58 -3.79 16.37
N PRO A 100 -15.83 -3.72 16.00
CA PRO A 100 -16.80 -4.82 16.22
C PRO A 100 -16.58 -6.00 15.28
N PRO A 101 -17.08 -7.15 15.63
CA PRO A 101 -16.94 -8.39 14.81
C PRO A 101 -17.87 -8.39 13.60
N VAL A 102 -18.84 -7.51 13.57
CA VAL A 102 -19.78 -7.46 12.42
C VAL A 102 -19.10 -6.78 11.23
N LYS A 103 -17.88 -6.32 11.41
CA LYS A 103 -17.17 -5.65 10.29
C LYS A 103 -15.67 -5.94 10.38
N VAL A 104 -15.32 -7.13 10.79
CA VAL A 104 -13.87 -7.47 10.90
C VAL A 104 -13.16 -7.15 9.57
N HIS A 105 -13.85 -7.30 8.48
CA HIS A 105 -13.21 -7.01 7.16
C HIS A 105 -12.28 -5.81 7.30
N CYS A 106 -12.78 -4.68 7.73
CA CYS A 106 -11.93 -3.47 7.88
C CYS A 106 -10.50 -3.88 8.28
N SER A 107 -10.36 -4.50 9.42
CA SER A 107 -8.99 -4.91 9.87
C SER A 107 -8.36 -5.82 8.81
N ILE A 108 -9.11 -6.75 8.28
CA ILE A 108 -8.54 -7.66 7.24
C ILE A 108 -8.03 -6.85 6.05
N LEU A 109 -8.91 -6.15 5.37
CA LEU A 109 -8.47 -5.34 4.20
C LEU A 109 -7.13 -4.67 4.52
N ALA A 110 -6.97 -4.16 5.70
CA ALA A 110 -5.69 -3.49 6.06
C ALA A 110 -4.54 -4.49 5.94
N GLU A 111 -4.61 -5.60 6.63
CA GLU A 111 -3.52 -6.60 6.54
C GLU A 111 -3.49 -7.19 5.13
N ASP A 112 -4.49 -7.95 4.78
CA ASP A 112 -4.52 -8.56 3.41
C ASP A 112 -3.96 -7.55 2.40
N ALA A 113 -4.19 -6.29 2.61
CA ALA A 113 -3.67 -5.27 1.66
C ALA A 113 -2.15 -5.28 1.68
N ILE A 114 -1.56 -5.17 2.84
CA ILE A 114 -0.06 -5.17 2.92
C ILE A 114 0.47 -6.40 2.17
N LYS A 115 -0.23 -7.50 2.25
CA LYS A 115 0.23 -8.72 1.55
C LYS A 115 0.00 -8.57 0.04
N ALA A 116 -1.18 -8.16 -0.34
CA ALA A 116 -1.47 -7.99 -1.79
C ALA A 116 -0.36 -7.17 -2.45
N ALA A 117 -0.08 -6.00 -1.91
CA ALA A 117 1.00 -5.16 -2.49
C ALA A 117 2.30 -5.97 -2.57
N ILE A 118 2.79 -6.41 -1.44
CA ILE A 118 4.05 -7.20 -1.45
C ILE A 118 4.05 -8.14 -2.65
N ALA A 119 2.96 -8.83 -2.87
CA ALA A 119 2.89 -9.76 -4.03
C ALA A 119 3.05 -8.98 -5.33
N ASP A 120 2.26 -7.94 -5.51
CA ASP A 120 2.37 -7.14 -6.76
C ASP A 120 3.80 -6.62 -6.91
N TYR A 121 4.56 -6.62 -5.85
CA TYR A 121 5.95 -6.12 -5.93
C TYR A 121 6.83 -7.20 -6.57
N LYS A 122 6.75 -8.41 -6.08
CA LYS A 122 7.58 -9.51 -6.67
C LYS A 122 7.03 -9.88 -8.05
N ALA A 123 5.75 -10.07 -8.16
CA ALA A 123 5.17 -10.43 -9.47
C ALA A 123 5.64 -9.44 -10.54
N LYS A 124 6.21 -8.34 -10.13
CA LYS A 124 6.70 -7.34 -11.11
C LYS A 124 8.21 -7.48 -11.28
N GLN A 125 8.84 -8.25 -10.43
CA GLN A 125 10.31 -8.43 -10.54
C GLN A 125 10.61 -9.85 -11.02
N GLY A 126 9.66 -10.74 -10.93
CA GLY A 126 9.90 -12.14 -11.38
C GLY A 126 9.10 -12.39 -12.66
N LEU A 127 7.80 -12.49 -12.56
CA LEU A 127 6.98 -12.74 -13.78
C LEU A 127 7.45 -11.82 -14.92
N GLU A 128 7.77 -10.60 -14.60
CA GLU A 128 8.24 -9.66 -15.65
C GLU A 128 7.16 -9.53 -16.74
N HIS A 129 6.75 -8.34 -17.04
CA HIS A 129 5.70 -8.14 -18.08
C HIS A 129 6.36 -8.05 -19.46
N HIS A 130 5.75 -7.35 -20.38
CA HIS A 130 6.35 -7.22 -21.74
C HIS A 130 7.13 -5.92 -21.84
N HIS A 131 8.20 -5.79 -21.12
CA HIS A 131 9.00 -4.53 -21.18
C HIS A 131 10.17 -4.71 -22.15
N HIS A 132 9.96 -5.43 -23.21
CA HIS A 132 11.07 -5.63 -24.20
C HIS A 132 11.11 -4.45 -25.18
N HIS A 133 12.14 -3.65 -25.11
CA HIS A 133 12.23 -2.49 -26.03
C HIS A 133 13.70 -2.06 -26.16
N HIS A 134 14.10 -1.07 -25.42
CA HIS A 134 15.52 -0.60 -25.50
C HIS A 134 16.18 -0.71 -24.13
ZN ZN B . -15.10 -2.00 6.39
N MET A 1 14.82 15.30 17.09
CA MET A 1 13.98 16.36 17.72
C MET A 1 14.86 17.57 18.06
N ALA A 2 16.10 17.33 18.40
CA ALA A 2 17.00 18.47 18.74
C ALA A 2 17.19 19.36 17.51
N TYR A 3 17.21 18.76 16.34
CA TYR A 3 17.40 19.58 15.10
C TYR A 3 16.07 20.23 14.72
N SER A 4 15.17 19.48 14.12
CA SER A 4 13.87 20.07 13.72
C SER A 4 14.06 21.51 13.25
N GLU A 5 15.08 21.75 12.45
CA GLU A 5 15.32 23.14 11.97
C GLU A 5 14.42 23.41 10.76
N LYS A 6 14.94 23.23 9.57
CA LYS A 6 14.11 23.48 8.37
C LYS A 6 14.01 22.20 7.53
N VAL A 7 14.20 21.06 8.16
CA VAL A 7 14.13 19.78 7.41
C VAL A 7 14.95 19.88 6.13
N ILE A 8 16.26 19.76 6.24
CA ILE A 8 17.11 19.86 5.02
C ILE A 8 16.50 19.03 3.89
N ASP A 9 16.55 19.53 2.68
CA ASP A 9 15.96 18.78 1.55
C ASP A 9 16.36 19.46 0.23
N HIS A 10 16.43 18.71 -0.84
CA HIS A 10 16.80 19.33 -2.14
C HIS A 10 15.69 20.28 -2.60
N TYR A 11 14.84 19.84 -3.48
CA TYR A 11 13.74 20.72 -3.97
C TYR A 11 12.76 20.99 -2.82
N GLU A 12 11.66 21.63 -3.12
CA GLU A 12 10.66 21.91 -2.05
C GLU A 12 9.25 21.78 -2.63
N ASN A 13 9.13 21.52 -3.90
CA ASN A 13 7.78 21.38 -4.51
C ASN A 13 7.71 20.05 -5.29
N PRO A 14 8.00 18.97 -4.63
CA PRO A 14 7.97 17.62 -5.25
C PRO A 14 6.54 17.16 -5.57
N ARG A 15 6.24 16.94 -6.82
CA ARG A 15 4.87 16.50 -7.19
C ARG A 15 4.94 15.23 -8.03
N ASN A 16 5.86 15.16 -8.95
CA ASN A 16 5.98 13.95 -9.79
C ASN A 16 6.32 12.74 -8.92
N VAL A 17 5.49 12.46 -7.94
CA VAL A 17 5.75 11.30 -7.05
C VAL A 17 4.44 10.53 -6.82
N GLY A 18 4.54 9.27 -6.52
CA GLY A 18 3.31 8.46 -6.28
C GLY A 18 3.15 7.42 -7.37
N SER A 19 4.09 6.50 -7.47
CA SER A 19 4.00 5.46 -8.53
C SER A 19 4.53 6.01 -9.85
N LEU A 20 5.67 5.53 -10.29
CA LEU A 20 6.24 6.03 -11.57
C LEU A 20 5.53 5.36 -12.74
N ASP A 21 5.68 4.07 -12.89
CA ASP A 21 5.01 3.36 -14.02
C ASP A 21 4.59 1.96 -13.57
N LYS A 22 3.89 1.25 -14.40
CA LYS A 22 3.46 -0.13 -14.01
C LYS A 22 4.53 -1.14 -14.42
N LYS A 23 5.65 -0.66 -14.92
CA LYS A 23 6.73 -1.60 -15.34
C LYS A 23 7.98 -1.33 -14.50
N ASP A 24 7.82 -0.91 -13.28
CA ASP A 24 9.01 -0.65 -12.42
C ASP A 24 9.06 -1.67 -11.29
N SER A 25 10.21 -2.25 -11.06
CA SER A 25 10.33 -3.27 -9.98
C SER A 25 10.27 -2.58 -8.61
N ASN A 26 10.07 -1.29 -8.61
CA ASN A 26 10.01 -0.56 -7.31
C ASN A 26 8.60 0.00 -7.11
N VAL A 27 7.65 -0.47 -7.87
CA VAL A 27 6.25 0.04 -7.71
C VAL A 27 5.30 -1.13 -7.44
N GLY A 28 4.80 -1.24 -6.23
CA GLY A 28 3.88 -2.35 -5.92
C GLY A 28 2.47 -1.79 -5.67
N THR A 29 1.45 -2.54 -6.00
CA THR A 29 0.07 -2.04 -5.78
C THR A 29 -0.81 -3.17 -5.25
N GLY A 30 -1.75 -2.86 -4.41
CA GLY A 30 -2.64 -3.91 -3.85
C GLY A 30 -4.07 -3.38 -3.77
N MET A 31 -4.99 -4.02 -4.44
CA MET A 31 -6.41 -3.55 -4.41
C MET A 31 -7.30 -4.65 -3.81
N VAL A 32 -8.21 -4.28 -2.96
CA VAL A 32 -9.11 -5.29 -2.34
C VAL A 32 -10.53 -4.72 -2.22
N GLY A 33 -11.51 -5.57 -2.03
CA GLY A 33 -12.91 -5.07 -1.91
C GLY A 33 -13.66 -5.91 -0.88
N ALA A 34 -14.53 -5.29 -0.12
CA ALA A 34 -15.31 -6.07 0.90
C ALA A 34 -16.80 -5.80 0.70
N PRO A 35 -17.60 -6.83 0.69
CA PRO A 35 -19.08 -6.70 0.50
C PRO A 35 -19.78 -6.15 1.76
N ALA A 36 -19.62 -6.82 2.88
CA ALA A 36 -20.27 -6.34 4.13
C ALA A 36 -20.29 -4.81 4.16
N CYS A 37 -19.30 -4.19 3.57
CA CYS A 37 -19.27 -2.70 3.56
C CYS A 37 -19.32 -2.20 2.12
N GLY A 38 -19.40 -3.08 1.17
CA GLY A 38 -19.46 -2.64 -0.26
C GLY A 38 -18.49 -1.48 -0.47
N ASP A 39 -17.25 -1.66 -0.13
CA ASP A 39 -16.25 -0.55 -0.32
C ASP A 39 -14.97 -1.12 -0.92
N VAL A 40 -14.13 -0.29 -1.46
CA VAL A 40 -12.86 -0.79 -2.04
C VAL A 40 -11.67 -0.03 -1.46
N MET A 41 -10.68 -0.74 -0.98
CA MET A 41 -9.49 -0.06 -0.38
C MET A 41 -8.27 -0.31 -1.29
N GLN A 42 -7.68 0.73 -1.80
CA GLN A 42 -6.49 0.56 -2.68
C GLN A 42 -5.24 1.04 -1.94
N LEU A 43 -4.29 0.17 -1.73
CA LEU A 43 -3.04 0.59 -1.04
C LEU A 43 -1.83 0.37 -1.94
N GLN A 44 -1.00 1.37 -2.08
CA GLN A 44 0.20 1.22 -2.95
C GLN A 44 1.46 1.56 -2.14
N ILE A 45 2.55 0.93 -2.44
CA ILE A 45 3.80 1.22 -1.68
C ILE A 45 4.90 1.67 -2.64
N LYS A 46 5.76 2.56 -2.20
CA LYS A 46 6.85 3.04 -3.09
C LYS A 46 8.20 2.50 -2.58
N VAL A 47 8.71 1.49 -3.20
CA VAL A 47 10.01 0.92 -2.74
C VAL A 47 11.17 1.77 -3.28
N ASP A 48 12.07 2.17 -2.43
CA ASP A 48 13.22 3.00 -2.89
C ASP A 48 14.09 2.18 -3.85
N ASP A 49 14.62 1.09 -3.40
CA ASP A 49 15.46 0.24 -4.28
C ASP A 49 16.23 -0.77 -3.43
N ASN A 50 16.44 -0.47 -2.18
CA ASN A 50 17.17 -1.42 -1.30
C ASN A 50 16.15 -2.30 -0.56
N GLY A 51 14.90 -1.93 -0.59
CA GLY A 51 13.87 -2.74 0.11
C GLY A 51 13.24 -1.91 1.23
N ILE A 52 13.37 -0.61 1.16
CA ILE A 52 12.78 0.26 2.22
C ILE A 52 11.59 1.02 1.65
N ILE A 53 10.50 1.03 2.36
CA ILE A 53 9.29 1.76 1.86
C ILE A 53 9.54 3.27 1.96
N GLU A 54 10.12 3.85 0.95
CA GLU A 54 10.39 5.32 0.99
C GLU A 54 9.09 6.06 1.30
N ASP A 55 8.00 5.67 0.70
CA ASP A 55 6.71 6.36 0.97
C ASP A 55 5.55 5.38 0.73
N ALA A 56 4.34 5.83 0.90
CA ALA A 56 3.17 4.92 0.68
C ALA A 56 1.94 5.75 0.35
N LYS A 57 1.43 5.63 -0.84
CA LYS A 57 0.22 6.40 -1.22
C LYS A 57 -1.02 5.54 -0.99
N PHE A 58 -1.98 6.04 -0.24
CA PHE A 58 -3.20 5.23 0.02
C PHE A 58 -4.42 5.92 -0.62
N LYS A 59 -5.53 5.23 -0.65
CA LYS A 59 -6.76 5.82 -1.25
C LYS A 59 -7.95 4.93 -0.93
N THR A 60 -8.71 5.26 0.08
CA THR A 60 -9.88 4.41 0.44
C THR A 60 -11.08 5.30 0.78
N TYR A 61 -12.23 4.98 0.24
CA TYR A 61 -13.44 5.80 0.54
C TYR A 61 -14.68 4.92 0.44
N GLY A 62 -15.66 5.16 1.27
CA GLY A 62 -16.89 4.33 1.23
C GLY A 62 -17.06 3.61 2.57
N CYS A 63 -15.99 3.14 3.14
CA CYS A 63 -16.08 2.43 4.45
C CYS A 63 -16.04 3.46 5.58
N GLY A 64 -17.18 3.92 6.02
CA GLY A 64 -17.20 4.92 7.12
C GLY A 64 -16.71 4.27 8.41
N SER A 65 -15.56 3.66 8.37
CA SER A 65 -15.01 3.00 9.59
C SER A 65 -13.49 3.00 9.53
N ALA A 66 -12.93 3.11 8.35
CA ALA A 66 -11.45 3.10 8.22
C ALA A 66 -10.95 4.55 8.12
N ILE A 67 -11.83 5.48 7.94
CA ILE A 67 -11.41 6.91 7.84
C ILE A 67 -10.32 7.19 8.86
N ALA A 68 -10.29 6.45 9.94
CA ALA A 68 -9.25 6.67 10.97
C ALA A 68 -8.11 5.66 10.78
N SER A 69 -8.43 4.49 10.31
CA SER A 69 -7.37 3.46 10.08
C SER A 69 -6.45 3.93 8.96
N SER A 70 -6.99 4.25 7.82
CA SER A 70 -6.15 4.71 6.69
C SER A 70 -5.00 5.57 7.23
N SER A 71 -5.30 6.55 8.03
CA SER A 71 -4.24 7.43 8.59
C SER A 71 -3.29 6.60 9.46
N LEU A 72 -3.83 5.87 10.40
CA LEU A 72 -2.97 5.03 11.28
C LEU A 72 -1.97 4.25 10.42
N ILE A 73 -2.39 3.21 9.76
CA ILE A 73 -1.46 2.43 8.92
C ILE A 73 -0.58 3.36 8.10
N THR A 74 -1.15 4.13 7.22
CA THR A 74 -0.34 5.06 6.39
C THR A 74 0.82 5.61 7.23
N GLU A 75 0.64 5.74 8.51
CA GLU A 75 1.74 6.26 9.37
C GLU A 75 2.67 5.11 9.75
N TRP A 76 2.15 3.92 9.90
CA TRP A 76 3.02 2.77 10.27
C TRP A 76 3.70 2.22 9.01
N VAL A 77 3.40 2.77 7.87
CA VAL A 77 4.03 2.27 6.62
C VAL A 77 4.61 3.45 5.82
N LYS A 78 5.43 4.24 6.43
CA LYS A 78 6.03 5.40 5.71
C LYS A 78 7.49 5.55 6.10
N GLY A 79 8.37 4.83 5.44
CA GLY A 79 9.82 4.92 5.77
C GLY A 79 10.23 3.71 6.60
N LYS A 80 9.36 2.75 6.75
CA LYS A 80 9.71 1.54 7.56
C LYS A 80 10.33 0.48 6.65
N SER A 81 10.53 -0.71 7.15
CA SER A 81 11.12 -1.78 6.33
C SER A 81 10.03 -2.76 5.89
N LEU A 82 10.23 -3.45 4.80
CA LEU A 82 9.20 -4.41 4.31
C LEU A 82 9.10 -5.57 5.31
N GLU A 83 10.15 -5.83 6.04
CA GLU A 83 10.11 -6.94 7.02
C GLU A 83 8.99 -6.70 8.03
N GLU A 84 8.66 -5.46 8.28
CA GLU A 84 7.58 -5.16 9.26
C GLU A 84 6.24 -5.06 8.51
N ALA A 85 6.17 -4.24 7.50
CA ALA A 85 4.89 -4.10 6.73
C ALA A 85 4.44 -5.49 6.28
N GLY A 86 5.36 -6.40 6.13
CA GLY A 86 4.98 -7.78 5.69
C GLY A 86 4.95 -8.71 6.90
N ALA A 87 4.43 -8.24 8.00
CA ALA A 87 4.38 -9.09 9.22
C ALA A 87 3.18 -8.66 10.06
N ILE A 88 2.92 -7.39 10.12
CA ILE A 88 1.77 -6.90 10.92
C ILE A 88 0.58 -7.83 10.71
N LYS A 89 -0.36 -7.82 11.62
CA LYS A 89 -1.55 -8.71 11.47
C LYS A 89 -2.83 -7.89 11.67
N ASN A 90 -3.95 -8.40 11.24
CA ASN A 90 -5.23 -7.66 11.41
C ASN A 90 -5.60 -7.62 12.89
N SER A 91 -5.13 -8.58 13.66
CA SER A 91 -5.46 -8.61 15.11
C SER A 91 -4.81 -7.39 15.80
N GLN A 92 -3.51 -7.37 15.87
CA GLN A 92 -2.83 -6.23 16.53
C GLN A 92 -3.53 -4.92 16.17
N ILE A 93 -3.59 -4.59 14.92
CA ILE A 93 -4.27 -3.33 14.51
C ILE A 93 -5.71 -3.33 15.03
N ALA A 94 -6.30 -4.48 15.19
CA ALA A 94 -7.70 -4.54 15.69
C ALA A 94 -7.70 -4.32 17.21
N GLU A 95 -6.56 -4.42 17.82
CA GLU A 95 -6.48 -4.22 19.29
C GLU A 95 -6.09 -2.77 19.58
N GLU A 96 -5.54 -2.08 18.62
CA GLU A 96 -5.14 -0.66 18.83
C GLU A 96 -6.32 0.26 18.51
N LEU A 97 -7.07 -0.06 17.49
CA LEU A 97 -8.23 0.80 17.13
C LEU A 97 -9.42 0.47 18.02
N GLU A 98 -9.26 -0.46 18.92
CA GLU A 98 -10.38 -0.83 19.83
C GLU A 98 -11.70 -0.75 19.05
N LEU A 99 -11.65 -0.91 17.76
CA LEU A 99 -12.90 -0.85 16.95
C LEU A 99 -13.84 -1.98 17.36
N PRO A 100 -15.12 -1.77 17.25
CA PRO A 100 -16.14 -2.79 17.62
C PRO A 100 -16.11 -3.99 16.67
N PRO A 101 -16.52 -5.13 17.14
CA PRO A 101 -16.55 -6.39 16.33
C PRO A 101 -17.60 -6.35 15.23
N VAL A 102 -18.14 -5.19 14.94
CA VAL A 102 -19.17 -5.10 13.87
C VAL A 102 -18.49 -5.10 12.50
N LYS A 103 -18.41 -6.24 11.88
CA LYS A 103 -17.75 -6.32 10.54
C LYS A 103 -16.26 -6.05 10.70
N VAL A 104 -15.59 -6.84 11.50
CA VAL A 104 -14.13 -6.64 11.69
C VAL A 104 -13.41 -6.73 10.34
N HIS A 105 -14.15 -6.94 9.29
CA HIS A 105 -13.52 -7.04 7.95
C HIS A 105 -12.67 -5.79 7.69
N CYS A 106 -13.25 -4.64 7.82
CA CYS A 106 -12.48 -3.38 7.58
C CYS A 106 -11.01 -3.58 7.95
N SER A 107 -10.74 -3.93 9.17
CA SER A 107 -9.32 -4.15 9.58
C SER A 107 -8.69 -5.23 8.71
N ILE A 108 -9.28 -6.39 8.67
CA ILE A 108 -8.71 -7.49 7.84
C ILE A 108 -8.34 -6.94 6.46
N LEU A 109 -9.25 -6.26 5.81
CA LEU A 109 -8.95 -5.69 4.47
C LEU A 109 -7.64 -4.93 4.53
N ALA A 110 -7.42 -4.15 5.56
CA ALA A 110 -6.16 -3.37 5.67
C ALA A 110 -4.96 -4.32 5.61
N GLU A 111 -4.84 -5.20 6.57
CA GLU A 111 -3.70 -6.16 6.57
C GLU A 111 -3.64 -6.88 5.22
N ASP A 112 -4.78 -7.24 4.68
CA ASP A 112 -4.78 -7.94 3.36
C ASP A 112 -4.24 -6.99 2.29
N ALA A 113 -4.34 -5.72 2.50
CA ALA A 113 -3.84 -4.74 1.49
C ALA A 113 -2.30 -4.75 1.52
N ILE A 114 -1.72 -4.37 2.63
CA ILE A 114 -0.23 -4.36 2.71
C ILE A 114 0.31 -5.66 2.13
N LYS A 115 -0.37 -6.75 2.35
CA LYS A 115 0.10 -8.06 1.81
C LYS A 115 -0.13 -8.09 0.29
N ALA A 116 -1.20 -7.51 -0.17
CA ALA A 116 -1.48 -7.52 -1.64
C ALA A 116 -0.35 -6.80 -2.38
N ALA A 117 0.02 -5.63 -1.93
CA ALA A 117 1.11 -4.89 -2.62
C ALA A 117 2.43 -5.67 -2.50
N ILE A 118 2.66 -6.29 -1.37
CA ILE A 118 3.92 -7.06 -1.19
C ILE A 118 3.98 -8.19 -2.21
N ALA A 119 2.86 -8.81 -2.50
CA ALA A 119 2.86 -9.92 -3.49
C ALA A 119 3.15 -9.38 -4.89
N ASP A 120 2.60 -8.23 -5.21
CA ASP A 120 2.83 -7.65 -6.56
C ASP A 120 4.29 -7.19 -6.69
N TYR A 121 4.74 -6.36 -5.78
CA TYR A 121 6.14 -5.88 -5.85
C TYR A 121 7.10 -7.06 -5.93
N LYS A 122 6.75 -8.16 -5.32
CA LYS A 122 7.64 -9.36 -5.35
C LYS A 122 7.44 -10.10 -6.67
N ALA A 123 6.27 -10.06 -7.22
CA ALA A 123 6.01 -10.77 -8.50
C ALA A 123 6.75 -10.08 -9.64
N LYS A 124 7.03 -8.80 -9.49
CA LYS A 124 7.75 -8.07 -10.58
C LYS A 124 9.25 -8.07 -10.27
N GLN A 125 9.75 -9.14 -9.72
CA GLN A 125 11.20 -9.21 -9.40
C GLN A 125 11.64 -10.66 -9.27
N GLY A 126 11.21 -11.50 -10.17
CA GLY A 126 11.60 -12.94 -10.08
C GLY A 126 12.96 -13.15 -10.76
N LEU A 127 12.96 -13.54 -12.01
CA LEU A 127 14.24 -13.77 -12.72
C LEU A 127 15.00 -12.44 -12.85
N GLU A 128 14.56 -11.43 -12.15
CA GLU A 128 15.26 -10.11 -12.23
C GLU A 128 15.31 -9.65 -13.69
N HIS A 129 15.84 -8.48 -13.93
CA HIS A 129 15.91 -7.98 -15.33
C HIS A 129 17.06 -6.98 -15.45
N HIS A 130 18.15 -7.22 -14.78
CA HIS A 130 19.31 -6.28 -14.86
C HIS A 130 20.61 -7.06 -14.92
N HIS A 131 20.67 -8.19 -14.27
CA HIS A 131 21.93 -9.00 -14.28
C HIS A 131 23.12 -8.09 -13.97
N HIS A 132 22.90 -7.04 -13.23
CA HIS A 132 24.01 -6.12 -12.88
C HIS A 132 25.24 -6.93 -12.46
N HIS A 133 25.05 -8.16 -12.10
CA HIS A 133 26.20 -9.01 -11.67
C HIS A 133 27.06 -9.35 -12.88
N HIS A 134 27.98 -10.25 -12.72
CA HIS A 134 28.86 -10.63 -13.87
C HIS A 134 28.30 -11.87 -14.55
ZN ZN B . -15.81 -2.35 5.83
N MET A 1 1.20 19.06 3.40
CA MET A 1 1.50 20.43 2.89
C MET A 1 0.96 20.56 1.47
N ALA A 2 1.74 20.19 0.48
CA ALA A 2 1.27 20.30 -0.93
C ALA A 2 -0.03 19.50 -1.09
N TYR A 3 -0.96 20.02 -1.84
CA TYR A 3 -2.24 19.28 -2.04
C TYR A 3 -2.24 18.61 -3.42
N SER A 4 -3.27 18.82 -4.19
CA SER A 4 -3.33 18.20 -5.54
C SER A 4 -3.46 19.29 -6.61
N GLU A 5 -4.00 20.42 -6.25
CA GLU A 5 -4.15 21.53 -7.24
C GLU A 5 -2.81 21.78 -7.94
N LYS A 6 -2.80 22.61 -8.95
CA LYS A 6 -1.53 22.90 -9.66
C LYS A 6 -0.99 21.62 -10.31
N VAL A 7 -0.17 21.75 -11.31
CA VAL A 7 0.39 20.54 -11.98
C VAL A 7 1.89 20.73 -12.20
N ILE A 8 2.33 20.64 -13.43
CA ILE A 8 3.79 20.81 -13.71
C ILE A 8 3.96 21.40 -15.12
N ASP A 9 3.29 22.47 -15.42
CA ASP A 9 3.43 23.08 -16.77
C ASP A 9 3.62 24.60 -16.64
N HIS A 10 4.81 25.07 -16.84
CA HIS A 10 5.06 26.54 -16.72
C HIS A 10 6.27 26.92 -17.59
N TYR A 11 6.91 28.01 -17.28
CA TYR A 11 8.09 28.43 -18.09
C TYR A 11 9.32 27.65 -17.64
N GLU A 12 9.16 26.38 -17.34
CA GLU A 12 10.32 25.57 -16.90
C GLU A 12 10.80 24.70 -18.06
N ASN A 13 10.14 23.60 -18.29
CA ASN A 13 10.55 22.70 -19.41
C ASN A 13 9.79 21.38 -19.32
N PRO A 14 8.62 21.33 -19.87
CA PRO A 14 7.76 20.11 -19.87
C PRO A 14 8.55 18.86 -20.23
N ARG A 15 8.38 17.80 -19.49
CA ARG A 15 9.13 16.55 -19.80
C ARG A 15 8.21 15.33 -19.60
N ASN A 16 8.13 14.47 -20.57
CA ASN A 16 7.26 13.27 -20.43
C ASN A 16 7.78 12.39 -19.30
N VAL A 17 6.96 12.11 -18.33
CA VAL A 17 7.40 11.26 -17.19
C VAL A 17 6.47 10.05 -17.06
N GLY A 18 7.02 8.88 -16.82
CA GLY A 18 6.16 7.68 -16.68
C GLY A 18 6.06 7.29 -15.20
N SER A 19 6.98 6.51 -14.72
CA SER A 19 6.94 6.11 -13.28
C SER A 19 5.62 5.40 -12.99
N LEU A 20 5.52 4.74 -11.87
CA LEU A 20 4.25 4.04 -11.53
C LEU A 20 3.94 2.99 -12.62
N ASP A 21 4.94 2.35 -13.14
CA ASP A 21 4.69 1.33 -14.20
C ASP A 21 3.68 0.30 -13.68
N LYS A 22 3.57 0.17 -12.39
CA LYS A 22 2.60 -0.81 -11.82
C LYS A 22 3.19 -2.21 -11.92
N LYS A 23 4.28 -2.38 -12.60
CA LYS A 23 4.90 -3.73 -12.72
C LYS A 23 6.42 -3.61 -12.63
N ASP A 24 6.91 -2.49 -12.19
CA ASP A 24 8.39 -2.33 -12.07
C ASP A 24 8.71 -1.00 -11.38
N SER A 25 9.91 -0.51 -11.56
CA SER A 25 10.28 0.78 -10.91
C SER A 25 10.25 0.61 -9.38
N ASN A 26 10.33 -0.61 -8.92
CA ASN A 26 10.30 -0.84 -7.45
C ASN A 26 8.97 -0.34 -6.88
N VAL A 27 7.90 -0.53 -7.59
CA VAL A 27 6.57 -0.06 -7.08
C VAL A 27 5.66 -1.26 -6.84
N GLY A 28 5.01 -1.30 -5.70
CA GLY A 28 4.10 -2.44 -5.41
C GLY A 28 2.68 -1.92 -5.18
N THR A 29 1.78 -2.25 -6.06
CA THR A 29 0.37 -1.77 -5.90
C THR A 29 -0.49 -2.90 -5.34
N GLY A 30 -1.59 -2.56 -4.72
CA GLY A 30 -2.48 -3.61 -4.14
C GLY A 30 -3.88 -3.03 -3.93
N MET A 31 -4.90 -3.73 -4.35
CA MET A 31 -6.28 -3.21 -4.17
C MET A 31 -7.22 -4.36 -3.80
N VAL A 32 -7.90 -4.24 -2.69
CA VAL A 32 -8.84 -5.32 -2.27
C VAL A 32 -10.10 -4.69 -1.70
N GLY A 33 -11.23 -5.34 -1.85
CA GLY A 33 -12.50 -4.77 -1.33
C GLY A 33 -13.26 -5.85 -0.56
N ALA A 34 -14.30 -5.47 0.13
CA ALA A 34 -15.11 -6.46 0.90
C ALA A 34 -16.57 -6.36 0.49
N PRO A 35 -17.27 -7.46 0.49
CA PRO A 35 -18.71 -7.50 0.10
C PRO A 35 -19.61 -6.81 1.14
N ALA A 36 -19.78 -7.42 2.29
CA ALA A 36 -20.64 -6.79 3.33
C ALA A 36 -20.25 -5.31 3.47
N CYS A 37 -19.14 -4.92 2.92
CA CYS A 37 -18.71 -3.51 3.01
C CYS A 37 -18.65 -2.89 1.61
N GLY A 38 -18.71 -3.71 0.60
CA GLY A 38 -18.65 -3.20 -0.80
C GLY A 38 -17.65 -2.04 -0.87
N ASP A 39 -16.61 -2.10 -0.09
CA ASP A 39 -15.60 -1.01 -0.10
C ASP A 39 -14.38 -1.45 -0.92
N VAL A 40 -13.73 -0.52 -1.57
CA VAL A 40 -12.54 -0.88 -2.39
C VAL A 40 -11.31 -0.12 -1.87
N MET A 41 -10.51 -0.73 -1.04
CA MET A 41 -9.31 -0.02 -0.50
C MET A 41 -8.15 -0.20 -1.47
N GLN A 42 -7.62 0.87 -2.00
CA GLN A 42 -6.47 0.76 -2.95
C GLN A 42 -5.21 1.27 -2.27
N LEU A 43 -4.36 0.38 -1.81
CA LEU A 43 -3.11 0.82 -1.14
C LEU A 43 -1.92 0.56 -2.07
N GLN A 44 -0.91 1.38 -1.99
CA GLN A 44 0.28 1.17 -2.86
C GLN A 44 1.56 1.49 -2.07
N ILE A 45 2.53 0.62 -2.13
CA ILE A 45 3.79 0.88 -1.38
C ILE A 45 4.93 1.16 -2.35
N LYS A 46 5.80 2.07 -2.02
CA LYS A 46 6.94 2.39 -2.93
C LYS A 46 8.25 1.99 -2.25
N VAL A 47 9.22 1.60 -3.01
CA VAL A 47 10.53 1.18 -2.41
C VAL A 47 11.64 2.13 -2.90
N ASP A 48 12.42 2.66 -2.00
CA ASP A 48 13.52 3.57 -2.42
C ASP A 48 14.61 2.75 -3.12
N ASP A 49 15.10 1.73 -2.48
CA ASP A 49 16.17 0.90 -3.10
C ASP A 49 16.91 0.11 -2.02
N ASN A 50 16.84 0.57 -0.79
CA ASN A 50 17.54 -0.16 0.31
C ASN A 50 16.55 -1.09 0.99
N GLY A 51 15.40 -1.29 0.42
CA GLY A 51 14.39 -2.21 1.05
C GLY A 51 13.58 -1.42 2.08
N ILE A 52 13.40 -0.15 1.86
CA ILE A 52 12.62 0.66 2.85
C ILE A 52 11.47 1.37 2.12
N ILE A 53 10.31 1.40 2.72
CA ILE A 53 9.15 2.07 2.06
C ILE A 53 9.36 3.59 2.13
N GLU A 54 9.75 4.20 1.04
CA GLU A 54 9.98 5.66 1.05
C GLU A 54 8.64 6.40 1.03
N ASP A 55 7.72 5.95 0.23
CA ASP A 55 6.38 6.63 0.18
C ASP A 55 5.28 5.59 0.00
N ALA A 56 4.07 5.92 0.37
CA ALA A 56 2.95 4.97 0.22
C ALA A 56 1.66 5.73 -0.15
N LYS A 57 0.90 5.21 -1.07
CA LYS A 57 -0.36 5.91 -1.47
C LYS A 57 -1.56 5.17 -0.89
N PHE A 58 -2.55 5.89 -0.44
CA PHE A 58 -3.76 5.22 0.13
C PHE A 58 -5.01 5.70 -0.60
N LYS A 59 -6.09 4.98 -0.46
CA LYS A 59 -7.35 5.38 -1.16
C LYS A 59 -8.50 4.50 -0.67
N THR A 60 -9.41 5.05 0.10
CA THR A 60 -10.54 4.24 0.61
C THR A 60 -11.68 5.17 1.06
N TYR A 61 -12.83 5.05 0.45
CA TYR A 61 -13.96 5.93 0.85
C TYR A 61 -15.29 5.18 0.64
N GLY A 62 -15.89 4.70 1.68
CA GLY A 62 -17.17 3.96 1.53
C GLY A 62 -17.66 3.51 2.91
N CYS A 63 -16.79 3.45 3.87
CA CYS A 63 -17.20 3.01 5.23
C CYS A 63 -16.77 4.06 6.26
N GLY A 64 -17.70 4.68 6.92
CA GLY A 64 -17.33 5.70 7.94
C GLY A 64 -16.41 5.09 8.99
N SER A 65 -15.89 5.89 9.87
CA SER A 65 -14.99 5.35 10.93
C SER A 65 -13.72 4.78 10.27
N ALA A 66 -13.85 3.68 9.57
CA ALA A 66 -12.65 3.09 8.92
C ALA A 66 -11.76 4.20 8.37
N ILE A 67 -12.30 5.36 8.13
CA ILE A 67 -11.47 6.47 7.60
C ILE A 67 -10.33 6.77 8.57
N ALA A 68 -10.21 5.99 9.62
CA ALA A 68 -9.12 6.23 10.60
C ALA A 68 -8.05 5.14 10.45
N SER A 69 -8.46 3.95 10.09
CA SER A 69 -7.47 2.84 9.93
C SER A 69 -6.44 3.23 8.87
N SER A 70 -6.88 3.76 7.77
CA SER A 70 -5.91 4.17 6.70
C SER A 70 -4.85 5.09 7.29
N SER A 71 -5.24 6.25 7.75
CA SER A 71 -4.25 7.19 8.33
C SER A 71 -3.27 6.44 9.22
N LEU A 72 -3.75 5.56 10.06
CA LEU A 72 -2.85 4.79 10.96
C LEU A 72 -1.94 3.88 10.13
N ILE A 73 -2.42 2.71 9.79
CA ILE A 73 -1.59 1.76 8.99
C ILE A 73 -0.70 2.55 8.03
N THR A 74 -1.27 3.42 7.25
CA THR A 74 -0.44 4.22 6.30
C THR A 74 0.70 4.90 7.06
N GLU A 75 0.41 5.47 8.20
CA GLU A 75 1.48 6.14 8.99
C GLU A 75 2.28 5.09 9.73
N TRP A 76 1.97 3.83 9.55
CA TRP A 76 2.72 2.76 10.24
C TRP A 76 3.63 2.03 9.25
N VAL A 77 3.38 2.18 7.98
CA VAL A 77 4.24 1.50 6.97
C VAL A 77 5.27 2.48 6.43
N LYS A 78 4.96 3.74 6.43
CA LYS A 78 5.94 4.75 5.92
C LYS A 78 7.16 4.78 6.84
N GLY A 79 8.33 4.65 6.27
CA GLY A 79 9.56 4.66 7.11
C GLY A 79 9.88 3.24 7.58
N LYS A 80 8.90 2.37 7.56
CA LYS A 80 9.14 0.98 8.00
C LYS A 80 9.53 0.12 6.79
N SER A 81 10.06 -1.05 7.02
CA SER A 81 10.47 -1.91 5.87
C SER A 81 9.39 -2.95 5.61
N LEU A 82 9.63 -3.86 4.70
CA LEU A 82 8.61 -4.90 4.39
C LEU A 82 8.60 -5.94 5.51
N GLU A 83 9.70 -6.13 6.18
CA GLU A 83 9.73 -7.13 7.28
C GLU A 83 8.72 -6.72 8.37
N GLU A 84 8.35 -5.46 8.39
CA GLU A 84 7.38 -5.00 9.42
C GLU A 84 5.97 -5.00 8.82
N ALA A 85 5.84 -4.56 7.59
CA ALA A 85 4.49 -4.55 6.95
C ALA A 85 4.19 -5.92 6.35
N GLY A 86 5.01 -6.90 6.63
CA GLY A 86 4.78 -8.26 6.07
C GLY A 86 4.27 -9.17 7.19
N ALA A 87 5.02 -9.31 8.26
CA ALA A 87 4.56 -10.17 9.38
C ALA A 87 3.42 -9.48 10.10
N ILE A 88 3.11 -8.27 9.70
CA ILE A 88 2.01 -7.52 10.36
C ILE A 88 0.69 -8.31 10.24
N LYS A 89 -0.32 -7.91 10.95
CA LYS A 89 -1.62 -8.64 10.87
C LYS A 89 -2.76 -7.67 11.21
N ASN A 90 -3.97 -8.16 11.29
CA ASN A 90 -5.11 -7.28 11.63
C ASN A 90 -5.38 -7.35 13.13
N SER A 91 -4.70 -8.22 13.82
CA SER A 91 -4.91 -8.35 15.29
C SER A 91 -4.27 -7.16 16.00
N GLN A 92 -3.07 -6.80 15.60
CA GLN A 92 -2.39 -5.65 16.25
C GLN A 92 -3.15 -4.36 15.92
N ILE A 93 -3.26 -4.04 14.67
CA ILE A 93 -3.99 -2.79 14.30
C ILE A 93 -5.32 -2.73 15.04
N ALA A 94 -6.00 -3.84 15.16
CA ALA A 94 -7.30 -3.85 15.89
C ALA A 94 -7.06 -3.60 17.38
N GLU A 95 -6.11 -4.27 17.96
CA GLU A 95 -5.82 -4.07 19.41
C GLU A 95 -5.58 -2.58 19.68
N GLU A 96 -5.14 -1.86 18.68
CA GLU A 96 -4.90 -0.41 18.88
C GLU A 96 -6.21 0.36 18.78
N LEU A 97 -6.94 0.17 17.72
CA LEU A 97 -8.24 0.89 17.56
C LEU A 97 -9.33 0.17 18.36
N GLU A 98 -9.08 -1.06 18.74
CA GLU A 98 -10.10 -1.81 19.52
C GLU A 98 -11.48 -1.60 18.90
N LEU A 99 -11.52 -1.07 17.70
CA LEU A 99 -12.83 -0.83 17.04
C LEU A 99 -13.77 -2.01 17.33
N PRO A 100 -15.05 -1.74 17.37
CA PRO A 100 -16.08 -2.79 17.64
C PRO A 100 -15.78 -4.10 16.90
N PRO A 101 -16.40 -5.17 17.31
CA PRO A 101 -16.20 -6.52 16.68
C PRO A 101 -16.94 -6.64 15.35
N VAL A 102 -18.20 -6.29 15.32
CA VAL A 102 -18.97 -6.41 14.04
C VAL A 102 -18.54 -5.31 13.08
N LYS A 103 -17.32 -4.86 13.18
CA LYS A 103 -16.84 -3.79 12.27
C LYS A 103 -15.37 -4.04 11.92
N VAL A 104 -14.83 -5.16 12.34
CA VAL A 104 -13.40 -5.45 12.02
C VAL A 104 -13.25 -5.70 10.52
N HIS A 105 -14.34 -5.85 9.82
CA HIS A 105 -14.26 -6.10 8.35
C HIS A 105 -13.22 -5.15 7.74
N CYS A 106 -13.39 -3.87 7.91
CA CYS A 106 -12.41 -2.91 7.34
C CYS A 106 -11.02 -3.23 7.85
N SER A 107 -10.91 -3.67 9.07
CA SER A 107 -9.58 -4.01 9.64
C SER A 107 -8.91 -5.07 8.76
N ILE A 108 -9.60 -6.13 8.47
CA ILE A 108 -9.00 -7.19 7.61
C ILE A 108 -8.63 -6.59 6.25
N LEU A 109 -9.43 -5.68 5.76
CA LEU A 109 -9.12 -5.05 4.45
C LEU A 109 -7.75 -4.36 4.53
N ALA A 110 -7.45 -3.76 5.64
CA ALA A 110 -6.14 -3.06 5.79
C ALA A 110 -5.02 -4.09 5.70
N GLU A 111 -5.10 -5.15 6.46
CA GLU A 111 -4.03 -6.19 6.42
C GLU A 111 -4.00 -6.82 5.02
N ASP A 112 -5.11 -7.31 4.56
CA ASP A 112 -5.14 -7.94 3.20
C ASP A 112 -4.46 -7.00 2.20
N ALA A 113 -4.70 -5.72 2.30
CA ALA A 113 -4.06 -4.77 1.35
C ALA A 113 -2.54 -4.90 1.44
N ILE A 114 -1.99 -4.73 2.61
CA ILE A 114 -0.51 -4.85 2.75
C ILE A 114 -0.03 -6.13 2.05
N LYS A 115 -0.84 -7.15 2.06
CA LYS A 115 -0.45 -8.42 1.39
C LYS A 115 -0.38 -8.20 -0.12
N ALA A 116 -1.52 -8.05 -0.76
CA ALA A 116 -1.51 -7.83 -2.23
C ALA A 116 -0.34 -6.93 -2.62
N ALA A 117 -0.12 -5.88 -1.88
CA ALA A 117 1.01 -4.96 -2.21
C ALA A 117 2.31 -5.78 -2.31
N ILE A 118 2.63 -6.52 -1.28
CA ILE A 118 3.88 -7.32 -1.31
C ILE A 118 3.88 -8.22 -2.55
N ALA A 119 2.74 -8.69 -2.96
CA ALA A 119 2.68 -9.57 -4.16
C ALA A 119 3.04 -8.75 -5.40
N ASP A 120 2.33 -7.69 -5.65
CA ASP A 120 2.64 -6.85 -6.84
C ASP A 120 4.10 -6.43 -6.80
N TYR A 121 4.68 -6.37 -5.62
CA TYR A 121 6.10 -5.95 -5.51
C TYR A 121 7.01 -7.14 -5.85
N LYS A 122 7.04 -8.14 -5.00
CA LYS A 122 7.89 -9.33 -5.26
C LYS A 122 7.67 -9.78 -6.70
N ALA A 123 6.54 -9.47 -7.27
CA ALA A 123 6.26 -9.88 -8.68
C ALA A 123 7.28 -9.21 -9.60
N LYS A 124 8.02 -8.27 -9.10
CA LYS A 124 9.03 -7.58 -9.96
C LYS A 124 9.89 -8.63 -10.67
N GLN A 125 9.99 -9.80 -10.11
CA GLN A 125 10.81 -10.87 -10.76
C GLN A 125 10.56 -12.20 -10.03
N GLY A 126 9.53 -12.89 -10.40
CA GLY A 126 9.22 -14.19 -9.74
C GLY A 126 10.32 -15.21 -10.07
N LEU A 127 11.47 -14.75 -10.50
CA LEU A 127 12.57 -15.70 -10.85
C LEU A 127 12.18 -16.49 -12.09
N GLU A 128 11.30 -15.96 -12.90
CA GLU A 128 10.89 -16.69 -14.14
C GLU A 128 10.70 -15.69 -15.27
N HIS A 129 9.47 -15.43 -15.65
CA HIS A 129 9.22 -14.47 -16.77
C HIS A 129 9.39 -15.19 -18.10
N HIS A 130 8.35 -15.79 -18.60
CA HIS A 130 8.46 -16.50 -19.90
C HIS A 130 7.07 -16.72 -20.50
N HIS A 131 6.07 -16.09 -19.94
CA HIS A 131 4.68 -16.26 -20.47
C HIS A 131 4.29 -17.74 -20.43
N HIS A 132 4.74 -18.46 -19.43
CA HIS A 132 4.39 -19.90 -19.33
C HIS A 132 3.57 -20.15 -18.07
N HIS A 133 2.40 -20.73 -18.22
CA HIS A 133 1.56 -21.00 -17.02
C HIS A 133 2.06 -22.24 -16.30
N HIS A 134 2.07 -22.23 -15.00
CA HIS A 134 2.55 -23.42 -14.24
C HIS A 134 1.57 -24.58 -14.42
ZN ZN B . -16.57 -1.24 6.78
N MET A 1 13.69 5.36 21.67
CA MET A 1 13.17 5.72 23.02
C MET A 1 14.33 6.23 23.89
N ALA A 2 14.02 6.76 25.05
CA ALA A 2 15.11 7.27 25.93
C ALA A 2 16.10 8.09 25.11
N TYR A 3 15.63 8.74 24.08
CA TYR A 3 16.55 9.55 23.23
C TYR A 3 15.74 10.64 22.50
N SER A 4 16.31 11.80 22.34
CA SER A 4 15.58 12.89 21.63
C SER A 4 15.15 12.41 20.24
N GLU A 5 14.23 13.11 19.62
CA GLU A 5 13.78 12.69 18.27
C GLU A 5 13.89 13.88 17.32
N LYS A 6 13.92 13.64 16.03
CA LYS A 6 14.02 14.75 15.06
C LYS A 6 13.95 14.20 13.63
N VAL A 7 13.23 14.86 12.77
CA VAL A 7 13.11 14.39 11.36
C VAL A 7 12.38 15.44 10.53
N ILE A 8 11.61 16.29 11.17
CA ILE A 8 10.86 17.33 10.42
C ILE A 8 11.79 17.98 9.40
N ASP A 9 11.36 18.11 8.17
CA ASP A 9 12.22 18.74 7.14
C ASP A 9 11.98 20.25 7.14
N HIS A 10 12.83 21.00 7.78
CA HIS A 10 12.65 22.48 7.83
C HIS A 10 13.18 23.10 6.54
N TYR A 11 13.97 22.37 5.80
CA TYR A 11 14.53 22.92 4.53
C TYR A 11 13.41 22.99 3.49
N GLU A 12 13.67 22.50 2.30
CA GLU A 12 12.63 22.52 1.24
C GLU A 12 11.84 21.21 1.27
N ASN A 13 10.57 21.27 1.02
CA ASN A 13 9.74 20.03 1.02
C ASN A 13 8.83 20.01 -0.21
N PRO A 14 9.41 19.80 -1.36
CA PRO A 14 8.66 19.75 -2.64
C PRO A 14 7.85 18.46 -2.78
N ARG A 15 6.59 18.51 -2.48
CA ARG A 15 5.74 17.28 -2.59
C ARG A 15 6.20 16.46 -3.80
N ASN A 16 6.15 15.17 -3.70
CA ASN A 16 6.57 14.30 -4.84
C ASN A 16 5.53 13.21 -5.07
N VAL A 17 4.94 13.18 -6.24
CA VAL A 17 3.91 12.15 -6.52
C VAL A 17 4.39 10.79 -5.98
N GLY A 18 5.47 10.29 -6.49
CA GLY A 18 5.98 8.97 -6.01
C GLY A 18 5.36 7.85 -6.83
N SER A 19 4.60 8.19 -7.84
CA SER A 19 3.96 7.15 -8.68
C SER A 19 4.34 7.37 -10.15
N LEU A 20 4.70 6.32 -10.85
CA LEU A 20 5.08 6.49 -12.28
C LEU A 20 4.19 5.57 -13.13
N ASP A 21 4.20 4.30 -12.85
CA ASP A 21 3.37 3.35 -13.64
C ASP A 21 2.53 2.50 -12.68
N LYS A 22 2.56 2.83 -11.41
CA LYS A 22 1.77 2.03 -10.42
C LYS A 22 2.06 0.55 -10.62
N LYS A 23 3.08 0.24 -11.36
CA LYS A 23 3.43 -1.20 -11.59
C LYS A 23 4.94 -1.33 -11.77
N ASP A 24 5.68 -0.30 -11.44
CA ASP A 24 7.16 -0.36 -11.59
C ASP A 24 7.72 -1.47 -10.70
N SER A 25 8.98 -1.77 -10.85
CA SER A 25 9.60 -2.85 -10.02
C SER A 25 9.84 -2.31 -8.61
N ASN A 26 9.72 -1.02 -8.42
CA ASN A 26 9.97 -0.44 -7.07
C ASN A 26 8.67 0.18 -6.55
N VAL A 27 7.55 -0.29 -7.03
CA VAL A 27 6.24 0.27 -6.56
C VAL A 27 5.19 -0.84 -6.57
N GLY A 28 4.80 -1.31 -5.42
CA GLY A 28 3.78 -2.41 -5.36
C GLY A 28 2.38 -1.79 -5.31
N THR A 29 1.43 -2.42 -5.96
CA THR A 29 0.04 -1.89 -5.94
C THR A 29 -0.89 -2.94 -5.33
N GLY A 30 -1.74 -2.53 -4.42
CA GLY A 30 -2.67 -3.51 -3.79
C GLY A 30 -4.11 -3.00 -3.87
N MET A 31 -4.98 -3.76 -4.47
CA MET A 31 -6.40 -3.32 -4.58
C MET A 31 -7.31 -4.40 -3.98
N VAL A 32 -8.00 -4.08 -2.93
CA VAL A 32 -8.89 -5.10 -2.30
C VAL A 32 -10.30 -4.51 -2.12
N GLY A 33 -11.27 -5.35 -1.84
CA GLY A 33 -12.65 -4.85 -1.65
C GLY A 33 -13.42 -5.81 -0.75
N ALA A 34 -14.55 -5.40 -0.23
CA ALA A 34 -15.33 -6.31 0.66
C ALA A 34 -16.82 -6.15 0.38
N PRO A 35 -17.59 -7.17 0.62
CA PRO A 35 -19.06 -7.15 0.39
C PRO A 35 -19.81 -6.38 1.49
N ALA A 36 -19.78 -6.87 2.70
CA ALA A 36 -20.49 -6.18 3.80
C ALA A 36 -20.30 -4.66 3.69
N CYS A 37 -19.09 -4.23 3.44
CA CYS A 37 -18.84 -2.77 3.32
C CYS A 37 -18.89 -2.38 1.84
N GLY A 38 -19.05 -3.33 0.97
CA GLY A 38 -19.10 -3.01 -0.49
C GLY A 38 -18.16 -1.85 -0.78
N ASP A 39 -16.99 -1.86 -0.19
CA ASP A 39 -16.03 -0.75 -0.44
C ASP A 39 -14.79 -1.29 -1.14
N VAL A 40 -14.08 -0.44 -1.85
CA VAL A 40 -12.86 -0.89 -2.56
C VAL A 40 -11.66 -0.09 -2.05
N MET A 41 -10.82 -0.70 -1.26
CA MET A 41 -9.63 0.03 -0.72
C MET A 41 -8.46 -0.13 -1.67
N GLN A 42 -7.66 0.89 -1.82
CA GLN A 42 -6.48 0.81 -2.73
C GLN A 42 -5.22 1.27 -1.97
N LEU A 43 -4.34 0.37 -1.67
CA LEU A 43 -3.11 0.76 -0.92
C LEU A 43 -1.87 0.37 -1.75
N GLN A 44 -0.94 1.27 -1.89
CA GLN A 44 0.29 0.97 -2.66
C GLN A 44 1.53 1.21 -1.79
N ILE A 45 2.69 0.94 -2.30
CA ILE A 45 3.93 1.16 -1.49
C ILE A 45 5.12 1.39 -2.42
N LYS A 46 6.09 2.13 -1.98
CA LYS A 46 7.29 2.40 -2.83
C LYS A 46 8.51 1.75 -2.20
N VAL A 47 9.57 1.60 -2.95
CA VAL A 47 10.81 0.97 -2.39
C VAL A 47 12.02 1.82 -2.77
N ASP A 48 12.58 2.52 -1.82
CA ASP A 48 13.77 3.37 -2.12
C ASP A 48 14.84 2.51 -2.82
N ASP A 49 15.37 1.56 -2.13
CA ASP A 49 16.42 0.68 -2.74
C ASP A 49 17.05 -0.19 -1.66
N ASN A 50 17.00 0.25 -0.43
CA ASN A 50 17.59 -0.56 0.67
C ASN A 50 16.51 -1.46 1.28
N GLY A 51 15.42 -1.64 0.58
CA GLY A 51 14.33 -2.50 1.12
C GLY A 51 13.49 -1.70 2.11
N ILE A 52 13.52 -0.40 2.01
CA ILE A 52 12.72 0.44 2.96
C ILE A 52 11.61 1.15 2.18
N ILE A 53 10.49 1.37 2.82
CA ILE A 53 9.37 2.08 2.12
C ILE A 53 9.60 3.59 2.18
N GLU A 54 9.85 4.19 1.05
CA GLU A 54 10.09 5.66 1.04
C GLU A 54 8.76 6.42 0.93
N ASP A 55 7.83 5.88 0.19
CA ASP A 55 6.51 6.57 0.05
C ASP A 55 5.38 5.56 0.25
N ALA A 56 4.18 6.03 0.44
CA ALA A 56 3.04 5.10 0.64
C ALA A 56 1.73 5.81 0.29
N LYS A 57 1.01 5.30 -0.67
CA LYS A 57 -0.28 5.96 -1.06
C LYS A 57 -1.46 5.10 -0.59
N PHE A 58 -2.62 5.69 -0.47
CA PHE A 58 -3.80 4.92 -0.01
C PHE A 58 -5.08 5.69 -0.34
N LYS A 59 -6.20 5.04 -0.35
CA LYS A 59 -7.48 5.74 -0.66
C LYS A 59 -8.66 4.80 -0.38
N THR A 60 -9.53 5.17 0.50
CA THR A 60 -10.70 4.29 0.81
C THR A 60 -11.99 5.01 0.43
N TYR A 61 -12.57 4.65 -0.69
CA TYR A 61 -13.84 5.31 -1.11
C TYR A 61 -15.00 4.33 -0.97
N GLY A 62 -15.91 4.60 -0.08
CA GLY A 62 -17.07 3.68 0.10
C GLY A 62 -17.19 3.27 1.57
N CYS A 63 -16.08 3.03 2.22
CA CYS A 63 -16.13 2.62 3.66
C CYS A 63 -16.35 3.86 4.53
N GLY A 64 -16.96 3.69 5.67
CA GLY A 64 -17.21 4.86 6.57
C GLY A 64 -16.68 4.54 7.97
N SER A 65 -15.55 3.89 8.05
CA SER A 65 -14.98 3.56 9.38
C SER A 65 -13.54 3.07 9.21
N ALA A 66 -13.12 2.85 7.99
CA ALA A 66 -11.72 2.38 7.76
C ALA A 66 -10.78 3.58 7.67
N ILE A 67 -11.25 4.66 7.09
CA ILE A 67 -10.39 5.86 6.96
C ILE A 67 -9.51 6.00 8.21
N ALA A 68 -10.11 5.90 9.37
CA ALA A 68 -9.31 6.03 10.63
C ALA A 68 -8.14 5.05 10.58
N SER A 69 -8.41 3.79 10.36
CA SER A 69 -7.32 2.79 10.30
C SER A 69 -6.39 3.13 9.13
N SER A 70 -6.93 3.38 7.97
CA SER A 70 -6.08 3.71 6.80
C SER A 70 -5.05 4.78 7.22
N SER A 71 -5.50 5.80 7.89
CA SER A 71 -4.56 6.88 8.31
C SER A 71 -3.51 6.28 9.26
N LEU A 72 -3.89 5.33 10.07
CA LEU A 72 -2.91 4.71 11.00
C LEU A 72 -1.91 3.87 10.20
N ILE A 73 -2.35 2.78 9.62
CA ILE A 73 -1.42 1.93 8.83
C ILE A 73 -0.62 2.81 7.87
N THR A 74 -1.28 3.68 7.16
CA THR A 74 -0.55 4.56 6.20
C THR A 74 0.65 5.20 6.89
N GLU A 75 0.46 5.70 8.08
CA GLU A 75 1.60 6.34 8.81
C GLU A 75 2.39 5.28 9.57
N TRP A 76 1.99 4.05 9.48
CA TRP A 76 2.73 2.97 10.20
C TRP A 76 3.67 2.25 9.23
N VAL A 77 3.45 2.39 7.95
CA VAL A 77 4.32 1.71 6.96
C VAL A 77 5.14 2.76 6.20
N LYS A 78 5.13 3.98 6.65
CA LYS A 78 5.91 5.04 5.95
C LYS A 78 7.35 5.04 6.47
N GLY A 79 8.26 4.50 5.70
CA GLY A 79 9.69 4.47 6.16
C GLY A 79 9.94 3.17 6.93
N LYS A 80 9.12 2.18 6.74
CA LYS A 80 9.33 0.89 7.46
C LYS A 80 10.08 -0.09 6.56
N SER A 81 10.19 -1.33 6.97
CA SER A 81 10.91 -2.32 6.13
C SER A 81 9.91 -3.36 5.61
N LEU A 82 10.06 -3.77 4.38
CA LEU A 82 9.12 -4.78 3.82
C LEU A 82 9.07 -6.00 4.76
N GLU A 83 10.13 -6.26 5.45
CA GLU A 83 10.14 -7.43 6.38
C GLU A 83 9.04 -7.25 7.43
N GLU A 84 8.73 -6.03 7.76
CA GLU A 84 7.65 -5.79 8.77
C GLU A 84 6.29 -5.72 8.07
N ALA A 85 6.15 -4.84 7.13
CA ALA A 85 4.85 -4.72 6.41
C ALA A 85 4.48 -6.09 5.83
N GLY A 86 5.44 -6.98 5.73
CA GLY A 86 5.14 -8.32 5.18
C GLY A 86 5.17 -9.36 6.31
N ALA A 87 4.48 -9.08 7.38
CA ALA A 87 4.45 -10.05 8.51
C ALA A 87 3.44 -9.58 9.56
N ILE A 88 3.25 -8.30 9.68
CA ILE A 88 2.27 -7.77 10.68
C ILE A 88 0.93 -8.49 10.50
N LYS A 89 -0.03 -8.17 11.32
CA LYS A 89 -1.36 -8.83 11.20
C LYS A 89 -2.47 -7.78 11.34
N ASN A 90 -3.69 -8.21 11.50
CA ASN A 90 -4.80 -7.23 11.66
C ASN A 90 -5.21 -7.17 13.13
N SER A 91 -5.08 -8.25 13.84
CA SER A 91 -5.47 -8.24 15.29
C SER A 91 -4.78 -7.07 15.99
N GLN A 92 -3.60 -6.72 15.58
CA GLN A 92 -2.90 -5.58 16.23
C GLN A 92 -3.61 -4.27 15.88
N ILE A 93 -3.58 -3.88 14.63
CA ILE A 93 -4.26 -2.62 14.22
C ILE A 93 -5.63 -2.55 14.89
N ALA A 94 -6.33 -3.66 14.93
CA ALA A 94 -7.68 -3.66 15.54
C ALA A 94 -7.55 -3.43 17.05
N GLU A 95 -6.69 -4.16 17.70
CA GLU A 95 -6.51 -3.99 19.17
C GLU A 95 -6.19 -2.52 19.47
N GLU A 96 -5.64 -1.81 18.53
CA GLU A 96 -5.30 -0.38 18.76
C GLU A 96 -6.56 0.48 18.58
N LEU A 97 -7.43 0.09 17.69
CA LEU A 97 -8.66 0.88 17.46
C LEU A 97 -9.77 0.39 18.40
N GLU A 98 -9.59 -0.76 18.98
CA GLU A 98 -10.63 -1.28 19.91
C GLU A 98 -12.00 -1.19 19.23
N LEU A 99 -12.27 -2.03 18.27
CA LEU A 99 -13.58 -1.98 17.58
C LEU A 99 -14.20 -3.39 17.56
N PRO A 100 -15.49 -3.48 17.77
CA PRO A 100 -16.21 -4.79 17.78
C PRO A 100 -15.74 -5.71 16.64
N PRO A 101 -15.73 -6.99 16.87
CA PRO A 101 -15.31 -8.00 15.86
C PRO A 101 -16.35 -8.16 14.74
N VAL A 102 -17.57 -7.78 14.99
CA VAL A 102 -18.62 -7.92 13.95
C VAL A 102 -18.34 -6.93 12.81
N LYS A 103 -17.35 -6.10 12.98
CA LYS A 103 -17.03 -5.11 11.91
C LYS A 103 -15.51 -5.07 11.68
N VAL A 104 -14.81 -6.06 12.15
CA VAL A 104 -13.33 -6.08 11.97
C VAL A 104 -13.00 -6.09 10.47
N HIS A 105 -13.97 -6.38 9.65
CA HIS A 105 -13.72 -6.41 8.17
C HIS A 105 -12.68 -5.35 7.80
N CYS A 106 -13.09 -4.12 7.73
CA CYS A 106 -12.14 -3.02 7.37
C CYS A 106 -10.73 -3.36 7.86
N SER A 107 -10.56 -3.56 9.13
CA SER A 107 -9.20 -3.90 9.66
C SER A 107 -8.61 -5.05 8.84
N ILE A 108 -9.21 -6.21 8.90
CA ILE A 108 -8.67 -7.37 8.14
C ILE A 108 -8.25 -6.91 6.74
N LEU A 109 -9.04 -6.08 6.11
CA LEU A 109 -8.67 -5.60 4.75
C LEU A 109 -7.40 -4.76 4.83
N ALA A 110 -7.21 -4.05 5.92
CA ALA A 110 -5.98 -3.22 6.05
C ALA A 110 -4.75 -4.12 5.97
N GLU A 111 -4.74 -5.20 6.69
CA GLU A 111 -3.57 -6.12 6.66
C GLU A 111 -3.52 -6.80 5.29
N ASP A 112 -4.60 -7.40 4.87
CA ASP A 112 -4.60 -8.09 3.54
C ASP A 112 -4.14 -7.11 2.47
N ALA A 113 -4.37 -5.84 2.67
CA ALA A 113 -3.94 -4.84 1.65
C ALA A 113 -2.41 -4.77 1.62
N ILE A 114 -1.80 -4.42 2.71
CA ILE A 114 -0.32 -4.34 2.74
C ILE A 114 0.28 -5.62 2.12
N LYS A 115 -0.38 -6.73 2.31
CA LYS A 115 0.14 -8.00 1.74
C LYS A 115 -0.16 -8.04 0.24
N ALA A 116 -1.20 -7.39 -0.19
CA ALA A 116 -1.54 -7.39 -1.64
C ALA A 116 -0.45 -6.63 -2.41
N ALA A 117 -0.22 -5.40 -2.06
CA ALA A 117 0.81 -4.60 -2.78
C ALA A 117 2.16 -5.32 -2.68
N ILE A 118 2.58 -5.67 -1.50
CA ILE A 118 3.88 -6.37 -1.35
C ILE A 118 3.94 -7.55 -2.33
N ALA A 119 2.85 -8.23 -2.53
CA ALA A 119 2.84 -9.37 -3.48
C ALA A 119 2.91 -8.84 -4.92
N ASP A 120 2.32 -7.70 -5.16
CA ASP A 120 2.36 -7.12 -6.53
C ASP A 120 3.73 -6.50 -6.80
N TYR A 121 4.56 -6.43 -5.78
CA TYR A 121 5.90 -5.83 -5.97
C TYR A 121 6.95 -6.94 -5.95
N LYS A 122 6.77 -7.92 -5.11
CA LYS A 122 7.76 -9.04 -5.05
C LYS A 122 7.62 -9.91 -6.30
N ALA A 123 6.42 -10.08 -6.79
CA ALA A 123 6.22 -10.91 -8.00
C ALA A 123 6.79 -10.19 -9.22
N LYS A 124 6.92 -8.89 -9.15
CA LYS A 124 7.48 -8.14 -10.30
C LYS A 124 9.00 -8.16 -10.26
N GLN A 125 9.57 -9.31 -9.94
CA GLN A 125 11.06 -9.40 -9.88
C GLN A 125 11.57 -10.18 -11.09
N GLY A 126 11.05 -11.36 -11.30
CA GLY A 126 11.51 -12.17 -12.47
C GLY A 126 10.61 -13.40 -12.61
N LEU A 127 11.02 -14.52 -12.07
CA LEU A 127 10.20 -15.75 -12.18
C LEU A 127 9.71 -16.15 -10.79
N GLU A 128 9.65 -15.23 -9.87
CA GLU A 128 9.18 -15.56 -8.50
C GLU A 128 10.05 -16.68 -7.92
N HIS A 129 9.45 -17.75 -7.50
CA HIS A 129 10.24 -18.88 -6.93
C HIS A 129 9.30 -20.01 -6.53
N HIS A 130 9.77 -21.23 -6.59
CA HIS A 130 8.91 -22.38 -6.21
C HIS A 130 9.77 -23.46 -5.55
N HIS A 131 10.52 -24.20 -6.32
CA HIS A 131 11.38 -25.26 -5.75
C HIS A 131 12.80 -25.10 -6.29
N HIS A 132 13.60 -26.13 -6.19
CA HIS A 132 14.99 -26.04 -6.70
C HIS A 132 15.38 -27.36 -7.36
N HIS A 133 16.55 -27.43 -7.94
CA HIS A 133 16.99 -28.70 -8.59
C HIS A 133 17.74 -29.56 -7.57
N HIS A 134 19.02 -29.74 -7.77
CA HIS A 134 19.80 -30.58 -6.82
C HIS A 134 20.17 -29.74 -5.59
ZN ZN B . -15.31 -1.71 5.31
N MET A 1 19.55 38.48 -2.71
CA MET A 1 19.54 38.27 -1.24
C MET A 1 19.19 36.81 -0.94
N ALA A 2 20.17 35.95 -0.89
CA ALA A 2 19.89 34.52 -0.59
C ALA A 2 21.02 33.93 0.27
N TYR A 3 20.83 32.75 0.77
CA TYR A 3 21.89 32.13 1.62
C TYR A 3 22.50 30.93 0.89
N SER A 4 21.74 30.32 0.01
CA SER A 4 22.27 29.15 -0.74
C SER A 4 22.77 29.60 -2.11
N GLU A 5 23.68 28.86 -2.70
CA GLU A 5 24.21 29.25 -4.03
C GLU A 5 24.15 28.05 -4.98
N LYS A 6 24.30 26.86 -4.45
CA LYS A 6 24.25 25.65 -5.30
C LYS A 6 23.07 25.74 -6.27
N VAL A 7 23.31 25.60 -7.54
CA VAL A 7 22.19 25.67 -8.53
C VAL A 7 21.31 24.43 -8.37
N ILE A 8 20.50 24.15 -9.35
CA ILE A 8 19.62 22.94 -9.25
C ILE A 8 20.08 21.89 -10.26
N ASP A 9 19.58 21.97 -11.47
CA ASP A 9 19.99 20.96 -12.50
C ASP A 9 20.81 21.64 -13.58
N HIS A 10 22.11 21.71 -13.41
CA HIS A 10 22.96 22.36 -14.45
C HIS A 10 22.66 21.75 -15.81
N TYR A 11 23.49 21.99 -16.79
CA TYR A 11 23.26 21.41 -18.14
C TYR A 11 24.15 20.18 -18.33
N GLU A 12 24.78 19.73 -17.28
CA GLU A 12 25.66 18.53 -17.40
C GLU A 12 24.87 17.38 -18.02
N ASN A 13 24.26 16.56 -17.21
CA ASN A 13 23.48 15.41 -17.75
C ASN A 13 22.48 14.94 -16.70
N PRO A 14 21.50 15.76 -16.41
CA PRO A 14 20.45 15.43 -15.40
C PRO A 14 19.67 14.16 -15.77
N ARG A 15 19.34 13.35 -14.80
CA ARG A 15 18.58 12.10 -15.09
C ARG A 15 17.17 12.21 -14.51
N ASN A 16 16.17 12.16 -15.35
CA ASN A 16 14.77 12.27 -14.85
C ASN A 16 14.15 10.87 -14.76
N VAL A 17 13.66 10.51 -13.60
CA VAL A 17 13.04 9.17 -13.46
C VAL A 17 11.52 9.31 -13.41
N GLY A 18 10.81 8.23 -13.61
CA GLY A 18 9.32 8.30 -13.58
C GLY A 18 8.85 8.57 -12.15
N SER A 19 8.94 7.60 -11.29
CA SER A 19 8.51 7.79 -9.89
C SER A 19 7.04 8.19 -9.86
N LEU A 20 6.24 7.53 -9.05
CA LEU A 20 4.79 7.88 -8.98
C LEU A 20 4.17 7.81 -10.38
N ASP A 21 4.68 6.95 -11.23
CA ASP A 21 4.13 6.84 -12.59
C ASP A 21 3.24 5.59 -12.68
N LYS A 22 3.20 4.80 -11.64
CA LYS A 22 2.36 3.58 -11.67
C LYS A 22 2.99 2.54 -12.60
N LYS A 23 4.04 2.89 -13.29
CA LYS A 23 4.70 1.93 -14.20
C LYS A 23 6.14 1.67 -13.75
N ASP A 24 6.45 2.00 -12.53
CA ASP A 24 7.84 1.78 -12.04
C ASP A 24 7.87 0.53 -11.15
N SER A 25 8.88 -0.29 -11.29
CA SER A 25 8.97 -1.51 -10.45
C SER A 25 9.31 -1.14 -9.02
N ASN A 26 9.27 0.13 -8.70
CA ASN A 26 9.59 0.56 -7.31
C ASN A 26 8.32 1.08 -6.63
N VAL A 27 7.18 0.70 -7.12
CA VAL A 27 5.91 1.17 -6.50
C VAL A 27 4.92 0.01 -6.42
N GLY A 28 4.93 -0.71 -5.33
CA GLY A 28 3.98 -1.86 -5.19
C GLY A 28 2.55 -1.33 -5.25
N THR A 29 1.64 -2.10 -5.80
CA THR A 29 0.23 -1.64 -5.89
C THR A 29 -0.70 -2.78 -5.49
N GLY A 30 -1.32 -2.69 -4.34
CA GLY A 30 -2.24 -3.77 -3.91
C GLY A 30 -3.68 -3.30 -4.05
N MET A 31 -4.59 -4.21 -4.28
CA MET A 31 -6.02 -3.81 -4.44
C MET A 31 -6.92 -4.90 -3.84
N VAL A 32 -7.81 -4.54 -2.96
CA VAL A 32 -8.70 -5.56 -2.34
C VAL A 32 -10.11 -4.98 -2.20
N GLY A 33 -11.10 -5.82 -2.04
CA GLY A 33 -12.49 -5.33 -1.89
C GLY A 33 -13.09 -5.89 -0.60
N ALA A 34 -14.18 -5.33 -0.15
CA ALA A 34 -14.80 -5.84 1.10
C ALA A 34 -16.33 -5.94 0.93
N PRO A 35 -16.80 -7.03 0.39
CA PRO A 35 -18.25 -7.25 0.17
C PRO A 35 -19.07 -6.95 1.42
N ALA A 36 -18.45 -6.95 2.56
CA ALA A 36 -19.19 -6.66 3.82
C ALA A 36 -19.62 -5.20 3.83
N CYS A 37 -18.70 -4.30 3.63
CA CYS A 37 -19.05 -2.85 3.61
C CYS A 37 -19.07 -2.35 2.16
N GLY A 38 -19.15 -3.26 1.22
CA GLY A 38 -19.16 -2.83 -0.21
C GLY A 38 -18.22 -1.65 -0.40
N ASP A 39 -16.98 -1.79 -0.02
CA ASP A 39 -16.02 -0.67 -0.19
C ASP A 39 -14.79 -1.15 -0.96
N VAL A 40 -14.19 -0.30 -1.75
CA VAL A 40 -12.99 -0.69 -2.52
C VAL A 40 -11.76 -0.06 -1.88
N MET A 41 -10.89 -0.86 -1.32
CA MET A 41 -9.67 -0.29 -0.67
C MET A 41 -8.47 -0.42 -1.61
N GLN A 42 -7.70 0.61 -1.76
CA GLN A 42 -6.51 0.56 -2.65
C GLN A 42 -5.28 1.01 -1.87
N LEU A 43 -4.22 0.24 -1.88
CA LEU A 43 -3.00 0.63 -1.14
C LEU A 43 -1.79 0.55 -2.05
N GLN A 44 -0.86 1.46 -1.91
CA GLN A 44 0.36 1.43 -2.76
C GLN A 44 1.58 1.72 -1.91
N ILE A 45 2.72 1.19 -2.26
CA ILE A 45 3.95 1.45 -1.46
C ILE A 45 5.11 1.77 -2.39
N LYS A 46 6.03 2.59 -1.94
CA LYS A 46 7.19 2.95 -2.80
C LYS A 46 8.47 2.42 -2.16
N VAL A 47 9.19 1.58 -2.86
CA VAL A 47 10.45 1.03 -2.28
C VAL A 47 11.64 1.73 -2.93
N ASP A 48 12.53 2.26 -2.13
CA ASP A 48 13.72 2.96 -2.69
C ASP A 48 14.57 1.95 -3.49
N ASP A 49 15.56 1.38 -2.86
CA ASP A 49 16.42 0.40 -3.57
C ASP A 49 17.03 -0.57 -2.55
N ASN A 50 16.40 -0.73 -1.42
CA ASN A 50 16.94 -1.66 -0.39
C ASN A 50 15.79 -2.36 0.32
N GLY A 51 14.61 -2.30 -0.24
CA GLY A 51 13.44 -2.97 0.40
C GLY A 51 12.89 -2.09 1.52
N ILE A 52 13.12 -0.80 1.43
CA ILE A 52 12.61 0.12 2.48
C ILE A 52 11.45 0.95 1.94
N ILE A 53 10.36 1.01 2.65
CA ILE A 53 9.19 1.80 2.17
C ILE A 53 9.33 3.24 2.67
N GLU A 54 9.74 4.14 1.81
CA GLU A 54 9.90 5.57 2.23
C GLU A 54 8.54 6.26 2.21
N ASP A 55 7.77 6.10 1.17
CA ASP A 55 6.44 6.76 1.10
C ASP A 55 5.37 5.72 0.77
N ALA A 56 4.21 5.85 1.36
CA ALA A 56 3.12 4.87 1.08
C ALA A 56 1.83 5.63 0.74
N LYS A 57 1.20 5.30 -0.35
CA LYS A 57 -0.06 6.00 -0.72
C LYS A 57 -1.27 5.13 -0.36
N PHE A 58 -2.43 5.70 -0.32
CA PHE A 58 -3.64 4.89 0.03
C PHE A 58 -4.89 5.58 -0.53
N LYS A 59 -5.98 4.86 -0.63
CA LYS A 59 -7.23 5.47 -1.16
C LYS A 59 -8.42 4.58 -0.80
N THR A 60 -9.14 4.91 0.23
CA THR A 60 -10.31 4.07 0.63
C THR A 60 -11.44 4.98 1.09
N TYR A 61 -12.66 4.68 0.72
CA TYR A 61 -13.81 5.52 1.14
C TYR A 61 -15.09 4.69 1.08
N GLY A 62 -15.80 4.60 2.16
CA GLY A 62 -17.07 3.81 2.15
C GLY A 62 -17.39 3.31 3.56
N CYS A 63 -16.54 2.51 4.14
CA CYS A 63 -16.80 1.99 5.50
C CYS A 63 -16.33 3.02 6.54
N GLY A 64 -17.14 3.28 7.54
CA GLY A 64 -16.75 4.25 8.58
C GLY A 64 -15.81 3.58 9.58
N SER A 65 -15.19 2.49 9.20
CA SER A 65 -14.26 1.80 10.13
C SER A 65 -12.86 1.81 9.54
N ALA A 66 -12.75 1.87 8.25
CA ALA A 66 -11.39 1.89 7.60
C ALA A 66 -11.02 3.32 7.26
N ILE A 67 -11.81 4.27 7.70
CA ILE A 67 -11.50 5.70 7.39
C ILE A 67 -10.38 6.18 8.32
N ALA A 68 -10.43 5.80 9.57
CA ALA A 68 -9.38 6.24 10.53
C ALA A 68 -8.13 5.36 10.36
N SER A 69 -8.30 4.08 10.27
CA SER A 69 -7.13 3.17 10.12
C SER A 69 -6.28 3.63 8.93
N SER A 70 -6.89 3.87 7.81
CA SER A 70 -6.11 4.31 6.61
C SER A 70 -4.95 5.21 7.05
N SER A 71 -5.24 6.36 7.59
CA SER A 71 -4.15 7.28 8.02
C SER A 71 -3.22 6.55 9.01
N LEU A 72 -3.79 5.79 9.90
CA LEU A 72 -2.94 5.06 10.90
C LEU A 72 -1.97 4.13 10.18
N ILE A 73 -2.41 2.95 9.82
CA ILE A 73 -1.51 2.00 9.11
C ILE A 73 -0.58 2.76 8.16
N THR A 74 -1.13 3.42 7.19
CA THR A 74 -0.28 4.17 6.22
C THR A 74 0.86 4.87 6.96
N GLU A 75 0.60 5.40 8.12
CA GLU A 75 1.69 6.10 8.88
C GLU A 75 2.48 5.08 9.71
N TRP A 76 1.95 3.91 9.89
CA TRP A 76 2.68 2.89 10.70
C TRP A 76 3.56 2.05 9.79
N VAL A 77 3.48 2.25 8.50
CA VAL A 77 4.34 1.46 7.57
C VAL A 77 5.23 2.40 6.77
N LYS A 78 5.44 3.60 7.25
CA LYS A 78 6.31 4.55 6.51
C LYS A 78 7.73 4.51 7.08
N GLY A 79 8.55 3.63 6.58
CA GLY A 79 9.95 3.52 7.09
C GLY A 79 10.23 2.08 7.49
N LYS A 80 9.25 1.22 7.41
CA LYS A 80 9.46 -0.19 7.78
C LYS A 80 9.93 -0.98 6.55
N SER A 81 10.39 -2.18 6.74
CA SER A 81 10.87 -2.99 5.59
C SER A 81 9.80 -4.01 5.20
N LEU A 82 10.03 -4.75 4.15
CA LEU A 82 9.02 -5.77 3.73
C LEU A 82 8.94 -6.88 4.78
N GLU A 83 9.97 -7.03 5.59
CA GLU A 83 9.95 -8.08 6.64
C GLU A 83 8.94 -7.72 7.72
N GLU A 84 8.89 -6.47 8.11
CA GLU A 84 7.93 -6.05 9.17
C GLU A 84 6.53 -5.88 8.57
N ALA A 85 6.42 -5.15 7.50
CA ALA A 85 5.09 -4.94 6.87
C ALA A 85 4.61 -6.27 6.27
N GLY A 86 5.49 -7.22 6.12
CA GLY A 86 5.09 -8.53 5.54
C GLY A 86 4.84 -9.53 6.66
N ALA A 87 4.48 -9.06 7.83
CA ALA A 87 4.21 -9.98 8.95
C ALA A 87 3.36 -9.26 10.00
N ILE A 88 2.72 -8.20 9.62
CA ILE A 88 1.87 -7.45 10.59
C ILE A 88 0.53 -8.16 10.74
N LYS A 89 -0.27 -7.74 11.69
CA LYS A 89 -1.59 -8.39 11.88
C LYS A 89 -2.67 -7.32 12.10
N ASN A 90 -3.83 -7.52 11.54
CA ASN A 90 -4.91 -6.51 11.71
C ASN A 90 -5.38 -6.50 13.16
N SER A 91 -5.17 -7.57 13.88
CA SER A 91 -5.61 -7.62 15.29
C SER A 91 -4.98 -6.45 16.07
N GLN A 92 -3.76 -6.10 15.74
CA GLN A 92 -3.10 -4.97 16.45
C GLN A 92 -3.71 -3.65 15.99
N ILE A 93 -3.64 -3.35 14.72
CA ILE A 93 -4.20 -2.07 14.22
C ILE A 93 -5.60 -1.85 14.80
N ALA A 94 -6.39 -2.89 14.89
CA ALA A 94 -7.77 -2.73 15.44
C ALA A 94 -7.70 -2.53 16.96
N GLU A 95 -6.88 -3.29 17.63
CA GLU A 95 -6.77 -3.15 19.11
C GLU A 95 -6.40 -1.71 19.47
N GLU A 96 -5.67 -1.05 18.63
CA GLU A 96 -5.27 0.35 18.93
C GLU A 96 -6.43 1.31 18.62
N LEU A 97 -7.14 1.07 17.55
CA LEU A 97 -8.28 1.96 17.19
C LEU A 97 -9.58 1.36 17.74
N GLU A 98 -9.52 0.19 18.29
CA GLU A 98 -10.76 -0.44 18.83
C GLU A 98 -11.92 -0.20 17.87
N LEU A 99 -11.69 -0.37 16.59
CA LEU A 99 -12.78 -0.15 15.59
C LEU A 99 -13.79 -1.31 15.66
N PRO A 100 -15.02 -1.05 15.34
CA PRO A 100 -16.10 -2.07 15.36
C PRO A 100 -15.64 -3.41 14.81
N PRO A 101 -15.50 -4.40 15.65
CA PRO A 101 -15.06 -5.76 15.24
C PRO A 101 -16.21 -6.58 14.63
N VAL A 102 -17.05 -7.15 15.46
CA VAL A 102 -18.19 -7.95 14.93
C VAL A 102 -17.66 -9.02 13.96
N LYS A 103 -17.31 -8.64 12.77
CA LYS A 103 -16.79 -9.64 11.80
C LYS A 103 -15.36 -9.27 11.40
N VAL A 104 -14.89 -8.14 11.86
CA VAL A 104 -13.50 -7.72 11.52
C VAL A 104 -13.26 -7.89 10.02
N HIS A 105 -14.03 -7.22 9.20
CA HIS A 105 -13.83 -7.35 7.73
C HIS A 105 -12.85 -6.28 7.25
N CYS A 106 -12.94 -5.10 7.79
CA CYS A 106 -12.02 -4.01 7.35
C CYS A 106 -10.61 -4.30 7.88
N SER A 107 -10.41 -4.24 9.17
CA SER A 107 -9.06 -4.52 9.72
C SER A 107 -8.40 -5.64 8.93
N ILE A 108 -8.94 -6.82 9.00
CA ILE A 108 -8.35 -7.96 8.24
C ILE A 108 -8.01 -7.48 6.82
N LEU A 109 -8.89 -6.74 6.21
CA LEU A 109 -8.63 -6.25 4.83
C LEU A 109 -7.36 -5.39 4.85
N ALA A 110 -7.17 -4.61 5.88
CA ALA A 110 -5.95 -3.75 5.96
C ALA A 110 -4.70 -4.63 5.86
N GLU A 111 -4.58 -5.59 6.72
CA GLU A 111 -3.38 -6.49 6.68
C GLU A 111 -3.29 -7.13 5.30
N ASP A 112 -4.28 -7.89 4.91
CA ASP A 112 -4.25 -8.54 3.58
C ASP A 112 -3.82 -7.51 2.53
N ALA A 113 -4.17 -6.27 2.74
CA ALA A 113 -3.78 -5.22 1.76
C ALA A 113 -2.25 -5.15 1.68
N ILE A 114 -1.60 -5.01 2.80
CA ILE A 114 -0.12 -4.95 2.78
C ILE A 114 0.42 -6.13 1.96
N LYS A 115 -0.18 -7.27 2.11
CA LYS A 115 0.27 -8.46 1.34
C LYS A 115 -0.14 -8.30 -0.13
N ALA A 116 -1.13 -7.50 -0.39
CA ALA A 116 -1.58 -7.30 -1.79
C ALA A 116 -0.53 -6.50 -2.56
N ALA A 117 -0.25 -5.30 -2.13
CA ALA A 117 0.77 -4.47 -2.83
C ALA A 117 2.11 -5.20 -2.84
N ILE A 118 2.40 -5.93 -1.79
CA ILE A 118 3.69 -6.68 -1.73
C ILE A 118 3.67 -7.80 -2.76
N ALA A 119 2.59 -8.52 -2.86
CA ALA A 119 2.51 -9.63 -3.86
C ALA A 119 2.70 -9.05 -5.26
N ASP A 120 2.04 -7.97 -5.58
CA ASP A 120 2.19 -7.37 -6.92
C ASP A 120 3.60 -6.80 -7.08
N TYR A 121 4.21 -6.43 -5.98
CA TYR A 121 5.59 -5.87 -6.06
C TYR A 121 6.56 -6.95 -6.55
N LYS A 122 6.75 -7.99 -5.78
CA LYS A 122 7.68 -9.08 -6.20
C LYS A 122 7.21 -9.63 -7.55
N ALA A 123 5.95 -9.52 -7.85
CA ALA A 123 5.44 -10.04 -9.15
C ALA A 123 6.21 -9.38 -10.30
N LYS A 124 6.36 -8.08 -10.27
CA LYS A 124 7.10 -7.39 -11.36
C LYS A 124 8.60 -7.62 -11.18
N GLN A 125 8.96 -8.59 -10.38
CA GLN A 125 10.41 -8.87 -10.16
C GLN A 125 10.73 -10.28 -10.65
N GLY A 126 9.78 -10.96 -11.22
CA GLY A 126 10.03 -12.33 -11.73
C GLY A 126 10.82 -12.26 -13.04
N LEU A 127 11.12 -11.07 -13.50
CA LEU A 127 11.89 -10.94 -14.76
C LEU A 127 11.15 -11.67 -15.89
N GLU A 128 9.84 -11.60 -15.90
CA GLU A 128 9.06 -12.30 -16.97
C GLU A 128 8.33 -11.27 -17.82
N HIS A 129 8.62 -11.21 -19.10
CA HIS A 129 7.93 -10.24 -19.98
C HIS A 129 7.26 -10.98 -21.13
N HIS A 130 6.20 -10.43 -21.68
CA HIS A 130 5.51 -11.11 -22.80
C HIS A 130 4.97 -10.06 -23.78
N HIS A 131 4.41 -9.00 -23.29
CA HIS A 131 3.87 -7.94 -24.19
C HIS A 131 4.87 -7.69 -25.33
N HIS A 132 4.51 -8.03 -26.53
CA HIS A 132 5.45 -7.81 -27.68
C HIS A 132 5.03 -6.56 -28.45
N HIS A 133 3.99 -5.90 -28.01
CA HIS A 133 3.54 -4.66 -28.71
C HIS A 133 4.23 -3.45 -28.11
N HIS A 134 4.23 -3.34 -26.81
CA HIS A 134 4.89 -2.18 -26.15
C HIS A 134 4.13 -0.90 -26.50
ZN ZN B . -15.94 -2.43 6.77
N MET A 1 8.60 42.07 -5.49
CA MET A 1 9.97 42.60 -5.76
C MET A 1 9.94 43.52 -6.98
N ALA A 2 9.70 42.98 -8.14
CA ALA A 2 9.65 43.82 -9.36
C ALA A 2 8.32 43.60 -10.08
N TYR A 3 8.30 43.74 -11.38
CA TYR A 3 7.04 43.54 -12.14
C TYR A 3 7.11 42.22 -12.91
N SER A 4 6.00 41.56 -13.10
CA SER A 4 6.01 40.28 -13.84
C SER A 4 5.57 40.53 -15.29
N GLU A 5 5.85 39.60 -16.17
CA GLU A 5 5.45 39.79 -17.59
C GLU A 5 4.45 38.71 -17.99
N LYS A 6 4.07 37.87 -17.06
CA LYS A 6 3.10 36.79 -17.38
C LYS A 6 1.88 36.91 -16.47
N VAL A 7 1.00 35.94 -16.52
CA VAL A 7 -0.21 36.00 -15.65
C VAL A 7 -0.28 34.72 -14.80
N ILE A 8 -1.42 34.46 -14.21
CA ILE A 8 -1.54 33.23 -13.37
C ILE A 8 -0.75 32.09 -14.03
N ASP A 9 -0.37 31.11 -13.28
CA ASP A 9 0.40 29.98 -13.85
C ASP A 9 -0.19 28.64 -13.37
N HIS A 10 0.66 27.70 -13.04
CA HIS A 10 0.15 26.39 -12.56
C HIS A 10 0.20 26.34 -11.04
N TYR A 11 -0.35 25.32 -10.44
CA TYR A 11 -0.33 25.22 -8.96
C TYR A 11 1.06 24.75 -8.50
N GLU A 12 2.02 24.77 -9.38
CA GLU A 12 3.38 24.32 -8.99
C GLU A 12 3.33 22.89 -8.45
N ASN A 13 4.41 22.40 -7.91
CA ASN A 13 4.42 21.02 -7.36
C ASN A 13 5.07 21.03 -5.98
N PRO A 14 4.46 21.68 -5.04
CA PRO A 14 4.98 21.77 -3.64
C PRO A 14 5.45 20.41 -3.11
N ARG A 15 4.56 19.46 -3.03
CA ARG A 15 4.95 18.12 -2.51
C ARG A 15 5.53 17.29 -3.66
N ASN A 16 6.80 17.02 -3.63
CA ASN A 16 7.43 16.21 -4.71
C ASN A 16 6.51 15.03 -5.05
N VAL A 17 6.41 14.68 -6.31
CA VAL A 17 5.54 13.54 -6.70
C VAL A 17 5.97 12.28 -5.94
N GLY A 18 5.09 11.33 -5.80
CA GLY A 18 5.45 10.07 -5.09
C GLY A 18 5.37 8.89 -6.06
N SER A 19 4.18 8.46 -6.40
CA SER A 19 4.04 7.32 -7.34
C SER A 19 4.39 7.79 -8.75
N LEU A 20 5.10 7.00 -9.50
CA LEU A 20 5.46 7.41 -10.88
C LEU A 20 4.42 6.88 -11.87
N ASP A 21 4.79 5.91 -12.67
CA ASP A 21 3.82 5.35 -13.66
C ASP A 21 2.90 4.35 -12.97
N LYS A 22 3.01 4.20 -11.68
CA LYS A 22 2.13 3.23 -10.96
C LYS A 22 2.61 1.81 -11.25
N LYS A 23 3.46 1.64 -12.22
CA LYS A 23 3.95 0.28 -12.55
C LYS A 23 5.48 0.28 -12.58
N ASP A 24 6.10 0.98 -11.68
CA ASP A 24 7.59 1.02 -11.65
C ASP A 24 8.12 -0.20 -10.90
N SER A 25 9.39 -0.50 -11.04
CA SER A 25 9.96 -1.68 -10.34
C SER A 25 10.07 -1.39 -8.84
N ASN A 26 9.77 -0.19 -8.44
CA ASN A 26 9.87 0.17 -6.99
C ASN A 26 8.52 0.70 -6.51
N VAL A 27 7.46 0.38 -7.20
CA VAL A 27 6.12 0.87 -6.77
C VAL A 27 5.12 -0.30 -6.76
N GLY A 28 4.98 -0.95 -5.64
CA GLY A 28 4.02 -2.09 -5.56
C GLY A 28 2.61 -1.55 -5.28
N THR A 29 1.61 -2.19 -5.83
CA THR A 29 0.22 -1.69 -5.59
C THR A 29 -0.69 -2.87 -5.26
N GLY A 30 -1.70 -2.64 -4.46
CA GLY A 30 -2.64 -3.73 -4.09
C GLY A 30 -4.07 -3.18 -4.02
N MET A 31 -5.03 -3.92 -4.49
CA MET A 31 -6.43 -3.42 -4.46
C MET A 31 -7.35 -4.53 -3.94
N VAL A 32 -7.93 -4.33 -2.77
CA VAL A 32 -8.85 -5.36 -2.21
C VAL A 32 -10.18 -4.70 -1.87
N GLY A 33 -11.26 -5.44 -1.94
CA GLY A 33 -12.59 -4.85 -1.62
C GLY A 33 -13.31 -5.73 -0.61
N ALA A 34 -14.51 -5.37 -0.24
CA ALA A 34 -15.27 -6.20 0.74
C ALA A 34 -16.77 -6.10 0.44
N PRO A 35 -17.47 -7.21 0.45
CA PRO A 35 -18.93 -7.23 0.17
C PRO A 35 -19.76 -6.70 1.35
N ALA A 36 -19.35 -7.01 2.56
CA ALA A 36 -20.11 -6.52 3.74
C ALA A 36 -20.23 -5.00 3.69
N CYS A 37 -19.12 -4.30 3.70
CA CYS A 37 -19.17 -2.82 3.64
C CYS A 37 -19.20 -2.38 2.18
N GLY A 38 -19.22 -3.31 1.25
CA GLY A 38 -19.24 -2.95 -0.18
C GLY A 38 -18.30 -1.76 -0.42
N ASP A 39 -17.12 -1.81 0.12
CA ASP A 39 -16.17 -0.68 -0.07
C ASP A 39 -14.95 -1.17 -0.84
N VAL A 40 -14.36 -0.30 -1.63
CA VAL A 40 -13.15 -0.70 -2.41
C VAL A 40 -11.92 0.01 -1.84
N MET A 41 -10.99 -0.74 -1.32
CA MET A 41 -9.76 -0.09 -0.75
C MET A 41 -8.58 -0.30 -1.69
N GLN A 42 -7.95 0.77 -2.11
CA GLN A 42 -6.78 0.63 -3.01
C GLN A 42 -5.51 1.07 -2.27
N LEU A 43 -4.76 0.15 -1.75
CA LEU A 43 -3.53 0.52 -1.01
C LEU A 43 -2.32 0.49 -1.95
N GLN A 44 -1.47 1.46 -1.86
CA GLN A 44 -0.28 1.50 -2.75
C GLN A 44 0.98 1.77 -1.91
N ILE A 45 1.95 0.90 -1.98
CA ILE A 45 3.20 1.10 -1.19
C ILE A 45 4.33 1.55 -2.11
N LYS A 46 5.32 2.22 -1.58
CA LYS A 46 6.45 2.67 -2.42
C LYS A 46 7.77 2.22 -1.79
N VAL A 47 8.77 1.98 -2.59
CA VAL A 47 10.08 1.53 -2.03
C VAL A 47 11.21 2.31 -2.69
N ASP A 48 12.29 2.55 -1.99
CA ASP A 48 13.42 3.30 -2.59
C ASP A 48 14.18 2.39 -3.55
N ASP A 49 15.25 1.78 -3.10
CA ASP A 49 16.03 0.89 -4.00
C ASP A 49 16.77 -0.17 -3.17
N ASN A 50 16.35 -0.36 -1.94
CA ASN A 50 17.03 -1.38 -1.09
C ASN A 50 15.99 -2.28 -0.43
N GLY A 51 14.79 -1.80 -0.26
CA GLY A 51 13.72 -2.63 0.37
C GLY A 51 13.07 -1.84 1.50
N ILE A 52 13.36 -0.57 1.61
CA ILE A 52 12.76 0.25 2.69
C ILE A 52 11.58 1.05 2.12
N ILE A 53 10.47 1.05 2.81
CA ILE A 53 9.29 1.83 2.31
C ILE A 53 9.52 3.31 2.58
N GLU A 54 9.72 4.09 1.55
CA GLU A 54 9.96 5.54 1.75
C GLU A 54 8.61 6.28 1.77
N ASP A 55 7.69 5.88 0.94
CA ASP A 55 6.36 6.55 0.92
C ASP A 55 5.26 5.50 0.74
N ALA A 56 4.03 5.90 0.90
CA ALA A 56 2.91 4.92 0.74
C ALA A 56 1.61 5.68 0.52
N LYS A 57 0.94 5.45 -0.58
CA LYS A 57 -0.34 6.16 -0.86
C LYS A 57 -1.50 5.27 -0.43
N PHE A 58 -2.66 5.85 -0.24
CA PHE A 58 -3.84 5.04 0.18
C PHE A 58 -5.12 5.68 -0.35
N LYS A 59 -6.22 4.99 -0.24
CA LYS A 59 -7.50 5.56 -0.73
C LYS A 59 -8.67 4.65 -0.31
N THR A 60 -9.33 4.99 0.77
CA THR A 60 -10.47 4.15 1.22
C THR A 60 -11.79 4.91 1.01
N TYR A 61 -12.53 4.54 0.01
CA TYR A 61 -13.82 5.24 -0.25
C TYR A 61 -14.98 4.24 -0.17
N GLY A 62 -15.68 4.21 0.93
CA GLY A 62 -16.82 3.26 1.07
C GLY A 62 -16.97 2.85 2.53
N CYS A 63 -15.88 2.55 3.19
CA CYS A 63 -15.96 2.13 4.62
C CYS A 63 -15.90 3.37 5.52
N GLY A 64 -17.00 3.77 6.08
CA GLY A 64 -16.99 4.97 6.96
C GLY A 64 -16.57 4.57 8.37
N SER A 65 -15.37 4.10 8.53
CA SER A 65 -14.89 3.68 9.88
C SER A 65 -13.48 3.10 9.77
N ALA A 66 -13.08 2.71 8.59
CA ALA A 66 -11.72 2.14 8.41
C ALA A 66 -10.77 3.23 7.90
N ILE A 67 -11.31 4.31 7.41
CA ILE A 67 -10.44 5.41 6.89
C ILE A 67 -9.26 5.62 7.84
N ALA A 68 -9.48 6.33 8.91
CA ALA A 68 -8.38 6.58 9.89
C ALA A 68 -7.46 5.35 9.95
N SER A 69 -8.00 4.20 10.25
CA SER A 69 -7.15 2.98 10.32
C SER A 69 -6.23 2.93 9.10
N SER A 70 -6.79 2.93 7.93
CA SER A 70 -5.94 2.88 6.71
C SER A 70 -4.81 3.92 6.82
N SER A 71 -5.11 5.07 7.38
CA SER A 71 -4.05 6.12 7.52
C SER A 71 -3.04 5.67 8.57
N LEU A 72 -3.48 4.95 9.58
CA LEU A 72 -2.53 4.49 10.63
C LEU A 72 -1.56 3.47 10.03
N ILE A 73 -2.05 2.30 9.67
CA ILE A 73 -1.15 1.28 9.08
C ILE A 73 -0.20 1.95 8.09
N THR A 74 -0.71 2.81 7.25
CA THR A 74 0.16 3.50 6.26
C THR A 74 1.25 4.27 7.01
N GLU A 75 0.93 4.79 8.16
CA GLU A 75 1.94 5.55 8.94
C GLU A 75 2.81 4.58 9.73
N TRP A 76 2.49 3.32 9.70
CA TRP A 76 3.29 2.31 10.45
C TRP A 76 4.28 1.64 9.50
N VAL A 77 3.97 1.57 8.23
CA VAL A 77 4.89 0.90 7.27
C VAL A 77 5.80 1.96 6.62
N LYS A 78 5.60 3.20 6.94
CA LYS A 78 6.45 4.26 6.32
C LYS A 78 7.78 4.36 7.09
N GLY A 79 8.85 3.91 6.50
CA GLY A 79 10.16 3.99 7.19
C GLY A 79 10.59 2.59 7.64
N LYS A 80 9.67 1.69 7.78
CA LYS A 80 10.04 0.31 8.22
C LYS A 80 10.48 -0.52 7.00
N SER A 81 10.86 -1.74 7.22
CA SER A 81 11.31 -2.60 6.08
C SER A 81 10.14 -3.44 5.57
N LEU A 82 10.31 -4.13 4.48
CA LEU A 82 9.20 -4.97 3.94
C LEU A 82 9.03 -6.20 4.82
N GLU A 83 10.08 -6.65 5.45
CA GLU A 83 9.97 -7.86 6.32
C GLU A 83 8.98 -7.58 7.44
N GLU A 84 8.79 -6.33 7.78
CA GLU A 84 7.84 -5.98 8.87
C GLU A 84 6.45 -5.76 8.28
N ALA A 85 6.34 -4.93 7.28
CA ALA A 85 5.01 -4.68 6.67
C ALA A 85 4.41 -6.00 6.19
N GLY A 86 5.23 -6.89 5.70
CA GLY A 86 4.71 -8.21 5.23
C GLY A 86 4.56 -9.16 6.41
N ALA A 87 3.96 -8.71 7.48
CA ALA A 87 3.79 -9.59 8.67
C ALA A 87 2.77 -8.96 9.62
N ILE A 88 2.80 -7.66 9.75
CA ILE A 88 1.83 -6.98 10.66
C ILE A 88 0.48 -7.69 10.60
N LYS A 89 -0.36 -7.48 11.58
CA LYS A 89 -1.69 -8.13 11.56
C LYS A 89 -2.78 -7.09 11.84
N ASN A 90 -4.02 -7.46 11.69
CA ASN A 90 -5.12 -6.48 11.93
C ASN A 90 -5.46 -6.47 13.43
N SER A 91 -5.01 -7.46 14.14
CA SER A 91 -5.32 -7.51 15.61
C SER A 91 -4.77 -6.26 16.29
N GLN A 92 -3.60 -5.82 15.90
CA GLN A 92 -3.02 -4.60 16.53
C GLN A 92 -3.80 -3.36 16.09
N ILE A 93 -3.96 -3.18 14.80
CA ILE A 93 -4.72 -2.00 14.31
C ILE A 93 -6.10 -1.97 14.96
N ALA A 94 -6.74 -3.10 15.08
CA ALA A 94 -8.10 -3.12 15.69
C ALA A 94 -7.97 -2.79 17.18
N GLU A 95 -6.87 -3.10 17.79
CA GLU A 95 -6.69 -2.80 19.24
C GLU A 95 -6.48 -1.30 19.42
N GLU A 96 -5.68 -0.69 18.58
CA GLU A 96 -5.43 0.77 18.70
C GLU A 96 -6.66 1.56 18.26
N LEU A 97 -7.48 0.97 17.43
CA LEU A 97 -8.70 1.70 16.97
C LEU A 97 -9.94 1.09 17.61
N GLU A 98 -9.96 -0.20 17.79
CA GLU A 98 -11.15 -0.85 18.41
C GLU A 98 -12.37 -0.62 17.52
N LEU A 99 -12.16 -0.28 16.28
CA LEU A 99 -13.30 -0.04 15.36
C LEU A 99 -14.29 -1.20 15.46
N PRO A 100 -15.55 -0.93 15.25
CA PRO A 100 -16.62 -1.96 15.31
C PRO A 100 -16.20 -3.28 14.67
N PRO A 101 -16.79 -4.37 15.09
CA PRO A 101 -16.47 -5.72 14.55
C PRO A 101 -17.02 -5.92 13.13
N VAL A 102 -18.31 -6.10 13.00
CA VAL A 102 -18.90 -6.31 11.65
C VAL A 102 -18.00 -7.25 10.85
N LYS A 103 -17.59 -8.34 11.44
CA LYS A 103 -16.71 -9.30 10.70
C LYS A 103 -15.29 -8.73 10.65
N VAL A 104 -15.03 -7.69 11.39
CA VAL A 104 -13.66 -7.11 11.38
C VAL A 104 -13.07 -7.20 9.98
N HIS A 105 -13.90 -7.23 8.97
CA HIS A 105 -13.39 -7.33 7.58
C HIS A 105 -12.59 -6.07 7.25
N CYS A 106 -13.02 -4.93 7.73
CA CYS A 106 -12.29 -3.66 7.42
C CYS A 106 -10.82 -3.80 7.85
N SER A 107 -10.57 -3.94 9.13
CA SER A 107 -9.17 -4.09 9.58
C SER A 107 -8.49 -5.23 8.84
N ILE A 108 -9.04 -6.41 8.91
CA ILE A 108 -8.43 -7.57 8.20
C ILE A 108 -8.08 -7.17 6.76
N LEU A 109 -8.85 -6.29 6.18
CA LEU A 109 -8.56 -5.86 4.79
C LEU A 109 -7.29 -5.00 4.78
N ALA A 110 -7.10 -4.19 5.79
CA ALA A 110 -5.88 -3.35 5.84
C ALA A 110 -4.65 -4.26 5.82
N GLU A 111 -4.66 -5.31 6.60
CA GLU A 111 -3.49 -6.24 6.61
C GLU A 111 -3.40 -6.96 5.26
N ASP A 112 -4.47 -7.59 4.86
CA ASP A 112 -4.46 -8.32 3.55
C ASP A 112 -4.01 -7.37 2.45
N ALA A 113 -4.18 -6.09 2.65
CA ALA A 113 -3.77 -5.11 1.60
C ALA A 113 -2.25 -5.00 1.58
N ILE A 114 -1.64 -4.80 2.72
CA ILE A 114 -0.16 -4.70 2.76
C ILE A 114 0.45 -5.92 2.05
N LYS A 115 -0.13 -7.07 2.24
CA LYS A 115 0.39 -8.29 1.57
C LYS A 115 0.02 -8.25 0.08
N ALA A 116 -1.21 -8.00 -0.22
CA ALA A 116 -1.63 -7.94 -1.65
C ALA A 116 -0.69 -7.01 -2.42
N ALA A 117 -0.39 -5.87 -1.86
CA ALA A 117 0.54 -4.93 -2.55
C ALA A 117 1.94 -5.51 -2.55
N ILE A 118 2.50 -5.76 -1.39
CA ILE A 118 3.87 -6.34 -1.32
C ILE A 118 4.00 -7.43 -2.40
N ALA A 119 2.96 -8.19 -2.62
CA ALA A 119 3.03 -9.25 -3.66
C ALA A 119 3.27 -8.60 -5.02
N ASP A 120 2.40 -7.71 -5.43
CA ASP A 120 2.58 -7.04 -6.74
C ASP A 120 4.00 -6.48 -6.83
N TYR A 121 4.55 -6.07 -5.72
CA TYR A 121 5.93 -5.51 -5.73
C TYR A 121 6.91 -6.59 -6.19
N LYS A 122 6.99 -7.68 -5.49
CA LYS A 122 7.92 -8.77 -5.90
C LYS A 122 7.53 -9.28 -7.29
N ALA A 123 6.27 -9.49 -7.52
CA ALA A 123 5.83 -9.99 -8.86
C ALA A 123 6.43 -9.11 -9.95
N LYS A 124 6.22 -7.82 -9.87
CA LYS A 124 6.79 -6.92 -10.92
C LYS A 124 8.26 -7.24 -11.13
N GLN A 125 8.94 -7.70 -10.10
CA GLN A 125 10.38 -8.03 -10.24
C GLN A 125 10.53 -9.51 -10.62
N GLY A 126 10.89 -10.33 -9.68
CA GLY A 126 11.04 -11.78 -9.99
C GLY A 126 12.38 -12.02 -10.69
N LEU A 127 12.90 -11.02 -11.35
CA LEU A 127 14.20 -11.20 -12.06
C LEU A 127 15.31 -11.43 -11.03
N GLU A 128 14.97 -11.83 -9.84
CA GLU A 128 16.01 -12.07 -8.80
C GLU A 128 16.75 -13.37 -9.11
N HIS A 129 16.15 -14.49 -8.80
CA HIS A 129 16.83 -15.79 -9.07
C HIS A 129 16.06 -16.53 -10.18
N HIS A 130 16.76 -17.26 -11.01
CA HIS A 130 16.08 -17.99 -12.12
C HIS A 130 15.73 -19.40 -11.64
N HIS A 131 15.16 -20.20 -12.51
CA HIS A 131 14.78 -21.58 -12.11
C HIS A 131 13.66 -21.53 -11.07
N HIS A 132 12.76 -20.60 -11.20
CA HIS A 132 11.64 -20.51 -10.22
C HIS A 132 10.51 -21.46 -10.66
N HIS A 133 10.65 -22.08 -11.79
CA HIS A 133 9.59 -23.02 -12.27
C HIS A 133 9.27 -24.02 -11.16
N HIS A 134 8.06 -24.53 -11.14
CA HIS A 134 7.69 -25.51 -10.08
C HIS A 134 7.59 -24.79 -8.74
ZN ZN B . -15.90 -2.49 5.72
N MET A 1 -29.71 23.28 5.31
CA MET A 1 -28.87 23.94 4.26
C MET A 1 -27.65 24.60 4.91
N ALA A 2 -26.72 23.81 5.38
CA ALA A 2 -25.51 24.38 6.02
C ALA A 2 -24.51 24.78 4.94
N TYR A 3 -23.61 25.67 5.25
CA TYR A 3 -22.60 26.10 4.23
C TYR A 3 -23.30 26.90 3.14
N SER A 4 -22.57 27.29 2.13
CA SER A 4 -23.19 28.08 1.01
C SER A 4 -22.73 27.50 -0.32
N GLU A 5 -23.38 27.87 -1.40
CA GLU A 5 -22.98 27.34 -2.73
C GLU A 5 -21.55 27.79 -3.05
N LYS A 6 -20.60 27.36 -2.28
CA LYS A 6 -19.19 27.76 -2.53
C LYS A 6 -18.51 26.71 -3.42
N VAL A 7 -19.02 26.50 -4.60
CA VAL A 7 -18.40 25.49 -5.51
C VAL A 7 -16.88 25.57 -5.41
N ILE A 8 -16.22 24.44 -5.36
CA ILE A 8 -14.74 24.46 -5.26
C ILE A 8 -14.12 24.50 -6.66
N ASP A 9 -13.40 23.48 -7.03
CA ASP A 9 -12.78 23.48 -8.39
C ASP A 9 -12.70 22.04 -8.91
N HIS A 10 -11.64 21.34 -8.59
CA HIS A 10 -11.51 19.93 -9.07
C HIS A 10 -11.67 18.98 -7.89
N TYR A 11 -11.11 19.32 -6.76
CA TYR A 11 -11.24 18.43 -5.56
C TYR A 11 -10.39 18.99 -4.43
N GLU A 12 -9.09 19.02 -4.59
CA GLU A 12 -8.22 19.56 -3.50
C GLU A 12 -6.76 19.48 -3.95
N ASN A 13 -6.51 18.99 -5.14
CA ASN A 13 -5.10 18.88 -5.62
C ASN A 13 -4.29 18.02 -4.66
N PRO A 14 -4.36 16.72 -4.82
CA PRO A 14 -3.62 15.76 -3.96
C PRO A 14 -2.10 15.97 -4.05
N ARG A 15 -1.35 14.91 -4.19
CA ARG A 15 0.13 15.04 -4.28
C ARG A 15 0.54 15.05 -5.76
N ASN A 16 1.45 15.93 -6.12
CA ASN A 16 1.89 15.98 -7.54
C ASN A 16 2.50 14.63 -7.94
N VAL A 17 3.48 14.63 -8.79
CA VAL A 17 4.10 13.34 -9.22
C VAL A 17 4.85 12.73 -8.04
N GLY A 18 4.88 11.42 -7.95
CA GLY A 18 5.60 10.77 -6.82
C GLY A 18 6.15 9.42 -7.28
N SER A 19 5.29 8.52 -7.67
CA SER A 19 5.77 7.18 -8.13
C SER A 19 6.11 7.23 -9.61
N LEU A 20 6.82 6.25 -10.11
CA LEU A 20 7.19 6.25 -11.55
C LEU A 20 6.02 5.70 -12.37
N ASP A 21 5.99 4.40 -12.56
CA ASP A 21 4.88 3.79 -13.35
C ASP A 21 4.41 2.50 -12.67
N LYS A 22 3.13 2.37 -12.47
CA LYS A 22 2.62 1.13 -11.81
C LYS A 22 3.38 -0.08 -12.35
N LYS A 23 3.68 -0.09 -13.62
CA LYS A 23 4.41 -1.25 -14.20
C LYS A 23 5.88 -1.16 -13.83
N ASP A 24 6.17 -0.92 -12.57
CA ASP A 24 7.60 -0.83 -12.14
C ASP A 24 7.85 -1.80 -10.99
N SER A 25 8.94 -2.51 -11.04
CA SER A 25 9.25 -3.48 -9.95
C SER A 25 9.63 -2.73 -8.68
N ASN A 26 9.67 -1.42 -8.74
CA ASN A 26 10.03 -0.62 -7.54
C ASN A 26 8.77 0.02 -6.95
N VAL A 27 7.62 -0.47 -7.32
CA VAL A 27 6.36 0.12 -6.79
C VAL A 27 5.26 -0.96 -6.77
N GLY A 28 5.05 -1.57 -5.64
CA GLY A 28 3.99 -2.63 -5.56
C GLY A 28 2.63 -1.97 -5.35
N THR A 29 1.58 -2.59 -5.81
CA THR A 29 0.23 -2.01 -5.63
C THR A 29 -0.70 -3.05 -5.00
N GLY A 30 -1.67 -2.62 -4.25
CA GLY A 30 -2.61 -3.58 -3.61
C GLY A 30 -4.04 -3.05 -3.71
N MET A 31 -4.94 -3.84 -4.23
CA MET A 31 -6.35 -3.37 -4.36
C MET A 31 -7.30 -4.42 -3.78
N VAL A 32 -8.11 -4.04 -2.83
CA VAL A 32 -9.05 -5.00 -2.21
C VAL A 32 -10.40 -4.31 -1.96
N GLY A 33 -11.42 -5.07 -1.69
CA GLY A 33 -12.76 -4.47 -1.42
C GLY A 33 -13.50 -5.30 -0.39
N ALA A 34 -14.56 -4.77 0.17
CA ALA A 34 -15.32 -5.54 1.19
C ALA A 34 -16.83 -5.38 0.95
N PRO A 35 -17.56 -6.47 0.95
CA PRO A 35 -19.04 -6.44 0.73
C PRO A 35 -19.80 -5.94 1.96
N ALA A 36 -19.35 -6.32 3.13
CA ALA A 36 -20.03 -5.87 4.38
C ALA A 36 -20.19 -4.35 4.34
N CYS A 37 -19.11 -3.64 4.21
CA CYS A 37 -19.20 -2.15 4.17
C CYS A 37 -19.33 -1.70 2.71
N GLY A 38 -19.25 -2.62 1.79
CA GLY A 38 -19.37 -2.25 0.36
C GLY A 38 -18.45 -1.06 0.06
N ASP A 39 -17.22 -1.14 0.50
CA ASP A 39 -16.27 -0.01 0.25
C ASP A 39 -15.06 -0.53 -0.51
N VAL A 40 -14.58 0.22 -1.47
CA VAL A 40 -13.39 -0.22 -2.25
C VAL A 40 -12.13 0.35 -1.61
N MET A 41 -11.20 -0.50 -1.24
CA MET A 41 -9.95 0.00 -0.60
C MET A 41 -8.76 -0.28 -1.52
N GLN A 42 -7.80 0.61 -1.54
CA GLN A 42 -6.61 0.39 -2.40
C GLN A 42 -5.39 1.04 -1.75
N LEU A 43 -4.37 0.27 -1.46
CA LEU A 43 -3.17 0.85 -0.81
C LEU A 43 -1.92 0.43 -1.59
N GLN A 44 -1.07 1.38 -1.92
CA GLN A 44 0.16 1.04 -2.66
C GLN A 44 1.38 1.53 -1.88
N ILE A 45 2.52 0.92 -2.09
CA ILE A 45 3.73 1.36 -1.35
C ILE A 45 4.90 1.53 -2.32
N LYS A 46 5.67 2.57 -2.17
CA LYS A 46 6.82 2.78 -3.09
C LYS A 46 8.11 2.37 -2.39
N VAL A 47 9.07 1.87 -3.13
CA VAL A 47 10.35 1.45 -2.50
C VAL A 47 11.49 2.32 -3.03
N ASP A 48 12.24 2.93 -2.15
CA ASP A 48 13.38 3.79 -2.60
C ASP A 48 14.39 2.94 -3.35
N ASP A 49 15.42 2.49 -2.68
CA ASP A 49 16.46 1.66 -3.35
C ASP A 49 17.24 0.89 -2.29
N ASN A 50 16.65 0.69 -1.14
CA ASN A 50 17.36 -0.06 -0.06
C ASN A 50 16.37 -0.97 0.68
N GLY A 51 15.26 -1.27 0.06
CA GLY A 51 14.26 -2.15 0.71
C GLY A 51 13.43 -1.34 1.71
N ILE A 52 13.60 -0.05 1.71
CA ILE A 52 12.81 0.81 2.66
C ILE A 52 11.64 1.45 1.92
N ILE A 53 10.62 1.82 2.62
CA ILE A 53 9.43 2.44 1.95
C ILE A 53 9.50 3.96 2.11
N GLU A 54 9.77 4.65 1.04
CA GLU A 54 9.86 6.15 1.11
C GLU A 54 8.49 6.72 1.49
N ASP A 55 7.43 6.20 0.92
CA ASP A 55 6.08 6.72 1.24
C ASP A 55 5.02 5.66 0.94
N ALA A 56 3.82 5.86 1.39
CA ALA A 56 2.74 4.85 1.12
C ALA A 56 1.49 5.58 0.61
N LYS A 57 0.94 5.11 -0.49
CA LYS A 57 -0.28 5.78 -1.04
C LYS A 57 -1.52 5.05 -0.54
N PHE A 58 -2.44 5.75 0.06
CA PHE A 58 -3.67 5.10 0.57
C PHE A 58 -4.89 5.62 -0.20
N LYS A 59 -5.96 4.87 -0.21
CA LYS A 59 -7.17 5.32 -0.95
C LYS A 59 -8.36 4.46 -0.54
N THR A 60 -9.18 4.95 0.35
CA THR A 60 -10.37 4.16 0.79
C THR A 60 -11.36 5.08 1.51
N TYR A 61 -12.51 5.30 0.94
CA TYR A 61 -13.51 6.18 1.60
C TYR A 61 -14.90 5.55 1.48
N GLY A 62 -15.39 4.96 2.54
CA GLY A 62 -16.74 4.34 2.48
C GLY A 62 -16.96 3.49 3.73
N CYS A 63 -15.95 3.33 4.54
CA CYS A 63 -16.12 2.51 5.78
C CYS A 63 -16.55 3.42 6.93
N GLY A 64 -16.76 2.86 8.10
CA GLY A 64 -17.18 3.70 9.25
C GLY A 64 -16.07 3.73 10.30
N SER A 65 -15.08 2.89 10.16
CA SER A 65 -13.97 2.87 11.15
C SER A 65 -12.64 2.64 10.42
N ALA A 66 -12.69 2.17 9.20
CA ALA A 66 -11.44 1.92 8.44
C ALA A 66 -10.91 3.24 7.88
N ILE A 67 -11.69 4.28 7.95
CA ILE A 67 -11.24 5.60 7.42
C ILE A 67 -10.08 6.12 8.27
N ALA A 68 -10.16 5.98 9.56
CA ALA A 68 -9.06 6.47 10.44
C ALA A 68 -7.87 5.51 10.37
N SER A 69 -8.13 4.25 10.12
CA SER A 69 -7.01 3.27 10.04
C SER A 69 -6.04 3.68 8.92
N SER A 70 -6.53 3.78 7.71
CA SER A 70 -5.65 4.17 6.58
C SER A 70 -4.60 5.18 7.06
N SER A 71 -5.01 6.19 7.78
CA SER A 71 -4.03 7.19 8.28
C SER A 71 -3.07 6.53 9.27
N LEU A 72 -3.59 5.78 10.20
CA LEU A 72 -2.70 5.11 11.20
C LEU A 72 -1.78 4.13 10.48
N ILE A 73 -2.30 3.01 10.05
CA ILE A 73 -1.47 2.01 9.34
C ILE A 73 -0.46 2.73 8.44
N THR A 74 -0.94 3.54 7.54
CA THR A 74 -0.01 4.26 6.61
C THR A 74 1.14 4.87 7.43
N GLU A 75 0.84 5.51 8.52
CA GLU A 75 1.92 6.13 9.35
C GLU A 75 2.74 5.03 10.01
N TRP A 76 2.26 3.82 10.00
CA TRP A 76 3.02 2.71 10.64
C TRP A 76 3.95 2.06 9.61
N VAL A 77 3.57 2.06 8.37
CA VAL A 77 4.43 1.44 7.33
C VAL A 77 5.07 2.54 6.47
N LYS A 78 5.34 3.69 7.05
CA LYS A 78 5.96 4.79 6.27
C LYS A 78 7.44 4.92 6.66
N GLY A 79 8.32 4.42 5.85
CA GLY A 79 9.78 4.52 6.18
C GLY A 79 10.24 3.22 6.83
N LYS A 80 9.40 2.22 6.84
CA LYS A 80 9.80 0.93 7.47
C LYS A 80 10.40 0.01 6.40
N SER A 81 10.74 -1.20 6.78
CA SER A 81 11.34 -2.14 5.79
C SER A 81 10.26 -3.11 5.29
N LEU A 82 10.38 -3.55 4.07
CA LEU A 82 9.37 -4.51 3.52
C LEU A 82 9.27 -5.72 4.44
N GLU A 83 10.28 -5.95 5.24
CA GLU A 83 10.27 -7.12 6.15
C GLU A 83 9.12 -6.95 7.17
N GLU A 84 9.07 -5.83 7.82
CA GLU A 84 7.99 -5.60 8.83
C GLU A 84 6.64 -5.49 8.11
N ALA A 85 6.53 -4.59 7.17
CA ALA A 85 5.25 -4.43 6.44
C ALA A 85 4.72 -5.81 6.05
N GLY A 86 5.57 -6.66 5.56
CA GLY A 86 5.12 -8.02 5.16
C GLY A 86 5.13 -8.95 6.38
N ALA A 87 4.49 -8.54 7.45
CA ALA A 87 4.46 -9.39 8.67
C ALA A 87 3.40 -8.85 9.64
N ILE A 88 3.38 -7.57 9.86
CA ILE A 88 2.38 -6.99 10.79
C ILE A 88 1.06 -7.76 10.66
N LYS A 89 0.22 -7.71 11.66
CA LYS A 89 -1.08 -8.43 11.59
C LYS A 89 -2.23 -7.43 11.77
N ASN A 90 -3.44 -7.86 11.51
CA ASN A 90 -4.59 -6.93 11.67
C ASN A 90 -5.03 -6.91 13.13
N SER A 91 -4.66 -7.92 13.89
CA SER A 91 -5.05 -7.96 15.32
C SER A 91 -4.65 -6.64 15.99
N GLN A 92 -3.49 -6.13 15.67
CA GLN A 92 -3.04 -4.85 16.29
C GLN A 92 -3.94 -3.71 15.82
N ILE A 93 -3.82 -3.32 14.58
CA ILE A 93 -4.67 -2.22 14.06
C ILE A 93 -6.09 -2.36 14.58
N ALA A 94 -6.59 -3.57 14.64
CA ALA A 94 -7.98 -3.77 15.15
C ALA A 94 -8.04 -3.40 16.63
N GLU A 95 -7.18 -3.97 17.43
CA GLU A 95 -7.18 -3.66 18.89
C GLU A 95 -7.25 -2.15 19.09
N GLU A 96 -6.42 -1.41 18.39
CA GLU A 96 -6.43 0.07 18.55
C GLU A 96 -7.81 0.62 18.18
N LEU A 97 -8.43 0.06 17.17
CA LEU A 97 -9.78 0.55 16.76
C LEU A 97 -10.84 -0.05 17.69
N GLU A 98 -10.56 -1.19 18.27
CA GLU A 98 -11.56 -1.82 19.19
C GLU A 98 -12.93 -1.87 18.50
N LEU A 99 -13.05 -2.66 17.47
CA LEU A 99 -14.36 -2.76 16.77
C LEU A 99 -14.94 -4.16 16.97
N PRO A 100 -16.24 -4.27 17.09
CA PRO A 100 -16.92 -5.58 17.29
C PRO A 100 -16.67 -6.55 16.13
N PRO A 101 -16.73 -7.83 16.41
CA PRO A 101 -16.51 -8.89 15.39
C PRO A 101 -17.66 -8.99 14.39
N VAL A 102 -18.54 -8.03 14.39
CA VAL A 102 -19.69 -8.08 13.44
C VAL A 102 -19.24 -7.53 12.09
N LYS A 103 -17.99 -7.17 11.97
CA LYS A 103 -17.49 -6.62 10.67
C LYS A 103 -16.01 -6.27 10.81
N VAL A 104 -15.21 -7.21 11.26
CA VAL A 104 -13.76 -6.94 11.42
C VAL A 104 -13.09 -6.86 10.06
N HIS A 105 -13.80 -7.19 9.01
CA HIS A 105 -13.19 -7.13 7.65
C HIS A 105 -12.30 -5.89 7.55
N CYS A 106 -12.84 -4.73 7.80
CA CYS A 106 -12.04 -3.47 7.71
C CYS A 106 -10.58 -3.75 8.06
N SER A 107 -10.32 -4.24 9.25
CA SER A 107 -8.91 -4.51 9.64
C SER A 107 -8.30 -5.58 8.72
N ILE A 108 -8.93 -6.71 8.62
CA ILE A 108 -8.39 -7.79 7.74
C ILE A 108 -7.98 -7.20 6.39
N LEU A 109 -8.87 -6.51 5.73
CA LEU A 109 -8.55 -5.91 4.41
C LEU A 109 -7.25 -5.09 4.51
N ALA A 110 -7.09 -4.35 5.57
CA ALA A 110 -5.84 -3.54 5.71
C ALA A 110 -4.61 -4.45 5.62
N GLU A 111 -4.45 -5.33 6.56
CA GLU A 111 -3.27 -6.24 6.53
C GLU A 111 -3.23 -6.97 5.18
N ASP A 112 -4.36 -7.41 4.69
CA ASP A 112 -4.38 -8.12 3.39
C ASP A 112 -3.86 -7.20 2.29
N ALA A 113 -4.02 -5.91 2.45
CA ALA A 113 -3.53 -4.96 1.41
C ALA A 113 -2.00 -4.92 1.43
N ILE A 114 -1.41 -4.55 2.53
CA ILE A 114 0.07 -4.49 2.59
C ILE A 114 0.65 -5.80 2.05
N LYS A 115 0.02 -6.90 2.33
CA LYS A 115 0.53 -8.21 1.83
C LYS A 115 0.29 -8.30 0.32
N ALA A 116 -0.76 -7.68 -0.16
CA ALA A 116 -1.04 -7.73 -1.62
C ALA A 116 -0.03 -6.86 -2.37
N ALA A 117 0.30 -5.72 -1.82
CA ALA A 117 1.29 -4.82 -2.49
C ALA A 117 2.65 -5.51 -2.53
N ILE A 118 3.00 -6.22 -1.48
CA ILE A 118 4.32 -6.91 -1.46
C ILE A 118 4.30 -8.06 -2.46
N ALA A 119 3.27 -8.86 -2.43
CA ALA A 119 3.18 -10.02 -3.38
C ALA A 119 3.27 -9.50 -4.82
N ASP A 120 2.50 -8.50 -5.16
CA ASP A 120 2.56 -7.97 -6.54
C ASP A 120 3.97 -7.45 -6.84
N TYR A 121 4.64 -6.92 -5.86
CA TYR A 121 6.02 -6.41 -6.08
C TYR A 121 6.94 -7.56 -6.47
N LYS A 122 6.75 -8.71 -5.88
CA LYS A 122 7.62 -9.87 -6.20
C LYS A 122 7.11 -10.56 -7.47
N ALA A 123 5.82 -10.56 -7.69
CA ALA A 123 5.27 -11.21 -8.91
C ALA A 123 5.49 -10.31 -10.12
N LYS A 124 6.19 -9.22 -9.94
CA LYS A 124 6.44 -8.30 -11.09
C LYS A 124 7.92 -8.30 -11.43
N GLN A 125 8.67 -9.22 -10.86
CA GLN A 125 10.13 -9.27 -11.16
C GLN A 125 10.35 -10.03 -12.46
N GLY A 126 10.10 -11.32 -12.47
CA GLY A 126 10.29 -12.11 -13.71
C GLY A 126 11.05 -13.40 -13.41
N LEU A 127 11.09 -13.81 -12.17
CA LEU A 127 11.82 -15.06 -11.83
C LEU A 127 11.27 -16.22 -12.67
N GLU A 128 10.19 -15.99 -13.36
CA GLU A 128 9.60 -17.06 -14.20
C GLU A 128 10.69 -17.68 -15.07
N HIS A 129 11.41 -16.88 -15.80
CA HIS A 129 12.49 -17.43 -16.66
C HIS A 129 11.87 -18.05 -17.92
N HIS A 130 12.38 -17.71 -19.08
CA HIS A 130 11.81 -18.27 -20.34
C HIS A 130 10.30 -18.06 -20.35
N HIS A 131 9.86 -16.83 -20.24
CA HIS A 131 8.40 -16.56 -20.25
C HIS A 131 7.90 -16.52 -21.69
N HIS A 132 6.79 -17.17 -21.96
CA HIS A 132 6.25 -17.16 -23.36
C HIS A 132 4.96 -16.34 -23.39
N HIS A 133 4.06 -16.59 -22.48
CA HIS A 133 2.78 -15.83 -22.47
C HIS A 133 1.95 -16.24 -21.25
N HIS A 134 1.75 -15.34 -20.33
CA HIS A 134 0.95 -15.69 -19.12
C HIS A 134 -0.06 -14.58 -18.84
ZN ZN B . -15.50 -2.01 6.23
N MET A 1 32.55 10.83 -7.77
CA MET A 1 32.83 10.64 -9.22
C MET A 1 33.85 9.52 -9.40
N ALA A 2 33.42 8.29 -9.34
CA ALA A 2 34.37 7.16 -9.50
C ALA A 2 33.63 5.95 -10.09
N TYR A 3 32.34 6.06 -10.27
CA TYR A 3 31.58 4.92 -10.84
C TYR A 3 31.22 5.22 -12.30
N SER A 4 30.75 6.41 -12.56
CA SER A 4 30.37 6.77 -13.97
C SER A 4 30.76 8.22 -14.23
N GLU A 5 31.05 8.55 -15.47
CA GLU A 5 31.43 9.96 -15.79
C GLU A 5 30.31 10.90 -15.37
N LYS A 6 29.92 11.80 -16.24
CA LYS A 6 28.83 12.75 -15.89
C LYS A 6 27.52 12.26 -16.49
N VAL A 7 26.69 11.61 -15.71
CA VAL A 7 25.39 11.12 -16.25
C VAL A 7 24.66 12.26 -16.94
N ILE A 8 23.80 11.96 -17.88
CA ILE A 8 23.06 13.03 -18.59
C ILE A 8 21.88 13.50 -17.73
N ASP A 9 21.16 14.49 -18.19
CA ASP A 9 19.99 14.98 -17.40
C ASP A 9 19.18 13.79 -16.89
N HIS A 10 19.21 13.54 -15.61
CA HIS A 10 18.43 12.39 -15.05
C HIS A 10 17.48 12.91 -13.97
N TYR A 11 16.80 13.99 -14.24
CA TYR A 11 15.86 14.55 -13.23
C TYR A 11 14.42 14.18 -13.61
N GLU A 12 13.57 14.01 -12.64
CA GLU A 12 12.15 13.65 -12.94
C GLU A 12 11.31 13.75 -11.65
N ASN A 13 10.27 14.53 -11.68
CA ASN A 13 9.42 14.68 -10.48
C ASN A 13 8.27 15.64 -10.78
N PRO A 14 7.40 15.26 -11.68
CA PRO A 14 6.23 16.10 -12.07
C PRO A 14 5.12 16.10 -11.01
N ARG A 15 5.15 17.07 -10.12
CA ARG A 15 4.10 17.12 -9.06
C ARG A 15 4.19 15.88 -8.19
N ASN A 16 3.97 16.03 -6.91
CA ASN A 16 4.03 14.85 -5.99
C ASN A 16 5.34 14.10 -6.22
N VAL A 17 5.68 13.20 -5.33
CA VAL A 17 6.95 12.42 -5.49
C VAL A 17 6.72 10.99 -5.03
N GLY A 18 5.56 10.69 -4.53
CA GLY A 18 5.27 9.30 -4.07
C GLY A 18 5.37 8.33 -5.25
N SER A 19 4.29 8.15 -5.97
CA SER A 19 4.33 7.22 -7.14
C SER A 19 5.24 7.80 -8.22
N LEU A 20 5.43 7.08 -9.30
CA LEU A 20 6.32 7.57 -10.39
C LEU A 20 5.67 7.30 -11.74
N ASP A 21 5.57 6.05 -12.12
CA ASP A 21 4.95 5.71 -13.43
C ASP A 21 3.78 4.75 -13.22
N LYS A 22 3.27 4.68 -12.01
CA LYS A 22 2.13 3.76 -11.73
C LYS A 22 2.54 2.33 -12.11
N LYS A 23 3.73 2.14 -12.59
CA LYS A 23 4.18 0.77 -12.96
C LYS A 23 5.68 0.76 -13.19
N ASP A 24 6.44 1.27 -12.25
CA ASP A 24 7.92 1.30 -12.41
C ASP A 24 8.53 0.07 -11.72
N SER A 25 7.78 -0.99 -11.62
CA SER A 25 8.31 -2.21 -10.95
C SER A 25 8.96 -1.82 -9.62
N ASN A 26 8.78 -0.60 -9.21
CA ASN A 26 9.37 -0.16 -7.91
C ASN A 26 8.25 0.24 -6.95
N VAL A 27 7.03 0.12 -7.37
CA VAL A 27 5.89 0.48 -6.47
C VAL A 27 4.89 -0.67 -6.42
N GLY A 28 4.74 -1.28 -5.28
CA GLY A 28 3.78 -2.42 -5.17
C GLY A 28 2.35 -1.88 -5.19
N THR A 29 1.53 -2.41 -6.05
CA THR A 29 0.12 -1.92 -6.13
C THR A 29 -0.82 -2.99 -5.56
N GLY A 30 -1.82 -2.58 -4.83
CA GLY A 30 -2.76 -3.56 -4.24
C GLY A 30 -4.19 -3.01 -4.29
N MET A 31 -5.12 -3.77 -4.79
CA MET A 31 -6.53 -3.29 -4.86
C MET A 31 -7.45 -4.31 -4.19
N VAL A 32 -7.84 -4.05 -2.98
CA VAL A 32 -8.75 -5.01 -2.27
C VAL A 32 -10.08 -4.33 -1.97
N GLY A 33 -11.05 -5.09 -1.52
CA GLY A 33 -12.38 -4.49 -1.20
C GLY A 33 -13.21 -5.50 -0.40
N ALA A 34 -14.29 -5.06 0.17
CA ALA A 34 -15.14 -6.00 0.97
C ALA A 34 -16.62 -5.74 0.64
N PRO A 35 -17.39 -6.79 0.51
CA PRO A 35 -18.85 -6.68 0.20
C PRO A 35 -19.66 -6.17 1.39
N ALA A 36 -19.63 -6.87 2.49
CA ALA A 36 -20.41 -6.42 3.68
C ALA A 36 -20.30 -4.90 3.81
N CYS A 37 -19.14 -4.35 3.61
CA CYS A 37 -18.97 -2.88 3.72
C CYS A 37 -19.02 -2.25 2.33
N GLY A 38 -19.11 -3.05 1.30
CA GLY A 38 -19.17 -2.50 -0.08
C GLY A 38 -18.17 -1.34 -0.20
N ASP A 39 -16.98 -1.54 0.28
CA ASP A 39 -15.95 -0.46 0.20
C ASP A 39 -14.74 -0.94 -0.59
N VAL A 40 -14.30 -0.16 -1.54
CA VAL A 40 -13.11 -0.57 -2.35
C VAL A 40 -11.89 0.22 -1.89
N MET A 41 -10.88 -0.46 -1.41
CA MET A 41 -9.67 0.26 -0.94
C MET A 41 -8.47 -0.11 -1.81
N GLN A 42 -7.51 0.76 -1.91
CA GLN A 42 -6.30 0.46 -2.74
C GLN A 42 -5.05 0.83 -1.95
N LEU A 43 -4.18 -0.12 -1.73
CA LEU A 43 -2.94 0.17 -0.94
C LEU A 43 -1.73 0.16 -1.88
N GLN A 44 -1.12 1.29 -2.09
CA GLN A 44 0.08 1.35 -2.98
C GLN A 44 1.30 1.75 -2.16
N ILE A 45 2.31 0.92 -2.14
CA ILE A 45 3.53 1.25 -1.34
C ILE A 45 4.71 1.49 -2.28
N LYS A 46 5.49 2.50 -2.03
CA LYS A 46 6.67 2.79 -2.91
C LYS A 46 7.93 2.22 -2.25
N VAL A 47 8.65 1.38 -2.95
CA VAL A 47 9.89 0.79 -2.38
C VAL A 47 11.09 1.19 -3.24
N ASP A 48 12.16 1.59 -2.63
CA ASP A 48 13.36 1.99 -3.41
C ASP A 48 13.88 0.78 -4.19
N ASP A 49 14.25 -0.26 -3.51
CA ASP A 49 14.76 -1.47 -4.21
C ASP A 49 15.41 -2.41 -3.18
N ASN A 50 15.85 -1.87 -2.09
CA ASN A 50 16.49 -2.72 -1.04
C ASN A 50 15.41 -3.32 -0.15
N GLY A 51 14.26 -2.70 -0.10
CA GLY A 51 13.16 -3.24 0.75
C GLY A 51 12.66 -2.12 1.69
N ILE A 52 13.12 -0.92 1.49
CA ILE A 52 12.67 0.20 2.36
C ILE A 52 11.51 0.93 1.69
N ILE A 53 10.46 1.19 2.42
CA ILE A 53 9.29 1.89 1.82
C ILE A 53 9.52 3.40 1.85
N GLU A 54 10.21 3.93 0.89
CA GLU A 54 10.46 5.40 0.86
C GLU A 54 9.16 6.12 1.24
N ASP A 55 8.10 5.83 0.55
CA ASP A 55 6.80 6.49 0.85
C ASP A 55 5.67 5.47 0.67
N ALA A 56 4.44 5.89 0.84
CA ALA A 56 3.31 4.94 0.67
C ALA A 56 2.01 5.71 0.48
N LYS A 57 1.23 5.34 -0.50
CA LYS A 57 -0.06 6.06 -0.74
C LYS A 57 -1.22 5.14 -0.34
N PHE A 58 -2.36 5.71 -0.03
CA PHE A 58 -3.53 4.88 0.37
C PHE A 58 -4.80 5.45 -0.26
N LYS A 59 -5.88 4.73 -0.18
CA LYS A 59 -7.15 5.23 -0.77
C LYS A 59 -8.33 4.37 -0.28
N THR A 60 -9.03 4.85 0.71
CA THR A 60 -10.19 4.05 1.24
C THR A 60 -11.36 5.01 1.55
N TYR A 61 -12.45 4.85 0.87
CA TYR A 61 -13.62 5.74 1.12
C TYR A 61 -14.91 4.98 0.85
N GLY A 62 -15.52 4.44 1.87
CA GLY A 62 -16.78 3.68 1.67
C GLY A 62 -17.08 2.85 2.92
N CYS A 63 -16.13 2.75 3.81
CA CYS A 63 -16.34 1.96 5.05
C CYS A 63 -16.74 2.91 6.19
N GLY A 64 -17.19 2.38 7.29
CA GLY A 64 -17.59 3.25 8.43
C GLY A 64 -16.73 2.90 9.65
N SER A 65 -15.46 2.73 9.48
CA SER A 65 -14.58 2.38 10.63
C SER A 65 -13.12 2.38 10.19
N ALA A 66 -12.88 2.60 8.92
CA ALA A 66 -11.46 2.63 8.43
C ALA A 66 -10.98 4.07 8.35
N ILE A 67 -11.88 5.00 8.24
CA ILE A 67 -11.47 6.43 8.16
C ILE A 67 -10.26 6.67 9.07
N ALA A 68 -10.21 6.02 10.20
CA ALA A 68 -9.05 6.21 11.11
C ALA A 68 -7.90 5.31 10.67
N SER A 69 -8.13 4.03 10.61
CA SER A 69 -7.03 3.10 10.19
C SER A 69 -6.28 3.70 9.01
N SER A 70 -6.97 4.13 7.99
CA SER A 70 -6.28 4.73 6.81
C SER A 70 -5.07 5.53 7.27
N SER A 71 -5.27 6.48 8.14
CA SER A 71 -4.13 7.30 8.63
C SER A 71 -3.14 6.41 9.40
N LEU A 72 -3.64 5.45 10.12
CA LEU A 72 -2.74 4.55 10.90
C LEU A 72 -1.90 3.73 9.93
N ILE A 73 -2.46 2.69 9.37
CA ILE A 73 -1.68 1.84 8.42
C ILE A 73 -0.72 2.72 7.60
N THR A 74 -1.17 3.86 7.17
CA THR A 74 -0.29 4.75 6.38
C THR A 74 0.84 5.29 7.26
N GLU A 75 0.56 5.56 8.50
CA GLU A 75 1.63 6.10 9.40
C GLU A 75 2.42 4.92 10.00
N TRP A 76 2.04 3.72 9.68
CA TRP A 76 2.78 2.55 10.23
C TRP A 76 3.72 1.99 9.16
N VAL A 77 3.43 2.25 7.92
CA VAL A 77 4.32 1.74 6.83
C VAL A 77 4.95 2.94 6.11
N LYS A 78 5.52 3.85 6.83
CA LYS A 78 6.16 5.03 6.18
C LYS A 78 7.64 5.08 6.52
N GLY A 79 8.49 4.65 5.62
CA GLY A 79 9.95 4.67 5.90
C GLY A 79 10.35 3.43 6.68
N LYS A 80 9.47 2.46 6.78
CA LYS A 80 9.81 1.22 7.52
C LYS A 80 10.31 0.15 6.55
N SER A 81 10.46 -1.06 6.99
CA SER A 81 10.94 -2.14 6.10
C SER A 81 9.84 -3.17 5.88
N LEU A 82 10.06 -4.11 4.99
CA LEU A 82 9.01 -5.15 4.74
C LEU A 82 8.82 -6.00 6.01
N GLU A 83 9.85 -6.13 6.80
CA GLU A 83 9.73 -6.94 8.04
C GLU A 83 8.69 -6.30 8.97
N GLU A 84 8.40 -5.04 8.77
CA GLU A 84 7.40 -4.36 9.64
C GLU A 84 6.05 -4.34 8.94
N ALA A 85 6.04 -4.29 7.63
CA ALA A 85 4.75 -4.27 6.88
C ALA A 85 4.19 -5.68 6.79
N GLY A 86 5.04 -6.68 6.86
CA GLY A 86 4.56 -8.08 6.76
C GLY A 86 4.49 -8.69 8.16
N ALA A 87 3.79 -8.06 9.07
CA ALA A 87 3.68 -8.61 10.45
C ALA A 87 2.62 -7.82 11.22
N ILE A 88 2.51 -6.55 10.97
CA ILE A 88 1.49 -5.74 11.69
C ILE A 88 0.21 -6.54 11.85
N LYS A 89 -0.03 -7.48 10.97
CA LYS A 89 -1.27 -8.29 11.08
C LYS A 89 -2.48 -7.38 11.28
N ASN A 90 -3.65 -7.94 11.38
CA ASN A 90 -4.86 -7.10 11.57
C ASN A 90 -5.20 -7.03 13.06
N SER A 91 -5.38 -8.16 13.70
CA SER A 91 -5.71 -8.16 15.15
C SER A 91 -4.93 -7.04 15.86
N GLN A 92 -3.82 -6.63 15.32
CA GLN A 92 -3.03 -5.55 15.97
C GLN A 92 -3.65 -4.19 15.64
N ILE A 93 -3.87 -3.91 14.39
CA ILE A 93 -4.48 -2.59 14.02
C ILE A 93 -5.85 -2.48 14.69
N ALA A 94 -6.61 -3.54 14.71
CA ALA A 94 -7.96 -3.48 15.34
C ALA A 94 -7.79 -3.19 16.84
N GLU A 95 -6.90 -3.87 17.49
CA GLU A 95 -6.70 -3.62 18.95
C GLU A 95 -6.29 -2.17 19.16
N GLU A 96 -5.49 -1.64 18.26
CA GLU A 96 -5.07 -0.22 18.41
C GLU A 96 -6.28 0.69 18.22
N LEU A 97 -7.16 0.35 17.32
CA LEU A 97 -8.36 1.19 17.10
C LEU A 97 -9.35 0.98 18.24
N GLU A 98 -9.23 -0.10 18.95
CA GLU A 98 -10.16 -0.36 20.08
C GLU A 98 -11.58 -0.62 19.53
N LEU A 99 -11.70 -0.77 18.24
CA LEU A 99 -13.05 -1.02 17.65
C LEU A 99 -13.50 -2.44 18.00
N PRO A 100 -14.78 -2.65 18.06
CA PRO A 100 -15.38 -3.99 18.38
C PRO A 100 -15.10 -5.03 17.30
N PRO A 101 -15.32 -6.28 17.60
CA PRO A 101 -15.09 -7.40 16.64
C PRO A 101 -16.22 -7.51 15.62
N VAL A 102 -17.44 -7.36 16.04
CA VAL A 102 -18.58 -7.45 15.09
C VAL A 102 -18.26 -6.66 13.82
N LYS A 103 -17.89 -7.34 12.77
CA LYS A 103 -17.56 -6.63 11.51
C LYS A 103 -16.11 -6.16 11.54
N VAL A 104 -15.19 -7.03 11.85
CA VAL A 104 -13.76 -6.63 11.90
C VAL A 104 -13.17 -6.68 10.49
N HIS A 105 -13.94 -7.10 9.53
CA HIS A 105 -13.42 -7.17 8.14
C HIS A 105 -12.51 -5.96 7.86
N CYS A 106 -13.04 -4.78 7.99
CA CYS A 106 -12.21 -3.56 7.73
C CYS A 106 -10.77 -3.81 8.15
N SER A 107 -10.56 -4.34 9.33
CA SER A 107 -9.16 -4.61 9.79
C SER A 107 -8.55 -5.69 8.90
N ILE A 108 -9.12 -6.86 8.88
CA ILE A 108 -8.56 -7.95 8.03
C ILE A 108 -8.17 -7.37 6.67
N LEU A 109 -8.96 -6.49 6.14
CA LEU A 109 -8.62 -5.88 4.81
C LEU A 109 -7.25 -5.22 4.91
N ALA A 110 -7.12 -4.21 5.72
CA ALA A 110 -5.79 -3.53 5.85
C ALA A 110 -4.67 -4.57 5.73
N GLU A 111 -4.81 -5.67 6.40
CA GLU A 111 -3.75 -6.73 6.33
C GLU A 111 -3.67 -7.27 4.90
N ASP A 112 -4.77 -7.77 4.38
CA ASP A 112 -4.74 -8.32 3.01
C ASP A 112 -4.25 -7.25 2.02
N ALA A 113 -4.32 -6.01 2.40
CA ALA A 113 -3.86 -4.93 1.49
C ALA A 113 -2.34 -4.94 1.41
N ILE A 114 -1.67 -4.96 2.54
CA ILE A 114 -0.18 -4.98 2.53
C ILE A 114 0.30 -6.25 1.80
N LYS A 115 -0.45 -7.32 1.89
CA LYS A 115 -0.03 -8.58 1.22
C LYS A 115 -0.17 -8.41 -0.30
N ALA A 116 -1.34 -8.05 -0.77
CA ALA A 116 -1.53 -7.87 -2.24
C ALA A 116 -0.36 -7.08 -2.82
N ALA A 117 -0.07 -5.94 -2.25
CA ALA A 117 1.06 -5.11 -2.78
C ALA A 117 2.36 -5.91 -2.72
N ILE A 118 2.82 -6.23 -1.54
CA ILE A 118 4.09 -7.00 -1.41
C ILE A 118 4.18 -8.03 -2.55
N ALA A 119 3.07 -8.57 -2.96
CA ALA A 119 3.09 -9.58 -4.05
C ALA A 119 3.30 -8.88 -5.40
N ASP A 120 2.36 -8.07 -5.80
CA ASP A 120 2.49 -7.36 -7.11
C ASP A 120 3.84 -6.64 -7.17
N TYR A 121 4.61 -6.69 -6.11
CA TYR A 121 5.93 -5.99 -6.13
C TYR A 121 7.03 -7.00 -6.44
N LYS A 122 7.14 -8.05 -5.66
CA LYS A 122 8.21 -9.06 -5.92
C LYS A 122 7.89 -9.81 -7.21
N ALA A 123 6.64 -9.90 -7.57
CA ALA A 123 6.27 -10.61 -8.83
C ALA A 123 6.95 -9.94 -10.01
N LYS A 124 7.13 -8.65 -9.96
CA LYS A 124 7.79 -7.94 -11.09
C LYS A 124 9.27 -8.31 -11.13
N GLN A 125 9.90 -8.41 -10.00
CA GLN A 125 11.35 -8.77 -9.99
C GLN A 125 11.50 -10.23 -9.58
N GLY A 126 10.53 -11.04 -9.87
CA GLY A 126 10.62 -12.49 -9.49
C GLY A 126 10.83 -13.34 -10.75
N LEU A 127 9.80 -13.98 -11.21
CA LEU A 127 9.94 -14.83 -12.44
C LEU A 127 10.16 -13.93 -13.66
N GLU A 128 10.95 -12.91 -13.53
CA GLU A 128 11.21 -12.01 -14.68
C GLU A 128 12.64 -11.46 -14.58
N HIS A 129 13.61 -12.28 -14.88
CA HIS A 129 15.02 -11.81 -14.80
C HIS A 129 15.42 -11.15 -16.12
N HIS A 130 14.46 -10.83 -16.95
CA HIS A 130 14.80 -10.19 -18.26
C HIS A 130 13.53 -9.59 -18.87
N HIS A 131 12.88 -10.32 -19.73
CA HIS A 131 11.64 -9.79 -20.37
C HIS A 131 10.83 -10.96 -20.96
N HIS A 132 10.61 -10.94 -22.24
CA HIS A 132 9.85 -12.05 -22.87
C HIS A 132 10.66 -13.35 -22.78
N HIS A 133 10.48 -14.08 -21.71
CA HIS A 133 11.25 -15.35 -21.55
C HIS A 133 10.27 -16.50 -21.27
N HIS A 134 10.37 -17.57 -22.01
CA HIS A 134 9.45 -18.72 -21.79
C HIS A 134 10.15 -20.02 -22.20
ZN ZN B . -15.56 -2.33 5.87
N MET A 1 -12.46 14.32 -35.25
CA MET A 1 -13.88 14.23 -34.83
C MET A 1 -14.18 15.30 -33.77
N ALA A 2 -13.69 16.49 -33.97
CA ALA A 2 -13.94 17.57 -32.97
C ALA A 2 -14.84 18.64 -33.59
N TYR A 3 -16.10 18.35 -33.74
CA TYR A 3 -17.04 19.36 -34.33
C TYR A 3 -16.32 20.12 -35.44
N SER A 4 -16.21 21.43 -35.30
CA SER A 4 -15.52 22.23 -36.35
C SER A 4 -14.20 22.76 -35.80
N GLU A 5 -14.21 23.95 -35.25
CA GLU A 5 -12.94 24.53 -34.71
C GLU A 5 -13.02 24.57 -33.18
N LYS A 6 -11.92 24.40 -32.52
CA LYS A 6 -11.92 24.44 -31.03
C LYS A 6 -10.49 24.35 -30.51
N VAL A 7 -9.73 25.41 -30.63
CA VAL A 7 -8.32 25.38 -30.14
C VAL A 7 -8.29 25.71 -28.66
N ILE A 8 -7.96 24.75 -27.84
CA ILE A 8 -7.90 25.02 -26.37
C ILE A 8 -6.48 24.75 -25.85
N ASP A 9 -6.00 25.57 -24.96
CA ASP A 9 -4.63 25.35 -24.44
C ASP A 9 -4.69 24.59 -23.12
N HIS A 10 -4.19 23.39 -23.10
CA HIS A 10 -4.22 22.58 -21.85
C HIS A 10 -2.93 22.82 -21.05
N TYR A 11 -3.06 23.18 -19.80
CA TYR A 11 -1.85 23.43 -18.98
C TYR A 11 -1.30 22.10 -18.44
N GLU A 12 -1.70 21.73 -17.25
CA GLU A 12 -1.20 20.45 -16.67
C GLU A 12 0.32 20.47 -16.65
N ASN A 13 0.90 20.81 -15.53
CA ASN A 13 2.39 20.86 -15.44
C ASN A 13 2.92 19.52 -14.95
N PRO A 14 4.20 19.28 -15.12
CA PRO A 14 4.87 18.02 -14.69
C PRO A 14 4.48 17.62 -13.27
N ARG A 15 3.72 16.58 -13.11
CA ARG A 15 3.32 16.13 -11.76
C ARG A 15 3.44 14.60 -11.67
N ASN A 16 4.19 14.02 -12.58
CA ASN A 16 4.35 12.54 -12.57
C ASN A 16 5.77 12.20 -12.11
N VAL A 17 6.53 13.19 -11.71
CA VAL A 17 7.93 12.92 -11.26
C VAL A 17 7.89 12.19 -9.91
N GLY A 18 6.96 12.53 -9.06
CA GLY A 18 6.89 11.87 -7.73
C GLY A 18 6.91 10.35 -7.93
N SER A 19 5.76 9.72 -7.98
CA SER A 19 5.73 8.25 -8.18
C SER A 19 6.14 7.93 -9.62
N LEU A 20 6.33 6.67 -9.93
CA LEU A 20 6.73 6.30 -11.31
C LEU A 20 5.52 5.75 -12.06
N ASP A 21 5.27 4.47 -11.95
CA ASP A 21 4.11 3.88 -12.66
C ASP A 21 3.56 2.69 -11.87
N LYS A 22 2.37 2.26 -12.17
CA LYS A 22 1.78 1.12 -11.43
C LYS A 22 2.42 -0.19 -11.93
N LYS A 23 3.05 -0.14 -13.07
CA LYS A 23 3.70 -1.37 -13.61
C LYS A 23 5.22 -1.26 -13.43
N ASP A 24 5.65 -0.53 -12.44
CA ASP A 24 7.12 -0.38 -12.22
C ASP A 24 7.61 -1.50 -11.30
N SER A 25 8.90 -1.70 -11.24
CA SER A 25 9.45 -2.78 -10.37
C SER A 25 9.88 -2.18 -9.02
N ASN A 26 9.53 -0.95 -8.78
CA ASN A 26 9.91 -0.31 -7.50
C ASN A 26 8.67 0.24 -6.80
N VAL A 27 7.52 0.06 -7.40
CA VAL A 27 6.26 0.57 -6.77
C VAL A 27 5.24 -0.55 -6.69
N GLY A 28 5.05 -1.12 -5.53
CA GLY A 28 4.06 -2.22 -5.38
C GLY A 28 2.66 -1.61 -5.21
N THR A 29 1.64 -2.33 -5.54
CA THR A 29 0.26 -1.77 -5.39
C THR A 29 -0.67 -2.83 -4.79
N GLY A 30 -1.36 -2.49 -3.73
CA GLY A 30 -2.29 -3.46 -3.10
C GLY A 30 -3.73 -3.01 -3.33
N MET A 31 -4.53 -3.85 -3.94
CA MET A 31 -5.94 -3.45 -4.20
C MET A 31 -6.89 -4.55 -3.72
N VAL A 32 -7.85 -4.20 -2.92
CA VAL A 32 -8.81 -5.21 -2.42
C VAL A 32 -10.17 -4.56 -2.22
N GLY A 33 -11.13 -5.27 -1.68
CA GLY A 33 -12.48 -4.67 -1.47
C GLY A 33 -13.31 -5.58 -0.56
N ALA A 34 -14.14 -5.00 0.27
CA ALA A 34 -14.98 -5.83 1.18
C ALA A 34 -16.45 -5.70 0.75
N PRO A 35 -17.15 -6.81 0.64
CA PRO A 35 -18.59 -6.80 0.23
C PRO A 35 -19.51 -6.34 1.36
N ALA A 36 -19.41 -6.95 2.51
CA ALA A 36 -20.28 -6.55 3.65
C ALA A 36 -20.51 -5.04 3.60
N CYS A 37 -19.47 -4.28 3.44
CA CYS A 37 -19.63 -2.79 3.39
C CYS A 37 -19.26 -2.28 2.00
N GLY A 38 -19.10 -3.17 1.05
CA GLY A 38 -18.74 -2.72 -0.33
C GLY A 38 -17.77 -1.55 -0.24
N ASP A 39 -16.60 -1.76 0.32
CA ASP A 39 -15.62 -0.65 0.43
C ASP A 39 -14.37 -1.00 -0.38
N VAL A 40 -14.07 -0.22 -1.39
CA VAL A 40 -12.86 -0.51 -2.22
C VAL A 40 -11.64 0.16 -1.59
N MET A 41 -10.65 -0.61 -1.23
CA MET A 41 -9.43 -0.03 -0.61
C MET A 41 -8.24 -0.17 -1.57
N GLN A 42 -7.62 0.91 -1.93
CA GLN A 42 -6.46 0.83 -2.86
C GLN A 42 -5.22 1.39 -2.17
N LEU A 43 -4.38 0.54 -1.64
CA LEU A 43 -3.16 1.04 -0.95
C LEU A 43 -1.95 0.88 -1.88
N GLN A 44 -1.19 1.92 -2.07
CA GLN A 44 0.00 1.83 -2.97
C GLN A 44 1.27 2.06 -2.14
N ILE A 45 2.20 1.14 -2.20
CA ILE A 45 3.45 1.32 -1.42
C ILE A 45 4.61 1.60 -2.37
N LYS A 46 5.53 2.45 -2.00
CA LYS A 46 6.68 2.76 -2.90
C LYS A 46 7.97 2.26 -2.25
N VAL A 47 8.66 1.36 -2.88
CA VAL A 47 9.93 0.84 -2.31
C VAL A 47 11.12 1.56 -2.96
N ASP A 48 12.13 1.85 -2.18
CA ASP A 48 13.31 2.55 -2.76
C ASP A 48 14.31 1.53 -3.29
N ASP A 49 15.31 1.19 -2.52
CA ASP A 49 16.31 0.19 -2.99
C ASP A 49 16.93 -0.51 -1.78
N ASN A 50 16.29 -0.47 -0.65
CA ASN A 50 16.83 -1.14 0.56
C ASN A 50 15.69 -1.69 1.40
N GLY A 51 14.72 -2.30 0.78
CA GLY A 51 13.58 -2.86 1.55
C GLY A 51 12.99 -1.77 2.46
N ILE A 52 13.06 -0.54 2.04
CA ILE A 52 12.52 0.56 2.89
C ILE A 52 11.44 1.32 2.11
N ILE A 53 10.31 1.55 2.70
CA ILE A 53 9.23 2.29 2.00
C ILE A 53 9.43 3.80 2.21
N GLU A 54 9.80 4.50 1.17
CA GLU A 54 10.02 5.96 1.31
C GLU A 54 8.68 6.67 1.50
N ASP A 55 7.61 6.08 1.07
CA ASP A 55 6.28 6.74 1.23
C ASP A 55 5.16 5.76 0.88
N ALA A 56 3.98 5.99 1.37
CA ALA A 56 2.84 5.08 1.07
C ALA A 56 1.61 5.91 0.71
N LYS A 57 0.89 5.52 -0.30
CA LYS A 57 -0.32 6.28 -0.71
C LYS A 57 -1.58 5.58 -0.18
N PHE A 58 -2.51 6.33 0.34
CA PHE A 58 -3.75 5.71 0.88
C PHE A 58 -4.96 6.20 0.07
N LYS A 59 -5.86 5.32 -0.27
CA LYS A 59 -7.05 5.74 -1.06
C LYS A 59 -8.23 4.82 -0.73
N THR A 60 -8.96 5.12 0.31
CA THR A 60 -10.12 4.27 0.68
C THR A 60 -11.25 5.14 1.20
N TYR A 61 -12.47 4.86 0.83
CA TYR A 61 -13.62 5.68 1.30
C TYR A 61 -14.92 4.89 1.11
N GLY A 62 -15.68 4.74 2.16
CA GLY A 62 -16.95 3.98 2.05
C GLY A 62 -17.40 3.51 3.44
N CYS A 63 -16.64 2.67 4.07
CA CYS A 63 -17.03 2.18 5.43
C CYS A 63 -16.41 3.11 6.49
N GLY A 64 -17.13 3.36 7.55
CA GLY A 64 -16.59 4.25 8.61
C GLY A 64 -15.57 3.49 9.45
N SER A 65 -14.83 4.18 10.28
CA SER A 65 -13.81 3.50 11.12
C SER A 65 -12.72 2.90 10.23
N ALA A 66 -13.07 2.47 9.05
CA ALA A 66 -12.05 1.88 8.13
C ALA A 66 -11.07 2.97 7.70
N ILE A 67 -11.57 4.12 7.31
CA ILE A 67 -10.65 5.21 6.87
C ILE A 67 -9.59 5.43 7.94
N ALA A 68 -9.96 6.02 9.05
CA ALA A 68 -8.96 6.27 10.13
C ALA A 68 -7.96 5.12 10.18
N SER A 69 -8.44 3.90 10.17
CA SER A 69 -7.51 2.74 10.22
C SER A 69 -6.49 2.85 9.08
N SER A 70 -6.91 3.39 7.95
CA SER A 70 -5.97 3.53 6.80
C SER A 70 -4.88 4.54 7.15
N SER A 71 -5.24 5.77 7.35
CA SER A 71 -4.22 6.80 7.69
C SER A 71 -3.26 6.23 8.73
N LEU A 72 -3.71 5.31 9.53
CA LEU A 72 -2.83 4.71 10.57
C LEU A 72 -1.89 3.68 9.93
N ILE A 73 -2.38 2.50 9.69
CA ILE A 73 -1.52 1.45 9.07
C ILE A 73 -0.56 2.09 8.08
N THR A 74 -1.02 3.04 7.31
CA THR A 74 -0.12 3.71 6.33
C THR A 74 1.01 4.41 7.07
N GLU A 75 0.68 5.19 8.06
CA GLU A 75 1.75 5.90 8.82
C GLU A 75 2.52 4.89 9.68
N TRP A 76 2.07 3.65 9.69
CA TRP A 76 2.78 2.62 10.50
C TRP A 76 3.89 1.98 9.65
N VAL A 77 3.69 1.90 8.36
CA VAL A 77 4.73 1.28 7.49
C VAL A 77 5.51 2.39 6.77
N LYS A 78 5.26 3.62 7.10
CA LYS A 78 5.97 4.74 6.44
C LYS A 78 7.42 4.82 6.96
N GLY A 79 8.37 4.52 6.13
CA GLY A 79 9.79 4.58 6.58
C GLY A 79 10.21 3.22 7.16
N LYS A 80 9.28 2.34 7.35
CA LYS A 80 9.62 1.00 7.91
C LYS A 80 10.12 0.08 6.80
N SER A 81 10.29 -1.18 7.09
CA SER A 81 10.78 -2.12 6.05
C SER A 81 9.65 -3.09 5.66
N LEU A 82 9.79 -3.77 4.57
CA LEU A 82 8.73 -4.72 4.14
C LEU A 82 8.53 -5.78 5.22
N GLU A 83 9.54 -6.02 6.02
CA GLU A 83 9.41 -7.04 7.09
C GLU A 83 8.26 -6.65 8.03
N GLU A 84 8.24 -5.42 8.47
CA GLU A 84 7.16 -4.98 9.40
C GLU A 84 5.83 -4.93 8.63
N ALA A 85 5.86 -4.53 7.39
CA ALA A 85 4.60 -4.45 6.60
C ALA A 85 3.96 -5.84 6.51
N GLY A 86 4.76 -6.88 6.62
CA GLY A 86 4.20 -8.26 6.54
C GLY A 86 4.16 -8.87 7.94
N ALA A 87 3.71 -8.12 8.90
CA ALA A 87 3.64 -8.66 10.30
C ALA A 87 2.66 -7.82 11.12
N ILE A 88 2.59 -6.54 10.86
CA ILE A 88 1.65 -5.67 11.62
C ILE A 88 0.38 -6.45 11.95
N LYS A 89 -0.18 -7.11 10.98
CA LYS A 89 -1.43 -7.88 11.22
C LYS A 89 -2.56 -6.92 11.59
N ASN A 90 -3.76 -7.19 11.15
CA ASN A 90 -4.90 -6.29 11.47
C ASN A 90 -5.17 -6.33 12.97
N SER A 91 -5.00 -7.47 13.58
CA SER A 91 -5.26 -7.57 15.05
C SER A 91 -4.55 -6.42 15.77
N GLN A 92 -3.35 -6.11 15.37
CA GLN A 92 -2.61 -5.01 16.03
C GLN A 92 -3.40 -3.71 15.91
N ILE A 93 -3.85 -3.40 14.73
CA ILE A 93 -4.64 -2.14 14.54
C ILE A 93 -5.95 -2.24 15.31
N ALA A 94 -6.52 -3.41 15.37
CA ALA A 94 -7.81 -3.58 16.10
C ALA A 94 -7.58 -3.38 17.60
N GLU A 95 -6.36 -3.49 18.05
CA GLU A 95 -6.08 -3.32 19.50
C GLU A 95 -5.82 -1.84 19.81
N GLU A 96 -5.20 -1.14 18.90
CA GLU A 96 -4.90 0.31 19.16
C GLU A 96 -6.11 1.16 18.76
N LEU A 97 -6.92 0.69 17.84
CA LEU A 97 -8.10 1.49 17.41
C LEU A 97 -9.37 0.88 18.01
N GLU A 98 -9.27 -0.28 18.61
CA GLU A 98 -10.48 -0.90 19.21
C GLU A 98 -11.64 -0.81 18.23
N LEU A 99 -11.37 -0.52 16.99
CA LEU A 99 -12.46 -0.40 15.97
C LEU A 99 -13.48 -1.53 16.20
N PRO A 100 -14.72 -1.26 15.91
CA PRO A 100 -15.83 -2.26 16.07
C PRO A 100 -15.40 -3.66 15.61
N PRO A 101 -15.08 -4.52 16.54
CA PRO A 101 -14.65 -5.91 16.23
C PRO A 101 -15.85 -6.84 16.03
N VAL A 102 -17.03 -6.30 15.94
CA VAL A 102 -18.24 -7.15 15.74
C VAL A 102 -17.95 -8.17 14.63
N LYS A 103 -16.85 -8.02 13.94
CA LYS A 103 -16.51 -8.98 12.86
C LYS A 103 -15.10 -8.70 12.34
N VAL A 104 -14.66 -7.47 12.39
CA VAL A 104 -13.29 -7.14 11.92
C VAL A 104 -13.19 -7.44 10.42
N HIS A 105 -13.95 -6.76 9.62
CA HIS A 105 -13.90 -7.00 8.14
C HIS A 105 -12.97 -5.98 7.49
N CYS A 106 -13.25 -4.71 7.66
CA CYS A 106 -12.38 -3.67 7.05
C CYS A 106 -10.94 -3.85 7.54
N SER A 107 -10.77 -4.15 8.80
CA SER A 107 -9.39 -4.34 9.33
C SER A 107 -8.68 -5.44 8.54
N ILE A 108 -9.18 -6.64 8.62
CA ILE A 108 -8.55 -7.76 7.86
C ILE A 108 -8.27 -7.30 6.42
N LEU A 109 -9.09 -6.44 5.89
CA LEU A 109 -8.88 -5.97 4.50
C LEU A 109 -7.55 -5.22 4.43
N ALA A 110 -7.33 -4.29 5.32
CA ALA A 110 -6.04 -3.53 5.31
C ALA A 110 -4.89 -4.53 5.29
N GLU A 111 -4.98 -5.56 6.09
CA GLU A 111 -3.88 -6.57 6.11
C GLU A 111 -3.78 -7.24 4.74
N ASP A 112 -4.85 -7.85 4.28
CA ASP A 112 -4.81 -8.50 2.94
C ASP A 112 -4.26 -7.53 1.91
N ALA A 113 -4.46 -6.26 2.13
CA ALA A 113 -3.94 -5.25 1.17
C ALA A 113 -2.41 -5.22 1.23
N ILE A 114 -1.85 -4.73 2.31
CA ILE A 114 -0.37 -4.69 2.42
C ILE A 114 0.22 -5.97 1.79
N LYS A 115 -0.40 -7.09 2.04
CA LYS A 115 0.12 -8.36 1.46
C LYS A 115 -0.16 -8.38 -0.05
N ALA A 116 -1.21 -7.73 -0.46
CA ALA A 116 -1.54 -7.71 -1.92
C ALA A 116 -0.45 -6.95 -2.68
N ALA A 117 -0.07 -5.79 -2.19
CA ALA A 117 0.99 -5.01 -2.89
C ALA A 117 2.31 -5.80 -2.82
N ILE A 118 2.66 -6.30 -1.66
CA ILE A 118 3.92 -7.07 -1.54
C ILE A 118 3.94 -8.20 -2.58
N ALA A 119 2.85 -8.90 -2.72
CA ALA A 119 2.80 -10.01 -3.71
C ALA A 119 3.06 -9.46 -5.12
N ASP A 120 2.53 -8.30 -5.41
CA ASP A 120 2.75 -7.70 -6.76
C ASP A 120 4.21 -7.26 -6.90
N TYR A 121 4.67 -6.41 -6.02
CA TYR A 121 6.08 -5.96 -6.11
C TYR A 121 7.00 -7.16 -6.33
N LYS A 122 6.74 -8.24 -5.65
CA LYS A 122 7.61 -9.45 -5.83
C LYS A 122 7.41 -10.01 -7.25
N ALA A 123 6.18 -10.11 -7.69
CA ALA A 123 5.93 -10.64 -9.06
C ALA A 123 7.03 -10.14 -10.01
N LYS A 124 7.45 -8.91 -9.85
CA LYS A 124 8.52 -8.37 -10.73
C LYS A 124 9.89 -8.73 -10.15
N GLN A 125 10.05 -8.62 -8.87
CA GLN A 125 11.35 -8.97 -8.24
C GLN A 125 11.26 -10.35 -7.61
N GLY A 126 10.57 -11.26 -8.24
CA GLY A 126 10.45 -12.64 -7.68
C GLY A 126 10.40 -13.65 -8.83
N LEU A 127 9.35 -13.61 -9.61
CA LEU A 127 9.25 -14.57 -10.75
C LEU A 127 10.44 -14.38 -11.68
N GLU A 128 10.86 -13.16 -11.88
CA GLU A 128 12.02 -12.91 -12.78
C GLU A 128 11.95 -13.86 -13.99
N HIS A 129 13.02 -14.55 -14.27
CA HIS A 129 13.01 -15.49 -15.43
C HIS A 129 13.26 -16.91 -14.92
N HIS A 130 12.26 -17.75 -14.95
CA HIS A 130 12.44 -19.15 -14.47
C HIS A 130 11.22 -19.98 -14.85
N HIS A 131 11.42 -21.22 -15.21
CA HIS A 131 10.25 -22.07 -15.58
C HIS A 131 10.43 -23.47 -14.99
N HIS A 132 11.50 -24.14 -15.34
CA HIS A 132 11.74 -25.51 -14.78
C HIS A 132 13.25 -25.80 -14.80
N HIS A 133 13.69 -26.71 -13.97
CA HIS A 133 15.15 -27.04 -13.94
C HIS A 133 15.73 -26.94 -15.35
N HIS A 134 16.81 -26.22 -15.50
CA HIS A 134 17.43 -26.09 -16.84
C HIS A 134 18.80 -25.43 -16.71
ZN ZN B . -16.45 -2.16 6.56
N MET A 1 -17.89 5.00 -24.71
CA MET A 1 -16.64 4.28 -25.07
C MET A 1 -16.95 3.18 -26.09
N ALA A 2 -16.67 3.43 -27.34
CA ALA A 2 -16.95 2.41 -28.39
C ALA A 2 -15.62 1.83 -28.89
N TYR A 3 -14.55 2.55 -28.76
CA TYR A 3 -13.24 2.04 -29.24
C TYR A 3 -12.21 2.14 -28.12
N SER A 4 -12.60 2.68 -26.99
CA SER A 4 -11.63 2.81 -25.86
C SER A 4 -11.24 1.40 -25.38
N GLU A 5 -12.02 0.41 -25.70
CA GLU A 5 -11.70 -0.97 -25.26
C GLU A 5 -10.66 -1.59 -26.21
N LYS A 6 -10.74 -1.25 -27.47
CA LYS A 6 -9.77 -1.82 -28.45
C LYS A 6 -8.48 -0.99 -28.42
N VAL A 7 -8.55 0.24 -28.86
CA VAL A 7 -7.34 1.10 -28.85
C VAL A 7 -6.85 1.30 -27.41
N ILE A 8 -5.57 1.19 -27.19
CA ILE A 8 -5.03 1.37 -25.81
C ILE A 8 -5.47 2.73 -25.27
N ASP A 9 -6.00 2.77 -24.08
CA ASP A 9 -6.46 4.07 -23.50
C ASP A 9 -5.26 4.80 -22.88
N HIS A 10 -4.06 4.45 -23.29
CA HIS A 10 -2.86 5.13 -22.73
C HIS A 10 -3.01 6.64 -22.88
N TYR A 11 -2.10 7.40 -22.34
CA TYR A 11 -2.19 8.88 -22.46
C TYR A 11 -0.78 9.49 -22.45
N GLU A 12 -0.68 10.79 -22.44
CA GLU A 12 0.65 11.45 -22.43
C GLU A 12 1.00 11.87 -21.01
N ASN A 13 0.10 11.65 -20.09
CA ASN A 13 0.37 12.03 -18.67
C ASN A 13 -0.72 11.43 -17.77
N PRO A 14 -0.77 10.13 -17.71
CA PRO A 14 -1.76 9.40 -16.89
C PRO A 14 -1.98 10.04 -15.52
N ARG A 15 -3.20 10.30 -15.15
CA ARG A 15 -3.48 10.92 -13.83
C ARG A 15 -4.25 9.93 -12.94
N ASN A 16 -5.01 9.06 -13.55
CA ASN A 16 -5.78 8.07 -12.75
C ASN A 16 -4.89 6.87 -12.41
N VAL A 17 -5.46 5.69 -12.35
CA VAL A 17 -4.65 4.49 -12.04
C VAL A 17 -4.00 4.66 -10.66
N GLY A 18 -2.74 4.99 -10.62
CA GLY A 18 -2.05 5.17 -9.32
C GLY A 18 -0.61 4.67 -9.42
N SER A 19 0.28 5.47 -9.91
CA SER A 19 1.70 5.05 -10.04
C SER A 19 2.60 6.28 -10.09
N LEU A 20 3.89 6.10 -9.93
CA LEU A 20 4.82 7.26 -9.97
C LEU A 20 5.58 7.26 -11.30
N ASP A 21 6.53 6.37 -11.44
CA ASP A 21 7.31 6.31 -12.70
C ASP A 21 6.64 5.34 -13.68
N LYS A 22 5.76 4.50 -13.18
CA LYS A 22 5.08 3.53 -14.07
C LYS A 22 6.07 2.46 -14.52
N LYS A 23 7.34 2.76 -14.49
CA LYS A 23 8.35 1.76 -14.92
C LYS A 23 8.36 0.59 -13.93
N ASP A 24 7.76 0.75 -12.80
CA ASP A 24 7.73 -0.36 -11.80
C ASP A 24 9.14 -0.57 -11.24
N SER A 25 9.48 -1.79 -10.90
CA SER A 25 10.84 -2.05 -10.35
C SER A 25 10.87 -1.62 -8.88
N ASN A 26 9.84 -0.98 -8.41
CA ASN A 26 9.82 -0.54 -6.99
C ASN A 26 8.47 0.12 -6.68
N VAL A 27 7.44 -0.25 -7.39
CA VAL A 27 6.11 0.35 -7.15
C VAL A 27 5.09 -0.76 -6.86
N GLY A 28 4.79 -0.98 -5.60
CA GLY A 28 3.82 -2.06 -5.26
C GLY A 28 2.39 -1.48 -5.24
N THR A 29 1.44 -2.20 -5.74
CA THR A 29 0.04 -1.70 -5.76
C THR A 29 -0.92 -2.83 -5.39
N GLY A 30 -1.70 -2.65 -4.36
CA GLY A 30 -2.66 -3.71 -3.96
C GLY A 30 -4.08 -3.16 -3.97
N MET A 31 -5.05 -3.98 -4.27
CA MET A 31 -6.45 -3.48 -4.30
C MET A 31 -7.39 -4.59 -3.81
N VAL A 32 -8.22 -4.30 -2.84
CA VAL A 32 -9.16 -5.33 -2.33
C VAL A 32 -10.47 -4.64 -1.91
N GLY A 33 -11.55 -5.38 -1.89
CA GLY A 33 -12.85 -4.77 -1.50
C GLY A 33 -13.61 -5.73 -0.57
N ALA A 34 -14.54 -5.22 0.19
CA ALA A 34 -15.31 -6.10 1.11
C ALA A 34 -16.81 -5.80 0.97
N PRO A 35 -17.64 -6.81 1.04
CA PRO A 35 -19.11 -6.65 0.92
C PRO A 35 -19.73 -6.07 2.19
N ALA A 36 -19.43 -6.65 3.33
CA ALA A 36 -20.01 -6.13 4.59
C ALA A 36 -20.07 -4.61 4.54
N CYS A 37 -18.98 -3.98 4.18
CA CYS A 37 -18.98 -2.49 4.10
C CYS A 37 -19.08 -2.06 2.63
N GLY A 38 -18.97 -2.99 1.72
CA GLY A 38 -19.07 -2.63 0.27
C GLY A 38 -18.09 -1.49 -0.02
N ASP A 39 -16.88 -1.60 0.46
CA ASP A 39 -15.88 -0.52 0.21
C ASP A 39 -14.67 -1.10 -0.53
N VAL A 40 -13.99 -0.28 -1.29
CA VAL A 40 -12.80 -0.79 -2.04
C VAL A 40 -11.55 -0.05 -1.55
N MET A 41 -10.74 -0.71 -0.78
CA MET A 41 -9.50 -0.05 -0.27
C MET A 41 -8.34 -0.32 -1.22
N GLN A 42 -7.49 0.64 -1.40
CA GLN A 42 -6.32 0.45 -2.32
C GLN A 42 -5.05 0.92 -1.64
N LEU A 43 -4.05 0.08 -1.57
CA LEU A 43 -2.78 0.48 -0.90
C LEU A 43 -1.63 0.48 -1.92
N GLN A 44 -0.87 1.53 -1.97
CA GLN A 44 0.27 1.58 -2.93
C GLN A 44 1.55 1.90 -2.17
N ILE A 45 2.46 0.97 -2.10
CA ILE A 45 3.73 1.24 -1.36
C ILE A 45 4.88 1.42 -2.35
N LYS A 46 5.78 2.33 -2.08
CA LYS A 46 6.92 2.55 -3.01
C LYS A 46 8.22 2.12 -2.32
N VAL A 47 9.08 1.45 -3.04
CA VAL A 47 10.36 1.01 -2.42
C VAL A 47 11.52 1.83 -2.99
N ASP A 48 12.51 2.10 -2.18
CA ASP A 48 13.67 2.91 -2.67
C ASP A 48 14.66 2.00 -3.39
N ASP A 49 15.67 1.55 -2.70
CA ASP A 49 16.67 0.64 -3.36
C ASP A 49 17.38 -0.19 -2.29
N ASN A 50 16.82 -0.26 -1.11
CA ASN A 50 17.45 -1.06 -0.03
C ASN A 50 16.38 -1.86 0.71
N GLY A 51 15.16 -1.80 0.25
CA GLY A 51 14.06 -2.55 0.92
C GLY A 51 13.37 -1.63 1.94
N ILE A 52 13.50 -0.35 1.78
CA ILE A 52 12.84 0.60 2.73
C ILE A 52 11.65 1.26 2.04
N ILE A 53 10.60 1.54 2.77
CA ILE A 53 9.41 2.18 2.16
C ILE A 53 9.60 3.71 2.13
N GLU A 54 10.27 4.22 1.14
CA GLU A 54 10.46 5.70 1.07
C GLU A 54 9.15 6.40 1.38
N ASP A 55 8.10 6.07 0.67
CA ASP A 55 6.78 6.70 0.93
C ASP A 55 5.67 5.71 0.59
N ALA A 56 4.48 5.94 1.09
CA ALA A 56 3.36 5.00 0.79
C ALA A 56 2.10 5.78 0.45
N LYS A 57 1.61 5.66 -0.75
CA LYS A 57 0.38 6.39 -1.15
C LYS A 57 -0.82 5.46 -0.99
N PHE A 58 -1.94 5.95 -0.53
CA PHE A 58 -3.12 5.07 -0.36
C PHE A 58 -4.38 5.79 -0.84
N LYS A 59 -5.50 5.12 -0.83
CA LYS A 59 -6.77 5.77 -1.27
C LYS A 59 -7.95 4.90 -0.84
N THR A 60 -8.88 5.46 -0.12
CA THR A 60 -10.06 4.67 0.32
C THR A 60 -11.21 5.62 0.71
N TYR A 61 -12.40 5.34 0.25
CA TYR A 61 -13.55 6.23 0.60
C TYR A 61 -14.84 5.40 0.61
N GLY A 62 -15.57 5.45 1.68
CA GLY A 62 -16.83 4.66 1.76
C GLY A 62 -16.94 4.00 3.13
N CYS A 63 -15.86 3.46 3.62
CA CYS A 63 -15.90 2.79 4.96
C CYS A 63 -15.82 3.85 6.06
N GLY A 64 -16.54 3.66 7.13
CA GLY A 64 -16.49 4.66 8.24
C GLY A 64 -15.52 4.18 9.32
N SER A 65 -14.98 3.00 9.16
CA SER A 65 -14.02 2.48 10.18
C SER A 65 -12.64 2.34 9.54
N ALA A 66 -12.53 2.62 8.27
CA ALA A 66 -11.21 2.49 7.59
C ALA A 66 -10.48 3.84 7.66
N ILE A 67 -11.18 4.92 7.45
CA ILE A 67 -10.53 6.26 7.49
C ILE A 67 -9.54 6.30 8.66
N ALA A 68 -9.94 5.83 9.81
CA ALA A 68 -9.03 5.84 10.98
C ALA A 68 -7.92 4.80 10.78
N SER A 69 -8.28 3.60 10.42
CA SER A 69 -7.25 2.55 10.22
C SER A 69 -6.39 2.90 8.99
N SER A 70 -6.98 2.90 7.83
CA SER A 70 -6.20 3.23 6.60
C SER A 70 -5.18 4.32 6.93
N SER A 71 -5.55 5.29 7.70
CA SER A 71 -4.59 6.37 8.06
C SER A 71 -3.49 5.80 8.96
N LEU A 72 -3.85 4.97 9.89
CA LEU A 72 -2.82 4.38 10.79
C LEU A 72 -1.87 3.51 9.98
N ILE A 73 -2.35 2.44 9.42
CA ILE A 73 -1.48 1.54 8.63
C ILE A 73 -0.53 2.37 7.76
N THR A 74 -1.03 3.37 7.10
CA THR A 74 -0.15 4.22 6.24
C THR A 74 1.01 4.76 7.07
N GLU A 75 0.74 5.26 8.25
CA GLU A 75 1.84 5.80 9.11
C GLU A 75 2.67 4.65 9.67
N TRP A 76 2.04 3.55 9.98
CA TRP A 76 2.81 2.39 10.54
C TRP A 76 3.68 1.78 9.44
N VAL A 77 3.43 2.13 8.21
CA VAL A 77 4.25 1.56 7.10
C VAL A 77 4.92 2.71 6.33
N LYS A 78 5.08 3.85 6.96
CA LYS A 78 5.73 4.99 6.26
C LYS A 78 7.19 5.08 6.68
N GLY A 79 8.09 4.93 5.74
CA GLY A 79 9.54 5.00 6.09
C GLY A 79 9.95 3.73 6.83
N LYS A 80 9.07 2.79 6.94
CA LYS A 80 9.42 1.52 7.66
C LYS A 80 10.12 0.57 6.69
N SER A 81 10.20 -0.69 7.03
CA SER A 81 10.87 -1.66 6.11
C SER A 81 9.86 -2.70 5.63
N LEU A 82 10.12 -3.30 4.50
CA LEU A 82 9.17 -4.32 3.97
C LEU A 82 9.02 -5.46 4.99
N GLU A 83 9.94 -5.56 5.91
CA GLU A 83 9.84 -6.65 6.93
C GLU A 83 8.77 -6.31 7.95
N GLU A 84 8.82 -5.12 8.51
CA GLU A 84 7.80 -4.72 9.51
C GLU A 84 6.42 -4.63 8.84
N ALA A 85 6.37 -4.12 7.64
CA ALA A 85 5.07 -4.00 6.94
C ALA A 85 4.60 -5.39 6.49
N GLY A 86 5.52 -6.22 6.08
CA GLY A 86 5.13 -7.59 5.63
C GLY A 86 5.08 -8.52 6.84
N ALA A 87 4.55 -8.07 7.93
CA ALA A 87 4.47 -8.94 9.14
C ALA A 87 3.34 -8.44 10.03
N ILE A 88 3.16 -7.15 10.11
CA ILE A 88 2.08 -6.60 10.96
C ILE A 88 0.81 -7.44 10.79
N LYS A 89 -0.14 -7.30 11.67
CA LYS A 89 -1.40 -8.10 11.55
C LYS A 89 -2.60 -7.15 11.61
N ASN A 90 -3.78 -7.69 11.66
CA ASN A 90 -4.99 -6.83 11.71
C ASN A 90 -5.51 -6.77 13.16
N SER A 91 -5.04 -7.64 13.99
CA SER A 91 -5.48 -7.63 15.42
C SER A 91 -4.89 -6.42 16.13
N GLN A 92 -3.82 -5.88 15.62
CA GLN A 92 -3.20 -4.70 16.27
C GLN A 92 -4.08 -3.47 16.04
N ILE A 93 -4.33 -3.12 14.81
CA ILE A 93 -5.18 -1.93 14.52
C ILE A 93 -6.58 -2.17 15.09
N ALA A 94 -7.08 -3.36 14.99
CA ALA A 94 -8.44 -3.65 15.51
C ALA A 94 -8.42 -3.56 17.04
N GLU A 95 -7.27 -3.74 17.65
CA GLU A 95 -7.19 -3.67 19.13
C GLU A 95 -6.98 -2.21 19.56
N GLU A 96 -6.49 -1.39 18.67
CA GLU A 96 -6.25 0.05 19.03
C GLU A 96 -7.55 0.84 18.87
N LEU A 97 -8.23 0.68 17.75
CA LEU A 97 -9.50 1.42 17.53
C LEU A 97 -10.67 0.59 18.06
N GLU A 98 -10.44 -0.64 18.37
CA GLU A 98 -11.54 -1.51 18.89
C GLU A 98 -12.82 -1.24 18.10
N LEU A 99 -12.85 -1.63 16.85
CA LEU A 99 -14.08 -1.40 16.03
C LEU A 99 -14.99 -2.62 16.16
N PRO A 100 -16.28 -2.41 16.05
CA PRO A 100 -17.28 -3.52 16.16
C PRO A 100 -16.86 -4.76 15.36
N PRO A 101 -17.21 -5.92 15.83
CA PRO A 101 -16.86 -7.21 15.17
C PRO A 101 -17.62 -7.40 13.84
N VAL A 102 -18.90 -7.12 13.84
CA VAL A 102 -19.68 -7.28 12.59
C VAL A 102 -19.11 -6.39 11.51
N LYS A 103 -18.10 -5.61 11.82
CA LYS A 103 -17.50 -4.71 10.80
C LYS A 103 -15.99 -4.65 11.00
N VAL A 104 -15.39 -5.75 11.39
CA VAL A 104 -13.92 -5.75 11.61
C VAL A 104 -13.21 -5.98 10.27
N HIS A 105 -13.92 -6.44 9.28
CA HIS A 105 -13.28 -6.69 7.96
C HIS A 105 -12.34 -5.53 7.64
N CYS A 106 -12.77 -4.32 7.85
CA CYS A 106 -11.91 -3.15 7.54
C CYS A 106 -10.46 -3.45 7.97
N SER A 107 -10.25 -3.83 9.20
CA SER A 107 -8.86 -4.13 9.66
C SER A 107 -8.32 -5.35 8.91
N ILE A 108 -9.02 -6.45 8.97
CA ILE A 108 -8.53 -7.67 8.26
C ILE A 108 -8.04 -7.27 6.87
N LEU A 109 -8.74 -6.39 6.21
CA LEU A 109 -8.32 -5.96 4.85
C LEU A 109 -6.97 -5.23 4.97
N ALA A 110 -6.86 -4.31 5.88
CA ALA A 110 -5.57 -3.58 6.03
C ALA A 110 -4.41 -4.57 5.91
N GLU A 111 -4.47 -5.66 6.62
CA GLU A 111 -3.38 -6.67 6.55
C GLU A 111 -3.34 -7.29 5.14
N ASP A 112 -4.48 -7.47 4.53
CA ASP A 112 -4.52 -8.06 3.17
C ASP A 112 -3.91 -7.10 2.16
N ALA A 113 -4.07 -5.81 2.36
CA ALA A 113 -3.49 -4.82 1.41
C ALA A 113 -1.97 -4.88 1.48
N ILE A 114 -1.41 -4.89 2.65
CA ILE A 114 0.07 -4.95 2.77
C ILE A 114 0.58 -6.23 2.09
N LYS A 115 -0.13 -7.31 2.24
CA LYS A 115 0.30 -8.58 1.60
C LYS A 115 0.12 -8.48 0.09
N ALA A 116 -1.04 -8.08 -0.36
CA ALA A 116 -1.27 -7.96 -1.82
C ALA A 116 -0.24 -7.00 -2.43
N ALA A 117 0.17 -6.02 -1.68
CA ALA A 117 1.18 -5.06 -2.20
C ALA A 117 2.49 -5.78 -2.46
N ILE A 118 3.05 -6.40 -1.45
CA ILE A 118 4.33 -7.14 -1.64
C ILE A 118 4.16 -8.17 -2.75
N ALA A 119 3.11 -8.94 -2.70
CA ALA A 119 2.88 -9.96 -3.76
C ALA A 119 2.95 -9.30 -5.14
N ASP A 120 2.48 -8.10 -5.25
CA ASP A 120 2.52 -7.40 -6.57
C ASP A 120 3.96 -6.98 -6.88
N TYR A 121 4.57 -6.25 -6.00
CA TYR A 121 5.98 -5.82 -6.24
C TYR A 121 6.77 -6.97 -6.89
N LYS A 122 6.80 -8.11 -6.25
CA LYS A 122 7.53 -9.27 -6.83
C LYS A 122 6.83 -9.76 -8.10
N ALA A 123 5.54 -9.57 -8.17
CA ALA A 123 4.79 -10.04 -9.37
C ALA A 123 5.32 -9.30 -10.61
N LYS A 124 5.50 -8.02 -10.52
CA LYS A 124 6.00 -7.25 -11.70
C LYS A 124 7.45 -7.65 -11.98
N GLN A 125 8.12 -8.20 -11.02
CA GLN A 125 9.54 -8.61 -11.23
C GLN A 125 9.72 -10.07 -10.81
N GLY A 126 9.03 -10.98 -11.43
CA GLY A 126 9.17 -12.42 -11.06
C GLY A 126 9.21 -13.27 -12.32
N LEU A 127 9.15 -12.65 -13.47
CA LEU A 127 9.18 -13.43 -14.75
C LEU A 127 10.26 -12.85 -15.66
N GLU A 128 11.34 -12.39 -15.11
CA GLU A 128 12.43 -11.80 -15.94
C GLU A 128 12.96 -12.87 -16.89
N HIS A 129 13.41 -13.98 -16.38
CA HIS A 129 13.95 -15.05 -17.27
C HIS A 129 13.71 -16.42 -16.63
N HIS A 130 12.53 -16.96 -16.80
CA HIS A 130 12.24 -18.29 -16.20
C HIS A 130 12.92 -19.38 -17.03
N HIS A 131 13.69 -20.23 -16.38
CA HIS A 131 14.39 -21.32 -17.13
C HIS A 131 13.70 -22.65 -16.85
N HIS A 132 12.86 -23.11 -17.74
CA HIS A 132 12.16 -24.41 -17.51
C HIS A 132 13.16 -25.55 -17.71
N HIS A 133 12.68 -26.77 -17.76
CA HIS A 133 13.61 -27.92 -17.95
C HIS A 133 14.53 -28.04 -16.74
N HIS A 134 15.79 -28.27 -16.97
CA HIS A 134 16.75 -28.39 -15.83
C HIS A 134 16.85 -27.05 -15.11
ZN ZN B . -15.46 -1.91 5.98
N MET A 1 -1.13 3.82 -24.50
CA MET A 1 -2.24 4.12 -25.46
C MET A 1 -3.48 4.56 -24.68
N ALA A 2 -3.29 5.09 -23.51
CA ALA A 2 -4.47 5.53 -22.69
C ALA A 2 -5.05 6.81 -23.30
N TYR A 3 -6.05 6.69 -24.13
CA TYR A 3 -6.66 7.90 -24.74
C TYR A 3 -7.00 8.91 -23.65
N SER A 4 -7.41 10.10 -24.03
CA SER A 4 -7.76 11.12 -23.01
C SER A 4 -9.27 11.38 -23.05
N GLU A 5 -9.78 12.09 -22.09
CA GLU A 5 -11.25 12.38 -22.08
C GLU A 5 -11.50 13.72 -21.38
N LYS A 6 -12.67 14.27 -21.55
CA LYS A 6 -12.98 15.57 -20.88
C LYS A 6 -14.10 15.37 -19.86
N VAL A 7 -14.05 16.07 -18.76
CA VAL A 7 -15.11 15.92 -17.73
C VAL A 7 -15.15 14.47 -17.24
N ILE A 8 -16.29 13.99 -16.84
CA ILE A 8 -16.39 12.60 -16.35
C ILE A 8 -15.43 12.40 -15.18
N ASP A 9 -15.70 13.03 -14.06
CA ASP A 9 -14.80 12.88 -12.89
C ASP A 9 -13.34 12.91 -13.34
N HIS A 10 -12.45 12.38 -12.56
CA HIS A 10 -11.01 12.39 -12.95
C HIS A 10 -10.59 13.82 -13.30
N TYR A 11 -9.79 14.43 -12.47
CA TYR A 11 -9.35 15.83 -12.75
C TYR A 11 -8.19 15.81 -13.76
N GLU A 12 -8.48 16.02 -15.01
CA GLU A 12 -7.41 16.02 -16.04
C GLU A 12 -6.48 14.83 -15.82
N ASN A 13 -5.22 14.97 -16.15
CA ASN A 13 -4.27 13.84 -15.97
C ASN A 13 -2.91 14.40 -15.53
N PRO A 14 -2.79 14.72 -14.27
CA PRO A 14 -1.54 15.28 -13.70
C PRO A 14 -0.48 14.20 -13.45
N ARG A 15 -0.24 13.35 -14.43
CA ARG A 15 0.78 12.28 -14.24
C ARG A 15 2.11 12.92 -13.84
N ASN A 16 3.14 12.11 -13.70
CA ASN A 16 4.47 12.67 -13.33
C ASN A 16 5.52 12.24 -14.35
N VAL A 17 6.34 11.28 -14.01
CA VAL A 17 7.38 10.82 -14.96
C VAL A 17 8.15 9.64 -14.34
N GLY A 18 7.75 8.44 -14.64
CA GLY A 18 8.46 7.26 -14.06
C GLY A 18 8.39 7.32 -12.53
N SER A 19 8.47 6.19 -11.88
CA SER A 19 8.42 6.19 -10.39
C SER A 19 7.16 6.91 -9.93
N LEU A 20 6.74 6.68 -8.72
CA LEU A 20 5.52 7.36 -8.20
C LEU A 20 4.30 6.86 -8.98
N ASP A 21 4.48 5.88 -9.82
CA ASP A 21 3.33 5.35 -10.61
C ASP A 21 3.32 3.82 -10.51
N LYS A 22 2.25 3.20 -10.93
CA LYS A 22 2.18 1.71 -10.86
C LYS A 22 2.93 1.11 -12.05
N LYS A 23 3.68 1.92 -12.76
CA LYS A 23 4.43 1.39 -13.92
C LYS A 23 5.78 0.81 -13.46
N ASP A 24 6.18 1.13 -12.26
CA ASP A 24 7.48 0.60 -11.74
C ASP A 24 7.22 -0.40 -10.63
N SER A 25 8.08 -1.39 -10.50
CA SER A 25 7.88 -2.40 -9.42
C SER A 25 8.19 -1.77 -8.06
N ASN A 26 8.86 -0.66 -8.05
CA ASN A 26 9.20 0.00 -6.76
C ASN A 26 7.91 0.45 -6.07
N VAL A 27 6.78 0.19 -6.67
CA VAL A 27 5.49 0.60 -6.05
C VAL A 27 4.48 -0.55 -6.15
N GLY A 28 4.37 -1.34 -5.13
CA GLY A 28 3.40 -2.49 -5.17
C GLY A 28 1.98 -1.95 -5.09
N THR A 29 1.09 -2.51 -5.88
CA THR A 29 -0.33 -2.03 -5.86
C THR A 29 -1.19 -3.07 -5.12
N GLY A 30 -1.67 -2.74 -3.95
CA GLY A 30 -2.52 -3.70 -3.19
C GLY A 30 -3.98 -3.28 -3.27
N MET A 31 -4.70 -3.76 -4.25
CA MET A 31 -6.14 -3.38 -4.37
C MET A 31 -7.01 -4.42 -3.67
N VAL A 32 -8.03 -4.00 -2.99
CA VAL A 32 -8.92 -4.96 -2.28
C VAL A 32 -10.29 -4.30 -2.03
N GLY A 33 -11.23 -5.06 -1.54
CA GLY A 33 -12.58 -4.49 -1.28
C GLY A 33 -13.51 -5.59 -0.77
N ALA A 34 -14.59 -5.23 -0.13
CA ALA A 34 -15.53 -6.26 0.39
C ALA A 34 -16.97 -5.85 0.06
N PRO A 35 -17.80 -6.79 -0.26
CA PRO A 35 -19.24 -6.52 -0.59
C PRO A 35 -20.08 -6.21 0.64
N ALA A 36 -20.10 -7.10 1.59
CA ALA A 36 -20.91 -6.86 2.83
C ALA A 36 -20.73 -5.41 3.29
N CYS A 37 -19.56 -4.87 3.13
CA CYS A 37 -19.32 -3.47 3.55
C CYS A 37 -19.33 -2.55 2.32
N GLY A 38 -19.57 -3.10 1.17
CA GLY A 38 -19.59 -2.26 -0.06
C GLY A 38 -18.49 -1.21 0.03
N ASP A 39 -17.28 -1.61 0.31
CA ASP A 39 -16.17 -0.62 0.41
C ASP A 39 -14.98 -1.11 -0.42
N VAL A 40 -14.27 -0.20 -1.03
CA VAL A 40 -13.10 -0.59 -1.85
C VAL A 40 -11.86 0.16 -1.35
N MET A 41 -10.90 -0.54 -0.81
CA MET A 41 -9.69 0.13 -0.30
C MET A 41 -8.50 -0.16 -1.21
N GLN A 42 -7.68 0.82 -1.47
CA GLN A 42 -6.49 0.61 -2.34
C GLN A 42 -5.23 0.99 -1.57
N LEU A 43 -4.29 0.10 -1.48
CA LEU A 43 -3.04 0.42 -0.74
C LEU A 43 -1.82 0.28 -1.67
N GLN A 44 -0.89 1.19 -1.57
CA GLN A 44 0.31 1.12 -2.44
C GLN A 44 1.55 1.39 -1.59
N ILE A 45 2.60 0.64 -1.77
CA ILE A 45 3.82 0.87 -0.96
C ILE A 45 5.01 1.22 -1.87
N LYS A 46 5.73 2.24 -1.55
CA LYS A 46 6.89 2.63 -2.39
C LYS A 46 8.19 2.27 -1.67
N VAL A 47 9.13 1.69 -2.37
CA VAL A 47 10.41 1.31 -1.72
C VAL A 47 11.56 2.12 -2.33
N ASP A 48 12.59 2.37 -1.57
CA ASP A 48 13.74 3.17 -2.10
C ASP A 48 14.70 2.24 -2.85
N ASP A 49 15.83 1.95 -2.26
CA ASP A 49 16.81 1.06 -2.93
C ASP A 49 17.48 0.15 -1.89
N ASN A 50 16.91 0.07 -0.72
CA ASN A 50 17.52 -0.79 0.34
C ASN A 50 16.44 -1.69 0.95
N GLY A 51 15.21 -1.51 0.54
CA GLY A 51 14.11 -2.35 1.09
C GLY A 51 13.34 -1.55 2.15
N ILE A 52 13.67 -0.31 2.32
CA ILE A 52 12.95 0.53 3.32
C ILE A 52 11.81 1.28 2.64
N ILE A 53 10.66 1.33 3.25
CA ILE A 53 9.52 2.06 2.63
C ILE A 53 9.75 3.57 2.77
N GLU A 54 9.90 4.26 1.67
CA GLU A 54 10.14 5.72 1.74
C GLU A 54 8.79 6.47 1.71
N ASP A 55 7.88 6.01 0.90
CA ASP A 55 6.54 6.68 0.83
C ASP A 55 5.44 5.63 0.73
N ALA A 56 4.21 6.05 0.64
CA ALA A 56 3.09 5.07 0.54
C ALA A 56 1.81 5.81 0.15
N LYS A 57 1.00 5.22 -0.70
CA LYS A 57 -0.26 5.89 -1.11
C LYS A 57 -1.46 5.04 -0.66
N PHE A 58 -2.53 5.68 -0.28
CA PHE A 58 -3.72 4.91 0.18
C PHE A 58 -4.99 5.60 -0.30
N LYS A 59 -6.03 4.85 -0.53
CA LYS A 59 -7.31 5.46 -1.01
C LYS A 59 -8.48 4.56 -0.61
N THR A 60 -9.12 4.85 0.49
CA THR A 60 -10.26 4.01 0.93
C THR A 60 -11.49 4.90 1.14
N TYR A 61 -12.66 4.36 0.91
CA TYR A 61 -13.89 5.16 1.09
C TYR A 61 -15.10 4.23 1.23
N GLY A 62 -16.14 4.67 1.88
CA GLY A 62 -17.34 3.80 2.05
C GLY A 62 -17.38 3.26 3.48
N CYS A 63 -16.32 2.65 3.93
CA CYS A 63 -16.29 2.11 5.32
C CYS A 63 -16.10 3.26 6.30
N GLY A 64 -17.13 3.58 7.05
CA GLY A 64 -17.02 4.69 8.04
C GLY A 64 -16.06 4.28 9.16
N SER A 65 -14.96 3.67 8.82
CA SER A 65 -13.99 3.25 9.87
C SER A 65 -12.64 2.95 9.23
N ALA A 66 -12.57 2.97 7.92
CA ALA A 66 -11.29 2.69 7.24
C ALA A 66 -10.45 3.98 7.17
N ILE A 67 -11.08 5.10 6.93
CA ILE A 67 -10.33 6.38 6.84
C ILE A 67 -9.37 6.49 8.04
N ALA A 68 -9.86 6.26 9.22
CA ALA A 68 -8.99 6.34 10.43
C ALA A 68 -7.92 5.24 10.36
N SER A 69 -8.33 4.02 10.49
CA SER A 69 -7.35 2.89 10.43
C SER A 69 -6.40 3.12 9.26
N SER A 70 -6.87 3.69 8.19
CA SER A 70 -5.98 3.93 7.02
C SER A 70 -4.89 4.94 7.40
N SER A 71 -5.24 6.19 7.51
CA SER A 71 -4.22 7.22 7.87
C SER A 71 -3.24 6.63 8.88
N LEU A 72 -3.68 5.69 9.68
CA LEU A 72 -2.76 5.08 10.67
C LEU A 72 -1.81 4.11 9.98
N ILE A 73 -2.23 2.89 9.78
CA ILE A 73 -1.33 1.89 9.12
C ILE A 73 -0.54 2.57 8.01
N THR A 74 -1.10 3.57 7.38
CA THR A 74 -0.36 4.27 6.28
C THR A 74 0.83 5.02 6.87
N GLU A 75 0.61 5.75 7.93
CA GLU A 75 1.74 6.51 8.55
C GLU A 75 2.61 5.57 9.37
N TRP A 76 2.20 4.34 9.54
CA TRP A 76 3.01 3.38 10.32
C TRP A 76 4.01 2.68 9.39
N VAL A 77 3.66 2.51 8.16
CA VAL A 77 4.59 1.84 7.20
C VAL A 77 5.45 2.89 6.50
N LYS A 78 5.43 4.10 6.99
CA LYS A 78 6.26 5.18 6.37
C LYS A 78 7.67 5.16 6.97
N GLY A 79 8.57 4.42 6.40
CA GLY A 79 9.95 4.36 6.95
C GLY A 79 10.26 2.94 7.43
N LYS A 80 9.25 2.12 7.58
CA LYS A 80 9.48 0.74 8.05
C LYS A 80 10.21 -0.06 6.97
N SER A 81 10.28 -1.36 7.12
CA SER A 81 10.98 -2.19 6.10
C SER A 81 9.99 -3.20 5.51
N LEU A 82 10.44 -4.03 4.61
CA LEU A 82 9.52 -5.05 4.01
C LEU A 82 9.24 -6.15 5.02
N GLU A 83 10.20 -6.47 5.84
CA GLU A 83 9.98 -7.54 6.85
C GLU A 83 8.99 -7.07 7.92
N GLU A 84 8.67 -5.80 7.91
CA GLU A 84 7.71 -5.28 8.91
C GLU A 84 6.33 -5.11 8.26
N ALA A 85 6.27 -4.48 7.12
CA ALA A 85 4.95 -4.30 6.45
C ALA A 85 4.47 -5.63 5.89
N GLY A 86 5.37 -6.52 5.60
CA GLY A 86 4.96 -7.85 5.04
C GLY A 86 4.90 -8.87 6.18
N ALA A 87 4.28 -8.51 7.28
CA ALA A 87 4.18 -9.47 8.41
C ALA A 87 3.11 -8.97 9.39
N ILE A 88 3.03 -7.68 9.58
CA ILE A 88 2.00 -7.13 10.51
C ILE A 88 0.66 -7.81 10.24
N LYS A 89 -0.29 -7.66 11.13
CA LYS A 89 -1.62 -8.29 10.93
C LYS A 89 -2.72 -7.27 11.19
N ASN A 90 -3.96 -7.67 11.07
CA ASN A 90 -5.07 -6.71 11.31
C ASN A 90 -5.47 -6.75 12.79
N SER A 91 -5.10 -7.80 13.48
CA SER A 91 -5.45 -7.89 14.93
C SER A 91 -4.77 -6.76 15.70
N GLN A 92 -3.53 -6.47 15.38
CA GLN A 92 -2.82 -5.36 16.09
C GLN A 92 -3.52 -4.04 15.79
N ILE A 93 -3.57 -3.67 14.53
CA ILE A 93 -4.23 -2.38 14.17
C ILE A 93 -5.63 -2.35 14.79
N ALA A 94 -6.35 -3.45 14.73
CA ALA A 94 -7.71 -3.48 15.32
C ALA A 94 -7.63 -3.16 16.81
N GLU A 95 -6.57 -3.59 17.46
CA GLU A 95 -6.42 -3.32 18.91
C GLU A 95 -6.13 -1.82 19.11
N GLU A 96 -5.34 -1.25 18.24
CA GLU A 96 -5.02 0.19 18.37
C GLU A 96 -6.31 1.00 18.36
N LEU A 97 -7.19 0.73 17.43
CA LEU A 97 -8.47 1.48 17.37
C LEU A 97 -9.56 0.69 18.09
N GLU A 98 -9.32 -0.57 18.33
CA GLU A 98 -10.33 -1.41 19.03
C GLU A 98 -11.73 -1.12 18.44
N LEU A 99 -11.98 -1.61 17.25
CA LEU A 99 -13.32 -1.37 16.64
C LEU A 99 -14.19 -2.62 16.80
N PRO A 100 -15.48 -2.44 16.88
CA PRO A 100 -16.44 -3.56 17.05
C PRO A 100 -16.04 -4.80 16.21
N PRO A 101 -16.24 -5.98 16.76
CA PRO A 101 -15.90 -7.25 16.07
C PRO A 101 -16.93 -7.63 15.00
N VAL A 102 -18.09 -7.02 15.03
CA VAL A 102 -19.13 -7.35 14.02
C VAL A 102 -18.76 -6.72 12.68
N LYS A 103 -17.50 -6.48 12.44
CA LYS A 103 -17.10 -5.86 11.15
C LYS A 103 -15.57 -5.90 11.03
N VAL A 104 -14.95 -6.92 11.55
CA VAL A 104 -13.46 -7.00 11.47
C VAL A 104 -13.04 -6.97 10.00
N HIS A 105 -13.88 -7.40 9.12
CA HIS A 105 -13.53 -7.40 7.66
C HIS A 105 -12.67 -6.16 7.37
N CYS A 106 -13.21 -4.99 7.57
CA CYS A 106 -12.43 -3.76 7.29
C CYS A 106 -10.97 -3.97 7.69
N SER A 107 -10.74 -4.41 8.90
CA SER A 107 -9.34 -4.64 9.35
C SER A 107 -8.70 -5.73 8.49
N ILE A 108 -9.30 -6.88 8.42
CA ILE A 108 -8.72 -7.98 7.60
C ILE A 108 -8.31 -7.44 6.23
N LEU A 109 -9.11 -6.58 5.65
CA LEU A 109 -8.76 -6.01 4.32
C LEU A 109 -7.47 -5.19 4.46
N ALA A 110 -7.30 -4.50 5.54
CA ALA A 110 -6.06 -3.69 5.72
C ALA A 110 -4.83 -4.60 5.63
N GLU A 111 -4.76 -5.59 6.48
CA GLU A 111 -3.59 -6.51 6.45
C GLU A 111 -3.50 -7.18 5.07
N ASP A 112 -4.61 -7.61 4.54
CA ASP A 112 -4.59 -8.27 3.19
C ASP A 112 -4.05 -7.29 2.16
N ALA A 113 -4.27 -6.01 2.35
CA ALA A 113 -3.78 -5.01 1.37
C ALA A 113 -2.24 -5.00 1.39
N ILE A 114 -1.66 -4.76 2.52
CA ILE A 114 -0.17 -4.73 2.60
C ILE A 114 0.40 -6.00 1.97
N LYS A 115 -0.28 -7.11 2.13
CA LYS A 115 0.22 -8.38 1.55
C LYS A 115 0.01 -8.37 0.03
N ALA A 116 -1.16 -8.02 -0.41
CA ALA A 116 -1.43 -7.99 -1.88
C ALA A 116 -0.40 -7.10 -2.57
N ALA A 117 -0.22 -5.89 -2.08
CA ALA A 117 0.77 -4.97 -2.71
C ALA A 117 2.14 -5.66 -2.78
N ILE A 118 2.62 -6.14 -1.67
CA ILE A 118 3.94 -6.82 -1.67
C ILE A 118 3.91 -8.00 -2.64
N ALA A 119 2.74 -8.49 -2.96
CA ALA A 119 2.65 -9.64 -3.91
C ALA A 119 2.84 -9.13 -5.34
N ASP A 120 2.18 -8.07 -5.70
CA ASP A 120 2.33 -7.52 -7.08
C ASP A 120 3.70 -6.84 -7.20
N TYR A 121 4.38 -6.66 -6.10
CA TYR A 121 5.72 -6.00 -6.16
C TYR A 121 6.80 -7.07 -6.31
N LYS A 122 6.76 -8.09 -5.50
CA LYS A 122 7.79 -9.16 -5.61
C LYS A 122 7.60 -9.91 -6.92
N ALA A 123 6.41 -9.87 -7.47
CA ALA A 123 6.15 -10.57 -8.76
C ALA A 123 6.91 -9.87 -9.89
N LYS A 124 7.60 -8.80 -9.58
CA LYS A 124 8.36 -8.08 -10.65
C LYS A 124 8.92 -9.09 -11.65
N GLN A 125 9.22 -10.27 -11.19
CA GLN A 125 9.78 -11.30 -12.11
C GLN A 125 8.66 -12.24 -12.58
N GLY A 126 7.93 -12.81 -11.66
CA GLY A 126 6.83 -13.73 -12.05
C GLY A 126 6.95 -15.04 -11.26
N LEU A 127 7.40 -14.96 -10.04
CA LEU A 127 7.54 -16.20 -9.23
C LEU A 127 6.15 -16.71 -8.83
N GLU A 128 5.13 -15.94 -9.09
CA GLU A 128 3.76 -16.38 -8.74
C GLU A 128 3.69 -16.75 -7.26
N HIS A 129 2.62 -17.35 -6.83
CA HIS A 129 2.50 -17.74 -5.40
C HIS A 129 1.45 -18.84 -5.25
N HIS A 130 1.71 -19.80 -4.39
CA HIS A 130 0.72 -20.90 -4.20
C HIS A 130 0.49 -21.12 -2.70
N HIS A 131 0.65 -22.34 -2.25
CA HIS A 131 0.44 -22.62 -0.80
C HIS A 131 1.70 -23.26 -0.22
N HIS A 132 2.21 -24.28 -0.87
CA HIS A 132 3.44 -24.94 -0.36
C HIS A 132 4.64 -24.56 -1.24
N HIS A 133 5.12 -23.36 -1.11
CA HIS A 133 6.27 -22.92 -1.94
C HIS A 133 7.51 -22.75 -1.05
N HIS A 134 7.73 -23.67 -0.15
CA HIS A 134 8.91 -23.56 0.76
C HIS A 134 10.04 -24.46 0.24
ZN ZN B . -15.93 -2.71 5.69
N MET A 1 -1.85 31.88 17.17
CA MET A 1 -2.61 30.62 17.39
C MET A 1 -2.86 29.92 16.05
N ALA A 2 -1.82 29.56 15.37
CA ALA A 2 -1.99 28.88 14.05
C ALA A 2 -2.31 29.92 12.98
N TYR A 3 -2.31 29.52 11.74
CA TYR A 3 -2.62 30.49 10.64
C TYR A 3 -1.66 31.68 10.75
N SER A 4 -0.49 31.57 10.17
CA SER A 4 0.48 32.69 10.23
C SER A 4 -0.01 33.84 9.34
N GLU A 5 0.83 34.81 9.10
CA GLU A 5 0.42 35.96 8.24
C GLU A 5 0.91 35.72 6.80
N LYS A 6 2.20 35.79 6.59
CA LYS A 6 2.73 35.56 5.22
C LYS A 6 3.03 34.09 5.01
N VAL A 7 3.52 33.72 3.86
CA VAL A 7 3.83 32.28 3.61
C VAL A 7 5.30 32.02 3.89
N ILE A 8 5.67 30.79 4.11
CA ILE A 8 7.10 30.46 4.39
C ILE A 8 7.42 29.07 3.83
N ASP A 9 7.72 28.98 2.57
CA ASP A 9 8.04 27.66 1.97
C ASP A 9 9.41 27.19 2.47
N HIS A 10 9.48 25.99 2.99
CA HIS A 10 10.78 25.47 3.50
C HIS A 10 11.17 24.24 2.67
N TYR A 11 12.42 23.85 2.73
CA TYR A 11 12.86 22.66 1.95
C TYR A 11 13.27 21.54 2.90
N GLU A 12 12.96 20.32 2.56
CA GLU A 12 13.32 19.17 3.43
C GLU A 12 12.94 17.86 2.74
N ASN A 13 13.78 16.86 2.83
CA ASN A 13 13.45 15.56 2.18
C ASN A 13 13.29 15.78 0.67
N PRO A 14 13.40 14.74 -0.10
CA PRO A 14 13.27 14.80 -1.59
C PRO A 14 11.82 14.98 -2.03
N ARG A 15 11.56 14.89 -3.31
CA ARG A 15 10.17 15.04 -3.80
C ARG A 15 9.98 14.17 -5.05
N ASN A 16 9.03 13.27 -5.02
CA ASN A 16 8.80 12.39 -6.20
C ASN A 16 7.51 12.81 -6.90
N VAL A 17 7.33 12.38 -8.12
CA VAL A 17 6.09 12.76 -8.87
C VAL A 17 5.15 11.54 -8.94
N GLY A 18 4.02 11.63 -8.32
CA GLY A 18 3.05 10.48 -8.34
C GLY A 18 3.81 9.18 -8.08
N SER A 19 4.20 8.49 -9.12
CA SER A 19 4.94 7.21 -8.92
C SER A 19 5.90 6.99 -10.10
N LEU A 20 6.63 5.91 -10.10
CA LEU A 20 7.57 5.63 -11.22
C LEU A 20 6.88 4.78 -12.27
N ASP A 21 7.63 4.20 -13.17
CA ASP A 21 7.02 3.35 -14.23
C ASP A 21 6.15 2.27 -13.56
N LYS A 22 4.89 2.21 -13.91
CA LYS A 22 3.99 1.19 -13.30
C LYS A 22 4.70 -0.16 -13.28
N LYS A 23 5.43 -0.49 -14.31
CA LYS A 23 6.13 -1.80 -14.35
C LYS A 23 7.48 -1.67 -13.65
N ASP A 24 7.50 -1.17 -12.44
CA ASP A 24 8.79 -1.03 -11.72
C ASP A 24 8.90 -2.13 -10.66
N SER A 25 10.07 -2.65 -10.44
CA SER A 25 10.23 -3.74 -9.43
C SER A 25 10.32 -3.11 -8.04
N ASN A 26 10.31 -1.81 -7.96
CA ASN A 26 10.40 -1.15 -6.63
C ASN A 26 9.04 -0.52 -6.28
N VAL A 27 8.04 -0.78 -7.07
CA VAL A 27 6.70 -0.19 -6.77
C VAL A 27 5.65 -1.30 -6.70
N GLY A 28 5.08 -1.52 -5.55
CA GLY A 28 4.05 -2.58 -5.41
C GLY A 28 2.67 -1.94 -5.23
N THR A 29 1.67 -2.48 -5.87
CA THR A 29 0.31 -1.89 -5.73
C THR A 29 -0.68 -2.97 -5.27
N GLY A 30 -1.22 -2.83 -4.09
CA GLY A 30 -2.18 -3.84 -3.59
C GLY A 30 -3.60 -3.26 -3.63
N MET A 31 -4.58 -4.09 -3.89
CA MET A 31 -5.97 -3.58 -3.94
C MET A 31 -6.89 -4.51 -3.15
N VAL A 32 -7.61 -3.99 -2.20
CA VAL A 32 -8.53 -4.84 -1.41
C VAL A 32 -9.98 -4.47 -1.74
N GLY A 33 -10.89 -5.39 -1.63
CA GLY A 33 -12.31 -5.08 -1.94
C GLY A 33 -13.20 -5.50 -0.76
N ALA A 34 -14.16 -4.68 -0.43
CA ALA A 34 -15.06 -5.04 0.71
C ALA A 34 -16.46 -4.49 0.44
N PRO A 35 -17.31 -5.29 -0.15
CA PRO A 35 -18.71 -4.89 -0.48
C PRO A 35 -19.63 -4.96 0.75
N ALA A 36 -19.46 -4.07 1.68
CA ALA A 36 -20.32 -4.09 2.90
C ALA A 36 -19.97 -2.88 3.79
N CYS A 37 -18.72 -2.56 3.88
CA CYS A 37 -18.30 -1.41 4.73
C CYS A 37 -16.86 -1.02 4.39
N GLY A 38 -16.02 -1.99 4.15
CA GLY A 38 -14.60 -1.68 3.81
C GLY A 38 -14.56 -0.88 2.50
N ASP A 39 -15.24 -1.35 1.49
CA ASP A 39 -15.23 -0.61 0.20
C ASP A 39 -14.01 -1.02 -0.63
N VAL A 40 -13.81 -0.39 -1.75
CA VAL A 40 -12.63 -0.74 -2.60
C VAL A 40 -11.44 0.14 -2.20
N MET A 41 -10.55 -0.38 -1.41
CA MET A 41 -9.38 0.42 -0.97
C MET A 41 -8.18 0.12 -1.89
N GLN A 42 -7.43 1.12 -2.25
CA GLN A 42 -6.25 0.89 -3.13
C GLN A 42 -4.98 1.34 -2.40
N LEU A 43 -4.18 0.41 -1.96
CA LEU A 43 -2.93 0.78 -1.23
C LEU A 43 -1.72 0.59 -2.14
N GLN A 44 -0.90 1.60 -2.28
CA GLN A 44 0.30 1.48 -3.14
C GLN A 44 1.52 1.97 -2.38
N ILE A 45 2.50 1.12 -2.18
CA ILE A 45 3.71 1.55 -1.43
C ILE A 45 4.92 1.59 -2.36
N LYS A 46 5.87 2.42 -2.07
CA LYS A 46 7.09 2.52 -2.94
C LYS A 46 8.30 2.04 -2.15
N VAL A 47 9.32 1.58 -2.84
CA VAL A 47 10.54 1.10 -2.12
C VAL A 47 11.78 1.68 -2.79
N ASP A 48 12.58 2.40 -2.05
CA ASP A 48 13.82 2.99 -2.65
C ASP A 48 14.57 1.93 -3.44
N ASP A 49 14.85 0.81 -2.83
CA ASP A 49 15.59 -0.27 -3.55
C ASP A 49 16.19 -1.23 -2.52
N ASN A 50 16.40 -0.78 -1.33
CA ASN A 50 16.99 -1.67 -0.28
C ASN A 50 15.86 -2.38 0.47
N GLY A 51 14.63 -2.10 0.12
CA GLY A 51 13.50 -2.76 0.81
C GLY A 51 12.87 -1.78 1.80
N ILE A 52 13.27 -0.54 1.76
CA ILE A 52 12.69 0.47 2.70
C ILE A 52 11.63 1.30 1.97
N ILE A 53 10.54 1.57 2.62
CA ILE A 53 9.47 2.38 1.97
C ILE A 53 9.61 3.85 2.39
N GLU A 54 9.73 4.74 1.45
CA GLU A 54 9.87 6.18 1.80
C GLU A 54 8.58 6.93 1.46
N ASP A 55 7.86 6.47 0.47
CA ASP A 55 6.59 7.16 0.09
C ASP A 55 5.44 6.14 0.12
N ALA A 56 4.25 6.59 0.40
CA ALA A 56 3.09 5.65 0.42
C ALA A 56 1.83 6.37 -0.06
N LYS A 57 0.87 5.64 -0.56
CA LYS A 57 -0.38 6.29 -1.04
C LYS A 57 -1.55 5.32 -0.89
N PHE A 58 -2.71 5.80 -0.54
CA PHE A 58 -3.88 4.90 -0.37
C PHE A 58 -5.13 5.55 -0.97
N LYS A 59 -6.25 4.89 -0.90
CA LYS A 59 -7.50 5.47 -1.45
C LYS A 59 -8.69 4.60 -1.05
N THR A 60 -9.47 5.04 -0.09
CA THR A 60 -10.64 4.24 0.35
C THR A 60 -11.85 5.15 0.54
N TYR A 61 -13.02 4.67 0.23
CA TYR A 61 -14.24 5.51 0.39
C TYR A 61 -15.46 4.62 0.58
N GLY A 62 -15.88 4.43 1.79
CA GLY A 62 -17.08 3.57 2.05
C GLY A 62 -16.99 2.97 3.46
N CYS A 63 -15.96 3.31 4.19
CA CYS A 63 -15.83 2.76 5.58
C CYS A 63 -16.28 3.83 6.59
N GLY A 64 -17.23 3.51 7.42
CA GLY A 64 -17.71 4.50 8.42
C GLY A 64 -16.91 4.34 9.72
N SER A 65 -16.27 5.39 10.17
CA SER A 65 -15.49 5.30 11.44
C SER A 65 -14.22 4.48 11.18
N ALA A 66 -14.10 3.87 10.04
CA ALA A 66 -12.88 3.07 9.73
C ALA A 66 -11.90 3.92 8.94
N ILE A 67 -12.17 5.19 8.79
CA ILE A 67 -11.24 6.06 8.03
C ILE A 67 -9.98 6.33 8.84
N ALA A 68 -10.12 6.50 10.14
CA ALA A 68 -8.92 6.76 10.98
C ALA A 68 -7.91 5.63 10.78
N SER A 69 -8.37 4.41 10.73
CA SER A 69 -7.43 3.27 10.54
C SER A 69 -6.62 3.47 9.27
N SER A 70 -7.23 3.98 8.23
CA SER A 70 -6.49 4.20 6.96
C SER A 70 -5.24 5.03 7.24
N SER A 71 -5.38 6.09 8.00
CA SER A 71 -4.19 6.94 8.30
C SER A 71 -3.18 6.13 9.11
N LEU A 72 -3.65 5.26 9.97
CA LEU A 72 -2.71 4.45 10.80
C LEU A 72 -1.84 3.59 9.88
N ILE A 73 -2.44 2.78 9.05
CA ILE A 73 -1.65 1.91 8.14
C ILE A 73 -0.73 2.78 7.26
N THR A 74 -1.27 3.80 6.65
CA THR A 74 -0.43 4.69 5.79
C THR A 74 0.69 5.31 6.62
N GLU A 75 0.54 5.30 7.91
CA GLU A 75 1.60 5.90 8.78
C GLU A 75 2.62 4.82 9.17
N TRP A 76 2.14 3.65 9.50
CA TRP A 76 3.08 2.56 9.89
C TRP A 76 3.79 2.03 8.64
N VAL A 77 3.39 2.47 7.48
CA VAL A 77 4.04 2.00 6.23
C VAL A 77 4.74 3.17 5.54
N LYS A 78 5.30 4.06 6.31
CA LYS A 78 6.00 5.24 5.70
C LYS A 78 7.36 5.44 6.37
N GLY A 79 8.33 4.64 6.01
CA GLY A 79 9.68 4.80 6.62
C GLY A 79 10.11 3.48 7.26
N LYS A 80 9.30 2.46 7.17
CA LYS A 80 9.67 1.15 7.77
C LYS A 80 10.27 0.25 6.69
N SER A 81 10.38 -1.03 6.96
CA SER A 81 10.95 -1.96 5.95
C SER A 81 9.92 -3.03 5.60
N LEU A 82 10.13 -3.73 4.51
CA LEU A 82 9.16 -4.79 4.12
C LEU A 82 9.03 -5.83 5.24
N GLU A 83 10.03 -5.95 6.06
CA GLU A 83 9.97 -6.94 7.17
C GLU A 83 9.04 -6.42 8.27
N GLU A 84 8.90 -5.13 8.38
CA GLU A 84 8.00 -4.57 9.43
C GLU A 84 6.56 -4.59 8.95
N ALA A 85 6.31 -4.10 7.77
CA ALA A 85 4.92 -4.09 7.23
C ALA A 85 4.50 -5.53 6.92
N GLY A 86 5.44 -6.39 6.67
CA GLY A 86 5.11 -7.80 6.35
C GLY A 86 4.99 -8.61 7.65
N ALA A 87 4.30 -8.07 8.63
CA ALA A 87 4.15 -8.79 9.91
C ALA A 87 2.85 -8.35 10.58
N ILE A 88 2.54 -7.09 10.48
CA ILE A 88 1.29 -6.58 11.07
C ILE A 88 0.18 -7.60 10.88
N LYS A 89 -0.44 -8.05 11.93
CA LYS A 89 -1.54 -9.05 11.78
C LYS A 89 -2.89 -8.35 11.85
N ASN A 90 -3.93 -9.00 11.40
CA ASN A 90 -5.27 -8.37 11.43
C ASN A 90 -5.60 -7.99 12.88
N SER A 91 -4.93 -8.60 13.82
CA SER A 91 -5.21 -8.28 15.25
C SER A 91 -4.53 -6.96 15.61
N GLN A 92 -3.40 -6.67 15.02
CA GLN A 92 -2.70 -5.39 15.33
C GLN A 92 -3.70 -4.24 15.22
N ILE A 93 -4.51 -4.24 14.20
CA ILE A 93 -5.51 -3.15 14.04
C ILE A 93 -6.72 -3.44 14.92
N ALA A 94 -7.05 -4.69 15.08
CA ALA A 94 -8.23 -5.05 15.92
C ALA A 94 -7.93 -4.68 17.38
N GLU A 95 -6.70 -4.37 17.70
CA GLU A 95 -6.36 -4.00 19.10
C GLU A 95 -6.18 -2.49 19.19
N GLU A 96 -5.61 -1.89 18.18
CA GLU A 96 -5.40 -0.42 18.21
C GLU A 96 -6.76 0.31 18.20
N LEU A 97 -7.59 -0.01 17.25
CA LEU A 97 -8.92 0.67 17.18
C LEU A 97 -9.96 -0.15 17.96
N GLU A 98 -9.73 -1.43 18.11
CA GLU A 98 -10.70 -2.27 18.86
C GLU A 98 -12.11 -2.06 18.29
N LEU A 99 -12.34 -2.50 17.09
CA LEU A 99 -13.70 -2.33 16.49
C LEU A 99 -14.50 -3.62 16.67
N PRO A 100 -15.78 -3.50 16.85
CA PRO A 100 -16.69 -4.68 17.06
C PRO A 100 -16.30 -5.86 16.16
N PRO A 101 -16.50 -7.05 16.64
CA PRO A 101 -16.17 -8.29 15.87
C PRO A 101 -17.16 -8.55 14.74
N VAL A 102 -18.00 -7.59 14.45
CA VAL A 102 -18.99 -7.77 13.35
C VAL A 102 -18.40 -7.23 12.04
N LYS A 103 -17.60 -6.20 12.13
CA LYS A 103 -16.99 -5.61 10.91
C LYS A 103 -15.51 -6.00 10.84
N VAL A 104 -15.16 -7.13 11.39
CA VAL A 104 -13.73 -7.56 11.35
C VAL A 104 -13.14 -7.27 9.97
N HIS A 105 -13.95 -7.23 8.96
CA HIS A 105 -13.43 -6.95 7.59
C HIS A 105 -12.56 -5.69 7.62
N CYS A 106 -12.96 -4.69 8.36
CA CYS A 106 -12.15 -3.43 8.42
C CYS A 106 -10.69 -3.79 8.67
N SER A 107 -10.40 -4.43 9.77
CA SER A 107 -9.00 -4.81 10.08
C SER A 107 -8.44 -5.71 8.96
N ILE A 108 -9.08 -6.82 8.72
CA ILE A 108 -8.59 -7.73 7.64
C ILE A 108 -8.28 -6.92 6.39
N LEU A 109 -8.87 -5.76 6.26
CA LEU A 109 -8.61 -4.92 5.06
C LEU A 109 -7.22 -4.29 5.17
N ALA A 110 -6.97 -3.55 6.21
CA ALA A 110 -5.64 -2.91 6.37
C ALA A 110 -4.54 -3.97 6.25
N GLU A 111 -4.62 -5.03 7.00
CA GLU A 111 -3.58 -6.09 6.94
C GLU A 111 -3.58 -6.74 5.55
N ASP A 112 -4.67 -7.36 5.18
CA ASP A 112 -4.73 -8.01 3.83
C ASP A 112 -4.10 -7.08 2.79
N ALA A 113 -4.42 -5.81 2.84
CA ALA A 113 -3.85 -4.86 1.85
C ALA A 113 -2.32 -4.98 1.85
N ILE A 114 -1.70 -4.83 3.00
CA ILE A 114 -0.22 -4.93 3.06
C ILE A 114 0.24 -6.17 2.29
N LYS A 115 -0.45 -7.28 2.45
CA LYS A 115 -0.05 -8.51 1.72
C LYS A 115 -0.30 -8.33 0.22
N ALA A 116 -1.33 -7.62 -0.14
CA ALA A 116 -1.63 -7.40 -1.58
C ALA A 116 -0.48 -6.63 -2.22
N ALA A 117 -0.19 -5.45 -1.72
CA ALA A 117 0.91 -4.64 -2.31
C ALA A 117 2.17 -5.50 -2.43
N ILE A 118 2.46 -6.28 -1.44
CA ILE A 118 3.67 -7.14 -1.51
C ILE A 118 3.53 -8.15 -2.65
N ALA A 119 2.40 -8.82 -2.72
CA ALA A 119 2.19 -9.81 -3.81
C ALA A 119 2.51 -9.16 -5.15
N ASP A 120 2.16 -7.91 -5.31
CA ASP A 120 2.44 -7.21 -6.60
C ASP A 120 3.94 -6.94 -6.71
N TYR A 121 4.58 -6.58 -5.63
CA TYR A 121 6.04 -6.29 -5.67
C TYR A 121 6.80 -7.59 -5.98
N LYS A 122 6.30 -8.71 -5.52
CA LYS A 122 6.98 -10.00 -5.79
C LYS A 122 6.69 -10.45 -7.23
N ALA A 123 5.48 -10.26 -7.68
CA ALA A 123 5.12 -10.67 -9.06
C ALA A 123 6.13 -10.06 -10.04
N LYS A 124 6.29 -8.76 -10.01
CA LYS A 124 7.25 -8.11 -10.94
C LYS A 124 8.67 -8.55 -10.60
N GLN A 125 8.82 -9.38 -9.60
CA GLN A 125 10.18 -9.84 -9.21
C GLN A 125 10.09 -11.23 -8.57
N GLY A 126 9.65 -12.21 -9.33
CA GLY A 126 9.54 -13.58 -8.76
C GLY A 126 9.16 -14.56 -9.87
N LEU A 127 8.22 -14.21 -10.70
CA LEU A 127 7.81 -15.11 -11.80
C LEU A 127 9.04 -15.76 -12.43
N GLU A 128 10.04 -14.97 -12.75
CA GLU A 128 11.26 -15.55 -13.36
C GLU A 128 12.02 -16.38 -12.32
N HIS A 129 12.96 -17.18 -12.76
CA HIS A 129 13.72 -18.02 -11.80
C HIS A 129 14.98 -17.28 -11.37
N HIS A 130 16.05 -17.98 -11.11
CA HIS A 130 17.31 -17.31 -10.67
C HIS A 130 18.27 -17.23 -11.85
N HIS A 131 19.51 -16.92 -11.60
CA HIS A 131 20.50 -16.81 -12.71
C HIS A 131 21.79 -17.52 -12.31
N HIS A 132 22.15 -18.57 -13.00
CA HIS A 132 23.40 -19.30 -12.65
C HIS A 132 24.20 -19.55 -13.94
N HIS A 133 25.00 -18.61 -14.35
CA HIS A 133 25.81 -18.79 -15.58
C HIS A 133 26.46 -20.18 -15.56
N HIS A 134 26.26 -20.96 -16.59
CA HIS A 134 26.87 -22.31 -16.62
C HIS A 134 28.27 -22.23 -17.24
ZN ZN B . -15.29 -1.32 7.03
N MET A 1 -10.43 29.68 27.79
CA MET A 1 -9.46 29.41 26.69
C MET A 1 -9.97 28.25 25.83
N ALA A 2 -9.99 28.42 24.53
CA ALA A 2 -10.48 27.33 23.65
C ALA A 2 -9.36 26.32 23.41
N TYR A 3 -9.64 25.06 23.60
CA TYR A 3 -8.59 24.02 23.39
C TYR A 3 -8.89 23.24 22.11
N SER A 4 -8.35 23.66 21.00
CA SER A 4 -8.62 22.94 19.73
C SER A 4 -7.41 22.09 19.35
N GLU A 5 -7.59 20.80 19.24
CA GLU A 5 -6.44 19.91 18.87
C GLU A 5 -5.70 20.52 17.67
N LYS A 6 -4.46 20.87 17.85
CA LYS A 6 -3.69 21.47 16.72
C LYS A 6 -3.19 20.35 15.80
N VAL A 7 -3.96 20.01 14.80
CA VAL A 7 -3.54 18.94 13.86
C VAL A 7 -3.98 19.29 12.44
N ILE A 8 -3.88 20.55 12.09
CA ILE A 8 -4.30 20.96 10.72
C ILE A 8 -3.06 21.38 9.91
N ASP A 9 -2.86 22.65 9.72
CA ASP A 9 -1.68 23.11 8.93
C ASP A 9 -1.81 22.63 7.49
N HIS A 10 -0.70 22.48 6.81
CA HIS A 10 -0.77 22.01 5.39
C HIS A 10 0.40 21.05 5.11
N TYR A 11 1.39 21.06 5.96
CA TYR A 11 2.55 20.15 5.75
C TYR A 11 3.16 20.41 4.36
N GLU A 12 4.37 20.91 4.32
CA GLU A 12 5.01 21.19 3.02
C GLU A 12 5.79 19.96 2.55
N ASN A 13 5.46 19.43 1.41
CA ASN A 13 6.18 18.22 0.90
C ASN A 13 5.64 17.86 -0.49
N PRO A 14 5.65 18.82 -1.38
CA PRO A 14 5.17 18.62 -2.78
C PRO A 14 6.08 17.67 -3.57
N ARG A 15 6.92 16.93 -2.90
CA ARG A 15 7.84 16.00 -3.61
C ARG A 15 7.02 15.09 -4.52
N ASN A 16 7.40 14.97 -5.76
CA ASN A 16 6.65 14.09 -6.69
C ASN A 16 7.61 13.48 -7.71
N VAL A 17 8.85 13.89 -7.69
CA VAL A 17 9.83 13.33 -8.65
C VAL A 17 9.80 11.80 -8.60
N GLY A 18 9.01 11.25 -7.71
CA GLY A 18 8.93 9.77 -7.61
C GLY A 18 8.52 9.18 -8.97
N SER A 19 7.52 8.34 -8.98
CA SER A 19 7.08 7.73 -10.27
C SER A 19 5.66 7.17 -10.10
N LEU A 20 5.51 6.16 -9.29
CA LEU A 20 4.16 5.57 -9.08
C LEU A 20 3.52 5.27 -10.44
N ASP A 21 3.41 4.01 -10.79
CA ASP A 21 2.80 3.65 -12.10
C ASP A 21 2.42 2.17 -12.09
N LYS A 22 2.73 1.48 -11.03
CA LYS A 22 2.39 0.03 -10.95
C LYS A 22 3.17 -0.74 -12.01
N LYS A 23 3.83 -0.05 -12.89
CA LYS A 23 4.61 -0.74 -13.96
C LYS A 23 6.10 -0.73 -13.59
N ASP A 24 6.41 -0.52 -12.35
CA ASP A 24 7.85 -0.50 -11.94
C ASP A 24 8.13 -1.66 -10.99
N SER A 25 9.37 -2.03 -10.84
CA SER A 25 9.71 -3.16 -9.92
C SER A 25 9.99 -2.62 -8.52
N ASN A 26 9.98 -1.33 -8.36
CA ASN A 26 10.25 -0.74 -7.02
C ASN A 26 8.95 -0.24 -6.40
N VAL A 27 7.87 -0.29 -7.14
CA VAL A 27 6.57 0.18 -6.59
C VAL A 27 5.58 -0.99 -6.56
N GLY A 28 5.15 -1.38 -5.39
CA GLY A 28 4.19 -2.50 -5.28
C GLY A 28 2.77 -1.96 -5.17
N THR A 29 1.81 -2.62 -5.76
CA THR A 29 0.41 -2.14 -5.68
C THR A 29 -0.50 -3.26 -5.15
N GLY A 30 -1.18 -3.02 -4.07
CA GLY A 30 -2.08 -4.07 -3.51
C GLY A 30 -3.49 -3.50 -3.36
N MET A 31 -4.47 -4.12 -3.96
CA MET A 31 -5.86 -3.61 -3.85
C MET A 31 -6.81 -4.77 -3.48
N VAL A 32 -7.90 -4.45 -2.83
CA VAL A 32 -8.87 -5.52 -2.46
C VAL A 32 -10.29 -4.97 -2.54
N GLY A 33 -11.27 -5.81 -2.45
CA GLY A 33 -12.68 -5.33 -2.53
C GLY A 33 -13.41 -5.64 -1.22
N ALA A 34 -14.33 -4.80 -0.84
CA ALA A 34 -15.09 -5.04 0.43
C ALA A 34 -16.53 -4.55 0.26
N PRO A 35 -17.32 -5.27 -0.50
CA PRO A 35 -18.74 -4.92 -0.75
C PRO A 35 -19.55 -4.84 0.55
N ALA A 36 -19.32 -3.82 1.34
CA ALA A 36 -20.08 -3.69 2.62
C ALA A 36 -19.68 -2.41 3.34
N CYS A 37 -18.68 -2.46 4.17
CA CYS A 37 -18.24 -1.25 4.91
C CYS A 37 -16.80 -0.91 4.54
N GLY A 38 -16.14 -1.77 3.81
CA GLY A 38 -14.73 -1.49 3.43
C GLY A 38 -14.67 -0.92 2.00
N ASP A 39 -15.67 -1.21 1.21
CA ASP A 39 -15.68 -0.68 -0.19
C ASP A 39 -14.43 -1.18 -0.93
N VAL A 40 -14.11 -0.56 -2.03
CA VAL A 40 -12.89 -0.97 -2.78
C VAL A 40 -11.68 -0.23 -2.23
N MET A 41 -10.80 -0.92 -1.56
CA MET A 41 -9.60 -0.24 -0.98
C MET A 41 -8.39 -0.47 -1.88
N GLN A 42 -7.69 0.58 -2.22
CA GLN A 42 -6.48 0.44 -3.07
C GLN A 42 -5.27 0.99 -2.31
N LEU A 43 -4.40 0.13 -1.87
CA LEU A 43 -3.20 0.61 -1.11
C LEU A 43 -1.95 0.46 -1.98
N GLN A 44 -1.33 1.54 -2.35
CA GLN A 44 -0.10 1.45 -3.19
C GLN A 44 1.11 1.87 -2.35
N ILE A 45 2.05 0.98 -2.18
CA ILE A 45 3.26 1.33 -1.36
C ILE A 45 4.46 1.52 -2.31
N LYS A 46 5.35 2.41 -1.97
CA LYS A 46 6.53 2.65 -2.84
C LYS A 46 7.81 2.24 -2.10
N VAL A 47 8.70 1.57 -2.77
CA VAL A 47 9.97 1.15 -2.12
C VAL A 47 11.09 2.09 -2.56
N ASP A 48 12.02 2.37 -1.68
CA ASP A 48 13.13 3.30 -2.04
C ASP A 48 14.16 2.54 -2.88
N ASP A 49 15.28 2.19 -2.29
CA ASP A 49 16.32 1.44 -3.05
C ASP A 49 16.95 0.40 -2.14
N ASN A 50 16.40 0.18 -0.98
CA ASN A 50 16.97 -0.83 -0.05
C ASN A 50 15.83 -1.61 0.61
N GLY A 51 14.63 -1.48 0.11
CA GLY A 51 13.49 -2.22 0.70
C GLY A 51 12.83 -1.34 1.78
N ILE A 52 13.14 -0.08 1.80
CA ILE A 52 12.53 0.82 2.83
C ILE A 52 11.37 1.60 2.20
N ILE A 53 10.18 1.36 2.65
CA ILE A 53 9.00 2.09 2.08
C ILE A 53 9.21 3.60 2.25
N GLU A 54 9.69 4.25 1.22
CA GLU A 54 9.91 5.72 1.32
C GLU A 54 8.56 6.45 1.32
N ASP A 55 7.70 6.14 0.39
CA ASP A 55 6.38 6.82 0.35
C ASP A 55 5.27 5.77 0.30
N ALA A 56 4.04 6.18 0.45
CA ALA A 56 2.92 5.19 0.41
C ALA A 56 1.60 5.94 0.19
N LYS A 57 0.95 5.70 -0.91
CA LYS A 57 -0.34 6.40 -1.19
C LYS A 57 -1.51 5.47 -0.83
N PHE A 58 -2.47 5.96 -0.10
CA PHE A 58 -3.63 5.11 0.28
C PHE A 58 -4.87 5.57 -0.46
N LYS A 59 -5.94 4.83 -0.36
CA LYS A 59 -7.20 5.22 -1.06
C LYS A 59 -8.33 4.29 -0.61
N THR A 60 -9.30 4.82 0.10
CA THR A 60 -10.42 3.96 0.57
C THR A 60 -11.66 4.82 0.84
N TYR A 61 -12.82 4.29 0.60
CA TYR A 61 -14.07 5.07 0.85
C TYR A 61 -15.24 4.11 1.07
N GLY A 62 -15.70 3.98 2.28
CA GLY A 62 -16.84 3.07 2.56
C GLY A 62 -16.92 2.81 4.06
N CYS A 63 -15.82 2.93 4.75
CA CYS A 63 -15.83 2.70 6.23
C CYS A 63 -16.29 3.98 6.94
N GLY A 64 -17.21 3.84 7.85
CA GLY A 64 -17.70 5.05 8.59
C GLY A 64 -17.03 5.11 9.96
N SER A 65 -16.03 4.28 10.18
CA SER A 65 -15.33 4.30 11.50
C SER A 65 -13.90 3.81 11.32
N ALA A 66 -13.61 3.21 10.19
CA ALA A 66 -12.23 2.70 9.96
C ALA A 66 -11.41 3.78 9.22
N ILE A 67 -12.06 4.78 8.72
CA ILE A 67 -11.32 5.86 8.00
C ILE A 67 -10.05 6.21 8.77
N ALA A 68 -10.14 6.36 10.06
CA ALA A 68 -8.93 6.69 10.85
C ALA A 68 -7.88 5.60 10.66
N SER A 69 -8.27 4.36 10.72
CA SER A 69 -7.29 3.26 10.55
C SER A 69 -6.40 3.54 9.33
N SER A 70 -7.01 3.80 8.20
CA SER A 70 -6.19 4.10 6.98
C SER A 70 -5.07 5.06 7.33
N SER A 71 -5.39 6.14 8.01
CA SER A 71 -4.35 7.12 8.39
C SER A 71 -3.29 6.44 9.27
N LEU A 72 -3.71 5.54 10.13
CA LEU A 72 -2.74 4.85 11.01
C LEU A 72 -1.79 4.00 10.17
N ILE A 73 -2.25 2.88 9.70
CA ILE A 73 -1.37 2.01 8.86
C ILE A 73 -0.46 2.87 8.00
N THR A 74 -1.01 3.79 7.27
CA THR A 74 -0.18 4.66 6.40
C THR A 74 0.99 5.24 7.19
N GLU A 75 0.71 5.86 8.31
CA GLU A 75 1.80 6.44 9.14
C GLU A 75 2.55 5.33 9.89
N TRP A 76 2.11 4.11 9.75
CA TRP A 76 2.80 3.00 10.46
C TRP A 76 3.64 2.19 9.46
N VAL A 77 3.57 2.53 8.21
CA VAL A 77 4.35 1.79 7.18
C VAL A 77 5.22 2.76 6.39
N LYS A 78 5.23 4.01 6.78
CA LYS A 78 6.06 5.01 6.04
C LYS A 78 7.42 5.12 6.71
N GLY A 79 8.41 4.45 6.17
CA GLY A 79 9.77 4.51 6.78
C GLY A 79 10.10 3.18 7.45
N LYS A 80 9.30 2.18 7.21
CA LYS A 80 9.56 0.84 7.83
C LYS A 80 9.99 -0.15 6.75
N SER A 81 10.38 -1.33 7.13
CA SER A 81 10.81 -2.34 6.12
C SER A 81 9.63 -3.26 5.78
N LEU A 82 9.66 -3.89 4.64
CA LEU A 82 8.56 -4.80 4.25
C LEU A 82 8.46 -5.94 5.27
N GLU A 83 9.52 -6.20 5.99
CA GLU A 83 9.48 -7.30 6.99
C GLU A 83 8.56 -6.91 8.15
N GLU A 84 8.53 -5.65 8.51
CA GLU A 84 7.65 -5.22 9.63
C GLU A 84 6.21 -5.06 9.12
N ALA A 85 6.04 -4.67 7.89
CA ALA A 85 4.67 -4.49 7.35
C ALA A 85 4.04 -5.87 7.09
N GLY A 86 4.84 -6.87 6.95
CA GLY A 86 4.28 -8.24 6.70
C GLY A 86 4.25 -9.04 8.00
N ALA A 87 4.10 -8.36 9.11
CA ALA A 87 4.05 -9.08 10.42
C ALA A 87 3.11 -8.35 11.38
N ILE A 88 3.10 -7.04 11.33
CA ILE A 88 2.21 -6.26 12.23
C ILE A 88 0.90 -7.02 12.45
N LYS A 89 0.44 -7.71 11.44
CA LYS A 89 -0.82 -8.48 11.58
C LYS A 89 -2.00 -7.50 11.66
N ASN A 90 -3.20 -7.99 11.53
CA ASN A 90 -4.39 -7.09 11.60
C ASN A 90 -4.86 -6.98 13.06
N SER A 91 -5.12 -8.10 13.69
CA SER A 91 -5.59 -8.06 15.11
C SER A 91 -4.84 -6.95 15.85
N GLN A 92 -3.60 -6.72 15.51
CA GLN A 92 -2.82 -5.64 16.20
C GLN A 92 -3.52 -4.30 16.00
N ILE A 93 -3.79 -3.94 14.78
CA ILE A 93 -4.48 -2.64 14.52
C ILE A 93 -5.90 -2.69 15.07
N ALA A 94 -6.54 -3.82 14.97
CA ALA A 94 -7.93 -3.95 15.49
C ALA A 94 -7.96 -3.60 16.98
N GLU A 95 -6.97 -4.01 17.72
CA GLU A 95 -6.96 -3.71 19.17
C GLU A 95 -6.57 -2.24 19.37
N GLU A 96 -5.71 -1.71 18.53
CA GLU A 96 -5.31 -0.30 18.68
C GLU A 96 -6.55 0.59 18.71
N LEU A 97 -7.47 0.37 17.82
CA LEU A 97 -8.71 1.19 17.80
C LEU A 97 -9.87 0.38 18.37
N GLU A 98 -9.65 -0.88 18.63
CA GLU A 98 -10.73 -1.73 19.19
C GLU A 98 -11.97 -1.65 18.28
N LEU A 99 -12.04 -2.51 17.29
CA LEU A 99 -13.23 -2.48 16.38
C LEU A 99 -14.10 -3.71 16.66
N PRO A 100 -15.30 -3.70 16.16
CA PRO A 100 -16.26 -4.83 16.35
C PRO A 100 -15.85 -6.07 15.54
N PRO A 101 -16.04 -7.24 16.10
CA PRO A 101 -15.68 -8.52 15.42
C PRO A 101 -16.70 -8.90 14.34
N VAL A 102 -17.64 -8.04 14.06
CA VAL A 102 -18.66 -8.35 13.02
C VAL A 102 -18.20 -7.79 11.67
N LYS A 103 -17.39 -6.77 11.68
CA LYS A 103 -16.91 -6.18 10.40
C LYS A 103 -15.39 -6.30 10.32
N VAL A 104 -14.84 -7.30 10.95
CA VAL A 104 -13.35 -7.48 10.90
C VAL A 104 -12.84 -7.12 9.50
N HIS A 105 -13.68 -7.19 8.52
CA HIS A 105 -13.24 -6.86 7.13
C HIS A 105 -12.38 -5.60 7.15
N CYS A 106 -12.66 -4.70 8.06
CA CYS A 106 -11.86 -3.44 8.14
C CYS A 106 -10.39 -3.78 8.40
N SER A 107 -10.07 -4.19 9.59
CA SER A 107 -8.66 -4.55 9.90
C SER A 107 -8.11 -5.44 8.80
N ILE A 108 -8.75 -6.55 8.53
CA ILE A 108 -8.27 -7.45 7.46
C ILE A 108 -7.93 -6.62 6.21
N LEU A 109 -8.70 -5.60 5.95
CA LEU A 109 -8.41 -4.75 4.76
C LEU A 109 -7.00 -4.17 4.87
N ALA A 110 -6.68 -3.60 6.01
CA ALA A 110 -5.32 -3.02 6.19
C ALA A 110 -4.26 -4.11 5.96
N GLU A 111 -4.26 -5.13 6.77
CA GLU A 111 -3.26 -6.21 6.61
C GLU A 111 -3.32 -6.76 5.17
N ASP A 112 -4.35 -7.50 4.86
CA ASP A 112 -4.48 -8.06 3.48
C ASP A 112 -3.90 -7.07 2.47
N ALA A 113 -4.38 -5.86 2.46
CA ALA A 113 -3.86 -4.86 1.49
C ALA A 113 -2.34 -4.99 1.39
N ILE A 114 -1.63 -4.62 2.42
CA ILE A 114 -0.14 -4.72 2.37
C ILE A 114 0.24 -6.08 1.77
N LYS A 115 -0.57 -7.08 1.98
CA LYS A 115 -0.26 -8.42 1.41
C LYS A 115 -0.29 -8.35 -0.11
N ALA A 116 -1.42 -7.99 -0.67
CA ALA A 116 -1.51 -7.91 -2.15
C ALA A 116 -0.39 -7.01 -2.68
N ALA A 117 0.01 -6.04 -1.93
CA ALA A 117 1.11 -5.14 -2.39
C ALA A 117 2.42 -5.93 -2.47
N ILE A 118 2.72 -6.71 -1.46
CA ILE A 118 3.98 -7.50 -1.49
C ILE A 118 3.97 -8.43 -2.71
N ALA A 119 2.86 -9.10 -2.94
CA ALA A 119 2.78 -10.01 -4.11
C ALA A 119 2.94 -9.20 -5.39
N ASP A 120 2.17 -8.16 -5.54
CA ASP A 120 2.28 -7.32 -6.78
C ASP A 120 3.72 -6.85 -6.94
N TYR A 121 4.44 -6.75 -5.85
CA TYR A 121 5.86 -6.30 -5.94
C TYR A 121 6.73 -7.44 -6.46
N LYS A 122 6.67 -8.59 -5.82
CA LYS A 122 7.49 -9.73 -6.29
C LYS A 122 6.91 -10.28 -7.59
N ALA A 123 5.85 -9.68 -8.08
CA ALA A 123 5.25 -10.16 -9.35
C ALA A 123 5.97 -9.51 -10.55
N LYS A 124 6.45 -8.31 -10.38
CA LYS A 124 7.15 -7.62 -11.50
C LYS A 124 8.66 -7.82 -11.35
N GLN A 125 9.08 -8.97 -10.87
CA GLN A 125 10.53 -9.22 -10.70
C GLN A 125 10.93 -10.45 -11.51
N GLY A 126 10.03 -11.39 -11.65
CA GLY A 126 10.35 -12.62 -12.44
C GLY A 126 11.01 -12.23 -13.77
N LEU A 127 10.22 -11.93 -14.76
CA LEU A 127 10.79 -11.54 -16.07
C LEU A 127 10.03 -10.32 -16.63
N GLU A 128 9.26 -9.67 -15.80
CA GLU A 128 8.50 -8.49 -16.27
C GLU A 128 7.68 -8.87 -17.50
N HIS A 129 7.58 -10.14 -17.79
CA HIS A 129 6.80 -10.57 -18.98
C HIS A 129 6.16 -11.94 -18.70
N HIS A 130 5.13 -12.28 -19.41
CA HIS A 130 4.46 -13.59 -19.20
C HIS A 130 3.82 -14.04 -20.51
N HIS A 131 3.52 -13.12 -21.38
CA HIS A 131 2.89 -13.50 -22.68
C HIS A 131 3.88 -14.32 -23.50
N HIS A 132 3.78 -15.62 -23.43
CA HIS A 132 4.71 -16.48 -24.21
C HIS A 132 4.55 -16.19 -25.70
N HIS A 133 3.81 -15.18 -26.04
CA HIS A 133 3.62 -14.84 -27.48
C HIS A 133 4.26 -13.48 -27.78
N HIS A 134 4.69 -12.78 -26.77
CA HIS A 134 5.31 -11.45 -27.00
C HIS A 134 5.80 -10.87 -25.67
ZN ZN B . -15.16 -1.34 6.83
#